data_6VGN
#
_entry.id   6VGN
#
loop_
_entity.id
_entity.type
_entity.pdbx_description
1 polymer 'ATP-dependent Clp protease proteolytic subunit'
2 polymer 'ATP-dependent Clp protease proteolytic subunit 1'
3 polymer R0M-WFP-ALO-PRO-YCP-ALA-MP8
#
loop_
_entity_poly.entity_id
_entity_poly.type
_entity_poly.pdbx_seq_one_letter_code
_entity_poly.pdbx_strand_id
1 'polypeptide(L)'
;ILPSFIEHSSFGVKESNPYNKLFEERIIFLGVQVDDASANDIMAQLLVLESLDPDRDITMYINSPGGGFTSLMAIYDTMQ
YVRADIQTVCLGQAASAAAVLLAAGTPGKRMALPNARVLIHQPSLSGVIQGQFSDLEIQAAEIERMRTLMETTLARHTGK
DAGVIRKDTDRDKILTAEEAKDYGIIDTVLEYRKLSAQTA
;
A,B,C,D,E,F,G
2 'polypeptide(L)'
;MRSNSQGLSLTDSVYERLLSERIIFLGSEVNDEIANRLCAQILLLAAEDASKDISLYINSPGGSISAGMAIYDTMVLAPC
DIATYAMGMAASMGEFLLAAGTKGKRYALPHARILMHQPLGGVTGSAADIAIQAEQFAVIKKEMFRLNAEFTGQPIERIE
ADSDRDRWFTAAEALEYGFVDHIITRAHVNGEAQ
;
H,I,J,K,L,M,N
3 'polypeptide(L)' (R0M)(WFP)(ALO)P(YCP)A(MP8) V,W,X,Y,Z,a,b
#
# COMPACT_ATOMS: atom_id res chain seq x y z
N ILE A 1 1.83 -23.88 17.67
CA ILE A 1 0.97 -25.05 17.90
C ILE A 1 0.91 -25.41 19.36
N LEU A 2 -0.12 -24.95 20.06
CA LEU A 2 -0.27 -25.37 21.45
C LEU A 2 -0.81 -26.79 21.37
N PRO A 3 -0.17 -27.81 21.91
CA PRO A 3 -0.61 -29.16 21.87
C PRO A 3 -1.76 -29.37 22.80
N SER A 4 -2.59 -30.33 22.49
CA SER A 4 -3.63 -30.76 23.40
C SER A 4 -3.13 -31.97 24.14
N PHE A 5 -3.84 -32.38 25.16
CA PHE A 5 -3.45 -33.57 25.87
C PHE A 5 -4.65 -34.29 26.36
N ILE A 6 -4.48 -35.56 26.68
CA ILE A 6 -5.60 -36.33 27.16
C ILE A 6 -5.44 -36.78 28.57
N GLU A 7 -6.48 -36.51 29.35
CA GLU A 7 -6.54 -36.88 30.73
C GLU A 7 -7.72 -37.83 30.87
N HIS A 8 -7.58 -38.88 31.66
CA HIS A 8 -8.69 -39.81 31.77
C HIS A 8 -8.94 -40.32 33.18
N SER A 9 -10.14 -40.83 33.38
CA SER A 9 -10.57 -41.42 34.63
C SER A 9 -11.59 -42.47 34.31
N SER A 10 -12.13 -43.16 35.30
CA SER A 10 -13.10 -44.21 35.05
C SER A 10 -14.39 -43.67 34.42
N PHE A 11 -14.62 -42.36 34.51
CA PHE A 11 -15.76 -41.68 33.92
C PHE A 11 -15.68 -41.67 32.40
N GLY A 12 -14.50 -41.38 31.88
CA GLY A 12 -14.34 -41.18 30.45
C GLY A 12 -13.01 -40.53 30.11
N VAL A 13 -12.89 -40.13 28.85
CA VAL A 13 -11.65 -39.55 28.36
C VAL A 13 -11.86 -38.13 27.89
N LYS A 14 -11.06 -37.23 28.42
CA LYS A 14 -11.18 -35.82 28.11
C LYS A 14 -9.96 -35.21 27.43
N GLU A 15 -10.18 -34.65 26.25
CA GLU A 15 -9.10 -33.98 25.56
C GLU A 15 -9.16 -32.53 25.97
N SER A 16 -8.03 -31.96 26.34
CA SER A 16 -8.03 -30.58 26.76
C SER A 16 -6.77 -29.83 26.40
N ASN A 17 -6.86 -28.52 26.44
CA ASN A 17 -5.74 -27.67 26.15
C ASN A 17 -5.17 -27.09 27.43
N PRO A 18 -3.90 -26.67 27.44
CA PRO A 18 -3.32 -25.83 28.42
C PRO A 18 -4.21 -24.62 28.29
N TYR A 19 -4.32 -23.80 29.31
CA TYR A 19 -5.22 -22.64 29.37
C TYR A 19 -6.62 -23.11 29.76
N ASN A 20 -7.19 -24.11 29.07
CA ASN A 20 -8.47 -24.63 29.56
C ASN A 20 -8.21 -25.35 30.87
N LYS A 21 -7.06 -26.03 30.96
CA LYS A 21 -6.67 -26.72 32.17
C LYS A 21 -6.39 -25.72 33.28
N LEU A 22 -5.77 -24.60 32.92
CA LEU A 22 -5.46 -23.60 33.92
C LEU A 22 -6.75 -22.99 34.45
N PHE A 23 -7.73 -22.80 33.59
CA PHE A 23 -8.99 -22.24 34.02
C PHE A 23 -9.68 -23.20 35.00
N GLU A 24 -9.61 -24.52 34.75
CA GLU A 24 -10.22 -25.49 35.68
C GLU A 24 -9.60 -25.36 37.08
N GLU A 25 -8.31 -24.98 37.12
CA GLU A 25 -7.56 -24.78 38.36
C GLU A 25 -7.75 -23.37 38.93
N ARG A 26 -8.65 -22.61 38.32
CA ARG A 26 -9.02 -21.24 38.65
C ARG A 26 -7.93 -20.25 38.42
N ILE A 27 -7.22 -20.42 37.31
CA ILE A 27 -6.19 -19.50 36.90
C ILE A 27 -6.59 -18.73 35.65
N ILE A 28 -6.57 -17.43 35.74
CA ILE A 28 -6.86 -16.56 34.62
C ILE A 28 -5.54 -16.15 34.05
N PHE A 29 -5.32 -16.35 32.78
CA PHE A 29 -4.02 -16.00 32.26
C PHE A 29 -4.11 -14.74 31.42
N LEU A 30 -3.53 -13.65 31.89
CA LEU A 30 -3.55 -12.37 31.20
C LEU A 30 -2.24 -12.19 30.46
N GLY A 31 -2.32 -12.33 29.15
CA GLY A 31 -1.16 -12.30 28.28
C GLY A 31 -1.10 -11.03 27.45
N VAL A 32 -0.64 -11.19 26.22
CA VAL A 32 -0.42 -10.09 25.27
C VAL A 32 -1.72 -9.43 24.81
N GLN A 33 -2.83 -10.06 25.05
CA GLN A 33 -4.07 -9.46 24.64
C GLN A 33 -4.49 -8.42 25.68
N VAL A 34 -4.05 -7.18 25.44
CA VAL A 34 -4.22 -6.07 26.38
C VAL A 34 -5.19 -4.96 25.91
N ASP A 35 -5.90 -5.28 24.85
CA ASP A 35 -6.91 -4.47 24.17
C ASP A 35 -8.18 -4.38 25.00
N ASP A 36 -9.01 -3.37 24.75
CA ASP A 36 -10.29 -3.27 25.45
C ASP A 36 -11.10 -4.55 25.22
N ALA A 37 -10.94 -5.14 24.05
CA ALA A 37 -11.63 -6.35 23.71
C ALA A 37 -11.27 -7.50 24.64
N SER A 38 -10.02 -7.57 25.13
CA SER A 38 -9.63 -8.68 25.99
C SER A 38 -10.02 -8.39 27.41
N ALA A 39 -10.14 -7.11 27.76
CA ALA A 39 -10.53 -6.75 29.12
C ALA A 39 -11.87 -7.35 29.42
N ASN A 40 -12.70 -7.41 28.39
CA ASN A 40 -14.02 -7.99 28.51
C ASN A 40 -13.95 -9.50 28.77
N ASP A 41 -12.89 -10.17 28.28
CA ASP A 41 -12.76 -11.60 28.47
C ASP A 41 -12.32 -11.85 29.87
N ILE A 42 -11.47 -10.98 30.41
CA ILE A 42 -10.99 -11.16 31.76
C ILE A 42 -12.17 -10.96 32.68
N MET A 43 -13.00 -9.95 32.43
CA MET A 43 -14.15 -9.78 33.29
C MET A 43 -15.08 -10.96 33.20
N ALA A 44 -15.31 -11.51 32.00
CA ALA A 44 -16.18 -12.66 31.89
C ALA A 44 -15.62 -13.83 32.67
N GLN A 45 -14.30 -14.02 32.63
CA GLN A 45 -13.67 -15.11 33.37
C GLN A 45 -13.76 -14.93 34.87
N LEU A 46 -13.58 -13.71 35.37
CA LEU A 46 -13.70 -13.50 36.80
C LEU A 46 -15.09 -13.77 37.28
N LEU A 47 -16.09 -13.35 36.50
CA LEU A 47 -17.47 -13.58 36.89
C LEU A 47 -17.81 -15.06 36.88
N VAL A 48 -17.31 -15.79 35.89
CA VAL A 48 -17.55 -17.22 35.83
C VAL A 48 -16.91 -17.93 36.99
N LEU A 49 -15.67 -17.60 37.33
CA LEU A 49 -15.06 -18.32 38.42
C LEU A 49 -15.75 -18.03 39.73
N GLU A 50 -16.20 -16.79 39.96
CA GLU A 50 -16.92 -16.51 41.21
C GLU A 50 -18.19 -17.32 41.27
N SER A 51 -18.89 -17.42 40.14
CA SER A 51 -20.13 -18.16 40.08
C SER A 51 -19.92 -19.64 40.36
N LEU A 52 -18.87 -20.24 39.80
CA LEU A 52 -18.62 -21.65 40.01
C LEU A 52 -18.31 -21.96 41.48
N ASP A 53 -17.55 -21.10 42.17
CA ASP A 53 -17.28 -21.29 43.60
C ASP A 53 -16.79 -20.00 44.25
N PRO A 54 -17.67 -19.20 44.86
CA PRO A 54 -17.43 -17.91 45.46
C PRO A 54 -16.39 -17.88 46.56
N ASP A 55 -16.11 -19.02 47.19
CA ASP A 55 -15.17 -18.99 48.30
C ASP A 55 -13.77 -19.43 47.94
N ARG A 56 -13.51 -19.71 46.67
CA ARG A 56 -12.18 -20.15 46.32
C ARG A 56 -11.39 -19.10 45.59
N ASP A 57 -10.14 -18.99 45.97
CA ASP A 57 -9.30 -17.98 45.38
C ASP A 57 -9.15 -18.15 43.90
N ILE A 58 -9.02 -17.02 43.23
CA ILE A 58 -8.78 -16.94 41.80
C ILE A 58 -7.36 -16.50 41.63
N THR A 59 -6.62 -17.19 40.80
CA THR A 59 -5.24 -16.80 40.60
C THR A 59 -5.11 -16.14 39.26
N MET A 60 -4.51 -14.98 39.21
CA MET A 60 -4.36 -14.35 37.93
C MET A 60 -2.89 -14.27 37.59
N TYR A 61 -2.54 -14.77 36.42
CA TYR A 61 -1.15 -14.72 35.99
C TYR A 61 -1.03 -13.56 35.06
N ILE A 62 -0.04 -12.73 35.30
CA ILE A 62 0.15 -11.56 34.49
C ILE A 62 1.46 -11.57 33.75
N ASN A 63 1.39 -11.46 32.44
CA ASN A 63 2.55 -11.37 31.58
C ASN A 63 2.19 -10.51 30.42
N SER A 64 2.21 -9.20 30.58
CA SER A 64 1.68 -8.38 29.51
C SER A 64 2.29 -7.00 29.39
N PRO A 65 2.36 -6.44 28.16
CA PRO A 65 2.82 -5.11 27.83
C PRO A 65 1.76 -4.06 28.06
N GLY A 66 1.31 -3.96 29.29
CA GLY A 66 0.32 -2.97 29.69
C GLY A 66 -1.01 -3.09 29.03
N GLY A 67 -1.46 -2.00 28.42
CA GLY A 67 -2.75 -1.97 27.74
C GLY A 67 -3.45 -0.65 27.94
N GLY A 68 -4.69 -0.58 27.46
CA GLY A 68 -5.44 0.67 27.56
C GLY A 68 -5.85 0.93 29.00
N PHE A 69 -5.78 2.18 29.43
CA PHE A 69 -6.16 2.49 30.79
C PHE A 69 -7.61 2.23 31.12
N THR A 70 -8.52 2.68 30.28
CA THR A 70 -9.94 2.59 30.61
C THR A 70 -10.40 1.17 30.84
N SER A 71 -10.02 0.29 29.94
CA SER A 71 -10.45 -1.08 30.04
C SER A 71 -9.70 -1.87 31.08
N LEU A 72 -8.49 -1.44 31.44
CA LEU A 72 -7.86 -2.16 32.51
C LEU A 72 -8.43 -1.68 33.84
N MET A 73 -9.02 -0.47 33.89
CA MET A 73 -9.76 -0.12 35.12
C MET A 73 -11.02 -0.97 35.20
N ALA A 74 -11.60 -1.33 34.06
CA ALA A 74 -12.77 -2.19 34.12
C ALA A 74 -12.42 -3.52 34.79
N ILE A 75 -11.22 -4.04 34.49
CA ILE A 75 -10.77 -5.27 35.13
C ILE A 75 -10.56 -4.99 36.58
N TYR A 76 -9.89 -3.89 36.91
CA TYR A 76 -9.63 -3.57 38.30
C TYR A 76 -10.91 -3.58 39.12
N ASP A 77 -11.97 -2.93 38.64
CA ASP A 77 -13.18 -2.95 39.45
C ASP A 77 -13.77 -4.33 39.57
N THR A 78 -13.70 -5.15 38.52
CA THR A 78 -14.25 -6.50 38.65
C THR A 78 -13.42 -7.26 39.69
N MET A 79 -12.10 -7.10 39.66
CA MET A 79 -11.27 -7.81 40.62
C MET A 79 -11.60 -7.43 42.04
N GLN A 80 -11.91 -6.16 42.28
CA GLN A 80 -12.24 -5.73 43.62
C GLN A 80 -13.68 -6.10 43.97
N TYR A 81 -14.55 -6.19 42.98
CA TYR A 81 -15.94 -6.53 43.17
C TYR A 81 -16.17 -7.98 43.62
N VAL A 82 -15.45 -8.90 42.99
CA VAL A 82 -15.58 -10.35 43.23
C VAL A 82 -15.31 -10.77 44.66
N ARG A 83 -16.20 -11.59 45.22
CA ARG A 83 -16.10 -12.03 46.62
C ARG A 83 -14.84 -12.79 47.01
N ALA A 84 -14.38 -13.65 46.11
CA ALA A 84 -13.21 -14.49 46.32
C ALA A 84 -11.93 -13.70 46.28
N ASP A 85 -10.94 -14.09 47.06
CA ASP A 85 -9.66 -13.42 46.92
C ASP A 85 -9.03 -13.65 45.59
N ILE A 86 -8.39 -12.63 45.08
CA ILE A 86 -7.65 -12.76 43.86
C ILE A 86 -6.20 -12.61 44.18
N GLN A 87 -5.42 -13.57 43.75
CA GLN A 87 -4.00 -13.52 44.00
C GLN A 87 -3.37 -13.33 42.67
N THR A 88 -2.23 -12.68 42.62
CA THR A 88 -1.64 -12.39 41.34
C THR A 88 -0.21 -12.82 41.25
N VAL A 89 0.21 -13.30 40.08
CA VAL A 89 1.60 -13.65 39.87
C VAL A 89 2.19 -12.96 38.66
N CYS A 90 3.29 -12.26 38.83
CA CYS A 90 3.90 -11.64 37.67
C CYS A 90 4.95 -12.55 37.08
N LEU A 91 4.74 -12.90 35.83
CA LEU A 91 5.61 -13.76 35.08
C LEU A 91 6.21 -12.84 34.06
N GLY A 92 7.45 -12.95 33.67
CA GLY A 92 7.79 -12.01 32.60
C GLY A 92 7.67 -10.58 33.06
N GLN A 93 6.66 -9.87 32.56
CA GLN A 93 6.45 -8.48 32.89
C GLN A 93 5.03 -8.06 33.20
N ALA A 94 4.92 -6.99 33.96
CA ALA A 94 3.67 -6.34 34.23
C ALA A 94 3.88 -4.89 33.95
N ALA A 95 3.73 -4.51 32.69
CA ALA A 95 4.04 -3.15 32.34
C ALA A 95 2.87 -2.23 32.59
N SER A 96 3.17 -1.02 33.02
CA SER A 96 2.27 0.10 33.16
C SER A 96 1.00 -0.26 33.84
N ALA A 97 -0.08 -0.28 33.09
CA ALA A 97 -1.39 -0.55 33.63
C ALA A 97 -1.47 -1.93 34.25
N ALA A 98 -0.72 -2.90 33.73
CA ALA A 98 -0.77 -4.23 34.26
C ALA A 98 -0.14 -4.28 35.64
N ALA A 99 0.69 -3.30 35.99
CA ALA A 99 1.32 -3.26 37.29
C ALA A 99 0.30 -2.86 38.33
N VAL A 100 -0.80 -2.25 37.89
CA VAL A 100 -1.82 -1.82 38.79
C VAL A 100 -2.61 -3.05 39.14
N LEU A 101 -2.89 -3.86 38.11
CA LEU A 101 -3.65 -5.10 38.29
C LEU A 101 -2.84 -6.05 39.13
N LEU A 102 -1.52 -5.99 39.03
CA LEU A 102 -0.68 -6.83 39.84
C LEU A 102 -0.80 -6.40 41.30
N ALA A 103 -0.70 -5.09 41.55
CA ALA A 103 -0.80 -4.51 42.90
C ALA A 103 -2.19 -4.73 43.50
N ALA A 104 -3.21 -4.77 42.64
CA ALA A 104 -4.62 -4.91 42.98
C ALA A 104 -5.01 -6.24 43.63
N GLY A 105 -4.16 -7.24 43.60
CA GLY A 105 -4.56 -8.50 44.22
C GLY A 105 -4.65 -8.34 45.74
N THR A 106 -5.25 -9.31 46.42
CA THR A 106 -5.41 -9.23 47.86
C THR A 106 -4.05 -9.18 48.54
N PRO A 107 -3.80 -8.26 49.49
CA PRO A 107 -2.54 -8.16 50.20
C PRO A 107 -2.16 -9.47 50.83
N GLY A 108 -0.89 -9.83 50.67
CA GLY A 108 -0.31 -11.04 51.18
C GLY A 108 -0.26 -12.06 50.05
N LYS A 109 -0.99 -11.78 48.98
CA LYS A 109 -1.05 -12.67 47.86
C LYS A 109 -0.53 -12.08 46.53
N ARG A 110 0.25 -11.00 46.56
CA ARG A 110 0.86 -10.50 45.33
C ARG A 110 2.22 -11.18 45.19
N MET A 111 2.47 -11.86 44.08
CA MET A 111 3.68 -12.63 43.89
C MET A 111 4.40 -12.36 42.57
N ALA A 112 5.68 -12.60 42.55
CA ALA A 112 6.40 -12.50 41.28
C ALA A 112 7.50 -13.51 41.14
N LEU A 113 7.80 -13.87 39.92
CA LEU A 113 8.96 -14.71 39.69
C LEU A 113 10.21 -13.83 39.81
N PRO A 114 11.38 -14.36 40.20
CA PRO A 114 12.62 -13.64 40.37
C PRO A 114 13.08 -12.73 39.23
N ASN A 115 12.82 -13.04 37.97
CA ASN A 115 13.30 -12.13 36.95
C ASN A 115 12.19 -11.28 36.39
N ALA A 116 11.07 -11.27 37.07
CA ALA A 116 9.93 -10.49 36.63
C ALA A 116 10.26 -9.02 36.63
N ARG A 117 9.72 -8.31 35.65
CA ARG A 117 9.91 -6.88 35.52
C ARG A 117 8.61 -6.12 35.67
N VAL A 118 8.58 -5.17 36.59
CA VAL A 118 7.38 -4.39 36.82
C VAL A 118 7.63 -2.95 36.40
N LEU A 119 6.81 -2.43 35.49
CA LEU A 119 7.10 -1.09 35.01
C LEU A 119 6.00 -0.15 35.36
N ILE A 120 6.33 1.00 35.90
CA ILE A 120 5.28 1.94 36.21
C ILE A 120 5.35 3.06 35.20
N HIS A 121 4.28 3.26 34.46
CA HIS A 121 4.21 4.25 33.41
C HIS A 121 2.93 5.00 33.49
N GLN A 122 2.91 6.19 32.95
CA GLN A 122 1.74 7.02 32.92
C GLN A 122 0.72 6.38 32.01
N PRO A 123 -0.59 6.58 32.22
CA PRO A 123 -1.63 6.10 31.35
C PRO A 123 -1.49 6.77 30.02
N SER A 124 -1.71 6.03 28.95
CA SER A 124 -1.62 6.57 27.60
C SER A 124 -2.89 7.27 27.17
N LEU A 125 -2.78 8.03 26.09
CA LEU A 125 -3.95 8.63 25.49
C LEU A 125 -4.44 7.68 24.42
N SER A 126 -5.57 7.05 24.68
CA SER A 126 -6.09 6.03 23.79
C SER A 126 -7.56 5.80 23.99
N GLY A 127 -8.08 4.83 23.29
CA GLY A 127 -9.49 4.51 23.36
C GLY A 127 -10.36 5.61 22.75
N VAL A 128 -11.24 6.19 23.56
CA VAL A 128 -12.13 7.21 23.06
C VAL A 128 -11.45 8.57 23.00
N ILE A 129 -10.71 8.74 21.91
CA ILE A 129 -9.93 9.93 21.57
C ILE A 129 -10.28 10.32 20.15
N GLN A 130 -11.56 10.22 19.84
CA GLN A 130 -12.14 10.37 18.52
C GLN A 130 -12.12 11.78 17.97
N GLY A 131 -11.90 12.77 18.81
CA GLY A 131 -11.93 14.13 18.32
C GLY A 131 -12.76 15.04 19.19
N GLN A 132 -12.48 15.00 20.49
CA GLN A 132 -13.10 15.90 21.43
C GLN A 132 -12.80 17.28 20.90
N PHE A 133 -13.75 18.19 20.98
CA PHE A 133 -13.54 19.49 20.35
C PHE A 133 -12.25 20.16 20.82
N SER A 134 -12.20 20.56 22.07
CA SER A 134 -10.98 21.18 22.55
C SER A 134 -10.07 20.09 23.00
N ASP A 135 -9.40 19.41 22.10
CA ASP A 135 -8.70 18.24 22.59
C ASP A 135 -7.64 18.63 23.63
N LEU A 136 -7.05 19.79 23.49
CA LEU A 136 -6.02 20.20 24.45
C LEU A 136 -6.57 20.66 25.78
N GLU A 137 -7.86 20.86 25.89
CA GLU A 137 -8.44 21.24 27.16
C GLU A 137 -9.13 20.01 27.76
N ILE A 138 -9.73 19.19 26.89
CA ILE A 138 -10.51 18.03 27.29
C ILE A 138 -9.70 16.78 27.41
N GLN A 139 -8.89 16.44 26.41
CA GLN A 139 -8.11 15.24 26.51
C GLN A 139 -7.06 15.54 27.53
N ALA A 140 -6.57 16.76 27.54
CA ALA A 140 -5.60 17.06 28.58
C ALA A 140 -6.21 16.90 29.96
N ALA A 141 -7.48 17.33 30.17
CA ALA A 141 -8.13 17.15 31.45
C ALA A 141 -8.41 15.68 31.75
N GLU A 142 -8.77 14.90 30.73
CA GLU A 142 -9.05 13.50 30.93
C GLU A 142 -7.79 12.77 31.30
N ILE A 143 -6.67 13.17 30.72
CA ILE A 143 -5.41 12.58 31.08
C ILE A 143 -5.09 12.88 32.51
N GLU A 144 -5.30 14.10 32.99
CA GLU A 144 -5.02 14.33 34.39
C GLU A 144 -5.91 13.46 35.27
N ARG A 145 -7.17 13.25 34.87
CA ARG A 145 -8.01 12.34 35.63
C ARG A 145 -7.42 10.94 35.64
N MET A 146 -6.97 10.45 34.48
CA MET A 146 -6.40 9.11 34.42
C MET A 146 -5.13 8.99 35.23
N ARG A 147 -4.29 10.03 35.23
CA ARG A 147 -3.06 9.98 36.00
C ARG A 147 -3.42 9.93 37.46
N THR A 148 -4.43 10.70 37.85
CA THR A 148 -4.84 10.75 39.24
C THR A 148 -5.35 9.37 39.66
N LEU A 149 -6.16 8.71 38.84
CA LEU A 149 -6.63 7.39 39.21
C LEU A 149 -5.52 6.38 39.31
N MET A 150 -4.55 6.40 38.41
CA MET A 150 -3.49 5.42 38.53
C MET A 150 -2.67 5.66 39.78
N GLU A 151 -2.39 6.92 40.09
CA GLU A 151 -1.58 7.25 41.25
C GLU A 151 -2.30 6.90 42.53
N THR A 152 -3.61 7.17 42.56
CA THR A 152 -4.43 6.91 43.70
C THR A 152 -4.57 5.43 43.90
N THR A 153 -4.82 4.71 42.80
CA THR A 153 -5.01 3.28 42.85
C THR A 153 -3.74 2.61 43.29
N LEU A 154 -2.58 3.00 42.77
CA LEU A 154 -1.38 2.37 43.30
C LEU A 154 -1.18 2.75 44.75
N ALA A 155 -1.42 3.99 45.14
CA ALA A 155 -1.18 4.34 46.53
C ALA A 155 -2.00 3.47 47.48
N ARG A 156 -3.23 3.15 47.10
CA ARG A 156 -4.07 2.30 47.94
C ARG A 156 -3.60 0.86 48.04
N HIS A 157 -2.73 0.43 47.14
CA HIS A 157 -2.24 -0.93 47.13
C HIS A 157 -0.75 -1.04 47.46
N THR A 158 0.00 0.07 47.39
CA THR A 158 1.42 0.00 47.66
C THR A 158 1.81 0.65 48.98
N GLY A 159 0.98 1.55 49.50
CA GLY A 159 1.30 2.24 50.75
C GLY A 159 2.13 3.49 50.54
N LYS A 160 2.44 3.81 49.29
CA LYS A 160 3.24 4.99 49.00
C LYS A 160 2.30 6.17 48.84
N ASP A 161 2.76 7.36 49.15
CA ASP A 161 1.93 8.52 48.91
C ASP A 161 1.73 8.66 47.42
N ALA A 162 0.56 9.11 47.00
CA ALA A 162 0.29 9.28 45.58
C ALA A 162 1.33 10.21 44.93
N GLY A 163 1.85 11.19 45.69
CA GLY A 163 2.85 12.11 45.17
C GLY A 163 4.14 11.38 44.80
N VAL A 164 4.46 10.32 45.53
CA VAL A 164 5.65 9.53 45.29
C VAL A 164 5.44 8.72 44.06
N ILE A 165 4.24 8.16 43.95
CA ILE A 165 3.94 7.35 42.81
C ILE A 165 4.07 8.22 41.59
N ARG A 166 3.56 9.44 41.62
CA ARG A 166 3.69 10.32 40.48
C ARG A 166 5.13 10.59 40.10
N LYS A 167 5.99 10.89 41.08
CA LYS A 167 7.38 11.17 40.74
C LYS A 167 8.04 9.99 40.01
N ASP A 168 7.72 8.77 40.44
CA ASP A 168 8.28 7.60 39.79
C ASP A 168 7.60 7.31 38.45
N THR A 169 6.29 7.50 38.39
CA THR A 169 5.51 7.20 37.20
C THR A 169 5.96 8.09 36.04
N ASP A 170 6.21 9.36 36.35
CA ASP A 170 6.62 10.38 35.38
C ASP A 170 7.98 10.11 34.78
N ARG A 171 8.76 9.23 35.40
CA ARG A 171 10.10 8.94 34.96
C ARG A 171 10.22 7.52 34.42
N ASP A 172 9.08 6.86 34.19
CA ASP A 172 9.05 5.50 33.68
C ASP A 172 9.87 4.55 34.55
N LYS A 173 9.74 4.64 35.88
CA LYS A 173 10.53 3.78 36.73
C LYS A 173 10.28 2.28 36.51
N ILE A 174 11.38 1.52 36.39
CA ILE A 174 11.30 0.07 36.21
C ILE A 174 11.85 -0.64 37.43
N LEU A 175 11.05 -1.53 37.98
CA LEU A 175 11.39 -2.28 39.16
C LEU A 175 11.74 -3.74 38.86
N THR A 176 12.70 -4.28 39.59
CA THR A 176 13.01 -5.69 39.48
C THR A 176 12.03 -6.45 40.35
N ALA A 177 12.00 -7.78 40.25
CA ALA A 177 11.05 -8.53 41.07
C ALA A 177 11.25 -8.25 42.55
N GLU A 178 12.49 -8.10 42.99
CA GLU A 178 12.76 -7.78 44.39
C GLU A 178 12.41 -6.33 44.71
N GLU A 179 12.75 -5.40 43.82
CA GLU A 179 12.45 -4.00 44.12
C GLU A 179 10.97 -3.79 44.23
N ALA A 180 10.20 -4.50 43.45
CA ALA A 180 8.77 -4.41 43.47
C ALA A 180 8.22 -4.79 44.84
N LYS A 181 8.89 -5.65 45.64
CA LYS A 181 8.27 -5.93 46.91
C LYS A 181 8.59 -4.79 47.85
N ASP A 182 9.77 -4.21 47.70
CA ASP A 182 10.17 -3.13 48.60
C ASP A 182 9.37 -1.87 48.27
N TYR A 183 8.88 -1.79 47.04
CA TYR A 183 8.06 -0.70 46.54
C TYR A 183 6.58 -0.87 46.91
N GLY A 184 6.19 -2.04 47.42
CA GLY A 184 4.81 -2.32 47.76
C GLY A 184 3.92 -2.99 46.70
N ILE A 185 4.45 -3.46 45.59
CA ILE A 185 3.61 -4.10 44.59
C ILE A 185 3.50 -5.60 44.82
N ILE A 186 4.61 -6.19 45.20
CA ILE A 186 4.76 -7.62 45.44
C ILE A 186 4.93 -7.96 46.92
N ASP A 187 4.22 -8.96 47.42
CA ASP A 187 4.42 -9.31 48.81
C ASP A 187 5.56 -10.30 48.89
N THR A 188 5.69 -11.13 47.87
CA THR A 188 6.78 -12.09 47.87
C THR A 188 7.29 -12.47 46.49
N VAL A 189 8.57 -12.81 46.42
CA VAL A 189 9.18 -13.28 45.20
C VAL A 189 9.37 -14.78 45.35
N LEU A 190 8.85 -15.53 44.39
CA LEU A 190 8.80 -16.98 44.48
C LEU A 190 10.16 -17.64 44.35
N GLU A 191 10.39 -18.64 45.18
CA GLU A 191 11.60 -19.44 45.15
C GLU A 191 11.49 -20.45 44.04
N TYR A 192 12.60 -20.93 43.52
CA TYR A 192 12.46 -21.95 42.51
C TYR A 192 12.35 -23.30 43.17
N ARG A 193 11.19 -23.93 43.05
CA ARG A 193 10.95 -25.20 43.71
C ARG A 193 11.42 -26.40 42.90
N LYS A 194 12.72 -26.51 42.72
CA LYS A 194 13.31 -27.58 41.93
C LYS A 194 13.60 -28.76 42.86
N LEU A 195 13.47 -30.01 42.39
CA LEU A 195 13.76 -31.16 43.25
C LEU A 195 15.22 -31.58 43.24
N SER A 196 16.02 -30.87 42.48
CA SER A 196 17.44 -31.15 42.32
C SER A 196 18.23 -29.91 41.95
N ILE B 1 -7.10 -15.88 24.15
CA ILE B 1 -7.66 -17.21 24.36
C ILE B 1 -8.67 -17.20 25.49
N LEU B 2 -9.95 -17.10 25.17
CA LEU B 2 -10.95 -17.21 26.22
C LEU B 2 -11.04 -18.70 26.52
N PRO B 3 -10.81 -19.17 27.74
CA PRO B 3 -10.86 -20.55 28.08
C PRO B 3 -12.27 -21.02 28.17
N SER B 4 -12.48 -22.30 27.92
CA SER B 4 -13.77 -22.90 28.14
C SER B 4 -13.73 -23.57 29.50
N PHE B 5 -14.87 -24.00 29.98
CA PHE B 5 -14.90 -24.69 31.24
C PHE B 5 -15.96 -25.74 31.22
N ILE B 6 -15.86 -26.69 32.13
CA ILE B 6 -16.84 -27.74 32.18
C ILE B 6 -17.64 -27.73 33.44
N GLU B 7 -18.94 -27.77 33.25
CA GLU B 7 -19.90 -27.81 34.32
C GLU B 7 -20.66 -29.12 34.20
N HIS B 8 -20.95 -29.78 35.30
CA HIS B 8 -21.64 -31.05 35.19
C HIS B 8 -22.70 -31.27 36.23
N SER B 9 -23.61 -32.19 35.92
CA SER B 9 -24.68 -32.60 36.81
C SER B 9 -24.99 -34.04 36.50
N SER B 10 -25.95 -34.63 37.18
CA SER B 10 -26.28 -36.04 36.94
C SER B 10 -26.84 -36.28 35.54
N PHE B 11 -27.27 -35.22 34.86
CA PHE B 11 -27.76 -35.26 33.50
C PHE B 11 -26.66 -35.57 32.51
N GLY B 12 -25.51 -34.92 32.68
CA GLY B 12 -24.45 -35.01 31.71
C GLY B 12 -23.39 -33.94 31.93
N VAL B 13 -22.49 -33.84 30.96
CA VAL B 13 -21.38 -32.90 31.06
C VAL B 13 -21.42 -31.86 29.96
N LYS B 14 -21.40 -30.60 30.36
CA LYS B 14 -21.48 -29.51 29.42
C LYS B 14 -20.27 -28.62 29.37
N GLU B 15 -19.69 -28.48 28.19
CA GLU B 15 -18.57 -27.60 28.02
C GLU B 15 -19.12 -26.26 27.58
N SER B 16 -18.69 -25.19 28.21
CA SER B 16 -19.21 -23.89 27.86
C SER B 16 -18.20 -22.78 27.98
N ASN B 17 -18.50 -21.67 27.34
CA ASN B 17 -17.66 -20.50 27.39
C ASN B 17 -18.25 -19.45 28.31
N PRO B 18 -17.43 -18.55 28.84
CA PRO B 18 -17.86 -17.32 29.44
C PRO B 18 -18.60 -16.69 28.28
N TYR B 19 -19.51 -15.78 28.53
CA TYR B 19 -20.38 -15.17 27.52
C TYR B 19 -21.55 -16.09 27.21
N ASN B 20 -21.30 -17.35 26.89
CA ASN B 20 -22.44 -18.26 26.74
C ASN B 20 -23.05 -18.47 28.11
N LYS B 21 -22.20 -18.55 29.13
CA LYS B 21 -22.67 -18.69 30.50
C LYS B 21 -23.41 -17.44 30.95
N LEU B 22 -22.91 -16.28 30.53
CA LEU B 22 -23.55 -15.05 30.93
C LEU B 22 -24.92 -14.95 30.27
N PHE B 23 -25.04 -15.41 29.04
CA PHE B 23 -26.32 -15.38 28.36
C PHE B 23 -27.32 -16.29 29.08
N GLU B 24 -26.87 -17.46 29.56
CA GLU B 24 -27.78 -18.35 30.30
C GLU B 24 -28.35 -17.65 31.54
N GLU B 25 -27.55 -16.75 32.12
CA GLU B 25 -27.93 -15.96 33.30
C GLU B 25 -28.68 -14.68 32.92
N ARG B 26 -29.02 -14.56 31.64
CA ARG B 26 -29.73 -13.45 31.02
C ARG B 26 -28.96 -12.17 31.02
N ILE B 27 -27.67 -12.26 30.75
CA ILE B 27 -26.81 -11.10 30.62
C ILE B 27 -26.35 -10.90 29.20
N ILE B 28 -26.62 -9.74 28.65
CA ILE B 28 -26.17 -9.37 27.32
C ILE B 28 -24.92 -8.57 27.51
N PHE B 29 -23.85 -8.94 26.85
CA PHE B 29 -22.63 -8.19 27.08
C PHE B 29 -22.32 -7.33 25.86
N LEU B 30 -22.43 -6.02 26.02
CA LEU B 30 -22.17 -5.08 24.94
C LEU B 30 -20.77 -4.52 25.08
N GLY B 31 -19.89 -4.98 24.22
CA GLY B 31 -18.48 -4.65 24.26
C GLY B 31 -18.08 -3.72 23.15
N VAL B 32 -16.86 -3.94 22.66
CA VAL B 32 -16.23 -3.10 21.62
C VAL B 32 -16.92 -3.20 20.27
N GLN B 33 -17.77 -4.17 20.09
CA GLN B 33 -18.46 -4.30 18.83
C GLN B 33 -19.63 -3.33 18.82
N VAL B 34 -19.37 -2.12 18.32
CA VAL B 34 -20.33 -1.01 18.35
C VAL B 34 -20.86 -0.57 16.96
N ASP B 35 -20.56 -1.41 15.98
CA ASP B 35 -20.93 -1.29 14.57
C ASP B 35 -22.40 -1.58 14.37
N ASP B 36 -22.98 -1.13 13.26
CA ASP B 36 -24.37 -1.44 12.97
C ASP B 36 -24.57 -2.95 12.96
N ALA B 37 -23.54 -3.66 12.52
CA ALA B 37 -23.59 -5.10 12.46
C ALA B 37 -23.79 -5.73 13.83
N SER B 38 -23.26 -5.13 14.91
CA SER B 38 -23.40 -5.73 16.22
C SER B 38 -24.70 -5.31 16.84
N ALA B 39 -25.24 -4.18 16.41
CA ALA B 39 -26.52 -3.72 16.94
C ALA B 39 -27.57 -4.75 16.66
N ASN B 40 -27.43 -5.41 15.52
CA ASN B 40 -28.33 -6.46 15.13
C ASN B 40 -28.21 -7.68 16.04
N ASP B 41 -27.02 -7.92 16.63
CA ASP B 41 -26.84 -9.06 17.49
C ASP B 41 -27.47 -8.75 18.81
N ILE B 42 -27.38 -7.51 19.25
CA ILE B 42 -27.96 -7.14 20.52
C ILE B 42 -29.47 -7.27 20.40
N MET B 43 -30.02 -6.81 19.28
CA MET B 43 -31.45 -6.96 19.13
C MET B 43 -31.85 -8.42 19.10
N ALA B 44 -31.08 -9.27 18.39
CA ALA B 44 -31.44 -10.68 18.37
C ALA B 44 -31.39 -11.27 19.77
N GLN B 45 -30.41 -10.86 20.58
CA GLN B 45 -30.30 -11.37 21.94
C GLN B 45 -31.44 -10.90 22.82
N LEU B 46 -31.86 -9.65 22.69
CA LEU B 46 -32.98 -9.19 23.50
C LEU B 46 -34.24 -9.92 23.16
N LEU B 47 -34.46 -10.18 21.87
CA LEU B 47 -35.66 -10.87 21.46
C LEU B 47 -35.64 -12.32 21.95
N VAL B 48 -34.48 -12.96 21.90
CA VAL B 48 -34.38 -14.33 22.39
C VAL B 48 -34.63 -14.40 23.87
N LEU B 49 -34.04 -13.50 24.66
CA LEU B 49 -34.26 -13.59 26.08
C LEU B 49 -35.71 -13.34 26.45
N GLU B 50 -36.38 -12.41 25.77
CA GLU B 50 -37.79 -12.19 26.07
C GLU B 50 -38.59 -13.43 25.77
N SER B 51 -38.27 -14.09 24.65
CA SER B 51 -38.97 -15.29 24.24
C SER B 51 -38.79 -16.42 25.25
N LEU B 52 -37.56 -16.61 25.74
CA LEU B 52 -37.30 -17.68 26.69
C LEU B 52 -38.07 -17.48 28.00
N ASP B 53 -38.15 -16.23 28.50
CA ASP B 53 -38.91 -15.95 29.72
C ASP B 53 -39.26 -14.46 29.83
N PRO B 54 -40.43 -14.01 29.37
CA PRO B 54 -40.88 -12.65 29.32
C PRO B 54 -40.93 -11.91 30.64
N ASP B 55 -40.99 -12.63 31.75
CA ASP B 55 -41.12 -11.95 33.03
C ASP B 55 -39.81 -11.79 33.79
N ARG B 56 -38.70 -12.22 33.21
CA ARG B 56 -37.44 -12.10 33.92
C ARG B 56 -36.57 -11.02 33.39
N ASP B 57 -35.98 -10.28 34.30
CA ASP B 57 -35.15 -9.18 33.91
C ASP B 57 -33.98 -9.60 33.06
N ILE B 58 -33.61 -8.73 32.16
CA ILE B 58 -32.46 -8.87 31.30
C ILE B 58 -31.42 -7.92 31.78
N THR B 59 -30.20 -8.38 31.96
CA THR B 59 -29.17 -7.49 32.42
C THR B 59 -28.26 -7.17 31.28
N MET B 60 -27.99 -5.91 31.03
CA MET B 60 -27.10 -5.59 29.97
C MET B 60 -25.84 -4.96 30.52
N TYR B 61 -24.71 -5.51 30.17
CA TYR B 61 -23.45 -4.97 30.64
C TYR B 61 -22.91 -4.12 29.54
N ILE B 62 -22.52 -2.91 29.88
CA ILE B 62 -22.01 -1.99 28.89
C ILE B 62 -20.59 -1.61 29.14
N ASN B 63 -19.74 -1.85 28.16
CA ASN B 63 -18.33 -1.46 28.19
C ASN B 63 -17.93 -1.14 26.79
N SER B 64 -18.24 0.05 26.30
CA SER B 64 -18.00 0.28 24.89
C SER B 64 -17.72 1.73 24.51
N PRO B 65 -16.91 1.95 23.46
CA PRO B 65 -16.57 3.23 22.88
C PRO B 65 -17.65 3.75 21.94
N GLY B 66 -18.83 3.91 22.48
CA GLY B 66 -19.96 4.43 21.73
C GLY B 66 -20.41 3.60 20.58
N GLY B 67 -20.48 4.20 19.40
CA GLY B 67 -20.92 3.51 18.19
C GLY B 67 -21.77 4.40 17.31
N GLY B 68 -22.31 3.81 16.26
CA GLY B 68 -23.11 4.60 15.32
C GLY B 68 -24.44 4.98 15.95
N PHE B 69 -24.90 6.20 15.69
CA PHE B 69 -26.15 6.62 16.25
C PHE B 69 -27.37 5.84 15.78
N THR B 70 -27.48 5.63 14.47
CA THR B 70 -28.70 5.01 13.95
C THR B 70 -28.95 3.62 14.49
N SER B 71 -27.90 2.82 14.52
CA SER B 71 -28.04 1.46 14.97
C SER B 71 -28.11 1.35 16.47
N LEU B 72 -27.59 2.33 17.20
CA LEU B 72 -27.77 2.22 18.62
C LEU B 72 -29.18 2.69 18.97
N MET B 73 -29.83 3.50 18.12
CA MET B 73 -31.25 3.78 18.37
C MET B 73 -32.05 2.51 18.10
N ALA B 74 -31.60 1.67 17.16
CA ALA B 74 -32.33 0.42 16.94
C ALA B 74 -32.33 -0.41 18.22
N ILE B 75 -31.19 -0.41 18.93
CA ILE B 75 -31.12 -1.14 20.19
C ILE B 75 -32.03 -0.47 21.18
N TYR B 76 -31.98 0.86 21.27
CA TYR B 76 -32.82 1.58 22.20
C TYR B 76 -34.27 1.18 22.04
N ASP B 77 -34.80 1.18 20.81
CA ASP B 77 -36.19 0.82 20.67
C ASP B 77 -36.46 -0.60 21.07
N THR B 78 -35.56 -1.53 20.78
CA THR B 78 -35.80 -2.91 21.19
C THR B 78 -35.82 -2.97 22.71
N MET B 79 -34.90 -2.27 23.38
CA MET B 79 -34.87 -2.29 24.82
C MET B 79 -36.16 -1.78 25.43
N GLN B 80 -36.75 -0.76 24.82
CA GLN B 80 -37.99 -0.22 25.36
C GLN B 80 -39.17 -1.08 24.94
N TYR B 81 -39.07 -1.78 23.81
CA TYR B 81 -40.13 -2.63 23.32
C TYR B 81 -40.35 -3.88 24.17
N VAL B 82 -39.27 -4.52 24.57
CA VAL B 82 -39.29 -5.78 25.33
C VAL B 82 -40.03 -5.70 26.66
N ARG B 83 -40.91 -6.68 26.91
CA ARG B 83 -41.73 -6.69 28.13
C ARG B 83 -40.99 -6.71 29.45
N ALA B 84 -39.91 -7.47 29.51
CA ALA B 84 -39.11 -7.63 30.70
C ALA B 84 -38.31 -6.39 31.03
N ASP B 85 -38.10 -6.11 32.30
CA ASP B 85 -37.21 -5.01 32.63
C ASP B 85 -35.82 -5.25 32.18
N ILE B 86 -35.18 -4.19 31.74
CA ILE B 86 -33.79 -4.28 31.39
C ILE B 86 -33.02 -3.44 32.35
N GLN B 87 -32.03 -4.02 32.96
CA GLN B 87 -31.22 -3.31 33.90
C GLN B 87 -29.87 -3.18 33.28
N THR B 88 -29.16 -2.12 33.58
CA THR B 88 -27.90 -1.91 32.92
C THR B 88 -26.76 -1.68 33.87
N VAL B 89 -25.58 -2.19 33.53
CA VAL B 89 -24.41 -1.94 34.34
C VAL B 89 -23.27 -1.36 33.53
N CYS B 90 -22.73 -0.23 33.94
CA CYS B 90 -21.60 0.31 33.22
C CYS B 90 -20.30 -0.15 33.84
N LEU B 91 -19.52 -0.85 33.03
CA LEU B 91 -18.24 -1.39 33.42
C LEU B 91 -17.28 -0.57 32.63
N GLY B 92 -16.11 -0.21 33.12
CA GLY B 92 -15.29 0.50 32.15
C GLY B 92 -15.93 1.82 31.73
N GLN B 93 -16.40 1.86 30.48
CA GLN B 93 -17.01 3.07 29.95
C GLN B 93 -18.29 2.87 29.15
N ALA B 94 -19.06 3.93 29.12
CA ALA B 94 -20.24 4.01 28.29
C ALA B 94 -20.13 5.30 27.53
N ALA B 95 -19.42 5.27 26.43
CA ALA B 95 -19.19 6.51 25.72
C ALA B 95 -20.32 6.86 24.79
N SER B 96 -20.62 8.15 24.70
CA SER B 96 -21.53 8.77 23.76
C SER B 96 -22.84 8.05 23.67
N ALA B 97 -23.06 7.39 22.55
CA ALA B 97 -24.30 6.71 22.31
C ALA B 97 -24.57 5.61 23.33
N ALA B 98 -23.52 4.98 23.84
CA ALA B 98 -23.70 3.92 24.80
C ALA B 98 -24.22 4.47 26.12
N ALA B 99 -24.05 5.78 26.36
CA ALA B 99 -24.51 6.38 27.59
C ALA B 99 -26.01 6.52 27.54
N VAL B 100 -26.58 6.46 26.33
CA VAL B 100 -28.00 6.60 26.16
C VAL B 100 -28.58 5.27 26.53
N LEU B 101 -27.93 4.20 26.04
CA LEU B 101 -28.37 2.84 26.30
C LEU B 101 -28.24 2.56 27.78
N LEU B 102 -27.26 3.17 28.43
CA LEU B 102 -27.10 2.99 29.85
C LEU B 102 -28.28 3.65 30.57
N ALA B 103 -28.59 4.90 30.19
CA ALA B 103 -29.69 5.66 30.78
C ALA B 103 -31.04 5.01 30.51
N ALA B 104 -31.16 4.33 29.36
CA ALA B 104 -32.36 3.67 28.85
C ALA B 104 -32.86 2.50 29.70
N GLY B 105 -32.07 1.99 30.62
CA GLY B 105 -32.58 0.86 31.40
C GLY B 105 -33.74 1.31 32.30
N THR B 106 -34.47 0.37 32.87
CA THR B 106 -35.59 0.70 33.73
C THR B 106 -35.12 1.50 34.94
N PRO B 107 -35.76 2.63 35.30
CA PRO B 107 -35.40 3.43 36.44
C PRO B 107 -35.36 2.60 37.71
N GLY B 108 -34.31 2.81 38.48
CA GLY B 108 -34.04 2.12 39.72
C GLY B 108 -33.06 1.00 39.46
N LYS B 109 -32.87 0.67 38.18
CA LYS B 109 -31.98 -0.39 37.80
C LYS B 109 -30.79 0.04 36.92
N ARG B 110 -30.45 1.34 36.88
CA ARG B 110 -29.24 1.75 36.15
C ARG B 110 -28.09 1.71 37.16
N MET B 111 -27.03 0.98 36.87
CA MET B 111 -25.91 0.80 37.77
C MET B 111 -24.55 1.03 37.16
N ALA B 112 -23.59 1.38 37.98
CA ALA B 112 -22.23 1.48 37.48
C ALA B 112 -21.19 1.06 38.49
N LEU B 113 -20.07 0.59 38.00
CA LEU B 113 -18.97 0.31 38.89
C LEU B 113 -18.32 1.65 39.27
N PRO B 114 -17.69 1.78 40.44
CA PRO B 114 -17.06 3.00 40.92
C PRO B 114 -16.10 3.72 39.99
N ASN B 115 -15.34 3.05 39.13
CA ASN B 115 -14.45 3.82 38.29
C ASN B 115 -14.97 3.94 36.88
N ALA B 116 -16.24 3.62 36.69
CA ALA B 116 -16.84 3.70 35.40
C ALA B 116 -16.87 5.12 34.90
N ARG B 117 -16.67 5.27 33.60
CA ARG B 117 -16.68 6.57 32.94
C ARG B 117 -17.83 6.70 31.96
N VAL B 118 -18.64 7.72 32.13
CA VAL B 118 -19.77 7.93 31.23
C VAL B 118 -19.54 9.19 30.41
N LEU B 119 -19.57 9.08 29.10
CA LEU B 119 -19.24 10.27 28.32
C LEU B 119 -20.41 10.68 27.47
N ILE B 120 -20.75 11.95 27.51
CA ILE B 120 -21.85 12.38 26.68
C ILE B 120 -21.29 13.15 25.51
N HIS B 121 -21.56 12.68 24.32
CA HIS B 121 -21.03 13.28 23.10
C HIS B 121 -22.12 13.38 22.08
N GLN B 122 -21.94 14.28 21.14
CA GLN B 122 -22.88 14.49 20.08
C GLN B 122 -22.85 13.27 19.18
N PRO B 123 -23.93 12.93 18.48
CA PRO B 123 -23.99 11.85 17.53
C PRO B 123 -23.07 12.19 16.38
N SER B 124 -22.35 11.20 15.88
CA SER B 124 -21.45 11.40 14.77
C SER B 124 -22.14 11.35 13.43
N LEU B 125 -21.44 11.81 12.40
CA LEU B 125 -21.95 11.69 11.05
C LEU B 125 -21.37 10.41 10.49
N SER B 126 -22.24 9.42 10.32
CA SER B 126 -21.82 8.09 9.90
C SER B 126 -22.95 7.31 9.30
N GLY B 127 -22.66 6.07 8.99
CA GLY B 127 -23.64 5.19 8.38
C GLY B 127 -24.01 5.62 6.96
N VAL B 128 -25.27 5.94 6.74
CA VAL B 128 -25.71 6.32 5.42
C VAL B 128 -25.43 7.78 5.14
N ILE B 129 -24.18 8.00 4.73
CA ILE B 129 -23.60 9.30 4.40
C ILE B 129 -22.90 9.17 3.05
N GLN B 130 -23.57 8.43 2.16
CA GLN B 130 -23.08 8.00 0.86
C GLN B 130 -22.92 9.11 -0.16
N GLY B 131 -23.52 10.27 0.08
CA GLY B 131 -23.42 11.33 -0.91
C GLY B 131 -24.76 11.95 -1.21
N GLN B 132 -25.46 12.35 -0.16
CA GLN B 132 -26.69 13.07 -0.28
C GLN B 132 -26.34 14.28 -1.12
N PHE B 133 -27.21 14.69 -2.03
CA PHE B 133 -26.84 15.77 -2.94
C PHE B 133 -26.38 17.01 -2.21
N SER B 134 -27.27 17.67 -1.50
CA SER B 134 -26.86 18.85 -0.78
C SER B 134 -26.37 18.41 0.55
N ASP B 135 -25.15 17.89 0.65
CA ASP B 135 -24.81 17.30 1.92
C ASP B 135 -24.87 18.33 3.04
N LEU B 136 -24.55 19.58 2.75
CA LEU B 136 -24.56 20.59 3.79
C LEU B 136 -25.95 21.07 4.16
N GLU B 137 -26.95 20.71 3.40
CA GLU B 137 -28.31 21.08 3.76
C GLU B 137 -29.00 19.85 4.36
N ILE B 138 -28.69 18.67 3.81
CA ILE B 138 -29.33 17.41 4.18
C ILE B 138 -28.63 16.71 5.30
N GLN B 139 -27.31 16.54 5.23
CA GLN B 139 -26.63 15.86 6.30
C GLN B 139 -26.67 16.80 7.45
N ALA B 140 -26.53 18.09 7.17
CA ALA B 140 -26.62 19.02 8.29
C ALA B 140 -28.00 18.92 8.95
N ALA B 141 -29.09 18.80 8.17
CA ALA B 141 -30.41 18.65 8.76
C ALA B 141 -30.57 17.33 9.49
N GLU B 142 -29.98 16.26 8.96
CA GLU B 142 -30.08 14.94 9.58
C GLU B 142 -29.35 14.96 10.89
N ILE B 143 -28.22 15.66 10.95
CA ILE B 143 -27.50 15.77 12.18
C ILE B 143 -28.33 16.51 13.20
N GLU B 144 -29.00 17.59 12.83
CA GLU B 144 -29.82 18.24 13.83
C GLU B 144 -30.91 17.30 14.33
N ARG B 145 -31.48 16.47 13.44
CA ARG B 145 -32.45 15.49 13.90
C ARG B 145 -31.81 14.52 14.90
N MET B 146 -30.60 14.04 14.60
CA MET B 146 -29.95 13.09 15.50
C MET B 146 -29.60 13.74 16.83
N ARG B 147 -29.19 15.02 16.82
CA ARG B 147 -28.86 15.69 18.07
C ARG B 147 -30.12 15.82 18.87
N THR B 148 -31.23 16.14 18.21
CA THR B 148 -32.48 16.31 18.89
C THR B 148 -32.90 15.01 19.54
N LEU B 149 -32.78 13.88 18.83
CA LEU B 149 -33.16 12.62 19.42
C LEU B 149 -32.29 12.26 20.60
N MET B 150 -30.98 12.48 20.52
CA MET B 150 -30.17 12.12 21.66
C MET B 150 -30.51 12.97 22.86
N GLU B 151 -30.73 14.27 22.65
CA GLU B 151 -31.03 15.17 23.74
C GLU B 151 -32.37 14.86 24.36
N THR B 152 -33.34 14.52 23.51
CA THR B 152 -34.68 14.20 23.95
C THR B 152 -34.67 12.90 24.70
N THR B 153 -33.95 11.91 24.15
CA THR B 153 -33.88 10.60 24.74
C THR B 153 -33.19 10.66 26.07
N LEU B 154 -32.08 11.40 26.19
CA LEU B 154 -31.51 11.49 27.51
C LEU B 154 -32.44 12.24 28.44
N ALA B 155 -33.10 13.31 27.99
CA ALA B 155 -33.95 14.04 28.91
C ALA B 155 -35.04 13.14 29.49
N ARG B 156 -35.58 12.24 28.69
CA ARG B 156 -36.63 11.33 29.17
C ARG B 156 -36.13 10.31 30.19
N HIS B 157 -34.82 10.09 30.26
CA HIS B 157 -34.24 9.14 31.17
C HIS B 157 -33.40 9.76 32.28
N THR B 158 -33.03 11.05 32.15
CA THR B 158 -32.20 11.66 33.18
C THR B 158 -32.96 12.70 33.99
N GLY B 159 -34.05 13.25 33.44
CA GLY B 159 -34.81 14.26 34.16
C GLY B 159 -34.29 15.67 33.90
N LYS B 160 -33.25 15.80 33.09
CA LYS B 160 -32.69 17.11 32.79
C LYS B 160 -33.43 17.67 31.61
N ASP B 161 -33.52 18.98 31.52
CA ASP B 161 -34.12 19.59 30.34
C ASP B 161 -33.25 19.26 29.15
N ALA B 162 -33.85 19.06 28.00
CA ALA B 162 -33.07 18.76 26.80
C ALA B 162 -32.05 19.86 26.52
N GLY B 163 -32.38 21.12 26.86
CA GLY B 163 -31.47 22.23 26.65
C GLY B 163 -30.19 22.08 27.47
N VAL B 164 -30.30 21.46 28.65
CA VAL B 164 -29.16 21.25 29.53
C VAL B 164 -28.33 20.16 28.95
N ILE B 165 -29.00 19.13 28.45
CA ILE B 165 -28.28 18.02 27.89
C ILE B 165 -27.47 18.55 26.72
N ARG B 166 -28.05 19.41 25.89
CA ARG B 166 -27.32 19.96 24.78
C ARG B 166 -26.09 20.73 25.22
N LYS B 167 -26.22 21.59 26.23
CA LYS B 167 -25.06 22.36 26.65
C LYS B 167 -23.90 21.46 27.07
N ASP B 168 -24.22 20.37 27.75
CA ASP B 168 -23.18 19.45 28.18
C ASP B 168 -22.68 18.57 27.02
N THR B 169 -23.58 18.17 26.14
CA THR B 169 -23.25 17.28 25.04
C THR B 169 -22.28 17.98 24.09
N ASP B 170 -22.53 19.27 23.85
CA ASP B 170 -21.74 20.10 22.95
C ASP B 170 -20.32 20.33 23.45
N ARG B 171 -20.06 20.05 24.72
CA ARG B 171 -18.77 20.27 25.32
C ARG B 171 -18.09 18.97 25.67
N ASP B 172 -18.60 17.85 25.17
CA ASP B 172 -18.04 16.54 25.45
C ASP B 172 -17.92 16.26 26.95
N LYS B 173 -18.95 16.60 27.73
CA LYS B 173 -18.85 16.38 29.17
C LYS B 173 -18.63 14.93 29.56
N ILE B 174 -17.66 14.71 30.46
CA ILE B 174 -17.34 13.39 30.97
C ILE B 174 -17.69 13.28 32.44
N LEU B 175 -18.49 12.29 32.77
CA LEU B 175 -18.95 12.06 34.13
C LEU B 175 -18.26 10.87 34.79
N THR B 176 -18.00 10.99 36.09
CA THR B 176 -17.48 9.86 36.84
C THR B 176 -18.65 8.99 37.23
N ALA B 177 -18.38 7.79 37.76
CA ALA B 177 -19.49 6.92 38.14
C ALA B 177 -20.42 7.59 39.12
N GLU B 178 -19.88 8.38 40.05
CA GLU B 178 -20.73 9.08 41.00
C GLU B 178 -21.43 10.26 40.35
N GLU B 179 -20.73 11.01 39.50
CA GLU B 179 -21.36 12.18 38.88
C GLU B 179 -22.53 11.74 38.02
N ALA B 180 -22.39 10.59 37.39
CA ALA B 180 -23.43 10.05 36.55
C ALA B 180 -24.70 9.80 37.35
N LYS B 181 -24.65 9.54 38.67
CA LYS B 181 -25.92 9.32 39.31
C LYS B 181 -26.54 10.67 39.60
N ASP B 182 -25.70 11.64 39.91
CA ASP B 182 -26.23 12.96 40.23
C ASP B 182 -26.78 13.64 38.96
N TYR B 183 -26.27 13.21 37.82
CA TYR B 183 -26.68 13.69 36.51
C TYR B 183 -27.94 12.99 36.00
N GLY B 184 -28.37 11.91 36.67
CA GLY B 184 -29.53 11.14 36.25
C GLY B 184 -29.30 9.92 35.33
N ILE B 185 -28.08 9.49 35.10
CA ILE B 185 -27.87 8.34 34.23
C ILE B 185 -27.84 7.05 35.03
N ILE B 186 -27.24 7.10 36.19
CA ILE B 186 -27.07 5.97 37.10
C ILE B 186 -27.93 6.10 38.35
N ASP B 187 -28.60 5.04 38.77
CA ASP B 187 -29.39 5.14 39.99
C ASP B 187 -28.48 4.80 41.16
N THR B 188 -27.54 3.88 40.92
CA THR B 188 -26.61 3.54 41.99
C THR B 188 -25.23 3.11 41.52
N VAL B 189 -24.24 3.34 42.35
CA VAL B 189 -22.88 2.93 42.09
C VAL B 189 -22.61 1.74 42.99
N LEU B 190 -22.18 0.65 42.40
CA LEU B 190 -22.03 -0.62 43.11
C LEU B 190 -20.89 -0.64 44.10
N GLU B 191 -21.15 -1.22 45.26
CA GLU B 191 -20.15 -1.38 46.30
C GLU B 191 -19.28 -2.57 45.95
N TYR B 192 -18.07 -2.62 46.45
CA TYR B 192 -17.29 -3.80 46.16
C TYR B 192 -17.61 -4.87 47.18
N ARG B 193 -18.22 -5.96 46.74
CA ARG B 193 -18.64 -7.01 47.64
C ARG B 193 -17.56 -8.04 47.90
N LYS B 194 -16.51 -7.61 48.57
CA LYS B 194 -15.36 -8.47 48.87
C LYS B 194 -15.62 -9.14 50.21
N LEU B 195 -15.18 -10.40 50.40
CA LEU B 195 -15.39 -11.06 51.68
C LEU B 195 -14.28 -10.80 52.70
N SER B 196 -13.30 -10.02 52.32
CA SER B 196 -12.17 -9.68 53.14
C SER B 196 -11.56 -8.34 52.77
N ILE C 1 -19.17 -11.31 19.77
CA ILE C 1 -19.49 -12.66 20.21
C ILE C 1 -20.98 -12.83 20.41
N LEU C 2 -21.66 -13.39 19.41
CA LEU C 2 -23.07 -13.66 19.60
C LEU C 2 -23.11 -14.93 20.45
N PRO C 3 -23.70 -14.96 21.63
CA PRO C 3 -23.75 -16.10 22.48
C PRO C 3 -24.72 -17.11 21.95
N SER C 4 -24.49 -18.35 22.26
CA SER C 4 -25.44 -19.40 21.97
C SER C 4 -26.25 -19.64 23.21
N PHE C 5 -27.32 -20.41 23.10
CA PHE C 5 -28.10 -20.73 24.26
C PHE C 5 -28.66 -22.11 24.14
N ILE C 6 -29.06 -22.69 25.24
CA ILE C 6 -29.60 -24.01 25.21
C ILE C 6 -31.05 -24.07 25.61
N GLU C 7 -31.82 -24.71 24.75
CA GLU C 7 -33.22 -24.90 24.95
C GLU C 7 -33.45 -26.40 25.05
N HIS C 8 -34.31 -26.85 25.94
CA HIS C 8 -34.50 -28.28 26.07
C HIS C 8 -35.94 -28.70 26.28
N SER C 9 -36.21 -29.97 25.99
CA SER C 9 -37.50 -30.59 26.17
C SER C 9 -37.26 -32.04 26.45
N SER C 10 -38.31 -32.82 26.65
CA SER C 10 -38.15 -34.25 26.95
C SER C 10 -37.52 -35.02 25.79
N PHE C 11 -37.52 -34.43 24.60
CA PHE C 11 -36.91 -35.01 23.42
C PHE C 11 -35.39 -35.03 23.51
N GLY C 12 -34.83 -33.92 23.97
CA GLY C 12 -33.40 -33.76 23.97
C GLY C 12 -32.98 -32.31 24.21
N VAL C 13 -31.70 -32.05 24.03
CA VAL C 13 -31.15 -30.74 24.28
C VAL C 13 -30.58 -30.11 23.03
N LYS C 14 -31.04 -28.91 22.73
CA LYS C 14 -30.63 -28.21 21.53
C LYS C 14 -29.89 -26.92 21.77
N GLU C 15 -28.69 -26.83 21.23
CA GLU C 15 -27.93 -25.60 21.34
C GLU C 15 -28.25 -24.79 20.11
N SER C 16 -28.56 -23.53 20.28
CA SER C 16 -28.88 -22.69 19.14
C SER C 16 -28.44 -21.26 19.27
N ASN C 17 -28.40 -20.58 18.15
CA ASN C 17 -28.04 -19.19 18.12
C ASN C 17 -29.26 -18.32 17.93
N PRO C 18 -29.21 -17.05 18.33
CA PRO C 18 -30.13 -16.03 17.92
C PRO C 18 -29.93 -16.07 16.42
N TYR C 19 -30.89 -15.62 15.65
CA TYR C 19 -30.90 -15.70 14.18
C TYR C 19 -31.35 -17.09 13.74
N ASN C 20 -30.74 -18.16 14.26
CA ASN C 20 -31.29 -19.48 13.92
C ASN C 20 -32.63 -19.60 14.61
N LYS C 21 -32.74 -19.07 15.82
CA LYS C 21 -34.00 -19.07 16.55
C LYS C 21 -35.03 -18.20 15.85
N LEU C 22 -34.58 -17.07 15.31
CA LEU C 22 -35.51 -16.19 14.65
C LEU C 22 -36.03 -16.86 13.39
N PHE C 23 -35.18 -17.60 12.68
CA PHE C 23 -35.60 -18.28 11.48
C PHE C 23 -36.65 -19.35 11.83
N GLU C 24 -36.48 -20.06 12.95
CA GLU C 24 -37.49 -21.06 13.35
C GLU C 24 -38.85 -20.40 13.54
N GLU C 25 -38.85 -19.14 13.97
CA GLU C 25 -40.06 -18.34 14.20
C GLU C 25 -40.54 -17.64 12.92
N ARG C 26 -39.90 -17.98 11.79
CA ARG C 26 -40.14 -17.48 10.46
C ARG C 26 -39.82 -16.03 10.29
N ILE C 27 -38.72 -15.60 10.88
CA ILE C 27 -38.23 -14.25 10.75
C ILE C 27 -36.94 -14.21 9.95
N ILE C 28 -36.94 -13.44 8.90
CA ILE C 28 -35.76 -13.23 8.07
C ILE C 28 -35.15 -11.95 8.52
N PHE C 29 -33.89 -11.96 8.86
CA PHE C 29 -33.32 -10.72 9.36
C PHE C 29 -32.40 -10.12 8.31
N LEU C 30 -32.79 -8.99 7.74
CA LEU C 30 -32.02 -8.31 6.73
C LEU C 30 -31.23 -7.18 7.35
N GLY C 31 -29.94 -7.40 7.48
CA GLY C 31 -29.04 -6.48 8.16
C GLY C 31 -28.13 -5.75 7.19
N VAL C 32 -26.91 -5.53 7.64
CA VAL C 32 -25.89 -4.78 6.91
C VAL C 32 -25.41 -5.47 5.65
N GLN C 33 -25.72 -6.73 5.50
CA GLN C 33 -25.29 -7.42 4.31
C GLN C 33 -26.26 -7.10 3.19
N VAL C 34 -25.93 -6.05 2.43
CA VAL C 34 -26.81 -5.49 1.40
C VAL C 34 -26.28 -5.66 -0.05
N ASP C 35 -25.25 -6.48 -0.15
CA ASP C 35 -24.55 -6.88 -1.38
C ASP C 35 -25.39 -7.82 -2.22
N ASP C 36 -25.10 -7.93 -3.51
CA ASP C 36 -25.81 -8.88 -4.35
C ASP C 36 -25.69 -10.29 -3.76
N ALA C 37 -24.55 -10.56 -3.15
CA ALA C 37 -24.32 -11.83 -2.55
C ALA C 37 -25.31 -12.15 -1.45
N SER C 38 -25.78 -11.15 -0.68
CA SER C 38 -26.70 -11.43 0.41
C SER C 38 -28.11 -11.49 -0.11
N ALA C 39 -28.37 -10.84 -1.24
CA ALA C 39 -29.71 -10.88 -1.81
C ALA C 39 -30.08 -12.30 -2.13
N ASN C 40 -29.07 -13.07 -2.51
CA ASN C 40 -29.26 -14.47 -2.79
C ASN C 40 -29.60 -15.26 -1.54
N ASP C 41 -29.14 -14.82 -0.36
CA ASP C 41 -29.43 -15.53 0.86
C ASP C 41 -30.84 -15.23 1.27
N ILE C 42 -31.29 -14.01 1.04
CA ILE C 42 -32.65 -13.65 1.40
C ILE C 42 -33.58 -14.45 0.52
N MET C 43 -33.27 -14.56 -0.77
CA MET C 43 -34.14 -15.34 -1.62
C MET C 43 -34.16 -16.79 -1.19
N ALA C 44 -32.99 -17.35 -0.83
CA ALA C 44 -32.99 -18.74 -0.39
C ALA C 44 -33.83 -18.91 0.86
N GLN C 45 -33.77 -17.94 1.78
CA GLN C 45 -34.57 -18.02 2.99
C GLN C 45 -36.05 -17.91 2.73
N LEU C 46 -36.47 -17.04 1.82
CA LEU C 46 -37.89 -16.92 1.53
C LEU C 46 -38.41 -18.20 0.91
N LEU C 47 -37.62 -18.81 0.04
CA LEU C 47 -38.05 -20.04 -0.60
C LEU C 47 -38.14 -21.17 0.41
N VAL C 48 -37.19 -21.24 1.34
CA VAL C 48 -37.25 -22.27 2.37
C VAL C 48 -38.44 -22.09 3.27
N LEU C 49 -38.73 -20.87 3.70
CA LEU C 49 -39.85 -20.72 4.59
C LEU C 49 -41.16 -21.05 3.91
N GLU C 50 -41.32 -20.69 2.63
CA GLU C 50 -42.54 -21.04 1.93
C GLU C 50 -42.68 -22.55 1.85
N SER C 51 -41.58 -23.24 1.57
CA SER C 51 -41.59 -24.68 1.47
C SER C 51 -41.97 -25.35 2.79
N LEU C 52 -41.42 -24.85 3.89
CA LEU C 52 -41.73 -25.45 5.19
C LEU C 52 -43.21 -25.31 5.55
N ASP C 53 -43.83 -24.16 5.27
CA ASP C 53 -45.25 -23.96 5.52
C ASP C 53 -45.82 -22.78 4.72
N PRO C 54 -46.38 -23.03 3.53
CA PRO C 54 -46.88 -22.03 2.59
C PRO C 54 -47.97 -21.11 3.12
N ASP C 55 -48.66 -21.50 4.19
CA ASP C 55 -49.75 -20.66 4.66
C ASP C 55 -49.40 -19.79 5.85
N ARG C 56 -48.14 -19.81 6.28
CA ARG C 56 -47.78 -18.99 7.43
C ARG C 56 -46.98 -17.79 7.04
N ASP C 57 -47.32 -16.69 7.66
CA ASP C 57 -46.65 -15.45 7.36
C ASP C 57 -45.18 -15.51 7.64
N ILE C 58 -44.44 -14.80 6.83
CA ILE C 58 -43.01 -14.63 6.97
C ILE C 58 -42.77 -13.23 7.43
N THR C 59 -41.98 -13.05 8.46
CA THR C 59 -41.72 -11.73 8.94
C THR C 59 -40.34 -11.32 8.54
N MET C 60 -40.19 -10.16 7.95
CA MET C 60 -38.87 -9.73 7.57
C MET C 60 -38.50 -8.52 8.37
N TYR C 61 -37.37 -8.58 9.03
CA TYR C 61 -36.90 -7.45 9.81
C TYR C 61 -35.90 -6.73 8.98
N ILE C 62 -36.06 -5.43 8.87
CA ILE C 62 -35.16 -4.64 8.06
C ILE C 62 -34.40 -3.63 8.85
N ASN C 63 -33.09 -3.69 8.78
CA ASN C 63 -32.20 -2.74 9.42
C ASN C 63 -30.99 -2.60 8.55
N SER C 64 -31.06 -1.82 7.48
CA SER C 64 -29.95 -1.85 6.55
C SER C 64 -29.73 -0.54 5.78
N PRO C 65 -28.47 -0.24 5.43
CA PRO C 65 -28.05 0.88 4.63
C PRO C 65 -28.23 0.64 3.14
N GLY C 66 -29.45 0.40 2.75
CA GLY C 66 -29.82 0.18 1.36
C GLY C 66 -29.18 -1.01 0.72
N GLY C 67 -28.52 -0.78 -0.41
CA GLY C 67 -27.86 -1.85 -1.15
C GLY C 67 -27.99 -1.66 -2.64
N GLY C 68 -27.52 -2.65 -3.39
CA GLY C 68 -27.56 -2.53 -4.85
C GLY C 68 -28.99 -2.64 -5.36
N PHE C 69 -29.33 -1.84 -6.36
CA PHE C 69 -30.68 -1.89 -6.89
C PHE C 69 -31.06 -3.21 -7.53
N THR C 70 -30.20 -3.74 -8.38
CA THR C 70 -30.58 -4.93 -9.15
C THR C 70 -30.89 -6.12 -8.27
N SER C 71 -30.06 -6.35 -7.29
CA SER C 71 -30.25 -7.49 -6.43
C SER C 71 -31.32 -7.27 -5.40
N LEU C 72 -31.64 -6.03 -5.07
CA LEU C 72 -32.73 -5.87 -4.15
C LEU C 72 -34.04 -5.99 -4.93
N MET C 73 -34.04 -5.77 -6.26
CA MET C 73 -35.24 -6.09 -7.03
C MET C 73 -35.41 -7.61 -7.07
N ALA C 74 -34.30 -8.36 -7.06
CA ALA C 74 -34.44 -9.80 -7.04
C ALA C 74 -35.20 -10.24 -5.79
N ILE C 75 -34.91 -9.58 -4.65
CA ILE C 75 -35.61 -9.88 -3.42
C ILE C 75 -37.04 -9.47 -3.58
N TYR C 76 -37.28 -8.28 -4.11
CA TYR C 76 -38.64 -7.80 -4.28
C TYR C 76 -39.48 -8.80 -5.04
N ASP C 77 -38.99 -9.33 -6.16
CA ASP C 77 -39.82 -10.28 -6.88
C ASP C 77 -40.04 -11.55 -6.10
N THR C 78 -39.05 -12.03 -5.36
CA THR C 78 -39.28 -13.24 -4.57
C THR C 78 -40.34 -12.94 -3.52
N MET C 79 -40.28 -11.77 -2.88
CA MET C 79 -41.27 -11.46 -1.87
C MET C 79 -42.67 -11.43 -2.42
N GLN C 80 -42.83 -10.94 -3.64
CA GLN C 80 -44.15 -10.88 -4.24
C GLN C 80 -44.55 -12.25 -4.80
N TYR C 81 -43.58 -13.07 -5.18
CA TYR C 81 -43.83 -14.39 -5.71
C TYR C 81 -44.38 -15.38 -4.69
N VAL C 82 -43.80 -15.37 -3.49
CA VAL C 82 -44.13 -16.29 -2.41
C VAL C 82 -45.59 -16.23 -1.96
N ARG C 83 -46.21 -17.41 -1.83
CA ARG C 83 -47.63 -17.50 -1.47
C ARG C 83 -48.04 -16.89 -0.15
N ALA C 84 -47.20 -17.07 0.86
CA ALA C 84 -47.44 -16.58 2.21
C ALA C 84 -47.32 -15.08 2.30
N ASP C 85 -48.10 -14.46 3.17
CA ASP C 85 -47.90 -13.03 3.37
C ASP C 85 -46.56 -12.73 3.97
N ILE C 86 -45.98 -11.64 3.54
CA ILE C 86 -44.74 -11.18 4.14
C ILE C 86 -45.03 -9.89 4.83
N GLN C 87 -44.66 -9.83 6.08
CA GLN C 87 -44.88 -8.64 6.85
C GLN C 87 -43.52 -8.09 7.12
N THR C 88 -43.41 -6.79 7.24
CA THR C 88 -42.09 -6.21 7.41
C THR C 88 -42.00 -5.28 8.60
N VAL C 89 -40.86 -5.28 9.27
CA VAL C 89 -40.64 -4.37 10.37
C VAL C 89 -39.38 -3.56 10.20
N CYS C 90 -39.48 -2.25 10.25
CA CYS C 90 -38.27 -1.45 10.16
C CYS C 90 -37.71 -1.15 11.53
N LEU C 91 -36.50 -1.61 11.75
CA LEU C 91 -35.79 -1.43 12.98
C LEU C 91 -34.70 -0.47 12.61
N GLY C 92 -34.29 0.46 13.44
CA GLY C 92 -33.15 1.22 12.92
C GLY C 92 -33.52 1.97 11.66
N GLN C 93 -32.99 1.53 10.53
CA GLN C 93 -33.24 2.18 9.26
C GLN C 93 -33.55 1.28 8.08
N ALA C 94 -34.24 1.85 7.13
CA ALA C 94 -34.50 1.21 5.85
C ALA C 94 -34.12 2.21 4.80
N ALA C 95 -32.83 2.24 4.47
CA ALA C 95 -32.39 3.25 3.55
C ALA C 95 -32.59 2.85 2.11
N SER C 96 -32.95 3.81 1.28
CA SER C 96 -33.03 3.73 -0.17
C SER C 96 -33.77 2.52 -0.63
N ALA C 97 -33.03 1.59 -1.21
CA ALA C 97 -33.61 0.40 -1.77
C ALA C 97 -34.33 -0.42 -0.71
N ALA C 98 -33.85 -0.41 0.52
CA ALA C 98 -34.48 -1.19 1.57
C ALA C 98 -35.84 -0.63 1.91
N ALA C 99 -36.10 0.64 1.56
CA ALA C 99 -37.38 1.24 1.86
C ALA C 99 -38.42 0.70 0.90
N VAL C 100 -37.97 0.13 -0.22
CA VAL C 100 -38.86 -0.41 -1.21
C VAL C 100 -39.30 -1.74 -0.66
N LEU C 101 -38.34 -2.50 -0.13
CA LEU C 101 -38.60 -3.81 0.44
C LEU C 101 -39.49 -3.65 1.65
N LEU C 102 -39.36 -2.55 2.36
CA LEU C 102 -40.22 -2.31 3.49
C LEU C 102 -41.64 -2.08 3.01
N ALA C 103 -41.80 -1.21 2.00
CA ALA C 103 -43.11 -0.90 1.41
C ALA C 103 -43.75 -2.12 0.77
N ALA C 104 -42.92 -3.01 0.24
CA ALA C 104 -43.30 -4.23 -0.47
C ALA C 104 -44.05 -5.28 0.35
N GLY C 105 -44.06 -5.17 1.67
CA GLY C 105 -44.76 -6.19 2.43
C GLY C 105 -46.27 -6.08 2.18
N THR C 106 -47.02 -7.10 2.59
CA THR C 106 -48.47 -7.10 2.37
C THR C 106 -49.12 -5.92 3.10
N PRO C 107 -49.99 -5.13 2.45
CA PRO C 107 -50.67 -4.02 3.06
C PRO C 107 -51.38 -4.42 4.32
N GLY C 108 -51.22 -3.61 5.35
CA GLY C 108 -51.79 -3.81 6.67
C GLY C 108 -50.74 -4.41 7.57
N LYS C 109 -49.66 -4.90 6.96
CA LYS C 109 -48.60 -5.53 7.70
C LYS C 109 -47.23 -4.84 7.58
N ARG C 110 -47.18 -3.57 7.14
CA ARG C 110 -45.89 -2.86 7.14
C ARG C 110 -45.78 -2.15 8.50
N MET C 111 -44.71 -2.40 9.23
CA MET C 111 -44.54 -1.86 10.58
C MET C 111 -43.20 -1.20 10.82
N ALA C 112 -43.16 -0.29 11.76
CA ALA C 112 -41.87 0.28 12.15
C ALA C 112 -41.79 0.59 13.61
N LEU C 113 -40.58 0.56 14.13
CA LEU C 113 -40.38 1.01 15.50
C LEU C 113 -40.42 2.54 15.50
N PRO C 114 -40.82 3.20 16.60
CA PRO C 114 -40.91 4.64 16.71
C PRO C 114 -39.71 5.48 16.29
N ASN C 115 -38.47 5.02 16.44
CA ASN C 115 -37.39 5.88 16.02
C ASN C 115 -36.79 5.44 14.71
N ALA C 116 -37.50 4.56 14.02
CA ALA C 116 -37.03 4.07 12.76
C ALA C 116 -36.93 5.18 11.74
N ARG C 117 -35.91 5.09 10.90
CA ARG C 117 -35.68 6.07 9.85
C ARG C 117 -35.82 5.45 8.46
N VAL C 118 -36.67 6.03 7.64
CA VAL C 118 -36.88 5.51 6.30
C VAL C 118 -36.35 6.51 5.29
N LEU C 119 -35.42 6.10 4.43
CA LEU C 119 -34.86 7.09 3.52
C LEU C 119 -35.15 6.75 2.10
N ILE C 120 -35.62 7.71 1.34
CA ILE C 120 -35.88 7.41 -0.04
C ILE C 120 -34.81 8.05 -0.87
N HIS C 121 -34.07 7.25 -1.62
CA HIS C 121 -32.95 7.73 -2.43
C HIS C 121 -33.03 7.10 -3.78
N GLN C 122 -32.40 7.75 -4.74
CA GLN C 122 -32.36 7.27 -6.09
C GLN C 122 -31.49 6.02 -6.12
N PRO C 123 -31.72 5.09 -7.05
CA PRO C 123 -30.92 3.91 -7.22
C PRO C 123 -29.53 4.33 -7.64
N SER C 124 -28.51 3.67 -7.11
CA SER C 124 -27.14 3.98 -7.45
C SER C 124 -26.68 3.32 -8.73
N LEU C 125 -25.56 3.80 -9.24
CA LEU C 125 -24.94 3.16 -10.39
C LEU C 125 -23.95 2.15 -9.85
N SER C 126 -24.27 0.88 -9.99
CA SER C 126 -23.47 -0.19 -9.43
C SER C 126 -23.70 -1.50 -10.12
N GLY C 127 -23.08 -2.53 -9.57
CA GLY C 127 -23.20 -3.85 -10.15
C GLY C 127 -22.54 -3.97 -11.51
N VAL C 128 -23.33 -4.29 -12.53
CA VAL C 128 -22.78 -4.47 -13.85
C VAL C 128 -22.62 -3.13 -14.56
N ILE C 129 -21.50 -2.49 -14.24
CA ILE C 129 -21.07 -1.19 -14.74
C ILE C 129 -19.63 -1.32 -15.20
N GLN C 130 -19.35 -2.44 -15.84
CA GLN C 130 -18.04 -2.90 -16.24
C GLN C 130 -17.40 -2.11 -17.36
N GLY C 131 -18.17 -1.31 -18.08
CA GLY C 131 -17.60 -0.58 -19.18
C GLY C 131 -18.42 -0.68 -20.43
N GLN C 132 -19.70 -0.40 -20.30
CA GLN C 132 -20.59 -0.35 -21.43
C GLN C 132 -19.96 0.67 -22.36
N PHE C 133 -20.01 0.43 -23.66
CA PHE C 133 -19.29 1.32 -24.57
C PHE C 133 -19.69 2.77 -24.38
N SER C 134 -20.90 3.12 -24.73
CA SER C 134 -21.32 4.50 -24.55
C SER C 134 -21.83 4.63 -23.15
N ASP C 135 -20.96 4.73 -22.17
CA ASP C 135 -21.51 4.67 -20.83
C ASP C 135 -22.51 5.80 -20.59
N LEU C 136 -22.28 6.95 -21.17
CA LEU C 136 -23.19 8.07 -20.96
C LEU C 136 -24.49 7.97 -21.71
N GLU C 137 -24.60 7.04 -22.64
CA GLU C 137 -25.87 6.86 -23.33
C GLU C 137 -26.56 5.62 -22.74
N ILE C 138 -25.76 4.61 -22.39
CA ILE C 138 -26.25 3.32 -21.91
C ILE C 138 -26.44 3.27 -20.42
N GLN C 139 -25.44 3.68 -19.65
CA GLN C 139 -25.60 3.63 -18.22
C GLN C 139 -26.59 4.71 -17.89
N ALA C 140 -26.51 5.82 -18.60
CA ALA C 140 -27.49 6.85 -18.33
C ALA C 140 -28.90 6.32 -18.62
N ALA C 141 -29.10 5.55 -19.71
CA ALA C 141 -30.41 4.98 -19.99
C ALA C 141 -30.81 3.93 -18.97
N GLU C 142 -29.85 3.13 -18.50
CA GLU C 142 -30.15 2.09 -17.53
C GLU C 142 -30.54 2.73 -16.22
N ILE C 143 -29.91 3.84 -15.88
CA ILE C 143 -30.29 4.54 -14.68
C ILE C 143 -31.70 5.06 -14.81
N GLU C 144 -32.08 5.61 -15.94
CA GLU C 144 -33.46 6.06 -16.03
C GLU C 144 -34.41 4.89 -15.87
N ARG C 145 -34.05 3.71 -16.40
CA ARG C 145 -34.89 2.54 -16.18
C ARG C 145 -34.98 2.21 -14.70
N MET C 146 -33.86 2.24 -13.98
CA MET C 146 -33.87 1.92 -12.57
C MET C 146 -34.66 2.94 -11.76
N ARG C 147 -34.57 4.22 -12.13
CA ARG C 147 -35.32 5.23 -11.41
C ARG C 147 -36.78 4.99 -11.64
N THR C 148 -37.15 4.63 -12.87
CA THR C 148 -38.53 4.40 -13.20
C THR C 148 -39.06 3.22 -12.39
N LEU C 149 -38.30 2.13 -12.29
CA LEU C 149 -38.77 1.01 -11.49
C LEU C 149 -38.91 1.34 -10.04
N MET C 150 -37.99 2.10 -9.47
CA MET C 150 -38.15 2.40 -8.05
C MET C 150 -39.37 3.27 -7.83
N GLU C 151 -39.59 4.25 -8.70
CA GLU C 151 -40.71 5.15 -8.56
C GLU C 151 -42.02 4.45 -8.74
N THR C 152 -42.05 3.54 -9.72
CA THR C 152 -43.24 2.78 -10.03
C THR C 152 -43.54 1.81 -8.91
N THR C 153 -42.49 1.14 -8.41
CA THR C 153 -42.63 0.17 -7.37
C THR C 153 -43.09 0.83 -6.10
N LEU C 154 -42.53 1.98 -5.73
CA LEU C 154 -43.06 2.61 -4.55
C LEU C 154 -44.48 3.08 -4.80
N ALA C 155 -44.80 3.62 -5.97
CA ALA C 155 -46.16 4.09 -6.18
C ALA C 155 -47.18 2.98 -5.98
N ARG C 156 -46.85 1.77 -6.41
CA ARG C 156 -47.76 0.64 -6.24
C ARG C 156 -47.95 0.19 -4.80
N HIS C 157 -47.06 0.61 -3.91
CA HIS C 157 -47.12 0.23 -2.51
C HIS C 157 -47.42 1.39 -1.58
N THR C 158 -47.27 2.64 -2.05
CA THR C 158 -47.52 3.78 -1.18
C THR C 158 -48.78 4.54 -1.54
N GLY C 159 -49.26 4.41 -2.77
CA GLY C 159 -50.45 5.13 -3.20
C GLY C 159 -50.14 6.52 -3.74
N LYS C 160 -48.88 6.89 -3.76
CA LYS C 160 -48.49 8.21 -4.25
C LYS C 160 -48.27 8.11 -5.73
N ASP C 161 -48.50 9.18 -6.46
CA ASP C 161 -48.18 9.18 -7.88
C ASP C 161 -46.70 9.01 -8.04
N ALA C 162 -46.28 8.29 -9.07
CA ALA C 162 -44.85 8.10 -9.30
C ALA C 162 -44.12 9.43 -9.43
N GLY C 163 -44.80 10.46 -9.96
CA GLY C 163 -44.20 11.78 -10.11
C GLY C 163 -43.85 12.40 -8.76
N VAL C 164 -44.65 12.08 -7.73
CA VAL C 164 -44.44 12.59 -6.39
C VAL C 164 -43.27 11.88 -5.81
N ILE C 165 -43.22 10.57 -6.03
CA ILE C 165 -42.14 9.80 -5.50
C ILE C 165 -40.86 10.34 -6.08
N ARG C 166 -40.82 10.64 -7.38
CA ARG C 166 -39.63 11.18 -7.97
C ARG C 166 -39.21 12.49 -7.34
N LYS C 167 -40.14 13.42 -7.12
CA LYS C 167 -39.75 14.70 -6.53
C LYS C 167 -39.09 14.51 -5.17
N ASP C 168 -39.61 13.58 -4.37
CA ASP C 168 -39.02 13.32 -3.07
C ASP C 168 -37.72 12.52 -3.16
N THR C 169 -37.67 11.57 -4.08
CA THR C 169 -36.52 10.68 -4.24
C THR C 169 -35.30 11.50 -4.66
N ASP C 170 -35.52 12.45 -5.56
CA ASP C 170 -34.47 13.32 -6.12
C ASP C 170 -33.87 14.25 -5.07
N ARG C 171 -34.53 14.40 -3.93
CA ARG C 171 -34.08 15.30 -2.90
C ARG C 171 -33.64 14.56 -1.67
N ASP C 172 -33.47 13.23 -1.77
CA ASP C 172 -33.05 12.41 -0.66
C ASP C 172 -33.96 12.56 0.55
N LYS C 173 -35.28 12.60 0.35
CA LYS C 173 -36.18 12.78 1.49
C LYS C 173 -36.06 11.71 2.56
N ILE C 174 -35.97 12.15 3.82
CA ILE C 174 -35.88 11.25 4.96
C ILE C 174 -37.14 11.35 5.81
N LEU C 175 -37.76 10.22 6.04
CA LEU C 175 -39.00 10.12 6.81
C LEU C 175 -38.78 9.54 8.21
N THR C 176 -39.52 10.07 9.17
CA THR C 176 -39.50 9.49 10.51
C THR C 176 -40.44 8.30 10.52
N ALA C 177 -40.42 7.51 11.58
CA ALA C 177 -41.31 6.36 11.61
C ALA C 177 -42.76 6.75 11.45
N GLU C 178 -43.17 7.89 12.02
CA GLU C 178 -44.53 8.36 11.86
C GLU C 178 -44.76 8.92 10.46
N GLU C 179 -43.81 9.68 9.94
CA GLU C 179 -44.01 10.28 8.61
C GLU C 179 -44.15 9.20 7.57
N ALA C 180 -43.42 8.10 7.75
CA ALA C 180 -43.47 6.99 6.85
C ALA C 180 -44.88 6.40 6.78
N LYS C 181 -45.72 6.50 7.83
CA LYS C 181 -47.03 5.90 7.65
C LYS C 181 -47.87 6.87 6.87
N ASP C 182 -47.67 8.16 7.08
CA ASP C 182 -48.47 9.15 6.39
C ASP C 182 -48.09 9.21 4.91
N TYR C 183 -46.86 8.79 4.62
CA TYR C 183 -46.31 8.73 3.28
C TYR C 183 -46.72 7.44 2.55
N GLY C 184 -47.32 6.48 3.26
CA GLY C 184 -47.71 5.20 2.67
C GLY C 184 -46.70 4.03 2.74
N ILE C 185 -45.62 4.14 3.49
CA ILE C 185 -44.68 3.02 3.55
C ILE C 185 -45.01 2.10 4.71
N ILE C 186 -45.40 2.68 5.81
CA ILE C 186 -45.73 1.99 7.05
C ILE C 186 -47.22 2.00 7.36
N ASP C 187 -47.81 0.88 7.75
CA ASP C 187 -49.22 0.92 8.09
C ASP C 187 -49.34 1.28 9.55
N THR C 188 -48.37 0.85 10.35
CA THR C 188 -48.42 1.20 11.77
C THR C 188 -47.05 1.32 12.43
N VAL C 189 -46.98 2.15 13.45
CA VAL C 189 -45.78 2.32 14.23
C VAL C 189 -46.02 1.62 15.55
N LEU C 190 -45.13 0.71 15.90
CA LEU C 190 -45.31 -0.16 17.06
C LEU C 190 -45.20 0.56 18.38
N GLU C 191 -46.10 0.21 19.29
CA GLU C 191 -46.09 0.74 20.65
C GLU C 191 -45.04 0.00 21.45
N TYR C 192 -44.54 0.60 22.52
CA TYR C 192 -43.61 -0.16 23.30
C TYR C 192 -44.36 -0.99 24.32
N ARG C 193 -44.30 -2.30 24.16
CA ARG C 193 -45.05 -3.20 25.04
C ARG C 193 -44.31 -3.55 26.30
N LYS C 194 -44.11 -2.56 27.16
CA LYS C 194 -43.38 -2.75 28.41
C LYS C 194 -44.38 -3.13 29.49
N LEU C 195 -43.99 -3.99 30.45
CA LEU C 195 -44.92 -4.37 31.52
C LEU C 195 -44.91 -3.42 32.71
N SER C 196 -44.08 -2.40 32.64
CA SER C 196 -43.92 -1.41 33.69
C SER C 196 -43.46 -0.07 33.16
N ILE D 1 -25.28 -13.62 7.81
CA ILE D 1 -25.60 -14.83 8.56
C ILE D 1 -26.74 -15.58 7.93
N LEU D 2 -26.45 -16.59 7.12
CA LEU D 2 -27.52 -17.41 6.58
C LEU D 2 -27.92 -18.33 7.73
N PRO D 3 -29.15 -18.34 8.20
CA PRO D 3 -29.59 -19.16 9.29
C PRO D 3 -29.73 -20.57 8.84
N SER D 4 -29.59 -21.49 9.76
CA SER D 4 -29.88 -22.88 9.51
C SER D 4 -31.27 -23.15 10.01
N PHE D 5 -31.80 -24.31 9.69
CA PHE D 5 -33.11 -24.66 10.18
C PHE D 5 -33.18 -26.13 10.42
N ILE D 6 -34.15 -26.55 11.21
CA ILE D 6 -34.29 -27.96 11.50
C ILE D 6 -35.56 -28.53 10.98
N GLU D 7 -35.39 -29.63 10.26
CA GLU D 7 -36.49 -30.36 9.68
C GLU D 7 -36.46 -31.74 10.33
N HIS D 8 -37.61 -32.30 10.65
CA HIS D 8 -37.59 -33.60 11.29
C HIS D 8 -38.68 -34.54 10.81
N SER D 9 -38.44 -35.83 11.05
CA SER D 9 -39.38 -36.89 10.73
C SER D 9 -39.17 -37.99 11.74
N SER D 10 -39.91 -39.08 11.64
CA SER D 10 -39.77 -40.17 12.60
C SER D 10 -38.41 -40.84 12.53
N PHE D 11 -37.67 -40.61 11.44
CA PHE D 11 -36.32 -41.12 11.25
C PHE D 11 -35.32 -40.45 12.18
N GLY D 12 -35.43 -39.13 12.31
CA GLY D 12 -34.46 -38.37 13.04
C GLY D 12 -34.57 -36.87 12.77
N VAL D 13 -33.59 -36.14 13.25
CA VAL D 13 -33.60 -34.68 13.12
C VAL D 13 -32.43 -34.19 12.30
N LYS D 14 -32.74 -33.41 11.27
CA LYS D 14 -31.74 -32.91 10.37
C LYS D 14 -31.60 -31.40 10.34
N GLU D 15 -30.41 -30.93 10.62
CA GLU D 15 -30.15 -29.50 10.55
C GLU D 15 -29.65 -29.22 9.16
N SER D 16 -30.19 -28.21 8.51
CA SER D 16 -29.76 -27.90 7.17
C SER D 16 -29.79 -26.43 6.84
N ASN D 17 -29.08 -26.07 5.80
CA ASN D 17 -29.04 -24.71 5.33
C ASN D 17 -29.90 -24.54 4.10
N PRO D 18 -30.35 -23.32 3.80
CA PRO D 18 -30.88 -22.93 2.54
C PRO D 18 -29.69 -23.22 1.64
N TYR D 19 -29.91 -23.43 0.37
CA TYR D 19 -28.87 -23.85 -0.59
C TYR D 19 -28.66 -25.35 -0.50
N ASN D 20 -28.40 -25.89 0.68
CA ASN D 20 -28.34 -27.36 0.76
C ASN D 20 -29.74 -27.89 0.52
N LYS D 21 -30.74 -27.19 1.03
CA LYS D 21 -32.13 -27.58 0.82
C LYS D 21 -32.50 -27.43 -0.63
N LEU D 22 -32.01 -26.39 -1.28
CA LEU D 22 -32.34 -26.17 -2.67
C LEU D 22 -31.71 -27.28 -3.51
N PHE D 23 -30.50 -27.70 -3.16
CA PHE D 23 -29.84 -28.77 -3.89
C PHE D 23 -30.65 -30.06 -3.76
N GLU D 24 -31.19 -30.35 -2.57
CA GLU D 24 -32.01 -31.57 -2.41
C GLU D 24 -33.21 -31.56 -3.36
N GLU D 25 -33.71 -30.36 -3.65
CA GLU D 25 -34.84 -30.13 -4.56
C GLU D 25 -34.40 -30.03 -6.02
N ARG D 26 -33.12 -30.31 -6.27
CA ARG D 26 -32.44 -30.28 -7.54
C ARG D 26 -32.34 -28.92 -8.15
N ILE D 27 -32.05 -27.93 -7.32
CA ILE D 27 -31.83 -26.58 -7.76
C ILE D 27 -30.38 -26.16 -7.59
N ILE D 28 -29.78 -25.74 -8.67
CA ILE D 28 -28.41 -25.24 -8.65
C ILE D 28 -28.52 -23.75 -8.59
N PHE D 29 -27.86 -23.12 -7.65
CA PHE D 29 -28.02 -21.69 -7.57
C PHE D 29 -26.75 -21.00 -8.03
N LEU D 30 -26.81 -20.33 -9.17
CA LEU D 30 -25.67 -19.63 -9.73
C LEU D 30 -25.75 -18.17 -9.39
N GLY D 31 -24.90 -17.76 -8.46
CA GLY D 31 -24.89 -16.41 -7.93
C GLY D 31 -23.71 -15.60 -8.40
N VAL D 32 -23.20 -14.77 -7.51
CA VAL D 32 -22.11 -13.84 -7.78
C VAL D 32 -20.77 -14.52 -8.04
N GLN D 33 -20.68 -15.79 -7.72
CA GLN D 33 -19.45 -16.49 -7.97
C GLN D 33 -19.39 -16.89 -9.43
N VAL D 34 -18.82 -16.01 -10.24
CA VAL D 34 -18.79 -16.14 -11.71
C VAL D 34 -17.38 -16.40 -12.31
N ASP D 35 -16.46 -16.69 -11.42
CA ASP D 35 -15.06 -17.01 -11.67
C ASP D 35 -14.91 -18.39 -12.27
N ASP D 36 -13.77 -18.66 -12.93
CA ASP D 36 -13.53 -19.99 -13.47
C ASP D 36 -13.62 -21.02 -12.36
N ALA D 37 -13.21 -20.62 -11.16
CA ALA D 37 -13.26 -21.48 -10.02
C ALA D 37 -14.67 -21.94 -9.68
N SER D 38 -15.69 -21.10 -9.90
CA SER D 38 -17.05 -21.49 -9.56
C SER D 38 -17.66 -22.28 -10.68
N ALA D 39 -17.16 -22.09 -11.90
CA ALA D 39 -17.70 -22.83 -13.03
C ALA D 39 -17.50 -24.30 -12.79
N ASN D 40 -16.41 -24.62 -12.12
CA ASN D 40 -16.10 -25.99 -11.77
C ASN D 40 -17.09 -26.55 -10.74
N ASP D 41 -17.66 -25.69 -9.89
CA ASP D 41 -18.59 -26.14 -8.89
C ASP D 41 -19.92 -26.41 -9.55
N ILE D 42 -20.26 -25.59 -10.54
CA ILE D 42 -21.52 -25.79 -11.23
C ILE D 42 -21.44 -27.09 -11.99
N MET D 43 -20.30 -27.35 -12.63
CA MET D 43 -20.19 -28.60 -13.33
C MET D 43 -20.26 -29.77 -12.37
N ALA D 44 -19.61 -29.67 -11.21
CA ALA D 44 -19.67 -30.78 -10.26
C ALA D 44 -21.11 -31.00 -9.81
N GLN D 45 -21.87 -29.92 -9.61
CA GLN D 45 -23.26 -30.05 -9.19
C GLN D 45 -24.14 -30.66 -10.27
N LEU D 46 -23.93 -30.30 -11.53
CA LEU D 46 -24.73 -30.88 -12.59
C LEU D 46 -24.46 -32.35 -12.71
N LEU D 47 -23.20 -32.76 -12.57
CA LEU D 47 -22.86 -34.16 -12.67
C LEU D 47 -23.44 -34.95 -11.51
N VAL D 48 -23.42 -34.38 -10.31
CA VAL D 48 -23.99 -35.06 -9.16
C VAL D 48 -25.48 -35.21 -9.31
N LEU D 49 -26.18 -34.18 -9.75
CA LEU D 49 -27.61 -34.34 -9.84
C LEU D 49 -27.99 -35.35 -10.90
N GLU D 50 -27.27 -35.41 -12.02
CA GLU D 50 -27.58 -36.40 -13.03
C GLU D 50 -27.38 -37.80 -12.47
N SER D 51 -26.30 -37.97 -11.71
CA SER D 51 -26.00 -39.27 -11.12
C SER D 51 -27.07 -39.70 -10.13
N LEU D 52 -27.55 -38.77 -9.29
CA LEU D 52 -28.57 -39.14 -8.31
C LEU D 52 -29.87 -39.57 -8.96
N ASP D 53 -30.29 -38.90 -10.05
CA ASP D 53 -31.50 -39.30 -10.77
C ASP D 53 -31.52 -38.70 -12.19
N PRO D 54 -31.05 -39.43 -13.21
CA PRO D 54 -30.93 -39.00 -14.59
C PRO D 54 -32.20 -38.56 -15.27
N ASP D 55 -33.36 -38.95 -14.76
CA ASP D 55 -34.58 -38.58 -15.45
C ASP D 55 -35.30 -37.40 -14.85
N ARG D 56 -34.74 -36.77 -13.83
CA ARG D 56 -35.42 -35.64 -13.22
C ARG D 56 -34.78 -34.33 -13.59
N ASP D 57 -35.63 -33.38 -13.89
CA ASP D 57 -35.15 -32.08 -14.29
C ASP D 57 -34.32 -31.43 -13.23
N ILE D 58 -33.35 -30.66 -13.69
CA ILE D 58 -32.47 -29.86 -12.87
C ILE D 58 -32.86 -28.43 -13.06
N THR D 59 -33.06 -27.71 -12.00
CA THR D 59 -33.44 -26.32 -12.14
C THR D 59 -32.26 -25.45 -11.82
N MET D 60 -31.93 -24.53 -12.69
CA MET D 60 -30.82 -23.67 -12.39
C MET D 60 -31.32 -22.25 -12.20
N TYR D 61 -30.98 -21.66 -11.07
CA TYR D 61 -31.37 -20.30 -10.81
C TYR D 61 -30.22 -19.43 -11.14
N ILE D 62 -30.46 -18.39 -11.91
CA ILE D 62 -29.40 -17.51 -12.32
C ILE D 62 -29.60 -16.10 -11.83
N ASN D 63 -28.62 -15.62 -11.10
CA ASN D 63 -28.59 -14.25 -10.61
C ASN D 63 -27.16 -13.80 -10.57
N SER D 64 -26.61 -13.40 -11.70
CA SER D 64 -25.18 -13.15 -11.69
C SER D 64 -24.71 -12.10 -12.69
N PRO D 65 -23.62 -11.37 -12.35
CA PRO D 65 -22.96 -10.39 -13.18
C PRO D 65 -22.01 -11.03 -14.19
N GLY D 66 -22.55 -11.86 -15.03
CA GLY D 66 -21.80 -12.53 -16.09
C GLY D 66 -20.71 -13.44 -15.60
N GLY D 67 -19.49 -13.21 -16.10
CA GLY D 67 -18.35 -14.02 -15.73
C GLY D 67 -17.43 -14.26 -16.91
N GLY D 68 -16.43 -15.10 -16.69
CA GLY D 68 -15.45 -15.35 -17.76
C GLY D 68 -16.07 -16.18 -18.87
N PHE D 69 -15.75 -15.86 -20.11
CA PHE D 69 -16.32 -16.62 -21.21
C PHE D 69 -15.91 -18.08 -21.25
N THR D 70 -14.63 -18.37 -21.09
CA THR D 70 -14.17 -19.75 -21.27
C THR D 70 -14.81 -20.72 -20.30
N SER D 71 -14.88 -20.32 -19.05
CA SER D 71 -15.42 -21.19 -18.05
C SER D 71 -16.92 -21.24 -18.06
N LEU D 72 -17.58 -20.22 -18.59
CA LEU D 72 -19.00 -20.34 -18.66
C LEU D 72 -19.35 -21.20 -19.88
N MET D 73 -18.46 -21.30 -20.87
CA MET D 73 -18.71 -22.29 -21.93
C MET D 73 -18.55 -23.70 -21.35
N ALA D 74 -17.66 -23.86 -20.38
CA ALA D 74 -17.54 -25.18 -19.76
C ALA D 74 -18.87 -25.60 -19.14
N ILE D 75 -19.56 -24.63 -18.51
CA ILE D 75 -20.86 -24.92 -17.93
C ILE D 75 -21.82 -25.22 -19.04
N TYR D 76 -21.82 -24.42 -20.10
CA TYR D 76 -22.72 -24.63 -21.20
C TYR D 76 -22.61 -26.05 -21.72
N ASP D 77 -21.40 -26.54 -21.97
CA ASP D 77 -21.32 -27.89 -22.48
C ASP D 77 -21.81 -28.92 -21.49
N THR D 78 -21.56 -28.74 -20.20
CA THR D 78 -22.07 -29.69 -19.23
C THR D 78 -23.59 -29.67 -19.26
N MET D 79 -24.19 -28.47 -19.33
CA MET D 79 -25.63 -28.39 -19.36
C MET D 79 -26.23 -29.11 -20.54
N GLN D 80 -25.57 -29.04 -21.69
CA GLN D 80 -26.08 -29.70 -22.86
C GLN D 80 -25.75 -31.19 -22.84
N TYR D 81 -24.67 -31.57 -22.17
CA TYR D 81 -24.26 -32.95 -22.06
C TYR D 81 -25.19 -33.81 -21.21
N VAL D 82 -25.61 -33.27 -20.07
CA VAL D 82 -26.46 -33.97 -19.09
C VAL D 82 -27.79 -34.45 -19.65
N ARG D 83 -28.13 -35.72 -19.37
CA ARG D 83 -29.36 -36.33 -19.88
C ARG D 83 -30.66 -35.67 -19.49
N ALA D 84 -30.75 -35.22 -18.26
CA ALA D 84 -31.94 -34.59 -17.70
C ALA D 84 -32.17 -33.22 -18.27
N ASP D 85 -33.42 -32.81 -18.42
CA ASP D 85 -33.65 -31.44 -18.83
C ASP D 85 -33.19 -30.46 -17.80
N ILE D 86 -32.65 -29.35 -18.27
CA ILE D 86 -32.29 -28.29 -17.38
C ILE D 86 -33.19 -27.13 -17.67
N GLN D 87 -33.82 -26.63 -16.64
CA GLN D 87 -34.68 -25.50 -16.79
C GLN D 87 -34.02 -24.37 -16.09
N THR D 88 -34.24 -23.16 -16.55
CA THR D 88 -33.54 -22.04 -15.96
C THR D 88 -34.45 -20.92 -15.54
N VAL D 89 -34.12 -20.27 -14.44
CA VAL D 89 -34.89 -19.13 -13.98
C VAL D 89 -34.02 -17.92 -13.75
N CYS D 90 -34.34 -16.80 -14.39
CA CYS D 90 -33.56 -15.60 -14.14
C CYS D 90 -34.18 -14.77 -13.04
N LEU D 91 -33.41 -14.59 -11.99
CA LEU D 91 -33.81 -13.85 -10.83
C LEU D 91 -32.94 -12.62 -10.91
N GLY D 92 -33.39 -11.44 -10.55
CA GLY D 92 -32.36 -10.41 -10.60
C GLY D 92 -31.87 -10.20 -12.02
N GLN D 93 -30.63 -10.62 -12.28
CA GLN D 93 -30.02 -10.45 -13.59
C GLN D 93 -29.27 -11.65 -14.15
N ALA D 94 -29.18 -11.68 -15.45
CA ALA D 94 -28.36 -12.64 -16.17
C ALA D 94 -27.53 -11.85 -17.13
N ALA D 95 -26.41 -11.34 -16.64
CA ALA D 95 -25.63 -10.48 -17.49
C ALA D 95 -24.70 -11.26 -18.40
N SER D 96 -24.53 -10.76 -19.60
CA SER D 96 -23.57 -11.20 -20.59
C SER D 96 -23.55 -12.68 -20.76
N ALA D 97 -22.48 -13.30 -20.31
CA ALA D 97 -22.31 -14.73 -20.46
C ALA D 97 -23.41 -15.51 -19.76
N ALA D 98 -23.94 -15.00 -18.67
CA ALA D 98 -24.97 -15.71 -17.95
C ALA D 98 -26.26 -15.73 -18.75
N ALA D 99 -26.41 -14.83 -19.72
CA ALA D 99 -27.60 -14.79 -20.54
C ALA D 99 -27.57 -15.94 -21.52
N VAL D 100 -26.38 -16.50 -21.76
CA VAL D 100 -26.23 -17.58 -22.68
C VAL D 100 -26.70 -18.81 -21.95
N LEU D 101 -26.27 -18.92 -20.68
CA LEU D 101 -26.63 -20.05 -19.84
C LEU D 101 -28.13 -20.02 -19.60
N LEU D 102 -28.71 -18.84 -19.54
CA LEU D 102 -30.15 -18.74 -19.38
C LEU D 102 -30.84 -19.27 -20.62
N ALA D 103 -30.39 -18.83 -21.81
CA ALA D 103 -30.94 -19.25 -23.08
C ALA D 103 -30.75 -20.75 -23.32
N ALA D 104 -29.65 -21.28 -22.79
CA ALA D 104 -29.20 -22.67 -22.92
C ALA D 104 -30.13 -23.72 -22.30
N GLY D 105 -31.08 -23.32 -21.47
CA GLY D 105 -31.94 -24.34 -20.87
C GLY D 105 -32.83 -24.98 -21.94
N THR D 106 -33.48 -26.08 -21.63
CA THR D 106 -34.33 -26.76 -22.58
C THR D 106 -35.48 -25.86 -23.01
N PRO D 107 -35.78 -25.70 -24.31
CA PRO D 107 -36.85 -24.88 -24.80
C PRO D 107 -38.17 -25.26 -24.17
N GLY D 108 -38.91 -24.24 -23.75
CA GLY D 108 -40.18 -24.35 -23.10
C GLY D 108 -39.98 -24.21 -21.61
N LYS D 109 -38.73 -24.31 -21.17
CA LYS D 109 -38.39 -24.23 -19.77
C LYS D 109 -37.46 -23.05 -19.40
N ARG D 110 -37.33 -22.02 -20.26
CA ARG D 110 -36.54 -20.85 -19.86
C ARG D 110 -37.54 -19.88 -19.21
N MET D 111 -37.26 -19.46 -17.98
CA MET D 111 -38.16 -18.60 -17.23
C MET D 111 -37.51 -17.38 -16.60
N ALA D 112 -38.28 -16.35 -16.36
CA ALA D 112 -37.75 -15.20 -15.64
C ALA D 112 -38.76 -14.56 -14.74
N LEU D 113 -38.28 -13.94 -13.68
CA LEU D 113 -39.16 -13.14 -12.86
C LEU D 113 -39.45 -11.84 -13.59
N PRO D 114 -40.59 -11.17 -13.38
CA PRO D 114 -40.97 -9.93 -14.03
C PRO D 114 -39.98 -8.79 -14.02
N ASN D 115 -39.15 -8.60 -13.00
CA ASN D 115 -38.24 -7.47 -13.08
C ASN D 115 -36.84 -7.91 -13.41
N ALA D 116 -36.71 -9.14 -13.88
CA ALA D 116 -35.42 -9.66 -14.25
C ALA D 116 -34.82 -8.89 -15.40
N ARG D 117 -33.51 -8.72 -15.34
CA ARG D 117 -32.78 -8.01 -16.39
C ARG D 117 -31.81 -8.92 -17.11
N VAL D 118 -31.92 -8.99 -18.43
CA VAL D 118 -31.05 -9.84 -19.22
C VAL D 118 -30.14 -8.96 -20.06
N LEU D 119 -28.83 -9.12 -19.94
CA LEU D 119 -27.97 -8.22 -20.69
C LEU D 119 -27.12 -8.97 -21.66
N ILE D 120 -27.07 -8.52 -22.89
CA ILE D 120 -26.25 -9.21 -23.85
C ILE D 120 -25.02 -8.38 -24.10
N HIS D 121 -23.86 -8.93 -23.81
CA HIS D 121 -22.60 -8.22 -23.95
C HIS D 121 -21.60 -9.11 -24.62
N GLN D 122 -20.60 -8.49 -25.21
CA GLN D 122 -19.55 -9.20 -25.88
C GLN D 122 -18.73 -9.92 -24.83
N PRO D 123 -18.08 -11.04 -25.16
CA PRO D 123 -17.20 -11.76 -24.27
C PRO D 123 -16.01 -10.88 -23.96
N SER D 124 -15.56 -10.90 -22.72
CA SER D 124 -14.42 -10.10 -22.32
C SER D 124 -13.10 -10.77 -22.62
N LEU D 125 -12.03 -9.99 -22.55
CA LEU D 125 -10.71 -10.53 -22.68
C LEU D 125 -10.22 -10.85 -21.28
N SER D 126 -10.14 -12.14 -20.97
CA SER D 126 -9.79 -12.58 -19.64
C SER D 126 -9.27 -13.98 -19.62
N GLY D 127 -9.03 -14.49 -18.42
CA GLY D 127 -8.50 -15.82 -18.26
C GLY D 127 -7.06 -15.95 -18.77
N VAL D 128 -6.85 -16.81 -19.75
CA VAL D 128 -5.51 -17.03 -20.25
C VAL D 128 -5.13 -15.96 -21.26
N ILE D 129 -4.69 -14.84 -20.71
CA ILE D 129 -4.26 -13.64 -21.41
C ILE D 129 -2.91 -13.23 -20.85
N GLN D 130 -2.08 -14.23 -20.60
CA GLN D 130 -0.81 -14.16 -19.91
C GLN D 130 0.29 -13.44 -20.68
N GLY D 131 0.12 -13.25 -21.98
CA GLY D 131 1.17 -12.62 -22.74
C GLY D 131 1.48 -13.36 -24.02
N GLN D 132 0.44 -13.65 -24.78
CA GLN D 132 0.60 -14.25 -26.08
C GLN D 132 1.52 -13.30 -26.82
N PHE D 133 2.44 -13.83 -27.62
CA PHE D 133 3.42 -12.96 -28.24
C PHE D 133 2.78 -11.82 -29.02
N SER D 134 2.11 -12.13 -30.11
CA SER D 134 1.47 -11.08 -30.87
C SER D 134 0.12 -10.86 -30.27
N ASP D 135 0.03 -10.17 -29.15
CA ASP D 135 -1.28 -10.15 -28.53
C ASP D 135 -2.33 -9.54 -29.46
N LEU D 136 -1.95 -8.58 -30.27
CA LEU D 136 -2.92 -7.94 -31.15
C LEU D 136 -3.30 -8.79 -32.35
N GLU D 137 -2.58 -9.86 -32.61
CA GLU D 137 -2.95 -10.72 -33.71
C GLU D 137 -3.63 -11.97 -33.14
N ILE D 138 -3.16 -12.42 -31.96
CA ILE D 138 -3.62 -13.64 -31.32
C ILE D 138 -4.78 -13.42 -30.39
N GLN D 139 -4.69 -12.45 -29.50
CA GLN D 139 -5.78 -12.23 -28.59
C GLN D 139 -6.88 -11.64 -29.43
N ALA D 140 -6.51 -10.81 -30.39
CA ALA D 140 -7.56 -10.29 -31.24
C ALA D 140 -8.25 -11.43 -31.99
N ALA D 141 -7.51 -12.43 -32.48
CA ALA D 141 -8.13 -13.56 -33.15
C ALA D 141 -8.96 -14.42 -32.20
N GLU D 142 -8.48 -14.58 -30.96
CA GLU D 142 -9.19 -15.39 -29.99
C GLU D 142 -10.48 -14.70 -29.62
N ILE D 143 -10.47 -13.38 -29.54
CA ILE D 143 -11.67 -12.66 -29.27
C ILE D 143 -12.65 -12.85 -30.40
N GLU D 144 -12.23 -12.80 -31.65
CA GLU D 144 -13.21 -13.04 -32.70
C GLU D 144 -13.79 -14.44 -32.58
N ARG D 145 -12.97 -15.43 -32.19
CA ARG D 145 -13.52 -16.76 -31.98
C ARG D 145 -14.56 -16.75 -30.86
N MET D 146 -14.27 -16.06 -29.76
CA MET D 146 -15.21 -16.02 -28.65
C MET D 146 -16.49 -15.29 -29.02
N ARG D 147 -16.38 -14.22 -29.82
CA ARG D 147 -17.58 -13.50 -30.23
C ARG D 147 -18.40 -14.40 -31.10
N THR D 148 -17.74 -15.15 -31.97
CA THR D 148 -18.44 -16.04 -32.88
C THR D 148 -19.18 -17.10 -32.08
N LEU D 149 -18.54 -17.69 -31.07
CA LEU D 149 -19.23 -18.69 -30.27
C LEU D 149 -20.40 -18.13 -29.53
N MET D 150 -20.28 -16.94 -28.96
CA MET D 150 -21.42 -16.42 -28.24
C MET D 150 -22.57 -16.14 -29.18
N GLU D 151 -22.29 -15.59 -30.35
CA GLU D 151 -23.32 -15.25 -31.31
C GLU D 151 -23.99 -16.49 -31.85
N THR D 152 -23.18 -17.52 -32.11
CA THR D 152 -23.66 -18.77 -32.65
C THR D 152 -24.50 -19.48 -31.59
N THR D 153 -24.00 -19.49 -30.36
CA THR D 153 -24.67 -20.16 -29.27
C THR D 153 -25.99 -19.48 -28.99
N LEU D 154 -26.03 -18.16 -28.95
CA LEU D 154 -27.33 -17.56 -28.75
C LEU D 154 -28.23 -17.83 -29.94
N ALA D 155 -27.72 -17.77 -31.16
CA ALA D 155 -28.60 -18.00 -32.30
C ALA D 155 -29.27 -19.38 -32.22
N ARG D 156 -28.54 -20.38 -31.76
CA ARG D 156 -29.11 -21.72 -31.65
C ARG D 156 -30.18 -21.86 -30.56
N HIS D 157 -30.24 -20.90 -29.64
CA HIS D 157 -31.19 -20.94 -28.56
C HIS D 157 -32.25 -19.84 -28.63
N THR D 158 -32.02 -18.80 -29.45
CA THR D 158 -32.98 -17.71 -29.53
C THR D 158 -33.74 -17.68 -30.84
N GLY D 159 -33.19 -18.30 -31.89
CA GLY D 159 -33.85 -18.28 -33.19
C GLY D 159 -33.49 -17.06 -34.03
N LYS D 160 -32.64 -16.19 -33.50
CA LYS D 160 -32.25 -15.00 -34.22
C LYS D 160 -31.05 -15.33 -35.06
N ASP D 161 -30.88 -14.66 -36.19
CA ASP D 161 -29.68 -14.86 -36.97
C ASP D 161 -28.50 -14.40 -36.15
N ALA D 162 -27.37 -15.07 -36.28
CA ALA D 162 -26.18 -14.68 -35.54
C ALA D 162 -25.80 -13.22 -35.84
N GLY D 163 -26.06 -12.75 -37.06
CA GLY D 163 -25.76 -11.37 -37.43
C GLY D 163 -26.56 -10.38 -36.61
N VAL D 164 -27.78 -10.76 -36.21
CA VAL D 164 -28.65 -9.91 -35.42
C VAL D 164 -28.12 -9.89 -34.03
N ILE D 165 -27.72 -11.05 -33.55
CA ILE D 165 -27.21 -11.13 -32.22
C ILE D 165 -26.01 -10.24 -32.12
N ARG D 166 -25.12 -10.27 -33.13
CA ARG D 166 -23.96 -9.41 -33.11
C ARG D 166 -24.32 -7.93 -33.04
N LYS D 167 -25.28 -7.49 -33.86
CA LYS D 167 -25.62 -6.07 -33.83
C LYS D 167 -26.08 -5.64 -32.45
N ASP D 168 -26.84 -6.48 -31.77
CA ASP D 168 -27.30 -6.15 -30.43
C ASP D 168 -26.20 -6.30 -29.39
N THR D 169 -25.37 -7.31 -29.53
CA THR D 169 -24.31 -7.61 -28.58
C THR D 169 -23.30 -6.47 -28.55
N ASP D 170 -22.98 -5.95 -29.73
CA ASP D 170 -22.02 -4.87 -29.92
C ASP D 170 -22.46 -3.56 -29.30
N ARG D 171 -23.75 -3.44 -28.97
CA ARG D 171 -24.31 -2.23 -28.44
C ARG D 171 -24.73 -2.40 -26.99
N ASP D 172 -24.31 -3.50 -26.36
CA ASP D 172 -24.67 -3.78 -24.97
C ASP D 172 -26.18 -3.76 -24.74
N LYS D 173 -26.96 -4.36 -25.64
CA LYS D 173 -28.40 -4.33 -25.48
C LYS D 173 -28.89 -4.96 -24.18
N ILE D 174 -29.78 -4.24 -23.48
CA ILE D 174 -30.37 -4.72 -22.23
C ILE D 174 -31.84 -4.98 -22.42
N LEU D 175 -32.27 -6.18 -22.09
CA LEU D 175 -33.63 -6.62 -22.22
C LEU D 175 -34.37 -6.71 -20.88
N THR D 176 -35.64 -6.35 -20.88
CA THR D 176 -36.47 -6.54 -19.70
C THR D 176 -36.94 -7.98 -19.68
N ALA D 177 -37.54 -8.42 -18.57
CA ALA D 177 -37.99 -9.80 -18.51
C ALA D 177 -38.95 -10.12 -19.64
N GLU D 178 -39.82 -9.19 -20.00
CA GLU D 178 -40.73 -9.41 -21.10
C GLU D 178 -40.02 -9.34 -22.46
N GLU D 179 -39.11 -8.39 -22.62
CA GLU D 179 -38.42 -8.27 -23.91
C GLU D 179 -37.62 -9.51 -24.20
N ALA D 180 -37.07 -10.10 -23.16
CA ALA D 180 -36.29 -11.30 -23.28
C ALA D 180 -37.12 -12.44 -23.85
N LYS D 181 -38.46 -12.48 -23.65
CA LYS D 181 -39.13 -13.61 -24.24
C LYS D 181 -39.35 -13.32 -25.70
N ASP D 182 -39.57 -12.06 -26.03
CA ASP D 182 -39.82 -11.71 -27.43
C ASP D 182 -38.52 -11.82 -28.24
N TYR D 183 -37.40 -11.73 -27.54
CA TYR D 183 -36.06 -11.85 -28.11
C TYR D 183 -35.63 -13.31 -28.25
N GLY D 184 -36.38 -14.25 -27.65
CA GLY D 184 -36.03 -15.67 -27.69
C GLY D 184 -35.19 -16.23 -26.53
N ILE D 185 -34.96 -15.50 -25.45
CA ILE D 185 -34.18 -16.04 -24.35
C ILE D 185 -35.05 -16.72 -23.31
N ILE D 186 -36.20 -16.12 -23.06
CA ILE D 186 -37.18 -16.59 -22.08
C ILE D 186 -38.44 -17.15 -22.73
N ASP D 187 -38.94 -18.29 -22.28
CA ASP D 187 -40.15 -18.79 -22.87
C ASP D 187 -41.32 -18.19 -22.11
N THR D 188 -41.13 -17.96 -20.82
CA THR D 188 -42.20 -17.35 -20.04
C THR D 188 -41.73 -16.50 -18.87
N VAL D 189 -42.53 -15.51 -18.53
CA VAL D 189 -42.26 -14.65 -17.40
C VAL D 189 -43.23 -15.06 -16.31
N LEU D 190 -42.71 -15.39 -15.14
CA LEU D 190 -43.50 -15.95 -14.06
C LEU D 190 -44.46 -14.97 -13.43
N GLU D 191 -45.67 -15.45 -13.15
CA GLU D 191 -46.69 -14.69 -12.47
C GLU D 191 -46.40 -14.68 -11.00
N TYR D 192 -46.89 -13.68 -10.27
CA TYR D 192 -46.65 -13.76 -8.85
C TYR D 192 -47.76 -14.57 -8.20
N ARG D 193 -47.39 -15.72 -7.66
CA ARG D 193 -48.37 -16.63 -7.07
C ARG D 193 -48.68 -16.31 -5.63
N LYS D 194 -49.30 -15.17 -5.39
CA LYS D 194 -49.63 -14.73 -4.05
C LYS D 194 -51.02 -15.25 -3.70
N LEU D 195 -51.27 -15.61 -2.43
CA LEU D 195 -52.61 -16.09 -2.06
C LEU D 195 -53.58 -14.99 -1.68
N SER D 196 -53.12 -13.75 -1.74
CA SER D 196 -53.91 -12.58 -1.38
C SER D 196 -53.43 -11.33 -2.11
N ILE E 1 -20.86 -21.06 -2.71
CA ILE E 1 -21.40 -22.08 -1.81
C ILE E 1 -21.63 -23.38 -2.53
N LEU E 2 -20.69 -24.31 -2.45
CA LEU E 2 -20.93 -25.61 -3.05
C LEU E 2 -21.86 -26.32 -2.06
N PRO E 3 -23.06 -26.76 -2.44
CA PRO E 3 -23.98 -27.42 -1.57
C PRO E 3 -23.54 -28.81 -1.29
N SER E 4 -23.92 -29.33 -0.16
CA SER E 4 -23.72 -30.73 0.16
C SER E 4 -24.99 -31.46 -0.17
N PHE E 5 -24.96 -32.76 -0.15
CA PHE E 5 -26.15 -33.52 -0.40
C PHE E 5 -26.12 -34.78 0.42
N ILE E 6 -27.28 -35.38 0.60
CA ILE E 6 -27.34 -36.59 1.37
C ILE E 6 -27.77 -37.78 0.56
N GLU E 7 -26.98 -38.82 0.68
CA GLU E 7 -27.22 -40.08 0.01
C GLU E 7 -27.43 -41.12 1.10
N HIS E 8 -28.37 -42.03 0.93
CA HIS E 8 -28.59 -43.00 1.98
C HIS E 8 -28.85 -44.40 1.47
N SER E 9 -28.65 -45.36 2.37
CA SER E 9 -28.90 -46.77 2.11
C SER E 9 -29.27 -47.39 3.43
N SER E 10 -29.55 -48.69 3.45
CA SER E 10 -29.93 -49.36 4.69
C SER E 10 -28.82 -49.36 5.73
N PHE E 11 -27.58 -49.09 5.30
CA PHE E 11 -26.43 -48.98 6.18
C PHE E 11 -26.49 -47.76 7.06
N GLY E 12 -26.87 -46.63 6.47
CA GLY E 12 -26.83 -45.37 7.17
C GLY E 12 -26.97 -44.19 6.22
N VAL E 13 -26.73 -43.00 6.76
CA VAL E 13 -26.89 -41.78 6.00
C VAL E 13 -25.59 -41.03 5.86
N LYS E 14 -25.22 -40.72 4.63
CA LYS E 14 -23.96 -40.05 4.35
C LYS E 14 -24.11 -38.69 3.72
N GLU E 15 -23.54 -37.68 4.36
CA GLU E 15 -23.55 -36.36 3.79
C GLU E 15 -22.28 -36.22 3.00
N SER E 16 -22.37 -35.72 1.78
CA SER E 16 -21.19 -35.58 0.97
C SER E 16 -21.21 -34.39 0.04
N ASN E 17 -20.05 -34.01 -0.43
CA ASN E 17 -19.92 -32.92 -1.36
C ASN E 17 -19.69 -33.43 -2.76
N PRO E 18 -20.00 -32.64 -3.78
CA PRO E 18 -19.56 -32.82 -5.13
C PRO E 18 -18.06 -32.76 -4.92
N TYR E 19 -17.29 -33.34 -5.81
CA TYR E 19 -15.82 -33.46 -5.68
C TYR E 19 -15.49 -34.66 -4.80
N ASN E 20 -16.05 -34.74 -3.60
CA ASN E 20 -15.82 -35.97 -2.83
C ASN E 20 -16.53 -37.11 -3.53
N LYS E 21 -17.71 -36.81 -4.08
CA LYS E 21 -18.48 -37.80 -4.83
C LYS E 21 -17.74 -38.18 -6.11
N LEU E 22 -17.12 -37.20 -6.75
CA LEU E 22 -16.41 -37.48 -7.98
C LEU E 22 -15.21 -38.36 -7.68
N PHE E 23 -14.54 -38.13 -6.56
CA PHE E 23 -13.38 -38.93 -6.19
C PHE E 23 -13.83 -40.38 -5.95
N GLU E 24 -15.00 -40.60 -5.31
CA GLU E 24 -15.47 -41.96 -5.10
C GLU E 24 -15.66 -42.69 -6.43
N GLU E 25 -16.00 -41.94 -7.48
CA GLU E 25 -16.20 -42.45 -8.84
C GLU E 25 -14.88 -42.52 -9.63
N ARG E 26 -13.78 -42.25 -8.94
CA ARG E 26 -12.42 -42.23 -9.43
C ARG E 26 -12.14 -41.14 -10.42
N ILE E 27 -12.69 -39.96 -10.15
CA ILE E 27 -12.44 -38.79 -10.96
C ILE E 27 -11.62 -37.76 -10.22
N ILE E 28 -10.52 -37.38 -10.80
CA ILE E 28 -9.66 -36.34 -10.26
C ILE E 28 -10.02 -35.09 -10.96
N PHE E 29 -10.32 -34.03 -10.24
CA PHE E 29 -10.73 -32.84 -10.95
C PHE E 29 -9.62 -31.79 -10.85
N LEU E 30 -8.99 -31.49 -11.97
CA LEU E 30 -7.91 -30.53 -12.04
C LEU E 30 -8.45 -29.20 -12.54
N GLY E 31 -8.57 -28.26 -11.61
CA GLY E 31 -9.15 -26.96 -11.87
C GLY E 31 -8.13 -25.86 -11.90
N VAL E 32 -8.54 -24.70 -11.39
CA VAL E 32 -7.75 -23.48 -11.38
C VAL E 32 -6.52 -23.55 -10.48
N GLN E 33 -6.46 -24.54 -9.63
CA GLN E 33 -5.31 -24.66 -8.77
C GLN E 33 -4.19 -25.34 -9.55
N VAL E 34 -3.37 -24.50 -10.19
CA VAL E 34 -2.31 -24.94 -11.10
C VAL E 34 -0.87 -24.70 -10.59
N ASP E 35 -0.79 -24.33 -9.32
CA ASP E 35 0.41 -24.06 -8.54
C ASP E 35 1.17 -25.34 -8.24
N ASP E 36 2.46 -25.23 -7.92
CA ASP E 36 3.22 -26.41 -7.52
C ASP E 36 2.55 -27.08 -6.34
N ALA E 37 1.94 -26.28 -5.48
CA ALA E 37 1.26 -26.78 -4.32
C ALA E 37 0.12 -27.72 -4.68
N SER E 38 -0.58 -27.49 -5.81
CA SER E 38 -1.71 -28.34 -6.16
C SER E 38 -1.23 -29.55 -6.90
N ALA E 39 -0.07 -29.45 -7.54
CA ALA E 39 0.49 -30.59 -8.26
C ALA E 39 0.69 -31.73 -7.30
N ASN E 40 1.04 -31.38 -6.07
CA ASN E 40 1.23 -32.34 -5.03
C ASN E 40 -0.08 -33.02 -4.63
N ASP E 41 -1.22 -32.33 -4.78
CA ASP E 41 -2.50 -32.90 -4.41
C ASP E 41 -2.90 -33.86 -5.49
N ILE E 42 -2.60 -33.53 -6.74
CA ILE E 42 -2.96 -34.41 -7.83
C ILE E 42 -2.16 -35.67 -7.69
N MET E 43 -0.87 -35.56 -7.37
CA MET E 43 -0.10 -36.77 -7.20
C MET E 43 -0.63 -37.60 -6.04
N ALA E 44 -1.00 -36.95 -4.92
CA ALA E 44 -1.52 -37.72 -3.80
C ALA E 44 -2.80 -38.43 -4.21
N GLN E 45 -3.65 -37.79 -5.01
CA GLN E 45 -4.88 -38.41 -5.45
C GLN E 45 -4.65 -39.57 -6.39
N LEU E 46 -3.69 -39.46 -7.30
CA LEU E 46 -3.41 -40.55 -8.20
C LEU E 46 -2.90 -41.75 -7.45
N LEU E 47 -2.05 -41.52 -6.45
CA LEU E 47 -1.50 -42.61 -5.68
C LEU E 47 -2.59 -43.29 -4.84
N VAL E 48 -3.51 -42.49 -4.28
CA VAL E 48 -4.59 -43.07 -3.52
C VAL E 48 -5.50 -43.89 -4.38
N LEU E 49 -5.87 -43.40 -5.56
CA LEU E 49 -6.77 -44.18 -6.37
C LEU E 49 -6.14 -45.47 -6.83
N GLU E 50 -4.83 -45.47 -7.16
CA GLU E 50 -4.19 -46.71 -7.56
C GLU E 50 -4.21 -47.70 -6.40
N SER E 51 -3.96 -47.20 -5.20
CA SER E 51 -3.95 -48.06 -4.02
C SER E 51 -5.31 -48.68 -3.75
N LEU E 52 -6.38 -47.89 -3.89
CA LEU E 52 -7.71 -48.41 -3.64
C LEU E 52 -8.09 -49.52 -4.62
N ASP E 53 -7.75 -49.36 -5.90
CA ASP E 53 -8.01 -50.40 -6.90
C ASP E 53 -7.15 -50.23 -8.15
N PRO E 54 -6.00 -50.89 -8.24
CA PRO E 54 -5.01 -50.79 -9.29
C PRO E 54 -5.50 -51.11 -10.69
N ASP E 55 -6.60 -51.84 -10.82
CA ASP E 55 -7.03 -52.22 -12.15
C ASP E 55 -8.15 -51.36 -12.72
N ARG E 56 -8.56 -50.33 -11.98
CA ARG E 56 -9.65 -49.50 -12.49
C ARG E 56 -9.17 -48.18 -12.99
N ASP E 57 -9.72 -47.78 -14.11
CA ASP E 57 -9.32 -46.54 -14.71
C ASP E 57 -9.58 -45.36 -13.82
N ILE E 58 -8.70 -44.38 -13.95
CA ILE E 58 -8.80 -43.12 -13.26
C ILE E 58 -9.17 -42.09 -14.28
N THR E 59 -10.17 -41.29 -14.01
CA THR E 59 -10.55 -40.28 -14.97
C THR E 59 -10.10 -38.94 -14.49
N MET E 60 -9.42 -38.19 -15.32
CA MET E 60 -8.99 -36.89 -14.89
C MET E 60 -9.70 -35.83 -15.69
N TYR E 61 -10.35 -34.91 -15.01
CA TYR E 61 -11.04 -33.84 -15.69
C TYR E 61 -10.14 -32.66 -15.67
N ILE E 62 -9.95 -32.03 -16.81
CA ILE E 62 -9.07 -30.90 -16.90
C ILE E 62 -9.78 -29.65 -17.33
N ASN E 63 -9.69 -28.62 -16.50
CA ASN E 63 -10.24 -27.31 -16.79
C ASN E 63 -9.34 -26.30 -16.16
N SER E 64 -8.22 -25.96 -16.81
CA SER E 64 -7.27 -25.13 -16.10
C SER E 64 -6.42 -24.24 -17.00
N PRO E 65 -6.02 -23.05 -16.50
CA PRO E 65 -5.14 -22.10 -17.13
C PRO E 65 -3.67 -22.48 -16.99
N GLY E 66 -3.33 -23.64 -17.47
CA GLY E 66 -1.95 -24.12 -17.46
C GLY E 66 -1.38 -24.33 -16.09
N GLY E 67 -0.22 -23.72 -15.84
CA GLY E 67 0.45 -23.84 -14.56
C GLY E 67 1.95 -23.92 -14.73
N GLY E 68 2.65 -24.16 -13.63
CA GLY E 68 4.10 -24.20 -13.68
C GLY E 68 4.58 -25.45 -14.40
N PHE E 69 5.62 -25.32 -15.20
CA PHE E 69 6.12 -26.48 -15.92
C PHE E 69 6.66 -27.59 -15.04
N THR E 70 7.50 -27.25 -14.07
CA THR E 70 8.17 -28.27 -13.30
C THR E 70 7.21 -29.17 -12.55
N SER E 71 6.23 -28.58 -11.91
CA SER E 71 5.30 -29.34 -11.13
C SER E 71 4.26 -30.03 -11.97
N LEU E 72 4.00 -29.55 -13.19
CA LEU E 72 3.08 -30.29 -13.99
C LEU E 72 3.82 -31.48 -14.62
N MET E 73 5.16 -31.41 -14.73
CA MET E 73 5.88 -32.63 -15.13
C MET E 73 5.83 -33.64 -13.99
N ALA E 74 5.79 -33.18 -12.75
CA ALA E 74 5.67 -34.12 -11.64
C ALA E 74 4.37 -34.92 -11.79
N ILE E 75 3.29 -34.23 -12.20
CA ILE E 75 2.03 -34.92 -12.41
C ILE E 75 2.18 -35.86 -13.57
N TYR E 76 2.78 -35.40 -14.66
CA TYR E 76 2.96 -36.24 -15.82
C TYR E 76 3.64 -37.54 -15.46
N ASP E 77 4.72 -37.51 -14.71
CA ASP E 77 5.37 -38.77 -14.38
C ASP E 77 4.50 -39.64 -13.51
N THR E 78 3.74 -39.07 -12.57
CA THR E 78 2.88 -39.90 -11.76
C THR E 78 1.83 -40.54 -12.65
N MET E 79 1.27 -39.79 -13.59
CA MET E 79 0.26 -40.35 -14.47
C MET E 79 0.79 -41.51 -15.28
N GLN E 80 2.03 -41.43 -15.72
CA GLN E 80 2.60 -42.50 -16.50
C GLN E 80 3.05 -43.65 -15.60
N TYR E 81 3.41 -43.35 -14.35
CA TYR E 81 3.85 -44.35 -13.40
C TYR E 81 2.75 -45.30 -12.95
N VAL E 82 1.57 -44.75 -12.67
CA VAL E 82 0.41 -45.50 -12.17
C VAL E 82 -0.04 -46.63 -13.07
N ARG E 83 -0.27 -47.82 -12.48
CA ARG E 83 -0.67 -49.00 -13.25
C ARG E 83 -1.96 -48.91 -14.03
N ALA E 84 -2.97 -48.27 -13.45
CA ALA E 84 -4.28 -48.11 -14.04
C ALA E 84 -4.27 -47.15 -15.19
N ASP E 85 -5.10 -47.38 -16.19
CA ASP E 85 -5.21 -46.37 -17.24
C ASP E 85 -5.76 -45.08 -16.75
N ILE E 86 -5.24 -44.00 -17.27
CA ILE E 86 -5.78 -42.70 -16.96
C ILE E 86 -6.40 -42.15 -18.20
N GLN E 87 -7.64 -41.75 -18.08
CA GLN E 87 -8.32 -41.18 -19.22
C GLN E 87 -8.53 -39.75 -18.89
N THR E 88 -8.57 -38.90 -19.90
CA THR E 88 -8.67 -37.49 -19.61
C THR E 88 -9.79 -36.82 -20.36
N VAL E 89 -10.43 -35.85 -19.72
CA VAL E 89 -11.48 -35.09 -20.39
C VAL E 89 -11.22 -33.61 -20.30
N CYS E 90 -11.19 -32.92 -21.44
CA CYS E 90 -11.02 -31.48 -21.38
C CYS E 90 -12.35 -30.78 -21.37
N LEU E 91 -12.58 -30.04 -20.30
CA LEU E 91 -13.78 -29.29 -20.09
C LEU E 91 -13.32 -27.87 -20.23
N GLY E 92 -14.09 -26.95 -20.79
CA GLY E 92 -13.49 -25.62 -20.72
C GLY E 92 -12.20 -25.55 -21.50
N GLN E 93 -11.08 -25.44 -20.77
CA GLN E 93 -9.77 -25.33 -21.40
C GLN E 93 -8.67 -26.17 -20.79
N ALA E 94 -7.68 -26.46 -21.62
CA ALA E 94 -6.46 -27.10 -21.19
C ALA E 94 -5.35 -26.28 -21.74
N ALA E 95 -4.98 -25.23 -21.01
CA ALA E 95 -3.99 -24.33 -21.53
C ALA E 95 -2.59 -24.81 -21.27
N SER E 96 -1.70 -24.59 -22.22
CA SER E 96 -0.26 -24.79 -22.15
C SER E 96 0.10 -26.11 -21.56
N ALA E 97 0.64 -26.08 -20.36
CA ALA E 97 1.10 -27.28 -19.70
C ALA E 97 -0.02 -28.27 -19.48
N ALA E 98 -1.24 -27.81 -19.29
CA ALA E 98 -2.35 -28.71 -19.05
C ALA E 98 -2.69 -29.48 -20.31
N ALA E 99 -2.26 -28.99 -21.48
CA ALA E 99 -2.53 -29.66 -22.72
C ALA E 99 -1.64 -30.87 -22.84
N VAL E 100 -0.55 -30.89 -22.07
CA VAL E 100 0.38 -31.98 -22.11
C VAL E 100 -0.26 -33.08 -21.30
N LEU E 101 -0.83 -32.70 -20.15
CA LEU E 101 -1.49 -33.65 -19.25
C LEU E 101 -2.69 -34.22 -19.95
N LEU E 102 -3.33 -33.43 -20.79
CA LEU E 102 -4.47 -33.92 -21.53
C LEU E 102 -4.00 -34.98 -22.53
N ALA E 103 -2.94 -34.68 -23.28
CA ALA E 103 -2.36 -35.58 -24.27
C ALA E 103 -1.81 -36.85 -23.63
N ALA E 104 -1.32 -36.71 -22.38
CA ALA E 104 -0.69 -37.76 -21.58
C ALA E 104 -1.60 -38.94 -21.19
N GLY E 105 -2.91 -38.80 -21.36
CA GLY E 105 -3.76 -39.93 -20.97
C GLY E 105 -3.53 -41.12 -21.91
N THR E 106 -4.02 -42.29 -21.54
CA THR E 106 -3.83 -43.48 -22.36
C THR E 106 -4.50 -43.29 -23.72
N PRO E 107 -3.82 -43.59 -24.85
CA PRO E 107 -4.37 -43.46 -26.18
C PRO E 107 -5.67 -44.21 -26.31
N GLY E 108 -6.64 -43.55 -26.92
CA GLY E 108 -7.96 -44.05 -27.15
C GLY E 108 -8.89 -43.50 -26.09
N LYS E 109 -8.29 -42.93 -25.03
CA LYS E 109 -9.05 -42.39 -23.94
C LYS E 109 -8.86 -40.88 -23.70
N ARG E 110 -8.33 -40.13 -24.69
CA ARG E 110 -8.25 -38.67 -24.52
C ARG E 110 -9.56 -38.10 -25.09
N MET E 111 -10.29 -37.33 -24.31
CA MET E 111 -11.59 -36.81 -24.70
C MET E 111 -11.76 -35.32 -24.47
N ALA E 112 -12.65 -34.71 -25.23
CA ALA E 112 -12.96 -33.31 -24.97
C ALA E 112 -14.40 -32.98 -25.23
N LEU E 113 -14.90 -31.98 -24.53
CA LEU E 113 -16.23 -31.49 -24.84
C LEU E 113 -16.13 -30.64 -26.10
N PRO E 114 -17.19 -30.51 -26.92
CA PRO E 114 -17.21 -29.76 -28.15
C PRO E 114 -16.70 -28.33 -28.13
N ASN E 115 -16.87 -27.57 -27.04
CA ASN E 115 -16.37 -26.21 -27.10
C ASN E 115 -15.08 -26.06 -26.33
N ALA E 116 -14.46 -27.17 -26.00
CA ALA E 116 -13.22 -27.15 -25.27
C ALA E 116 -12.13 -26.47 -26.08
N ARG E 117 -11.27 -25.75 -25.39
CA ARG E 117 -10.16 -25.05 -26.01
C ARG E 117 -8.82 -25.59 -25.52
N VAL E 118 -7.97 -26.00 -26.45
CA VAL E 118 -6.68 -26.54 -26.09
C VAL E 118 -5.59 -25.59 -26.55
N LEU E 119 -4.74 -25.12 -25.65
CA LEU E 119 -3.76 -24.14 -26.10
C LEU E 119 -2.38 -24.66 -25.93
N ILE E 120 -1.56 -24.52 -26.94
CA ILE E 120 -0.20 -24.99 -26.81
C ILE E 120 0.69 -23.78 -26.66
N HIS E 121 1.39 -23.69 -25.56
CA HIS E 121 2.26 -22.55 -25.26
C HIS E 121 3.57 -23.04 -24.74
N GLN E 122 4.57 -22.22 -24.87
CA GLN E 122 5.89 -22.53 -24.39
C GLN E 122 5.86 -22.55 -22.87
N PRO E 123 6.71 -23.32 -22.20
CA PRO E 123 6.83 -23.35 -20.77
C PRO E 123 7.30 -22.00 -20.30
N SER E 124 6.75 -21.53 -19.19
CA SER E 124 7.14 -20.25 -18.63
C SER E 124 8.39 -20.33 -17.78
N LEU E 125 8.95 -19.16 -17.50
CA LEU E 125 10.06 -19.09 -16.57
C LEU E 125 9.48 -18.83 -15.20
N SER E 126 9.53 -19.83 -14.35
CA SER E 126 8.91 -19.76 -13.03
C SER E 126 9.51 -20.75 -12.07
N GLY E 127 8.92 -20.80 -10.89
CA GLY E 127 9.39 -21.70 -9.87
C GLY E 127 10.77 -21.30 -9.33
N VAL E 128 11.74 -22.19 -9.47
CA VAL E 128 13.06 -21.90 -8.96
C VAL E 128 13.86 -21.04 -9.92
N ILE E 129 13.60 -19.75 -9.81
CA ILE E 129 14.19 -18.67 -10.60
C ILE E 129 14.66 -17.60 -9.65
N GLN E 130 15.24 -18.06 -8.55
CA GLN E 130 15.64 -17.28 -7.39
C GLN E 130 16.82 -16.35 -7.62
N GLY E 131 17.58 -16.57 -8.69
CA GLY E 131 18.73 -15.73 -8.91
C GLY E 131 19.97 -16.53 -9.24
N GLN E 132 19.82 -17.41 -10.22
CA GLN E 132 20.94 -18.17 -10.74
C GLN E 132 21.93 -17.12 -11.16
N PHE E 133 23.23 -17.37 -10.93
CA PHE E 133 24.19 -16.32 -11.20
C PHE E 133 24.10 -15.79 -12.63
N SER E 134 24.45 -16.61 -13.60
CA SER E 134 24.35 -16.15 -14.97
C SER E 134 22.96 -16.40 -15.43
N ASP E 135 22.00 -15.59 -15.06
CA ASP E 135 20.64 -16.00 -15.37
C ASP E 135 20.46 -16.14 -16.88
N LEU E 136 21.13 -15.32 -17.66
CA LEU E 136 20.97 -15.40 -19.11
C LEU E 136 21.67 -16.57 -19.76
N GLU E 137 22.54 -17.25 -19.02
CA GLU E 137 23.19 -18.42 -19.58
C GLU E 137 22.51 -19.67 -18.99
N ILE E 138 22.11 -19.59 -17.72
CA ILE E 138 21.54 -20.70 -16.98
C ILE E 138 20.05 -20.80 -17.11
N GLN E 139 19.32 -19.70 -16.89
CA GLN E 139 17.89 -19.78 -17.01
C GLN E 139 17.62 -19.94 -18.46
N ALA E 140 18.40 -19.28 -19.30
CA ALA E 140 18.17 -19.48 -20.71
C ALA E 140 18.40 -20.94 -21.09
N ALA E 141 19.43 -21.60 -20.53
CA ALA E 141 19.65 -23.02 -20.82
C ALA E 141 18.55 -23.91 -20.23
N GLU E 142 18.05 -23.55 -19.05
CA GLU E 142 17.00 -24.34 -18.41
C GLU E 142 15.74 -24.22 -19.22
N ILE E 143 15.48 -23.04 -19.77
CA ILE E 143 14.32 -22.88 -20.61
C ILE E 143 14.45 -23.74 -21.84
N GLU E 144 15.61 -23.80 -22.47
CA GLU E 144 15.69 -24.67 -23.63
C GLU E 144 15.45 -26.12 -23.22
N ARG E 145 15.90 -26.53 -22.04
CA ARG E 145 15.60 -27.88 -21.58
C ARG E 145 14.09 -28.07 -21.43
N MET E 146 13.40 -27.08 -20.82
CA MET E 146 11.97 -27.20 -20.62
C MET E 146 11.22 -27.21 -21.95
N ARG E 147 11.68 -26.42 -22.93
CA ARG E 147 11.01 -26.40 -24.22
C ARG E 147 11.19 -27.76 -24.86
N THR E 148 12.38 -28.32 -24.73
CA THR E 148 12.67 -29.60 -25.33
C THR E 148 11.77 -30.67 -24.70
N LEU E 149 11.61 -30.67 -23.37
CA LEU E 149 10.74 -31.66 -22.77
C LEU E 149 9.31 -31.50 -23.19
N MET E 150 8.79 -30.28 -23.29
CA MET E 150 7.42 -30.16 -23.69
C MET E 150 7.22 -30.64 -25.12
N GLU E 151 8.14 -30.31 -26.00
CA GLU E 151 8.03 -30.69 -27.39
C GLU E 151 8.15 -32.18 -27.57
N THR E 152 9.06 -32.79 -26.80
CA THR E 152 9.30 -34.20 -26.86
C THR E 152 8.11 -34.95 -26.29
N THR E 153 7.59 -34.45 -25.16
CA THR E 153 6.48 -35.07 -24.50
C THR E 153 5.26 -34.98 -25.36
N LEU E 154 4.97 -33.85 -25.98
CA LEU E 154 3.83 -33.85 -26.86
C LEU E 154 4.08 -34.75 -28.05
N ALA E 155 5.28 -34.76 -28.62
CA ALA E 155 5.48 -35.61 -29.78
C ALA E 155 5.19 -37.08 -29.47
N ARG E 156 5.54 -37.53 -28.28
CA ARG E 156 5.29 -38.92 -27.90
C ARG E 156 3.82 -39.24 -27.70
N HIS E 157 2.97 -38.23 -27.56
CA HIS E 157 1.55 -38.43 -27.34
C HIS E 157 0.69 -37.95 -28.51
N THR E 158 1.25 -37.14 -29.42
CA THR E 158 0.45 -36.62 -30.52
C THR E 158 0.83 -37.23 -31.86
N GLY E 159 2.05 -37.77 -31.98
CA GLY E 159 2.50 -38.35 -33.24
C GLY E 159 3.13 -37.33 -34.18
N LYS E 160 3.20 -36.07 -33.74
CA LYS E 160 3.78 -35.04 -34.56
C LYS E 160 5.27 -35.00 -34.29
N ASP E 161 6.05 -34.60 -35.28
CA ASP E 161 7.48 -34.43 -35.03
C ASP E 161 7.65 -33.32 -34.01
N ALA E 162 8.64 -33.45 -33.14
CA ALA E 162 8.89 -32.41 -32.15
C ALA E 162 9.12 -31.06 -32.81
N GLY E 163 9.72 -31.04 -34.03
CA GLY E 163 9.95 -29.80 -34.75
C GLY E 163 8.65 -29.09 -35.10
N VAL E 164 7.59 -29.86 -35.35
CA VAL E 164 6.29 -29.32 -35.70
C VAL E 164 5.69 -28.75 -34.47
N ILE E 165 5.83 -29.47 -33.37
CA ILE E 165 5.27 -29.01 -32.13
C ILE E 165 5.91 -27.69 -31.80
N ARG E 166 7.22 -27.56 -31.97
CA ARG E 166 7.88 -26.30 -31.70
C ARG E 166 7.33 -25.17 -32.55
N LYS E 167 7.16 -25.39 -33.86
CA LYS E 167 6.67 -24.30 -34.69
C LYS E 167 5.31 -23.79 -34.22
N ASP E 168 4.45 -24.71 -33.79
CA ASP E 168 3.14 -24.30 -33.30
C ASP E 168 3.21 -23.71 -31.89
N THR E 169 4.06 -24.27 -31.04
CA THR E 169 4.19 -23.85 -29.66
C THR E 169 4.68 -22.41 -29.60
N ASP E 170 5.64 -22.09 -30.46
CA ASP E 170 6.26 -20.77 -30.54
C ASP E 170 5.31 -19.68 -30.99
N ARG E 171 4.16 -20.07 -31.54
CA ARG E 171 3.21 -19.12 -32.06
C ARG E 171 1.92 -19.12 -31.25
N ASP E 172 1.95 -19.75 -30.07
CA ASP E 172 0.79 -19.83 -29.20
C ASP E 172 -0.43 -20.43 -29.91
N LYS E 173 -0.24 -21.49 -30.69
CA LYS E 173 -1.38 -22.05 -31.40
C LYS E 173 -2.52 -22.51 -30.51
N ILE E 174 -3.74 -22.12 -30.87
CA ILE E 174 -4.94 -22.50 -30.14
C ILE E 174 -5.81 -23.42 -30.98
N LEU E 175 -6.13 -24.57 -30.42
CA LEU E 175 -6.93 -25.58 -31.10
C LEU E 175 -8.36 -25.66 -30.56
N THR E 176 -9.29 -25.91 -31.45
CA THR E 176 -10.67 -26.15 -31.03
C THR E 176 -10.78 -27.61 -30.61
N ALA E 177 -11.90 -27.99 -30.00
CA ALA E 177 -12.02 -29.37 -29.57
C ALA E 177 -11.85 -30.34 -30.73
N GLU E 178 -12.36 -29.99 -31.91
CA GLU E 178 -12.20 -30.84 -33.07
C GLU E 178 -10.77 -30.78 -33.62
N GLU E 179 -10.17 -29.60 -33.66
CA GLU E 179 -8.82 -29.49 -34.19
C GLU E 179 -7.86 -30.28 -33.35
N ALA E 180 -8.09 -30.31 -32.06
CA ALA E 180 -7.27 -31.04 -31.14
C ALA E 180 -7.26 -32.53 -31.47
N LYS E 181 -8.32 -33.10 -32.08
CA LYS E 181 -8.20 -34.52 -32.34
C LYS E 181 -7.38 -34.70 -33.59
N ASP E 182 -7.52 -33.77 -34.53
CA ASP E 182 -6.77 -33.90 -35.77
C ASP E 182 -5.28 -33.63 -35.54
N TYR E 183 -4.99 -32.88 -34.47
CA TYR E 183 -3.65 -32.55 -34.05
C TYR E 183 -3.01 -33.67 -33.21
N GLY E 184 -3.79 -34.66 -32.79
CA GLY E 184 -3.30 -35.75 -31.95
C GLY E 184 -3.43 -35.60 -30.43
N ILE E 185 -4.15 -34.62 -29.91
CA ILE E 185 -4.27 -34.49 -28.46
C ILE E 185 -5.49 -35.23 -27.94
N ILE E 186 -6.57 -35.15 -28.70
CA ILE E 186 -7.84 -35.76 -28.37
C ILE E 186 -8.19 -36.95 -29.27
N ASP E 187 -8.66 -38.05 -28.71
CA ASP E 187 -9.02 -39.15 -29.58
C ASP E 187 -10.45 -38.97 -30.00
N THR E 188 -11.27 -38.38 -29.11
CA THR E 188 -12.65 -38.13 -29.48
C THR E 188 -13.27 -36.91 -28.82
N VAL E 189 -14.24 -36.32 -29.50
CA VAL E 189 -14.99 -35.21 -28.97
C VAL E 189 -16.36 -35.74 -28.60
N LEU E 190 -16.75 -35.51 -27.35
CA LEU E 190 -17.96 -36.10 -26.81
C LEU E 190 -19.23 -35.52 -27.37
N GLU E 191 -20.18 -36.41 -27.65
CA GLU E 191 -21.49 -36.03 -28.13
C GLU E 191 -22.33 -35.55 -26.97
N TYR E 192 -23.34 -34.73 -27.21
CA TYR E 192 -24.15 -34.36 -26.08
C TYR E 192 -25.23 -35.40 -25.89
N ARG E 193 -25.17 -36.13 -24.77
CA ARG E 193 -26.11 -37.20 -24.51
C ARG E 193 -27.39 -36.72 -23.85
N LYS E 194 -28.16 -35.94 -24.58
CA LYS E 194 -29.42 -35.39 -24.05
C LYS E 194 -30.54 -36.37 -24.37
N LEU E 195 -31.54 -36.50 -23.49
CA LEU E 195 -32.65 -37.42 -23.77
C LEU E 195 -33.78 -36.79 -24.58
N SER E 196 -33.63 -35.52 -24.93
CA SER E 196 -34.61 -34.77 -25.68
C SER E 196 -33.98 -33.65 -26.48
N ILE F 1 -9.21 -28.03 -3.87
CA ILE F 1 -10.05 -28.95 -3.10
C ILE F 1 -9.49 -30.35 -3.11
N LEU F 2 -8.74 -30.73 -2.09
CA LEU F 2 -8.28 -32.11 -2.03
C LEU F 2 -9.50 -32.90 -1.55
N PRO F 3 -9.99 -33.89 -2.28
CA PRO F 3 -11.14 -34.65 -1.92
C PRO F 3 -10.79 -35.61 -0.82
N SER F 4 -11.77 -35.97 -0.03
CA SER F 4 -11.62 -37.02 0.95
C SER F 4 -12.16 -38.30 0.35
N PHE F 5 -11.93 -39.40 0.99
CA PHE F 5 -12.47 -40.65 0.50
C PHE F 5 -12.81 -41.55 1.65
N ILE F 6 -13.64 -42.52 1.40
CA ILE F 6 -14.02 -43.43 2.45
C ILE F 6 -13.56 -44.83 2.21
N GLU F 7 -12.92 -45.37 3.23
CA GLU F 7 -12.42 -46.72 3.21
C GLU F 7 -13.14 -47.45 4.32
N HIS F 8 -13.53 -48.70 4.11
CA HIS F 8 -14.26 -49.40 5.15
C HIS F 8 -13.86 -50.86 5.30
N SER F 9 -14.18 -51.39 6.47
CA SER F 9 -13.95 -52.78 6.81
C SER F 9 -15.02 -53.18 7.78
N SER F 10 -15.01 -54.42 8.25
CA SER F 10 -16.04 -54.89 9.17
C SER F 10 -15.98 -54.16 10.52
N PHE F 11 -14.87 -53.49 10.81
CA PHE F 11 -14.68 -52.69 12.01
C PHE F 11 -15.55 -51.45 12.00
N GLY F 12 -15.59 -50.77 10.86
CA GLY F 12 -16.25 -49.49 10.77
C GLY F 12 -15.89 -48.74 9.49
N VAL F 13 -16.29 -47.48 9.44
CA VAL F 13 -16.07 -46.66 8.26
C VAL F 13 -15.20 -45.48 8.57
N LYS F 14 -14.13 -45.33 7.79
CA LYS F 14 -13.17 -44.28 8.00
C LYS F 14 -13.05 -43.30 6.85
N GLU F 15 -13.27 -42.03 7.15
CA GLU F 15 -13.10 -41.01 6.14
C GLU F 15 -11.69 -40.51 6.26
N SER F 16 -10.98 -40.41 5.15
CA SER F 16 -9.60 -39.95 5.20
C SER F 16 -9.19 -39.14 4.00
N ASN F 17 -8.10 -38.43 4.16
CA ASN F 17 -7.55 -37.63 3.10
C ASN F 17 -6.32 -38.29 2.51
N PRO F 18 -5.96 -37.98 1.28
CA PRO F 18 -4.68 -38.26 0.70
C PRO F 18 -3.79 -37.51 1.67
N TYR F 19 -2.54 -37.87 1.76
CA TYR F 19 -1.57 -37.31 2.74
C TYR F 19 -1.76 -38.00 4.08
N ASN F 20 -2.98 -38.05 4.62
CA ASN F 20 -3.15 -38.83 5.85
C ASN F 20 -2.97 -40.29 5.50
N LYS F 21 -3.46 -40.69 4.31
CA LYS F 21 -3.31 -42.05 3.83
C LYS F 21 -1.85 -42.35 3.56
N LEU F 22 -1.12 -41.38 3.02
CA LEU F 22 0.27 -41.60 2.72
C LEU F 22 1.04 -41.76 4.01
N PHE F 23 0.70 -41.01 5.05
CA PHE F 23 1.37 -41.13 6.33
C PHE F 23 1.14 -42.53 6.91
N GLU F 24 -0.09 -43.07 6.78
CA GLU F 24 -0.35 -44.42 7.29
C GLU F 24 0.58 -45.44 6.62
N GLU F 25 0.94 -45.19 5.37
CA GLU F 25 1.84 -46.03 4.57
C GLU F 25 3.31 -45.69 4.81
N ARG F 26 3.56 -44.82 5.78
CA ARG F 26 4.86 -44.32 6.22
C ARG F 26 5.56 -43.48 5.19
N ILE F 27 4.80 -42.64 4.51
CA ILE F 27 5.33 -41.70 3.56
C ILE F 27 5.21 -40.27 4.05
N ILE F 28 6.34 -39.59 4.10
CA ILE F 28 6.38 -38.19 4.47
C ILE F 28 6.42 -37.41 3.20
N PHE F 29 5.53 -36.46 3.03
CA PHE F 29 5.54 -35.77 1.77
C PHE F 29 6.08 -34.36 1.97
N LEU F 30 7.25 -34.07 1.43
CA LEU F 30 7.89 -32.79 1.54
C LEU F 30 7.64 -31.98 0.28
N GLY F 31 6.76 -31.00 0.41
CA GLY F 31 6.31 -30.19 -0.71
C GLY F 31 6.86 -28.79 -0.65
N VAL F 32 6.04 -27.85 -1.08
CA VAL F 32 6.39 -26.43 -1.20
C VAL F 32 6.64 -25.75 0.15
N GLN F 33 6.24 -26.39 1.21
CA GLN F 33 6.46 -25.80 2.51
C GLN F 33 7.90 -26.06 2.93
N VAL F 34 8.77 -25.13 2.58
CA VAL F 34 10.23 -25.26 2.77
C VAL F 34 10.84 -24.30 3.82
N ASP F 35 9.95 -23.66 4.55
CA ASP F 35 10.20 -22.72 5.63
C ASP F 35 10.72 -23.42 6.87
N ASP F 36 11.39 -22.70 7.77
CA ASP F 36 11.84 -23.30 9.02
C ASP F 36 10.66 -23.91 9.75
N ALA F 37 9.50 -23.27 9.61
CA ALA F 37 8.30 -23.74 10.25
C ALA F 37 7.91 -25.14 9.79
N SER F 38 8.16 -25.50 8.52
CA SER F 38 7.77 -26.81 8.03
C SER F 38 8.81 -27.82 8.38
N ALA F 39 10.06 -27.38 8.56
CA ALA F 39 11.13 -28.31 8.90
C ALA F 39 10.79 -28.97 10.21
N ASN F 40 10.12 -28.24 11.08
CA ASN F 40 9.68 -28.75 12.35
C ASN F 40 8.61 -29.83 12.18
N ASP F 41 7.80 -29.75 11.12
CA ASP F 41 6.75 -30.72 10.90
C ASP F 41 7.37 -31.98 10.39
N ILE F 42 8.40 -31.85 9.55
CA ILE F 42 9.06 -33.02 9.02
C ILE F 42 9.72 -33.75 10.16
N MET F 43 10.38 -33.01 11.06
CA MET F 43 11.00 -33.69 12.18
C MET F 43 9.96 -34.36 13.05
N ALA F 44 8.81 -33.70 13.30
CA ALA F 44 7.81 -34.34 14.11
C ALA F 44 7.31 -35.62 13.45
N GLN F 45 7.16 -35.61 12.12
CA GLN F 45 6.71 -36.79 11.41
C GLN F 45 7.72 -37.92 11.44
N LEU F 46 9.01 -37.61 11.32
CA LEU F 46 10.00 -38.66 11.38
C LEU F 46 10.04 -39.29 12.73
N LEU F 47 9.90 -38.49 13.79
CA LEU F 47 9.92 -39.03 15.13
C LEU F 47 8.69 -39.89 15.39
N VAL F 48 7.54 -39.47 14.89
CA VAL F 48 6.34 -40.27 15.06
C VAL F 48 6.44 -41.59 14.34
N LEU F 49 6.92 -41.59 13.10
CA LEU F 49 6.99 -42.84 12.40
C LEU F 49 7.97 -43.80 13.05
N GLU F 50 9.10 -43.30 13.56
CA GLU F 50 10.04 -44.19 14.24
C GLU F 50 9.38 -44.79 15.46
N SER F 51 8.64 -43.98 16.20
CA SER F 51 7.96 -44.44 17.40
C SER F 51 6.93 -45.51 17.10
N LEU F 52 6.14 -45.32 16.03
CA LEU F 52 5.12 -46.30 15.69
C LEU F 52 5.72 -47.66 15.32
N ASP F 53 6.84 -47.66 14.58
CA ASP F 53 7.51 -48.93 14.23
C ASP F 53 8.96 -48.68 13.79
N PRO F 54 9.94 -48.77 14.70
CA PRO F 54 11.34 -48.50 14.49
C PRO F 54 12.02 -49.31 13.41
N ASP F 55 11.48 -50.46 13.05
CA ASP F 55 12.16 -51.29 12.06
C ASP F 55 11.62 -51.15 10.66
N ARG F 56 10.65 -50.27 10.43
CA ARG F 56 10.12 -50.15 9.09
C ARG F 56 10.58 -48.90 8.40
N ASP F 57 10.91 -49.06 7.15
CA ASP F 57 11.42 -47.94 6.39
C ASP F 57 10.41 -46.82 6.29
N ILE F 58 10.94 -45.62 6.26
CA ILE F 58 10.20 -44.40 6.07
C ILE F 58 10.48 -43.90 4.69
N THR F 59 9.46 -43.58 3.94
CA THR F 59 9.70 -43.10 2.61
C THR F 59 9.45 -41.62 2.56
N MET F 60 10.38 -40.87 2.04
CA MET F 60 10.16 -39.45 1.97
C MET F 60 10.05 -39.02 0.52
N TYR F 61 8.98 -38.35 0.18
CA TYR F 61 8.79 -37.88 -1.17
C TYR F 61 9.21 -36.45 -1.19
N ILE F 62 10.04 -36.10 -2.14
CA ILE F 62 10.53 -34.74 -2.23
C ILE F 62 10.13 -34.06 -3.51
N ASN F 63 9.45 -32.93 -3.37
CA ASN F 63 9.05 -32.10 -4.50
C ASN F 63 9.08 -30.68 -4.03
N SER F 64 10.24 -30.06 -3.99
CA SER F 64 10.27 -28.76 -3.37
C SER F 64 11.35 -27.82 -3.90
N PRO F 65 11.10 -26.49 -3.89
CA PRO F 65 11.99 -25.43 -4.27
C PRO F 65 12.97 -25.08 -3.16
N GLY F 66 13.75 -26.05 -2.75
CA GLY F 66 14.77 -25.87 -1.74
C GLY F 66 14.26 -25.48 -0.38
N GLY F 67 14.78 -24.39 0.15
CA GLY F 67 14.39 -23.91 1.47
C GLY F 67 15.56 -23.35 2.23
N GLY F 68 15.32 -23.01 3.49
CA GLY F 68 16.38 -22.42 4.31
C GLY F 68 17.43 -23.47 4.67
N PHE F 69 18.69 -23.09 4.66
CA PHE F 69 19.73 -24.04 4.99
C PHE F 69 19.68 -24.57 6.41
N THR F 70 19.52 -23.68 7.38
CA THR F 70 19.62 -24.10 8.78
C THR F 70 18.58 -25.13 9.16
N SER F 71 17.35 -24.89 8.75
CA SER F 71 16.29 -25.78 9.11
C SER F 71 16.26 -27.03 8.26
N LEU F 72 16.85 -27.00 7.07
CA LEU F 72 16.88 -28.24 6.35
C LEU F 72 18.04 -29.09 6.91
N MET F 73 19.04 -28.48 7.55
CA MET F 73 20.02 -29.31 8.26
C MET F 73 19.35 -29.95 9.46
N ALA F 74 18.38 -29.27 10.07
CA ALA F 74 17.69 -29.90 11.19
C ALA F 74 17.01 -31.18 10.73
N ILE F 75 16.44 -31.16 9.52
CA ILE F 75 15.81 -32.36 8.98
C ILE F 75 16.88 -33.38 8.71
N TYR F 76 17.98 -32.96 8.10
CA TYR F 76 19.06 -33.88 7.80
C TYR F 76 19.49 -34.65 9.05
N ASP F 77 19.72 -33.96 10.16
CA ASP F 77 20.14 -34.70 11.33
C ASP F 77 19.08 -35.63 11.83
N THR F 78 17.81 -35.25 11.77
CA THR F 78 16.77 -36.17 12.23
C THR F 78 16.77 -37.39 11.32
N MET F 79 16.90 -37.19 10.01
CA MET F 79 16.91 -38.33 9.11
C MET F 79 18.03 -39.29 9.40
N GLN F 80 19.20 -38.77 9.76
CA GLN F 80 20.32 -39.64 10.05
C GLN F 80 20.19 -40.23 11.46
N TYR F 81 19.52 -39.53 12.37
CA TYR F 81 19.33 -39.99 13.73
C TYR F 81 18.41 -41.19 13.86
N VAL F 82 17.30 -41.17 13.12
CA VAL F 82 16.26 -42.20 13.15
C VAL F 82 16.75 -43.60 12.80
N ARG F 83 16.39 -44.59 13.63
CA ARG F 83 16.83 -45.97 13.44
C ARG F 83 16.47 -46.64 12.13
N ALA F 84 15.25 -46.38 11.66
CA ALA F 84 14.72 -46.95 10.44
C ALA F 84 15.37 -46.37 9.21
N ASP F 85 15.52 -47.17 8.16
CA ASP F 85 16.01 -46.58 6.93
C ASP F 85 15.06 -45.59 6.35
N ILE F 86 15.62 -44.54 5.78
CA ILE F 86 14.81 -43.58 5.08
C ILE F 86 15.15 -43.66 3.63
N GLN F 87 14.14 -43.83 2.82
CA GLN F 87 14.36 -43.90 1.40
C GLN F 87 13.75 -42.67 0.83
N THR F 88 14.29 -42.18 -0.25
CA THR F 88 13.78 -40.92 -0.78
C THR F 88 13.41 -41.01 -2.24
N VAL F 89 12.36 -40.29 -2.62
CA VAL F 89 11.97 -40.24 -4.02
C VAL F 89 11.84 -38.82 -4.51
N CYS F 90 12.54 -38.48 -5.58
CA CYS F 90 12.39 -37.14 -6.12
C CYS F 90 11.32 -37.10 -7.19
N LEU F 91 10.32 -36.31 -6.94
CA LEU F 91 9.19 -36.14 -7.83
C LEU F 91 9.37 -34.73 -8.32
N GLY F 92 9.08 -34.39 -9.56
CA GLY F 92 9.22 -32.97 -9.80
C GLY F 92 10.67 -32.51 -9.63
N GLN F 93 10.92 -31.77 -8.55
CA GLN F 93 12.26 -31.24 -8.29
C GLN F 93 12.74 -31.36 -6.86
N ALA F 94 14.05 -31.37 -6.73
CA ALA F 94 14.71 -31.30 -5.44
C ALA F 94 15.73 -30.22 -5.57
N ALA F 95 15.31 -28.98 -5.35
CA ALA F 95 16.23 -27.89 -5.56
C ALA F 95 17.10 -27.63 -4.35
N SER F 96 18.34 -27.27 -4.61
CA SER F 96 19.32 -26.81 -3.65
C SER F 96 19.38 -27.65 -2.42
N ALA F 97 18.92 -27.11 -1.33
CA ALA F 97 18.98 -27.80 -0.06
C ALA F 97 18.22 -29.11 -0.08
N ALA F 98 17.14 -29.19 -0.86
CA ALA F 98 16.35 -30.40 -0.91
C ALA F 98 17.13 -31.50 -1.59
N ALA F 99 18.15 -31.16 -2.38
CA ALA F 99 18.94 -32.16 -3.06
C ALA F 99 19.85 -32.84 -2.06
N VAL F 100 20.07 -32.21 -0.92
CA VAL F 100 20.93 -32.77 0.09
C VAL F 100 20.10 -33.82 0.79
N LEU F 101 18.84 -33.46 1.08
CA LEU F 101 17.91 -34.36 1.75
C LEU F 101 17.64 -35.55 0.86
N LEU F 102 17.66 -35.34 -0.45
CA LEU F 102 17.47 -36.44 -1.37
C LEU F 102 18.66 -37.38 -1.28
N ALA F 103 19.88 -36.83 -1.33
CA ALA F 103 21.12 -37.59 -1.25
C ALA F 103 21.26 -38.30 0.09
N ALA F 104 20.71 -37.69 1.14
CA ALA F 104 20.77 -38.14 2.53
C ALA F 104 20.06 -39.46 2.82
N GLY F 105 19.24 -39.96 1.92
CA GLY F 105 18.56 -41.22 2.23
C GLY F 105 19.57 -42.37 2.26
N THR F 106 19.16 -43.52 2.78
CA THR F 106 20.06 -44.66 2.88
C THR F 106 20.52 -45.09 1.50
N PRO F 107 21.82 -45.31 1.25
CA PRO F 107 22.34 -45.76 -0.02
C PRO F 107 21.65 -47.00 -0.50
N GLY F 108 21.29 -46.99 -1.77
CA GLY F 108 20.61 -48.07 -2.44
C GLY F 108 19.13 -47.74 -2.51
N LYS F 109 18.72 -46.75 -1.72
CA LYS F 109 17.34 -46.35 -1.65
C LYS F 109 17.06 -44.90 -2.09
N ARG F 110 17.99 -44.25 -2.81
CA ARG F 110 17.68 -42.91 -3.33
C ARG F 110 17.08 -43.11 -4.73
N MET F 111 15.89 -42.58 -4.96
CA MET F 111 15.18 -42.78 -6.21
C MET F 111 14.65 -41.51 -6.85
N ALA F 112 14.46 -41.54 -8.15
CA ALA F 112 13.82 -40.40 -8.80
C ALA F 112 12.95 -40.81 -9.95
N LEU F 113 11.95 -39.99 -10.22
CA LEU F 113 11.16 -40.21 -11.42
C LEU F 113 11.97 -39.73 -12.62
N PRO F 114 11.78 -40.27 -13.83
CA PRO F 114 12.49 -39.91 -15.03
C PRO F 114 12.59 -38.43 -15.39
N ASN F 115 11.60 -37.59 -15.10
CA ASN F 115 11.76 -36.21 -15.49
C ASN F 115 12.11 -35.33 -14.31
N ALA F 116 12.49 -35.95 -13.21
CA ALA F 116 12.85 -35.23 -12.03
C ALA F 116 14.05 -34.36 -12.26
N ARG F 117 14.05 -33.19 -11.65
CA ARG F 117 15.15 -32.25 -11.75
C ARG F 117 15.83 -32.01 -10.42
N VAL F 118 17.14 -32.21 -10.38
CA VAL F 118 17.88 -32.03 -9.14
C VAL F 118 18.81 -30.84 -9.29
N LEU F 119 18.69 -29.85 -8.42
CA LEU F 119 19.53 -28.67 -8.62
C LEU F 119 20.46 -28.48 -7.47
N ILE F 120 21.72 -28.25 -7.76
CA ILE F 120 22.63 -28.03 -6.68
C ILE F 120 22.97 -26.55 -6.64
N HIS F 121 22.68 -25.90 -5.53
CA HIS F 121 22.88 -24.48 -5.37
C HIS F 121 23.52 -24.21 -4.05
N GLN F 122 24.17 -23.08 -3.95
CA GLN F 122 24.81 -22.67 -2.73
C GLN F 122 23.74 -22.35 -1.71
N PRO F 123 24.00 -22.49 -0.41
CA PRO F 123 23.08 -22.14 0.64
C PRO F 123 22.86 -20.64 0.60
N SER F 124 21.63 -20.22 0.83
CA SER F 124 21.30 -18.81 0.82
C SER F 124 21.59 -18.14 2.15
N LEU F 125 21.59 -16.81 2.12
CA LEU F 125 21.71 -16.04 3.35
C LEU F 125 20.31 -15.76 3.82
N SER F 126 19.91 -16.41 4.90
CA SER F 126 18.56 -16.32 5.41
C SER F 126 18.47 -16.70 6.85
N GLY F 127 17.24 -16.72 7.35
CA GLY F 127 17.00 -17.05 8.74
C GLY F 127 17.53 -15.98 9.69
N VAL F 128 18.45 -16.37 10.55
CA VAL F 128 18.97 -15.42 11.53
C VAL F 128 20.06 -14.55 10.92
N ILE F 129 19.58 -13.51 10.25
CA ILE F 129 20.37 -12.51 9.55
C ILE F 129 19.87 -11.14 9.97
N GLN F 130 19.57 -11.04 11.26
CA GLN F 130 18.91 -9.91 11.90
C GLN F 130 19.75 -8.65 11.98
N GLY F 131 21.05 -8.75 11.78
CA GLY F 131 21.88 -7.57 11.91
C GLY F 131 23.10 -7.81 12.75
N GLN F 132 23.83 -8.86 12.41
CA GLN F 132 25.09 -9.15 13.05
C GLN F 132 25.91 -7.91 12.84
N PHE F 133 26.69 -7.50 13.84
CA PHE F 133 27.39 -6.23 13.72
C PHE F 133 28.23 -6.15 12.46
N SER F 134 29.28 -6.92 12.37
CA SER F 134 30.09 -6.89 11.17
C SER F 134 29.48 -7.82 10.19
N ASP F 135 28.41 -7.45 9.51
CA ASP F 135 27.77 -8.47 8.72
C ASP F 135 28.71 -9.02 7.67
N LEU F 136 29.59 -8.19 7.12
CA LEU F 136 30.48 -8.67 6.09
C LEU F 136 31.62 -9.53 6.61
N GLU F 137 31.83 -9.57 7.91
CA GLU F 137 32.86 -10.43 8.44
C GLU F 137 32.19 -11.68 9.04
N ILE F 138 31.01 -11.49 9.63
CA ILE F 138 30.27 -12.53 10.33
C ILE F 138 29.34 -13.30 9.45
N GLN F 139 28.50 -12.62 8.67
CA GLN F 139 27.59 -13.33 7.81
C GLN F 139 28.45 -13.94 6.74
N ALA F 140 29.47 -13.21 6.31
CA ALA F 140 30.33 -13.81 5.32
C ALA F 140 30.99 -15.08 5.86
N ALA F 141 31.43 -15.07 7.14
CA ALA F 141 32.01 -16.27 7.74
C ALA F 141 30.99 -17.38 7.91
N GLU F 142 29.75 -17.02 8.28
CA GLU F 142 28.71 -18.01 8.48
C GLU F 142 28.37 -18.65 7.15
N ILE F 143 28.38 -17.86 6.09
CA ILE F 143 28.13 -18.43 4.79
C ILE F 143 29.21 -19.41 4.42
N GLU F 144 30.48 -19.10 4.68
CA GLU F 144 31.49 -20.08 4.35
C GLU F 144 31.26 -21.35 5.15
N ARG F 145 30.83 -21.24 6.41
CA ARG F 145 30.52 -22.43 7.18
C ARG F 145 29.38 -23.21 6.51
N MET F 146 28.32 -22.53 6.08
CA MET F 146 27.21 -23.22 5.45
C MET F 146 27.62 -23.85 4.13
N ARG F 147 28.47 -23.20 3.35
CA ARG F 147 28.91 -23.77 2.10
C ARG F 147 29.70 -25.01 2.39
N THR F 148 30.54 -24.96 3.42
CA THR F 148 31.35 -26.08 3.77
C THR F 148 30.48 -27.26 4.18
N LEU F 149 29.44 -27.03 4.99
CA LEU F 149 28.57 -28.11 5.37
C LEU F 149 27.84 -28.71 4.21
N MET F 150 27.35 -27.89 3.28
CA MET F 150 26.65 -28.48 2.17
C MET F 150 27.57 -29.32 1.31
N GLU F 151 28.79 -28.82 1.07
CA GLU F 151 29.74 -29.53 0.25
C GLU F 151 30.19 -30.81 0.89
N THR F 152 30.40 -30.76 2.20
CA THR F 152 30.84 -31.91 2.96
C THR F 152 29.73 -32.93 3.02
N THR F 153 28.51 -32.47 3.26
CA THR F 153 27.36 -33.35 3.37
C THR F 153 27.10 -34.00 2.05
N LEU F 154 27.14 -33.28 0.94
CA LEU F 154 26.96 -33.99 -0.30
C LEU F 154 28.11 -34.93 -0.55
N ALA F 155 29.35 -34.56 -0.26
CA ALA F 155 30.44 -35.47 -0.53
C ALA F 155 30.27 -36.81 0.19
N ARG F 156 29.75 -36.76 1.41
CA ARG F 156 29.54 -37.99 2.18
C ARG F 156 28.43 -38.88 1.63
N HIS F 157 27.57 -38.33 0.77
CA HIS F 157 26.47 -39.07 0.21
C HIS F 157 26.60 -39.30 -1.30
N THR F 158 27.48 -38.56 -1.98
CA THR F 158 27.61 -38.72 -3.42
C THR F 158 28.91 -39.40 -3.82
N GLY F 159 29.93 -39.36 -2.97
CA GLY F 159 31.21 -39.96 -3.30
C GLY F 159 32.13 -39.02 -4.05
N LYS F 160 31.68 -37.78 -4.30
CA LYS F 160 32.48 -36.82 -5.01
C LYS F 160 33.33 -36.08 -4.01
N ASP F 161 34.50 -35.62 -4.41
CA ASP F 161 35.29 -34.79 -3.51
C ASP F 161 34.53 -33.52 -3.24
N ALA F 162 34.64 -33.00 -2.03
CA ALA F 162 33.94 -31.75 -1.70
C ALA F 162 34.35 -30.63 -2.66
N GLY F 163 35.60 -30.64 -3.14
CA GLY F 163 36.07 -29.62 -4.07
C GLY F 163 35.29 -29.65 -5.38
N VAL F 164 34.85 -30.84 -5.79
CA VAL F 164 34.09 -31.03 -7.02
C VAL F 164 32.71 -30.50 -6.80
N ILE F 165 32.17 -30.81 -5.62
CA ILE F 165 30.84 -30.37 -5.33
C ILE F 165 30.84 -28.87 -5.36
N ARG F 166 31.86 -28.23 -4.78
CA ARG F 166 31.92 -26.78 -4.81
C ARG F 166 31.94 -26.22 -6.23
N LYS F 167 32.77 -26.79 -7.10
CA LYS F 167 32.82 -26.25 -8.45
C LYS F 167 31.47 -26.30 -9.14
N ASP F 168 30.71 -27.37 -8.92
CA ASP F 168 29.39 -27.48 -9.52
C ASP F 168 28.36 -26.61 -8.80
N THR F 169 28.45 -26.53 -7.48
CA THR F 169 27.51 -25.78 -6.67
C THR F 169 27.57 -24.30 -7.01
N ASP F 170 28.79 -23.80 -7.20
CA ASP F 170 29.07 -22.40 -7.51
C ASP F 170 28.53 -21.98 -8.87
N ARG F 171 28.18 -22.93 -9.72
CA ARG F 171 27.72 -22.66 -11.05
C ARG F 171 26.26 -23.03 -11.22
N ASP F 172 25.57 -23.29 -10.11
CA ASP F 172 24.16 -23.67 -10.15
C ASP F 172 23.90 -24.87 -11.05
N LYS F 173 24.74 -25.90 -10.97
CA LYS F 173 24.55 -27.05 -11.85
C LYS F 173 23.20 -27.75 -11.67
N ILE F 174 22.53 -28.01 -12.79
CA ILE F 174 21.25 -28.71 -12.80
C ILE F 174 21.38 -30.07 -13.43
N LEU F 175 20.96 -31.08 -12.70
CA LEU F 175 21.04 -32.47 -13.13
C LEU F 175 19.68 -33.04 -13.55
N THR F 176 19.69 -33.87 -14.57
CA THR F 176 18.47 -34.59 -14.94
C THR F 176 18.34 -35.80 -14.05
N ALA F 177 17.20 -36.48 -14.08
CA ALA F 177 17.04 -37.64 -13.22
C ALA F 177 18.12 -38.67 -13.46
N GLU F 178 18.54 -38.86 -14.71
CA GLU F 178 19.59 -39.79 -15.02
C GLU F 178 20.96 -39.25 -14.61
N GLU F 179 21.22 -37.96 -14.85
CA GLU F 179 22.53 -37.41 -14.50
C GLU F 179 22.74 -37.48 -13.00
N ALA F 180 21.67 -37.31 -12.25
CA ALA F 180 21.73 -37.38 -10.81
C ALA F 180 22.21 -38.74 -10.35
N LYS F 181 21.98 -39.84 -11.09
CA LYS F 181 22.48 -41.08 -10.55
C LYS F 181 23.96 -41.17 -10.84
N ASP F 182 24.37 -40.65 -11.98
CA ASP F 182 25.77 -40.71 -12.35
C ASP F 182 26.60 -39.77 -11.47
N TYR F 183 25.94 -38.76 -10.93
CA TYR F 183 26.53 -37.78 -10.03
C TYR F 183 26.57 -38.28 -8.58
N GLY F 184 25.89 -39.40 -8.28
CA GLY F 184 25.84 -39.92 -6.92
C GLY F 184 24.67 -39.51 -6.03
N ILE F 185 23.64 -38.83 -6.55
CA ILE F 185 22.53 -38.44 -5.69
C ILE F 185 21.44 -39.50 -5.69
N ILE F 186 21.19 -40.08 -6.84
CA ILE F 186 20.18 -41.09 -7.08
C ILE F 186 20.76 -42.47 -7.32
N ASP F 187 20.22 -43.51 -6.69
CA ASP F 187 20.75 -44.83 -6.97
C ASP F 187 20.01 -45.39 -8.17
N THR F 188 18.73 -45.04 -8.29
CA THR F 188 17.99 -45.51 -9.45
C THR F 188 16.88 -44.57 -9.92
N VAL F 189 16.58 -44.63 -11.20
CA VAL F 189 15.52 -43.86 -11.80
C VAL F 189 14.39 -44.83 -12.07
N LEU F 190 13.21 -44.52 -11.55
CA LEU F 190 12.08 -45.43 -11.59
C LEU F 190 11.49 -45.62 -12.97
N GLU F 191 11.16 -46.86 -13.29
CA GLU F 191 10.52 -47.22 -14.54
C GLU F 191 9.05 -46.89 -14.43
N TYR F 192 8.38 -46.68 -15.55
CA TYR F 192 6.97 -46.45 -15.42
C TYR F 192 6.23 -47.78 -15.42
N ARG F 193 5.63 -48.13 -14.29
CA ARG F 193 4.96 -49.41 -14.15
C ARG F 193 3.54 -49.40 -14.64
N LYS F 194 3.37 -49.24 -15.94
CA LYS F 194 2.04 -49.17 -16.56
C LYS F 194 1.63 -50.59 -16.95
N LEU F 195 0.35 -50.94 -16.86
CA LEU F 195 -0.09 -52.28 -17.25
C LEU F 195 -0.42 -52.41 -18.73
N SER F 196 -0.26 -51.34 -19.46
CA SER F 196 -0.55 -51.28 -20.89
C SER F 196 0.26 -50.22 -21.59
N ILE G 1 0.88 -29.30 5.19
CA ILE G 1 -0.09 -30.27 5.68
C ILE G 1 0.55 -31.25 6.63
N LEU G 2 0.41 -31.02 7.93
CA LEU G 2 0.91 -32.00 8.88
C LEU G 2 -0.13 -33.10 8.87
N PRO G 3 0.20 -34.36 8.55
CA PRO G 3 -0.74 -35.44 8.52
C PRO G 3 -1.09 -35.86 9.90
N SER G 4 -2.27 -36.42 10.05
CA SER G 4 -2.67 -37.04 11.30
C SER G 4 -2.42 -38.51 11.16
N PHE G 5 -2.53 -39.24 12.25
CA PHE G 5 -2.36 -40.67 12.19
C PHE G 5 -3.25 -41.33 13.20
N ILE G 6 -3.49 -42.60 13.01
CA ILE G 6 -4.35 -43.31 13.93
C ILE G 6 -3.62 -44.39 14.67
N GLU G 7 -3.79 -44.33 15.98
CA GLU G 7 -3.21 -45.30 16.88
C GLU G 7 -4.38 -46.00 17.58
N HIS G 8 -4.28 -47.30 17.79
CA HIS G 8 -5.40 -47.99 18.40
C HIS G 8 -5.00 -49.03 19.41
N SER G 9 -5.94 -49.37 20.27
CA SER G 9 -5.79 -50.40 21.29
C SER G 9 -7.15 -50.99 21.53
N SER G 10 -7.26 -51.96 22.42
CA SER G 10 -8.55 -52.60 22.69
C SER G 10 -9.57 -51.63 23.29
N PHE G 11 -9.10 -50.50 23.81
CA PHE G 11 -9.94 -49.44 24.35
C PHE G 11 -10.74 -48.74 23.28
N GLY G 12 -10.09 -48.43 22.16
CA GLY G 12 -10.69 -47.63 21.13
C GLY G 12 -9.68 -47.11 20.12
N VAL G 13 -10.13 -46.21 19.27
CA VAL G 13 -9.29 -45.68 18.22
C VAL G 13 -9.08 -44.19 18.36
N LYS G 14 -7.83 -43.78 18.39
CA LYS G 14 -7.47 -42.39 18.57
C LYS G 14 -6.75 -41.75 17.41
N GLU G 15 -7.32 -40.67 16.90
CA GLU G 15 -6.67 -39.96 15.83
C GLU G 15 -5.85 -38.87 16.49
N SER G 16 -4.60 -38.74 16.08
CA SER G 16 -3.75 -37.73 16.68
C SER G 16 -2.76 -37.11 15.73
N ASN G 17 -2.23 -35.98 16.12
CA ASN G 17 -1.23 -35.30 15.34
C ASN G 17 0.14 -35.48 15.95
N PRO G 18 1.21 -35.33 15.17
CA PRO G 18 2.54 -35.14 15.63
C PRO G 18 2.38 -33.88 16.45
N TYR G 19 3.24 -33.63 17.39
CA TYR G 19 3.13 -32.50 18.34
C TYR G 19 2.18 -32.86 19.47
N ASN G 20 0.97 -33.31 19.16
CA ASN G 20 0.12 -33.78 20.26
C ASN G 20 0.73 -35.06 20.80
N LYS G 21 1.28 -35.88 19.90
CA LYS G 21 1.94 -37.11 20.31
C LYS G 21 3.21 -36.80 21.09
N LEU G 22 3.92 -35.77 20.68
CA LEU G 22 5.15 -35.42 21.36
C LEU G 22 4.81 -34.93 22.76
N PHE G 23 3.72 -34.19 22.92
CA PHE G 23 3.33 -33.70 24.22
C PHE G 23 2.99 -34.88 25.13
N GLU G 24 2.31 -35.92 24.61
CA GLU G 24 2.00 -37.09 25.45
C GLU G 24 3.28 -37.73 25.99
N GLU G 25 4.37 -37.63 25.22
CA GLU G 25 5.68 -38.17 25.58
C GLU G 25 6.50 -37.17 26.41
N ARG G 26 5.84 -36.08 26.82
CA ARG G 26 6.37 -34.98 27.61
C ARG G 26 7.43 -34.18 26.93
N ILE G 27 7.23 -33.94 25.64
CA ILE G 27 8.11 -33.11 24.86
C ILE G 27 7.46 -31.80 24.46
N ILE G 28 8.09 -30.71 24.82
CA ILE G 28 7.63 -29.39 24.44
C ILE G 28 8.41 -28.99 23.25
N PHE G 29 7.76 -28.60 22.17
CA PHE G 29 8.52 -28.27 20.99
C PHE G 29 8.53 -26.77 20.78
N LEU G 30 9.68 -26.14 20.95
CA LEU G 30 9.83 -24.71 20.79
C LEU G 30 10.41 -24.41 19.42
N GLY G 31 9.54 -23.92 18.56
CA GLY G 31 9.87 -23.66 17.16
C GLY G 31 9.99 -22.18 16.85
N VAL G 32 9.55 -21.83 15.66
CA VAL G 32 9.65 -20.47 15.12
C VAL G 32 8.77 -19.47 15.86
N GLN G 33 7.85 -19.94 16.65
CA GLN G 33 7.02 -19.03 17.38
C GLN G 33 7.77 -18.54 18.61
N VAL G 34 8.48 -17.42 18.43
CA VAL G 34 9.38 -16.87 19.44
C VAL G 34 8.92 -15.52 20.06
N ASP G 35 7.68 -15.18 19.75
CA ASP G 35 6.94 -14.00 20.20
C ASP G 35 6.56 -14.10 21.66
N ASP G 36 6.28 -12.97 22.30
CA ASP G 36 5.83 -13.00 23.69
C ASP G 36 4.59 -13.87 23.80
N ALA G 37 3.77 -13.86 22.76
CA ALA G 37 2.57 -14.65 22.73
C ALA G 37 2.84 -16.14 22.84
N SER G 38 3.97 -16.64 22.29
CA SER G 38 4.24 -18.06 22.35
C SER G 38 4.90 -18.41 23.65
N ALA G 39 5.57 -17.44 24.26
CA ALA G 39 6.23 -17.70 25.54
C ALA G 39 5.20 -18.13 26.55
N ASN G 40 4.01 -17.56 26.41
CA ASN G 40 2.91 -17.92 27.26
C ASN G 40 2.44 -19.35 27.05
N ASP G 41 2.60 -19.89 25.83
CA ASP G 41 2.18 -21.24 25.54
C ASP G 41 3.18 -22.18 26.13
N ILE G 42 4.45 -21.81 26.09
CA ILE G 42 5.49 -22.68 26.65
C ILE G 42 5.27 -22.75 28.13
N MET G 43 4.98 -21.61 28.77
CA MET G 43 4.75 -21.67 30.19
C MET G 43 3.53 -22.51 30.50
N ALA G 44 2.45 -22.38 29.73
CA ALA G 44 1.28 -23.20 30.00
C ALA G 44 1.61 -24.67 29.85
N GLN G 45 2.43 -25.03 28.87
CA GLN G 45 2.80 -26.42 28.68
C GLN G 45 3.66 -26.95 29.80
N LEU G 46 4.60 -26.16 30.30
CA LEU G 46 5.43 -26.61 31.40
C LEU G 46 4.61 -26.84 32.64
N LEU G 47 3.65 -25.96 32.90
CA LEU G 47 2.81 -26.09 34.07
C LEU G 47 1.92 -27.33 33.96
N VAL G 48 1.39 -27.59 32.77
CA VAL G 48 0.57 -28.76 32.58
C VAL G 48 1.36 -30.03 32.74
N LEU G 49 2.56 -30.11 32.19
CA LEU G 49 3.30 -31.33 32.33
C LEU G 49 3.69 -31.59 33.78
N GLU G 50 4.04 -30.54 34.53
CA GLU G 50 4.37 -30.75 35.94
C GLU G 50 3.16 -31.28 36.67
N SER G 51 1.99 -30.72 36.38
CA SER G 51 0.76 -31.14 37.03
C SER G 51 0.43 -32.59 36.73
N LEU G 52 0.59 -33.02 35.47
CA LEU G 52 0.27 -34.39 35.12
C LEU G 52 1.17 -35.39 35.84
N ASP G 53 2.47 -35.09 35.97
CA ASP G 53 3.39 -35.97 36.71
C ASP G 53 4.67 -35.23 37.11
N PRO G 54 4.73 -34.67 38.33
CA PRO G 54 5.81 -33.87 38.85
C PRO G 54 7.18 -34.52 38.90
N ASP G 55 7.24 -35.85 38.86
CA ASP G 55 8.53 -36.50 38.98
C ASP G 55 9.12 -36.95 37.65
N ARG G 56 8.45 -36.65 36.54
CA ARG G 56 8.99 -37.09 35.26
C ARG G 56 9.59 -35.96 34.47
N ASP G 57 10.72 -36.24 33.89
CA ASP G 57 11.42 -35.23 33.13
C ASP G 57 10.60 -34.71 31.98
N ILE G 58 10.80 -33.45 31.69
CA ILE G 58 10.20 -32.76 30.58
C ILE G 58 11.29 -32.52 29.58
N THR G 59 11.03 -32.85 28.34
CA THR G 59 12.05 -32.64 27.33
C THR G 59 11.68 -31.48 26.49
N MET G 60 12.56 -30.53 26.30
CA MET G 60 12.22 -29.41 25.47
C MET G 60 13.09 -29.43 24.23
N TYR G 61 12.46 -29.38 23.08
CA TYR G 61 13.20 -29.37 21.83
C TYR G 61 13.27 -27.95 21.38
N ILE G 62 14.45 -27.50 21.05
CA ILE G 62 14.63 -26.13 20.63
C ILE G 62 15.12 -26.01 19.23
N ASN G 63 14.38 -25.30 18.40
CA ASN G 63 14.74 -25.01 17.03
C ASN G 63 14.21 -23.66 16.70
N SER G 64 14.89 -22.60 17.10
CA SER G 64 14.26 -21.30 16.93
C SER G 64 15.23 -20.14 16.74
N PRO G 65 14.82 -19.10 15.99
CA PRO G 65 15.53 -17.87 15.75
C PRO G 65 15.39 -16.88 16.89
N GLY G 66 15.81 -17.30 18.06
CA GLY G 66 15.78 -16.46 19.25
C GLY G 66 14.42 -16.04 19.69
N GLY G 67 14.23 -14.73 19.86
CA GLY G 67 12.96 -14.18 20.30
C GLY G 67 13.16 -13.00 21.23
N GLY G 68 12.05 -12.51 21.77
CA GLY G 68 12.13 -11.36 22.66
C GLY G 68 12.78 -11.73 23.98
N PHE G 69 13.61 -10.84 24.51
CA PHE G 69 14.26 -11.15 25.78
C PHE G 69 13.33 -11.29 26.96
N THR G 70 12.40 -10.37 27.11
CA THR G 70 11.57 -10.37 28.32
C THR G 70 10.74 -11.63 28.46
N SER G 71 10.12 -12.05 27.38
CA SER G 71 9.28 -13.21 27.42
C SER G 71 10.06 -14.49 27.42
N LEU G 72 11.28 -14.49 26.94
CA LEU G 72 12.02 -15.72 27.05
C LEU G 72 12.58 -15.83 28.46
N MET G 73 12.73 -14.71 29.20
CA MET G 73 13.07 -14.84 30.61
C MET G 73 11.86 -15.41 31.35
N ALA G 74 10.64 -15.10 30.91
CA ALA G 74 9.48 -15.69 31.56
C ALA G 74 9.54 -17.21 31.46
N ILE G 75 9.98 -17.72 30.30
CA ILE G 75 10.12 -19.16 30.13
C ILE G 75 11.21 -19.64 31.04
N TYR G 76 12.34 -18.94 31.05
CA TYR G 76 13.45 -19.34 31.90
C TYR G 76 13.02 -19.52 33.33
N ASP G 77 12.29 -18.57 33.90
CA ASP G 77 11.90 -18.76 35.29
C ASP G 77 10.95 -19.92 35.45
N THR G 78 10.05 -20.15 34.52
CA THR G 78 9.15 -21.30 34.66
C THR G 78 9.98 -22.58 34.62
N MET G 79 10.96 -22.65 33.71
CA MET G 79 11.78 -23.84 33.63
C MET G 79 12.52 -24.12 34.91
N GLN G 80 12.98 -23.08 35.58
CA GLN G 80 13.71 -23.28 36.82
C GLN G 80 12.74 -23.52 37.98
N TYR G 81 11.52 -23.00 37.88
CA TYR G 81 10.52 -23.16 38.91
C TYR G 81 9.99 -24.58 39.04
N VAL G 82 9.72 -25.21 37.90
CA VAL G 82 9.14 -26.56 37.82
C VAL G 82 9.96 -27.63 38.50
N ARG G 83 9.29 -28.46 39.32
CA ARG G 83 9.96 -29.52 40.08
C ARG G 83 10.73 -30.56 39.29
N ALA G 84 10.17 -30.97 38.17
CA ALA G 84 10.74 -31.99 37.30
C ALA G 84 11.96 -31.49 36.57
N ASP G 85 12.92 -32.35 36.32
CA ASP G 85 14.03 -31.92 35.48
C ASP G 85 13.61 -31.60 34.09
N ILE G 86 14.22 -30.58 33.53
CA ILE G 86 13.98 -30.26 32.15
C ILE G 86 15.24 -30.51 31.39
N GLN G 87 15.12 -31.29 30.35
CA GLN G 87 16.28 -31.59 29.54
C GLN G 87 16.05 -30.91 28.23
N THR G 88 17.10 -30.50 27.57
CA THR G 88 16.91 -29.76 26.34
C THR G 88 17.68 -30.32 25.18
N VAL G 89 17.09 -30.25 23.99
CA VAL G 89 17.79 -30.70 22.80
C VAL G 89 17.81 -29.63 21.72
N CYS G 90 18.99 -29.28 21.24
CA CYS G 90 19.03 -28.30 20.17
C CYS G 90 19.03 -28.99 18.82
N LEU G 91 18.01 -28.68 18.04
CA LEU G 91 17.83 -29.22 16.72
C LEU G 91 18.07 -28.04 15.84
N GLY G 92 18.66 -28.16 14.67
CA GLY G 92 18.70 -26.91 13.93
C GLY G 92 19.51 -25.85 14.66
N GLN G 93 18.82 -24.84 15.18
CA GLN G 93 19.47 -23.74 15.88
C GLN G 93 18.83 -23.30 17.17
N ALA G 94 19.66 -22.71 18.01
CA ALA G 94 19.22 -22.06 19.22
C ALA G 94 19.85 -20.70 19.22
N ALA G 95 19.19 -19.77 18.55
CA ALA G 95 19.80 -18.46 18.42
C ALA G 95 19.52 -17.58 19.62
N SER G 96 20.51 -16.78 19.97
CA SER G 96 20.45 -15.72 20.97
C SER G 96 19.78 -16.15 22.24
N ALA G 97 18.61 -15.63 22.47
CA ALA G 97 17.88 -15.91 23.68
C ALA G 97 17.57 -17.39 23.84
N ALA G 98 17.37 -18.10 22.73
CA ALA G 98 17.06 -19.51 22.82
C ALA G 98 18.26 -20.30 23.30
N ALA G 99 19.46 -19.73 23.20
CA ALA G 99 20.66 -20.41 23.65
C ALA G 99 20.72 -20.39 25.16
N VAL G 100 19.96 -19.46 25.77
CA VAL G 100 19.95 -19.35 27.20
C VAL G 100 19.05 -20.45 27.69
N LEU G 101 17.92 -20.63 27.00
CA LEU G 101 16.96 -21.66 27.35
C LEU G 101 17.58 -23.02 27.14
N LEU G 102 18.47 -23.14 26.17
CA LEU G 102 19.16 -24.38 25.95
C LEU G 102 20.09 -24.67 27.13
N ALA G 103 20.88 -23.65 27.53
CA ALA G 103 21.82 -23.76 28.64
C ALA G 103 21.10 -24.01 29.97
N ALA G 104 19.88 -23.47 30.09
CA ALA G 104 19.02 -23.52 31.26
C ALA G 104 18.54 -24.91 31.67
N GLY G 105 18.68 -25.91 30.82
CA GLY G 105 18.20 -27.23 31.23
C GLY G 105 19.07 -27.79 32.37
N THR G 106 18.61 -28.83 33.02
CA THR G 106 19.35 -29.41 34.13
C THR G 106 20.72 -29.92 33.66
N PRO G 107 21.83 -29.60 34.33
CA PRO G 107 23.16 -30.05 33.96
C PRO G 107 23.21 -31.54 33.84
N GLY G 108 23.84 -31.99 32.76
CA GLY G 108 24.01 -33.37 32.41
C GLY G 108 22.97 -33.75 31.38
N LYS G 109 21.97 -32.88 31.22
CA LYS G 109 20.90 -33.13 30.30
C LYS G 109 20.77 -32.08 29.17
N ARG G 110 21.80 -31.28 28.90
CA ARG G 110 21.73 -30.37 27.75
C ARG G 110 22.32 -31.13 26.56
N MET G 111 21.56 -31.24 25.47
CA MET G 111 21.97 -32.02 24.30
C MET G 111 21.84 -31.29 22.99
N ALA G 112 22.62 -31.70 22.02
CA ALA G 112 22.44 -31.14 20.68
C ALA G 112 22.70 -32.14 19.58
N LEU G 113 22.05 -31.94 18.46
CA LEU G 113 22.37 -32.75 17.30
C LEU G 113 23.69 -32.25 16.72
N PRO G 114 24.49 -33.08 16.04
CA PRO G 114 25.78 -32.74 15.46
C PRO G 114 25.85 -31.49 14.59
N ASN G 115 24.81 -31.13 13.83
CA ASN G 115 24.97 -29.94 13.01
C ASN G 115 24.25 -28.76 13.60
N ALA G 116 23.85 -28.87 14.85
CA ALA G 116 23.15 -27.81 15.53
C ALA G 116 24.02 -26.58 15.64
N ARG G 117 23.39 -25.43 15.51
CA ARG G 117 24.08 -24.16 15.62
C ARG G 117 23.59 -23.35 16.81
N VAL G 118 24.51 -22.95 17.67
CA VAL G 118 24.13 -22.17 18.85
C VAL G 118 24.69 -20.76 18.72
N LEU G 119 23.84 -19.75 18.79
CA LEU G 119 24.37 -18.42 18.58
C LEU G 119 24.19 -17.57 19.79
N ILE G 120 25.23 -16.88 20.20
CA ILE G 120 25.08 -16.05 21.36
C ILE G 120 25.05 -14.61 20.89
N HIS G 121 23.96 -13.91 21.17
CA HIS G 121 23.76 -12.54 20.74
C HIS G 121 23.23 -11.73 21.87
N GLN G 122 23.43 -10.44 21.78
CA GLN G 122 22.96 -9.52 22.79
C GLN G 122 21.45 -9.48 22.72
N PRO G 123 20.75 -9.19 23.81
CA PRO G 123 19.31 -9.04 23.84
C PRO G 123 18.95 -7.84 22.99
N SER G 124 17.86 -7.96 22.25
CA SER G 124 17.40 -6.88 21.40
C SER G 124 16.57 -5.86 22.14
N LEU G 125 16.37 -4.71 21.52
CA LEU G 125 15.48 -3.71 22.07
C LEU G 125 14.11 -3.96 21.45
N SER G 126 13.20 -4.45 22.27
CA SER G 126 11.88 -4.84 21.80
C SER G 126 10.87 -4.87 22.90
N GLY G 127 9.68 -5.32 22.56
CA GLY G 127 8.60 -5.39 23.52
C GLY G 127 8.12 -4.01 23.97
N VAL G 128 8.23 -3.74 25.25
CA VAL G 128 7.76 -2.46 25.77
C VAL G 128 8.80 -1.38 25.57
N ILE G 129 8.76 -0.84 24.37
CA ILE G 129 9.63 0.22 23.87
C ILE G 129 8.76 1.29 23.23
N GLN G 130 7.64 1.55 23.89
CA GLN G 130 6.56 2.39 23.43
C GLN G 130 6.87 3.87 23.37
N GLY G 131 7.93 4.30 24.02
CA GLY G 131 8.23 5.72 24.03
C GLY G 131 8.54 6.24 25.40
N GLN G 132 9.46 5.56 26.08
CA GLN G 132 9.94 6.00 27.36
C GLN G 132 10.45 7.40 27.10
N PHE G 133 10.24 8.32 28.03
CA PHE G 133 10.60 9.71 27.76
C PHE G 133 12.05 9.85 27.34
N SER G 134 12.97 9.62 28.24
CA SER G 134 14.37 9.72 27.86
C SER G 134 14.78 8.42 27.29
N ASP G 135 14.44 8.13 26.05
CA ASP G 135 14.71 6.77 25.62
C ASP G 135 16.20 6.45 25.69
N LEU G 136 17.04 7.43 25.44
CA LEU G 136 18.48 7.17 25.47
C LEU G 136 19.06 7.04 26.87
N GLU G 137 18.30 7.38 27.89
CA GLU G 137 18.79 7.21 29.24
C GLU G 137 18.10 5.98 29.85
N ILE G 138 16.84 5.77 29.49
CA ILE G 138 16.02 4.70 30.04
C ILE G 138 16.10 3.42 29.26
N GLN G 139 15.95 3.47 27.94
CA GLN G 139 16.03 2.24 27.18
C GLN G 139 17.47 1.85 27.21
N ALA G 140 18.36 2.83 27.17
CA ALA G 140 19.75 2.45 27.26
C ALA G 140 20.04 1.77 28.59
N ALA G 141 19.46 2.26 29.71
CA ALA G 141 19.65 1.61 30.99
C ALA G 141 18.99 0.24 31.05
N GLU G 142 17.81 0.10 30.42
CA GLU G 142 17.11 -1.17 30.44
C GLU G 142 17.90 -2.18 29.64
N ILE G 143 18.53 -1.75 28.56
CA ILE G 143 19.35 -2.64 27.79
C ILE G 143 20.51 -3.10 28.61
N GLU G 144 21.17 -2.22 29.37
CA GLU G 144 22.26 -2.72 30.18
C GLU G 144 21.76 -3.74 31.19
N ARG G 145 20.56 -3.53 31.74
CA ARG G 145 20.01 -4.53 32.64
C ARG G 145 19.81 -5.87 31.91
N MET G 146 19.26 -5.83 30.69
CA MET G 146 19.03 -7.05 29.94
C MET G 146 20.33 -7.74 29.58
N ARG G 147 21.37 -6.97 29.24
CA ARG G 147 22.65 -7.58 28.90
C ARG G 147 23.21 -8.24 30.12
N THR G 148 23.05 -7.59 31.27
CA THR G 148 23.57 -8.13 32.50
C THR G 148 22.87 -9.44 32.83
N LEU G 149 21.54 -9.50 32.68
CA LEU G 149 20.85 -10.74 32.95
C LEU G 149 21.24 -11.85 32.02
N MET G 150 21.41 -11.56 30.73
CA MET G 150 21.80 -12.65 29.85
C MET G 150 23.18 -13.16 30.19
N GLU G 151 24.11 -12.26 30.49
CA GLU G 151 25.46 -12.64 30.80
C GLU G 151 25.54 -13.42 32.08
N THR G 152 24.76 -12.98 33.07
CA THR G 152 24.73 -13.61 34.37
C THR G 152 24.09 -14.97 34.26
N THR G 153 22.98 -15.04 33.51
CA THR G 153 22.25 -16.28 33.34
C THR G 153 23.10 -17.28 32.60
N LEU G 154 23.78 -16.88 31.54
CA LEU G 154 24.64 -17.86 30.92
C LEU G 154 25.77 -18.25 31.84
N ALA G 155 26.36 -17.31 32.57
CA ALA G 155 27.47 -17.70 33.43
C ALA G 155 27.06 -18.76 34.44
N ARG G 156 25.84 -18.67 34.96
CA ARG G 156 25.37 -19.65 35.93
C ARG G 156 25.13 -21.03 35.33
N HIS G 157 25.03 -21.13 34.01
CA HIS G 157 24.77 -22.38 33.34
C HIS G 157 25.95 -22.87 32.50
N THR G 158 26.92 -22.00 32.20
CA THR G 158 28.05 -22.42 31.38
C THR G 158 29.34 -22.54 32.15
N GLY G 159 29.45 -21.86 33.29
CA GLY G 159 30.67 -21.90 34.07
C GLY G 159 31.69 -20.84 33.65
N LYS G 160 31.34 -20.03 32.65
CA LYS G 160 32.24 -19.01 32.18
C LYS G 160 32.01 -17.76 32.99
N ASP G 161 33.03 -16.94 33.16
CA ASP G 161 32.83 -15.68 33.84
C ASP G 161 31.89 -14.84 33.00
N ALA G 162 31.04 -14.06 33.63
CA ALA G 162 30.12 -13.20 32.90
C ALA G 162 30.88 -12.26 31.95
N GLY G 163 32.09 -11.84 32.34
CA GLY G 163 32.90 -10.97 31.49
C GLY G 163 33.27 -11.64 30.17
N VAL G 164 33.45 -12.96 30.19
CA VAL G 164 33.81 -13.73 29.02
C VAL G 164 32.60 -13.82 28.15
N ILE G 165 31.46 -14.07 28.78
CA ILE G 165 30.24 -14.19 28.03
C ILE G 165 30.02 -12.90 27.31
N ARG G 166 30.23 -11.76 27.98
CA ARG G 166 30.06 -10.48 27.31
C ARG G 166 30.96 -10.31 26.11
N LYS G 167 32.24 -10.65 26.25
CA LYS G 167 33.13 -10.47 25.10
C LYS G 167 32.68 -11.26 23.89
N ASP G 168 32.17 -12.47 24.11
CA ASP G 168 31.68 -13.28 23.02
C ASP G 168 30.31 -12.80 22.50
N THR G 169 29.45 -12.39 23.42
CA THR G 169 28.10 -11.96 23.09
C THR G 169 28.14 -10.73 22.20
N ASP G 170 29.05 -9.81 22.53
CA ASP G 170 29.23 -8.54 21.82
C ASP G 170 29.73 -8.72 20.41
N ARG G 171 30.23 -9.91 20.07
CA ARG G 171 30.79 -10.17 18.78
C ARG G 171 29.95 -11.17 18.01
N ASP G 172 28.74 -11.44 18.49
CA ASP G 172 27.84 -12.39 17.84
C ASP G 172 28.49 -13.76 17.64
N LYS G 173 29.19 -14.27 18.65
CA LYS G 173 29.85 -15.56 18.48
C LYS G 173 28.90 -16.71 18.17
N ILE G 174 29.26 -17.49 17.14
CA ILE G 174 28.48 -18.66 16.73
C ILE G 174 29.23 -19.93 17.01
N LEU G 175 28.61 -20.84 17.74
CA LEU G 175 29.19 -22.09 18.13
C LEU G 175 28.63 -23.28 17.35
N THR G 176 29.47 -24.24 17.05
CA THR G 176 29.00 -25.48 16.44
C THR G 176 28.49 -26.38 17.54
N ALA G 177 27.83 -27.48 17.18
CA ALA G 177 27.31 -28.36 18.22
C ALA G 177 28.41 -28.84 19.15
N GLU G 178 29.60 -29.11 18.62
CA GLU G 178 30.70 -29.53 19.45
C GLU G 178 31.28 -28.37 20.25
N GLU G 179 31.42 -27.19 19.63
CA GLU G 179 31.99 -26.07 20.35
C GLU G 179 31.12 -25.69 21.52
N ALA G 180 29.82 -25.83 21.35
CA ALA G 180 28.86 -25.53 22.39
C ALA G 180 29.10 -26.40 23.61
N LYS G 181 29.64 -27.63 23.49
CA LYS G 181 29.81 -28.36 24.72
C LYS G 181 31.07 -27.86 25.40
N ASP G 182 32.06 -27.49 24.61
CA ASP G 182 33.31 -27.03 25.19
C ASP G 182 33.12 -25.64 25.82
N TYR G 183 32.11 -24.92 25.35
CA TYR G 183 31.74 -23.61 25.83
C TYR G 183 30.84 -23.69 27.07
N GLY G 184 30.34 -24.88 27.42
CA GLY G 184 29.45 -25.05 28.55
C GLY G 184 27.94 -24.99 28.29
N ILE G 185 27.47 -24.97 27.06
CA ILE G 185 26.03 -24.92 26.82
C ILE G 185 25.44 -26.31 26.69
N ILE G 186 26.17 -27.19 26.04
CA ILE G 186 25.79 -28.57 25.77
C ILE G 186 26.59 -29.57 26.59
N ASP G 187 25.95 -30.56 27.19
CA ASP G 187 26.73 -31.55 27.91
C ASP G 187 27.14 -32.63 26.95
N THR G 188 26.27 -32.91 25.96
CA THR G 188 26.64 -33.92 24.98
C THR G 188 26.03 -33.69 23.59
N VAL G 189 26.73 -34.17 22.59
CA VAL G 189 26.27 -34.11 21.22
C VAL G 189 25.83 -35.50 20.84
N LEU G 190 24.61 -35.63 20.38
CA LEU G 190 24.00 -36.92 20.13
C LEU G 190 24.57 -37.66 18.95
N GLU G 191 24.77 -38.95 19.13
CA GLU G 191 25.25 -39.84 18.08
C GLU G 191 24.10 -40.18 17.18
N TYR G 192 24.38 -40.54 15.93
CA TYR G 192 23.25 -40.93 15.11
C TYR G 192 22.97 -42.40 15.32
N ARG G 193 21.82 -42.71 15.90
CA ARG G 193 21.46 -44.08 16.22
C ARG G 193 20.80 -44.81 15.07
N LYS G 194 21.57 -45.04 14.01
CA LYS G 194 21.05 -45.70 12.81
C LYS G 194 21.27 -47.20 12.97
N LEU G 195 20.37 -48.04 12.46
CA LEU G 195 20.56 -49.49 12.58
C LEU G 195 21.39 -50.10 11.45
N SER G 196 21.83 -49.26 10.53
CA SER G 196 22.62 -49.67 9.38
C SER G 196 23.50 -48.55 8.86
N SER H 9 6.69 28.24 -11.77
CA SER H 9 5.51 28.36 -10.92
C SER H 9 4.88 29.72 -11.00
N LEU H 10 3.69 29.79 -11.62
CA LEU H 10 3.00 31.05 -11.71
C LEU H 10 2.67 31.56 -10.33
N THR H 11 2.31 30.65 -9.44
CA THR H 11 1.90 31.01 -8.09
C THR H 11 3.02 31.72 -7.34
N ASP H 12 4.24 31.22 -7.46
CA ASP H 12 5.33 31.83 -6.74
C ASP H 12 5.77 33.09 -7.45
N SER H 13 5.67 33.12 -8.77
CA SER H 13 6.04 34.30 -9.54
C SER H 13 5.16 35.47 -9.18
N VAL H 14 3.85 35.21 -9.06
CA VAL H 14 2.92 36.27 -8.70
C VAL H 14 3.22 36.74 -7.30
N TYR H 15 3.48 35.84 -6.35
CA TYR H 15 3.77 36.33 -5.03
C TYR H 15 5.06 37.12 -4.98
N GLU H 16 6.10 36.75 -5.72
CA GLU H 16 7.30 37.58 -5.69
C GLU H 16 7.02 38.96 -6.25
N ARG H 17 6.23 39.05 -7.31
CA ARG H 17 5.94 40.36 -7.87
C ARG H 17 5.17 41.19 -6.88
N LEU H 18 4.25 40.58 -6.14
CA LEU H 18 3.52 41.29 -5.10
C LEU H 18 4.41 41.63 -3.90
N LEU H 19 5.36 40.77 -3.56
CA LEU H 19 6.22 41.07 -2.43
C LEU H 19 6.96 42.38 -2.73
N SER H 20 7.34 42.60 -3.98
CA SER H 20 8.02 43.84 -4.38
C SER H 20 7.12 45.09 -4.30
N GLU H 21 5.81 44.88 -4.17
CA GLU H 21 4.78 45.93 -4.04
C GLU H 21 4.45 46.07 -2.56
N ARG H 22 5.21 45.34 -1.74
CA ARG H 22 5.09 45.22 -0.31
C ARG H 22 3.78 44.60 0.14
N ILE H 23 3.33 43.57 -0.59
CA ILE H 23 2.13 42.83 -0.27
C ILE H 23 2.46 41.39 0.13
N ILE H 24 2.00 40.99 1.31
CA ILE H 24 2.20 39.67 1.90
C ILE H 24 0.89 38.94 2.10
N PHE H 25 0.84 37.66 1.76
CA PHE H 25 -0.40 36.92 1.98
C PHE H 25 -0.27 35.85 3.04
N LEU H 26 -1.31 35.72 3.81
CA LEU H 26 -1.50 34.66 4.77
C LEU H 26 -2.73 33.93 4.29
N GLY H 27 -2.54 33.01 3.37
CA GLY H 27 -3.66 32.35 2.72
C GLY H 27 -4.04 30.98 3.27
N SER H 28 -3.30 30.49 4.26
CA SER H 28 -3.59 29.18 4.81
C SER H 28 -2.88 28.89 6.12
N GLU H 29 -3.34 27.85 6.83
CA GLU H 29 -2.66 27.15 7.93
C GLU H 29 -2.15 27.83 9.20
N VAL H 30 -1.48 28.96 9.07
CA VAL H 30 -0.81 29.67 10.17
C VAL H 30 -0.13 28.69 11.13
N ASN H 31 0.65 27.77 10.60
CA ASN H 31 1.44 26.80 11.32
C ASN H 31 2.87 27.28 11.41
N ASP H 32 3.77 26.47 11.97
CA ASP H 32 5.15 26.94 12.10
C ASP H 32 5.81 27.22 10.76
N GLU H 33 5.48 26.44 9.73
CA GLU H 33 6.10 26.68 8.43
C GLU H 33 5.63 28.00 7.86
N ILE H 34 4.35 28.28 7.99
CA ILE H 34 3.83 29.53 7.50
C ILE H 34 4.35 30.68 8.32
N ALA H 35 4.42 30.54 9.64
CA ALA H 35 4.94 31.62 10.43
C ALA H 35 6.37 31.91 10.08
N ASN H 36 7.17 30.90 9.78
CA ASN H 36 8.54 31.19 9.44
C ASN H 36 8.59 31.90 8.10
N ARG H 37 7.70 31.54 7.17
CA ARG H 37 7.69 32.19 5.87
C ARG H 37 7.24 33.64 5.99
N LEU H 38 6.25 33.93 6.83
CA LEU H 38 5.84 35.31 6.94
C LEU H 38 6.81 36.09 7.75
N CYS H 39 7.39 35.51 8.78
CA CYS H 39 8.31 36.29 9.55
C CYS H 39 9.45 36.69 8.63
N ALA H 40 9.91 35.77 7.78
CA ALA H 40 10.97 36.12 6.87
C ALA H 40 10.53 37.22 5.90
N GLN H 41 9.29 37.18 5.37
CA GLN H 41 8.86 38.23 4.46
C GLN H 41 8.70 39.57 5.13
N ILE H 42 8.24 39.59 6.37
CA ILE H 42 8.06 40.86 7.07
C ILE H 42 9.43 41.46 7.36
N LEU H 43 10.37 40.63 7.82
CA LEU H 43 11.71 41.11 8.10
C LEU H 43 12.39 41.60 6.85
N LEU H 44 12.15 40.91 5.73
CA LEU H 44 12.75 41.32 4.49
C LEU H 44 12.21 42.62 4.01
N LEU H 45 10.90 42.82 4.04
CA LEU H 45 10.39 44.07 3.55
C LEU H 45 10.81 45.20 4.44
N ALA H 46 10.84 44.97 5.75
CA ALA H 46 11.26 46.01 6.63
C ALA H 46 12.71 46.37 6.38
N ALA H 47 13.56 45.36 6.13
CA ALA H 47 14.97 45.59 5.85
C ALA H 47 15.16 46.36 4.56
N GLU H 48 14.36 46.06 3.53
CA GLU H 48 14.53 46.76 2.27
C GLU H 48 14.18 48.23 2.34
N ASP H 49 13.07 48.57 3.01
CA ASP H 49 12.66 49.96 3.14
C ASP H 49 11.66 50.14 4.27
N ALA H 50 12.10 50.60 5.42
CA ALA H 50 11.20 50.68 6.56
C ALA H 50 10.32 51.93 6.53
N SER H 51 10.50 52.79 5.55
CA SER H 51 9.69 53.99 5.51
C SER H 51 8.34 53.72 4.87
N LYS H 52 8.17 52.53 4.27
CA LYS H 52 6.94 52.22 3.58
C LYS H 52 6.10 51.15 4.27
N ASP H 53 4.80 51.26 4.09
CA ASP H 53 3.86 50.31 4.65
C ASP H 53 3.93 48.96 4.01
N ILE H 54 3.54 47.95 4.76
CA ILE H 54 3.39 46.59 4.30
C ILE H 54 1.93 46.23 4.34
N SER H 55 1.39 45.66 3.28
CA SER H 55 -0.02 45.26 3.29
C SER H 55 -0.15 43.75 3.42
N LEU H 56 -0.76 43.30 4.49
CA LEU H 56 -0.97 41.88 4.75
C LEU H 56 -2.39 41.45 4.46
N TYR H 57 -2.54 40.56 3.50
CA TYR H 57 -3.86 40.07 3.12
C TYR H 57 -4.10 38.73 3.76
N ILE H 58 -5.22 38.61 4.45
CA ILE H 58 -5.54 37.44 5.21
C ILE H 58 -6.76 36.70 4.68
N ASN H 59 -6.57 35.42 4.46
CA ASN H 59 -7.62 34.51 4.05
C ASN H 59 -7.23 33.19 4.65
N SER H 60 -7.49 33.02 5.93
CA SER H 60 -6.98 31.88 6.65
C SER H 60 -7.83 31.43 7.81
N PRO H 61 -8.08 30.11 7.96
CA PRO H 61 -8.80 29.45 9.02
C PRO H 61 -8.08 29.47 10.35
N GLY H 62 -6.81 29.84 10.36
CA GLY H 62 -6.07 29.87 11.60
C GLY H 62 -5.19 28.65 11.78
N GLY H 63 -4.52 28.59 12.93
CA GLY H 63 -3.53 27.56 13.20
C GLY H 63 -3.00 27.66 14.61
N SER H 64 -1.82 27.08 14.82
CA SER H 64 -1.20 27.00 16.13
C SER H 64 -1.08 28.38 16.75
N ILE H 65 -1.43 28.47 18.02
CA ILE H 65 -1.41 29.74 18.70
C ILE H 65 -0.01 30.32 18.79
N SER H 66 1.00 29.48 18.90
CA SER H 66 2.36 29.96 18.99
C SER H 66 2.89 30.44 17.64
N ALA H 67 2.32 29.96 16.53
CA ALA H 67 2.77 30.37 15.22
C ALA H 67 2.24 31.76 14.99
N GLY H 68 1.00 31.97 15.41
CA GLY H 68 0.39 33.26 15.25
C GLY H 68 1.12 34.30 16.08
N MET H 69 1.57 33.91 17.27
CA MET H 69 2.32 34.87 18.08
C MET H 69 3.67 35.18 17.45
N ALA H 70 4.34 34.21 16.83
CA ALA H 70 5.61 34.53 16.18
C ALA H 70 5.39 35.57 15.08
N ILE H 71 4.29 35.44 14.34
CA ILE H 71 4.01 36.39 13.26
C ILE H 71 3.72 37.74 13.88
N TYR H 72 2.89 37.76 14.92
CA TYR H 72 2.56 38.98 15.61
C TYR H 72 3.75 39.72 16.13
N ASP H 73 4.66 39.05 16.82
CA ASP H 73 5.80 39.78 17.32
C ASP H 73 6.63 40.32 16.19
N THR H 74 6.76 39.59 15.08
CA THR H 74 7.54 40.09 13.95
C THR H 74 6.85 41.33 13.38
N MET H 75 5.50 41.32 13.29
CA MET H 75 4.77 42.50 12.80
C MET H 75 5.05 43.70 13.69
N VAL H 76 5.09 43.48 14.99
CA VAL H 76 5.38 44.58 15.91
C VAL H 76 6.82 45.06 15.76
N LEU H 77 7.76 44.12 15.68
CA LEU H 77 9.18 44.41 15.56
C LEU H 77 9.52 45.25 14.35
N ALA H 78 8.95 44.90 13.21
CA ALA H 78 9.25 45.62 12.00
C ALA H 78 8.88 47.08 12.18
N PRO H 79 9.79 48.04 12.00
CA PRO H 79 9.57 49.45 12.20
C PRO H 79 8.86 50.11 11.04
N CYS H 80 7.68 49.63 10.72
CA CYS H 80 6.91 50.15 9.60
C CYS H 80 5.45 49.78 9.77
N ASP H 81 4.53 50.64 9.38
CA ASP H 81 3.14 50.24 9.54
C ASP H 81 2.73 49.03 8.73
N ILE H 82 1.93 48.18 9.34
CA ILE H 82 1.38 47.05 8.62
C ILE H 82 -0.12 47.18 8.53
N ALA H 83 -0.61 47.23 7.32
CA ALA H 83 -2.03 47.31 7.08
C ALA H 83 -2.51 45.90 6.98
N THR H 84 -3.70 45.62 7.44
CA THR H 84 -4.19 44.26 7.31
C THR H 84 -5.51 44.24 6.63
N TYR H 85 -5.73 43.22 5.81
CA TYR H 85 -6.99 43.09 5.10
C TYR H 85 -7.64 41.74 5.25
N ALA H 86 -8.92 41.72 5.58
CA ALA H 86 -9.63 40.47 5.60
C ALA H 86 -10.25 40.29 4.25
N MET H 87 -9.66 39.45 3.41
CA MET H 87 -10.16 39.32 2.05
C MET H 87 -11.04 38.11 1.89
N GLY H 88 -11.26 37.43 2.98
CA GLY H 88 -12.04 36.21 2.99
C GLY H 88 -12.27 35.82 4.42
N MET H 89 -11.63 34.75 4.83
CA MET H 89 -11.75 34.31 6.21
C MET H 89 -10.62 34.80 7.07
N ALA H 90 -10.94 35.20 8.27
CA ALA H 90 -9.93 35.57 9.25
C ALA H 90 -10.34 34.90 10.53
N ALA H 91 -9.94 33.65 10.70
CA ALA H 91 -10.39 32.92 11.86
C ALA H 91 -9.26 32.57 12.81
N SER H 92 -9.56 32.66 14.09
CA SER H 92 -8.59 32.30 15.12
C SER H 92 -7.35 33.14 14.97
N MET H 93 -6.18 32.55 14.71
CA MET H 93 -5.02 33.43 14.60
C MET H 93 -5.15 34.36 13.39
N GLY H 94 -5.93 34.00 12.37
CA GLY H 94 -6.12 34.87 11.25
C GLY H 94 -6.79 36.16 11.73
N GLU H 95 -7.70 36.04 12.70
CA GLU H 95 -8.41 37.18 13.26
C GLU H 95 -7.50 37.99 14.11
N PHE H 96 -6.65 37.30 14.83
CA PHE H 96 -5.74 37.97 15.72
C PHE H 96 -4.85 38.88 14.92
N LEU H 97 -4.27 38.34 13.85
CA LEU H 97 -3.35 39.08 13.00
C LEU H 97 -4.08 40.18 12.25
N LEU H 98 -5.34 40.00 11.93
CA LEU H 98 -6.10 41.07 11.30
C LEU H 98 -6.25 42.25 12.25
N ALA H 99 -6.68 41.93 13.46
CA ALA H 99 -6.93 42.88 14.53
C ALA H 99 -5.65 43.56 14.98
N ALA H 100 -4.54 42.84 14.83
CA ALA H 100 -3.22 43.29 15.22
C ALA H 100 -2.55 44.27 14.28
N GLY H 101 -3.19 44.61 13.17
CA GLY H 101 -2.56 45.55 12.25
C GLY H 101 -2.60 46.94 12.85
N THR H 102 -1.97 47.90 12.19
CA THR H 102 -1.93 49.25 12.72
C THR H 102 -3.31 49.86 12.76
N LYS H 103 -3.66 50.48 13.88
CA LYS H 103 -4.97 51.05 14.00
C LYS H 103 -5.19 52.13 12.96
N GLY H 104 -6.32 52.05 12.28
CA GLY H 104 -6.70 52.98 11.24
C GLY H 104 -6.43 52.36 9.89
N LYS H 105 -5.69 51.25 9.89
CA LYS H 105 -5.35 50.53 8.69
C LYS H 105 -5.83 49.08 8.69
N ARG H 106 -6.76 48.73 9.58
CA ARG H 106 -7.30 47.38 9.58
C ARG H 106 -8.56 47.39 8.72
N TYR H 107 -8.57 46.60 7.66
CA TYR H 107 -9.65 46.61 6.70
C TYR H 107 -10.30 45.27 6.47
N ALA H 108 -11.55 45.30 6.05
CA ALA H 108 -12.20 44.08 5.62
C ALA H 108 -12.95 44.32 4.36
N LEU H 109 -13.03 43.32 3.53
CA LEU H 109 -13.82 43.47 2.34
C LEU H 109 -15.23 43.08 2.78
N PRO H 110 -16.30 43.54 2.12
CA PRO H 110 -17.67 43.30 2.51
C PRO H 110 -18.10 41.88 2.80
N HIS H 111 -17.54 40.87 2.14
CA HIS H 111 -18.01 39.52 2.42
C HIS H 111 -17.05 38.74 3.27
N ALA H 112 -16.12 39.46 3.89
CA ALA H 112 -15.17 38.85 4.78
C ALA H 112 -15.88 38.32 6.00
N ARG H 113 -15.37 37.25 6.56
CA ARG H 113 -15.94 36.68 7.77
C ARG H 113 -14.86 36.51 8.80
N ILE H 114 -15.14 37.05 9.97
CA ILE H 114 -14.18 37.06 11.03
C ILE H 114 -14.62 36.22 12.21
N LEU H 115 -13.77 35.29 12.62
CA LEU H 115 -14.10 34.45 13.76
C LEU H 115 -13.17 34.64 14.89
N MET H 116 -13.63 35.30 15.92
CA MET H 116 -12.75 35.45 17.04
C MET H 116 -12.98 34.20 17.80
N HIS H 117 -11.94 33.44 17.96
CA HIS H 117 -12.01 32.18 18.64
C HIS H 117 -10.63 31.85 19.04
N GLN H 118 -10.46 30.74 19.69
CA GLN H 118 -9.17 30.34 20.11
C GLN H 118 -8.73 29.16 19.26
N PRO H 119 -7.44 28.96 19.08
CA PRO H 119 -6.88 27.77 18.54
C PRO H 119 -7.20 26.70 19.54
N LEU H 120 -7.33 25.47 19.14
CA LEU H 120 -7.56 24.44 20.13
C LEU H 120 -6.25 23.79 20.56
N GLY H 121 -5.17 24.26 19.95
CA GLY H 121 -3.81 23.82 20.27
C GLY H 121 -3.40 22.50 19.63
N GLY H 122 -4.01 21.44 20.09
CA GLY H 122 -3.73 20.09 19.66
C GLY H 122 -2.93 19.32 20.72
N VAL H 123 -3.27 18.05 20.92
CA VAL H 123 -2.62 17.19 21.92
C VAL H 123 -1.62 16.16 21.40
N THR H 124 -0.35 16.26 21.83
CA THR H 124 0.64 15.26 21.43
C THR H 124 1.53 14.83 22.59
N GLY H 125 2.20 13.68 22.45
CA GLY H 125 3.17 13.23 23.46
C GLY H 125 2.59 12.40 24.61
N SER H 126 3.42 12.22 25.64
CA SER H 126 3.09 11.39 26.80
C SER H 126 2.24 12.17 27.75
N ALA H 127 1.65 11.53 28.76
CA ALA H 127 0.82 12.29 29.69
C ALA H 127 1.61 13.44 30.32
N ALA H 128 2.90 13.20 30.58
CA ALA H 128 3.79 14.21 31.12
C ALA H 128 3.91 15.42 30.21
N ASP H 129 3.85 15.21 28.89
CA ASP H 129 4.04 16.30 27.95
C ASP H 129 2.74 17.01 27.74
N ILE H 130 1.65 16.27 27.73
CA ILE H 130 0.34 16.83 27.45
C ILE H 130 -0.03 17.79 28.54
N ALA H 131 0.28 17.41 29.76
CA ALA H 131 0.03 18.20 30.94
C ALA H 131 0.73 19.54 30.89
N ILE H 132 1.81 19.65 30.12
CA ILE H 132 2.55 20.88 30.00
C ILE H 132 2.01 21.63 28.82
N GLN H 133 1.76 20.93 27.71
CA GLN H 133 1.28 21.63 26.54
C GLN H 133 0.00 22.35 26.88
N ALA H 134 -0.85 21.72 27.69
CA ALA H 134 -2.09 22.33 28.10
C ALA H 134 -1.86 23.58 28.94
N GLU H 135 -0.82 23.59 29.76
CA GLU H 135 -0.52 24.74 30.59
C GLU H 135 0.05 25.87 29.77
N GLN H 136 0.92 25.54 28.83
CA GLN H 136 1.53 26.55 28.00
C GLN H 136 0.46 27.17 27.13
N PHE H 137 -0.46 26.34 26.67
CA PHE H 137 -1.57 26.80 25.90
C PHE H 137 -2.41 27.72 26.72
N ALA H 138 -2.77 27.34 27.94
CA ALA H 138 -3.59 28.23 28.72
C ALA H 138 -2.95 29.59 28.91
N VAL H 139 -1.64 29.64 29.07
CA VAL H 139 -0.96 30.92 29.22
C VAL H 139 -0.96 31.73 27.93
N ILE H 140 -0.66 31.10 26.80
CA ILE H 140 -0.62 31.83 25.56
C ILE H 140 -2.02 32.32 25.24
N LYS H 141 -3.02 31.46 25.42
CA LYS H 141 -4.40 31.82 25.16
C LYS H 141 -4.79 33.02 26.00
N LYS H 142 -4.41 33.05 27.27
CA LYS H 142 -4.74 34.22 28.07
C LYS H 142 -4.15 35.47 27.43
N GLU H 143 -2.91 35.41 26.93
CA GLU H 143 -2.33 36.58 26.26
C GLU H 143 -3.07 36.90 24.97
N MET H 144 -3.51 35.89 24.23
CA MET H 144 -4.25 36.16 23.01
C MET H 144 -5.49 36.96 23.35
N PHE H 145 -6.17 36.60 24.44
CA PHE H 145 -7.36 37.32 24.82
C PHE H 145 -7.02 38.71 25.30
N ARG H 146 -5.93 38.87 26.05
CA ARG H 146 -5.56 40.20 26.52
C ARG H 146 -5.31 41.12 25.35
N LEU H 147 -4.58 40.63 24.36
CA LEU H 147 -4.29 41.42 23.19
C LEU H 147 -5.54 41.68 22.37
N ASN H 148 -6.45 40.71 22.25
CA ASN H 148 -7.64 41.01 21.49
C ASN H 148 -8.42 42.10 22.17
N ALA H 149 -8.41 42.13 23.50
CA ALA H 149 -9.13 43.19 24.18
C ALA H 149 -8.53 44.55 23.83
N GLU H 150 -7.18 44.63 23.77
CA GLU H 150 -6.51 45.88 23.40
C GLU H 150 -6.75 46.28 21.95
N PHE H 151 -6.80 45.28 21.07
CA PHE H 151 -7.00 45.54 19.66
C PHE H 151 -8.41 46.01 19.37
N THR H 152 -9.42 45.40 20.01
CA THR H 152 -10.79 45.76 19.72
C THR H 152 -11.37 46.82 20.65
N GLY H 153 -10.77 47.06 21.81
CA GLY H 153 -11.32 48.06 22.72
C GLY H 153 -12.50 47.51 23.51
N GLN H 154 -12.45 46.21 23.77
CA GLN H 154 -13.51 45.54 24.50
C GLN H 154 -13.05 45.10 25.87
N PRO H 155 -13.95 44.94 26.85
CA PRO H 155 -13.66 44.35 28.13
C PRO H 155 -13.14 42.95 27.90
N ILE H 156 -12.20 42.52 28.73
CA ILE H 156 -11.66 41.18 28.58
C ILE H 156 -12.72 40.12 28.75
N GLU H 157 -13.72 40.38 29.60
CA GLU H 157 -14.80 39.45 29.82
C GLU H 157 -15.62 39.22 28.56
N ARG H 158 -15.74 40.26 27.72
CA ARG H 158 -16.52 40.15 26.51
C ARG H 158 -15.72 39.34 25.52
N ILE H 159 -14.41 39.57 25.51
CA ILE H 159 -13.58 38.83 24.59
C ILE H 159 -13.68 37.37 24.89
N GLU H 160 -13.61 37.00 26.17
CA GLU H 160 -13.71 35.60 26.51
C GLU H 160 -15.08 35.02 26.17
N ALA H 161 -16.15 35.79 26.39
CA ALA H 161 -17.50 35.31 26.09
C ALA H 161 -17.68 35.01 24.62
N ASP H 162 -17.06 35.81 23.76
CA ASP H 162 -17.15 35.55 22.36
C ASP H 162 -16.08 34.56 21.89
N SER H 163 -14.90 34.59 22.49
CA SER H 163 -13.78 33.78 22.03
C SER H 163 -13.91 32.31 22.32
N ASP H 164 -14.62 31.92 23.38
CA ASP H 164 -14.71 30.49 23.65
C ASP H 164 -15.92 29.87 22.93
N ARG H 165 -16.56 30.63 22.04
CA ARG H 165 -17.70 30.13 21.32
C ARG H 165 -17.45 30.29 19.84
N ASP H 166 -18.09 29.49 19.04
CA ASP H 166 -17.91 29.64 17.62
C ASP H 166 -18.82 30.74 17.07
N ARG H 167 -18.43 31.97 17.38
CA ARG H 167 -19.18 33.16 17.00
C ARG H 167 -18.58 33.89 15.83
N TRP H 168 -19.24 33.82 14.71
CA TRP H 168 -18.80 34.47 13.51
C TRP H 168 -19.34 35.88 13.42
N PHE H 169 -18.50 36.80 12.97
CA PHE H 169 -18.90 38.17 12.73
C PHE H 169 -18.93 38.41 11.24
N THR H 170 -19.93 39.15 10.78
CA THR H 170 -19.93 39.50 9.37
C THR H 170 -18.98 40.65 9.26
N ALA H 171 -18.59 41.04 8.06
CA ALA H 171 -17.63 42.13 7.99
C ALA H 171 -18.18 43.39 8.64
N ALA H 172 -19.47 43.64 8.47
CA ALA H 172 -20.05 44.85 9.07
C ALA H 172 -20.04 44.77 10.59
N GLU H 173 -20.33 43.58 11.13
CA GLU H 173 -20.33 43.40 12.57
C GLU H 173 -18.94 43.51 13.13
N ALA H 174 -17.97 43.01 12.39
CA ALA H 174 -16.58 43.05 12.82
C ALA H 174 -16.12 44.48 12.96
N LEU H 175 -16.61 45.36 12.09
CA LEU H 175 -16.23 46.74 12.22
C LEU H 175 -16.83 47.31 13.51
N GLU H 176 -18.10 47.03 13.75
CA GLU H 176 -18.76 47.59 14.93
C GLU H 176 -18.09 47.13 16.21
N TYR H 177 -17.65 45.88 16.22
CA TYR H 177 -16.99 45.25 17.35
C TYR H 177 -15.60 45.83 17.62
N GLY H 178 -14.96 46.44 16.61
CA GLY H 178 -13.61 46.94 16.73
C GLY H 178 -12.48 46.09 16.13
N PHE H 179 -12.76 45.05 15.34
CA PHE H 179 -11.67 44.28 14.76
C PHE H 179 -11.09 45.00 13.57
N VAL H 180 -11.99 45.64 12.86
CA VAL H 180 -11.79 46.33 11.60
C VAL H 180 -12.11 47.82 11.69
N ASP H 181 -11.27 48.67 11.09
CA ASP H 181 -11.53 50.09 11.13
C ASP H 181 -12.40 50.50 9.95
N HIS H 182 -12.18 49.85 8.80
CA HIS H 182 -12.94 50.21 7.61
C HIS H 182 -13.37 49.02 6.76
N ILE H 183 -14.52 49.15 6.11
CA ILE H 183 -14.96 48.17 5.12
C ILE H 183 -14.66 48.79 3.78
N ILE H 184 -14.01 48.06 2.90
CA ILE H 184 -13.65 48.67 1.64
C ILE H 184 -14.63 48.39 0.52
N THR H 185 -15.23 49.44 0.02
CA THR H 185 -16.20 49.33 -1.04
C THR H 185 -15.76 50.15 -2.24
N ARG H 186 -16.40 49.89 -3.38
CA ARG H 186 -16.12 50.58 -4.63
C ARG H 186 -17.41 50.78 -5.40
N SER I 9 8.22 24.76 -17.34
CA SER I 9 6.79 24.54 -17.50
C SER I 9 6.17 25.42 -18.54
N LEU I 10 5.76 24.83 -19.66
CA LEU I 10 5.15 25.59 -20.71
C LEU I 10 3.87 26.21 -20.19
N THR I 11 3.14 25.47 -19.37
CA THR I 11 1.86 25.92 -18.85
C THR I 11 2.00 27.20 -18.04
N ASP I 12 3.02 27.27 -17.19
CA ASP I 12 3.18 28.45 -16.37
C ASP I 12 3.77 29.56 -17.19
N SER I 13 4.61 29.24 -18.16
CA SER I 13 5.21 30.25 -19.01
C SER I 13 4.15 30.97 -19.82
N VAL I 14 3.20 30.21 -20.36
CA VAL I 14 2.12 30.79 -21.13
C VAL I 14 1.28 31.66 -20.24
N TYR I 15 0.95 31.21 -19.02
CA TYR I 15 0.15 32.07 -18.19
C TYR I 15 0.89 33.33 -17.80
N GLU I 16 2.20 33.29 -17.54
CA GLU I 16 2.87 34.55 -17.21
C GLU I 16 2.84 35.49 -18.40
N ARG I 17 3.00 34.98 -19.62
CA ARG I 17 2.98 35.87 -20.76
C ARG I 17 1.61 36.48 -20.92
N LEU I 18 0.56 35.72 -20.64
CA LEU I 18 -0.78 36.26 -20.69
C LEU I 18 -1.06 37.20 -19.53
N LEU I 19 -0.49 36.96 -18.37
CA LEU I 19 -0.73 37.86 -17.24
C LEU I 19 -0.22 39.25 -17.63
N SER I 20 0.87 39.32 -18.37
CA SER I 20 1.43 40.60 -18.83
C SER I 20 0.54 41.31 -19.87
N GLU I 21 -0.44 40.60 -20.43
CA GLU I 21 -1.41 41.08 -21.41
C GLU I 21 -2.70 41.40 -20.66
N ARG I 22 -2.63 41.29 -19.33
CA ARG I 22 -3.68 41.46 -18.37
C ARG I 22 -4.80 40.46 -18.53
N ILE I 23 -4.44 39.21 -18.80
CA ILE I 23 -5.38 38.11 -18.91
C ILE I 23 -5.19 37.09 -17.79
N ILE I 24 -6.27 36.82 -17.07
CA ILE I 24 -6.33 35.89 -15.94
C ILE I 24 -7.25 34.73 -16.20
N PHE I 25 -6.85 33.51 -15.86
CA PHE I 25 -7.74 32.39 -16.07
C PHE I 25 -8.20 31.77 -14.78
N LEU I 26 -9.46 31.37 -14.79
CA LEU I 26 -10.08 30.59 -13.75
C LEU I 26 -10.48 29.31 -14.42
N GLY I 27 -9.55 28.37 -14.52
CA GLY I 27 -9.78 27.16 -15.29
C GLY I 27 -10.20 25.94 -14.50
N SER I 28 -10.30 26.06 -13.18
CA SER I 28 -10.66 24.92 -12.35
C SER I 28 -11.03 25.28 -10.92
N GLU I 29 -11.67 24.34 -10.23
CA GLU I 29 -11.85 24.28 -8.77
C GLU I 29 -12.49 25.40 -7.93
N VAL I 30 -12.13 26.64 -8.16
CA VAL I 30 -12.53 27.79 -7.36
C VAL I 30 -12.57 27.47 -5.87
N ASN I 31 -11.49 26.89 -5.37
CA ASN I 31 -11.30 26.55 -3.96
C ASN I 31 -10.43 27.61 -3.32
N ASP I 32 -10.05 27.43 -2.05
CA ASP I 32 -9.26 28.48 -1.41
C ASP I 32 -7.91 28.69 -2.07
N GLU I 33 -7.30 27.64 -2.59
CA GLU I 33 -6.00 27.80 -3.23
C GLU I 33 -6.16 28.62 -4.50
N ILE I 34 -7.19 28.34 -5.27
CA ILE I 34 -7.42 29.09 -6.48
C ILE I 34 -7.81 30.50 -6.17
N ALA I 35 -8.67 30.71 -5.17
CA ALA I 35 -9.03 32.06 -4.83
C ALA I 35 -7.84 32.86 -4.40
N ASN I 36 -6.90 32.26 -3.67
CA ASN I 36 -5.75 33.03 -3.27
C ASN I 36 -4.89 33.36 -4.48
N ARG I 37 -4.81 32.43 -5.45
CA ARG I 37 -4.02 32.70 -6.64
C ARG I 37 -4.65 33.79 -7.48
N LEU I 38 -5.98 33.82 -7.61
CA LEU I 38 -6.56 34.86 -8.42
C LEU I 38 -6.58 36.15 -7.68
N CYS I 39 -6.80 36.13 -6.37
CA CYS I 39 -6.82 37.40 -5.70
C CYS I 39 -5.46 38.03 -5.85
N ALA I 40 -4.40 37.23 -5.75
CA ALA I 40 -3.08 37.78 -5.93
C ALA I 40 -2.89 38.32 -7.35
N GLN I 41 -3.37 37.63 -8.39
CA GLN I 41 -3.21 38.13 -9.74
C GLN I 41 -4.01 39.39 -10.01
N ILE I 42 -5.20 39.50 -9.43
CA ILE I 42 -6.02 40.68 -9.65
C ILE I 42 -5.37 41.87 -8.96
N LEU I 43 -4.90 41.66 -7.72
CA LEU I 43 -4.23 42.73 -6.99
C LEU I 43 -2.97 43.16 -7.69
N LEU I 44 -2.24 42.20 -8.26
CA LEU I 44 -1.03 42.53 -8.96
C LEU I 44 -1.29 43.32 -10.19
N LEU I 45 -2.27 42.92 -11.00
CA LEU I 45 -2.47 43.67 -12.21
C LEU I 45 -2.99 45.05 -11.89
N ALA I 46 -3.84 45.16 -10.88
CA ALA I 46 -4.33 46.46 -10.54
C ALA I 46 -3.20 47.35 -10.04
N ALA I 47 -2.27 46.78 -9.27
CA ALA I 47 -1.14 47.53 -8.76
C ALA I 47 -0.21 47.99 -9.89
N GLU I 48 -0.01 47.14 -10.89
CA GLU I 48 0.87 47.53 -11.98
C GLU I 48 0.33 48.67 -12.82
N ASP I 49 -0.97 48.63 -13.15
CA ASP I 49 -1.57 49.70 -13.94
C ASP I 49 -3.09 49.67 -13.83
N ALA I 50 -3.66 50.53 -13.01
CA ALA I 50 -5.10 50.47 -12.78
C ALA I 50 -5.90 51.16 -13.88
N SER I 51 -5.23 51.77 -14.85
CA SER I 51 -5.97 52.45 -15.89
C SER I 51 -6.42 51.47 -16.97
N LYS I 52 -5.92 50.23 -16.91
CA LYS I 52 -6.25 49.25 -17.93
C LYS I 52 -7.14 48.13 -17.45
N ASP I 53 -7.94 47.62 -18.36
CA ASP I 53 -8.83 46.51 -18.08
C ASP I 53 -8.11 45.21 -17.85
N ILE I 54 -8.75 44.35 -17.08
CA ILE I 54 -8.29 42.99 -16.84
C ILE I 54 -9.29 42.04 -17.48
N SER I 55 -8.83 41.07 -18.24
CA SER I 55 -9.75 40.11 -18.84
C SER I 55 -9.69 38.77 -18.14
N LEU I 56 -10.81 38.36 -17.54
CA LEU I 56 -10.89 37.10 -16.82
C LEU I 56 -11.60 36.04 -17.64
N TYR I 57 -10.90 34.97 -17.95
CA TYR I 57 -11.47 33.88 -18.73
C TYR I 57 -11.86 32.76 -17.80
N ILE I 58 -13.10 32.34 -17.92
CA ILE I 58 -13.66 31.34 -17.04
C ILE I 58 -14.03 30.05 -17.74
N ASN I 59 -13.53 28.97 -17.19
CA ASN I 59 -13.83 27.62 -17.64
C ASN I 59 -13.76 26.79 -16.40
N SER I 60 -14.80 26.82 -15.60
CA SER I 60 -14.75 26.22 -14.29
C SER I 60 -16.09 25.72 -13.78
N PRO I 61 -16.14 24.50 -13.19
CA PRO I 61 -17.28 23.86 -12.58
C PRO I 61 -17.71 24.51 -11.28
N GLY I 62 -16.88 25.38 -10.73
CA GLY I 62 -17.23 26.02 -9.48
C GLY I 62 -16.56 25.38 -8.29
N GLY I 63 -16.87 25.88 -7.10
CA GLY I 63 -16.20 25.48 -5.87
C GLY I 63 -16.82 26.13 -4.65
N SER I 64 -16.06 26.18 -3.58
CA SER I 64 -16.52 26.69 -2.31
C SER I 64 -17.09 28.08 -2.45
N ILE I 65 -18.24 28.30 -1.83
CA ILE I 65 -18.90 29.58 -1.95
C ILE I 65 -18.09 30.72 -1.37
N SER I 66 -17.33 30.44 -0.31
CA SER I 66 -16.52 31.48 0.28
C SER I 66 -15.29 31.82 -0.55
N ALA I 67 -14.83 30.90 -1.41
CA ALA I 67 -13.67 31.15 -2.23
C ALA I 67 -14.11 32.06 -3.34
N GLY I 68 -15.30 31.81 -3.85
CA GLY I 68 -15.83 32.62 -4.91
C GLY I 68 -16.06 34.03 -4.41
N MET I 69 -16.52 34.18 -3.16
CA MET I 69 -16.71 35.52 -2.64
C MET I 69 -15.38 36.23 -2.44
N ALA I 70 -14.32 35.54 -2.03
CA ALA I 70 -13.04 36.22 -1.90
C ALA I 70 -12.60 36.78 -3.26
N ILE I 71 -12.84 36.01 -4.33
CA ILE I 71 -12.44 36.46 -5.66
C ILE I 71 -13.28 37.64 -6.03
N TYR I 72 -14.59 37.55 -5.81
CA TYR I 72 -15.51 38.62 -6.10
C TYR I 72 -15.16 39.92 -5.41
N ASP I 73 -14.89 39.88 -4.11
CA ASP I 73 -14.57 41.13 -3.47
C ASP I 73 -13.28 41.71 -4.02
N THR I 74 -12.30 40.87 -4.35
CA THR I 74 -11.06 41.37 -4.92
C THR I 74 -11.35 42.03 -6.27
N MET I 75 -12.22 41.41 -7.10
CA MET I 75 -12.58 42.00 -8.38
C MET I 75 -13.20 43.37 -8.18
N VAL I 76 -14.05 43.51 -7.18
CA VAL I 76 -14.67 44.79 -6.90
C VAL I 76 -13.64 45.80 -6.41
N LEU I 77 -12.77 45.38 -5.50
CA LEU I 77 -11.75 46.22 -4.89
C LEU I 77 -10.80 46.82 -5.92
N ALA I 78 -10.34 46.00 -6.86
CA ALA I 78 -9.42 46.48 -7.85
C ALA I 78 -10.05 47.64 -8.62
N PRO I 79 -9.44 48.82 -8.66
CA PRO I 79 -9.96 50.00 -9.31
C PRO I 79 -9.75 49.99 -10.80
N CYS I 80 -10.29 48.99 -11.46
CA CYS I 80 -10.13 48.84 -12.91
C CYS I 80 -11.20 47.92 -13.45
N ASP I 81 -11.71 48.18 -14.64
CA ASP I 81 -12.73 47.27 -15.13
C ASP I 81 -12.25 45.85 -15.34
N ILE I 82 -13.10 44.90 -15.00
CA ILE I 82 -12.78 43.51 -15.27
C ILE I 82 -13.80 42.94 -16.24
N ALA I 83 -13.31 42.50 -17.37
CA ALA I 83 -14.14 41.89 -18.38
C ALA I 83 -14.18 40.44 -18.05
N THR I 84 -15.28 39.78 -18.29
CA THR I 84 -15.31 38.36 -18.01
C THR I 84 -15.75 37.60 -19.23
N TYR I 85 -15.16 36.42 -19.43
CA TYR I 85 -15.53 35.60 -20.56
C TYR I 85 -15.87 34.18 -20.20
N ALA I 86 -16.98 33.69 -20.69
CA ALA I 86 -17.30 32.29 -20.50
C ALA I 86 -16.75 31.54 -21.70
N MET I 87 -15.62 30.87 -21.52
CA MET I 87 -15.01 30.23 -22.68
C MET I 87 -15.31 28.76 -22.72
N GLY I 88 -16.10 28.32 -21.79
CA GLY I 88 -16.46 26.93 -21.66
C GLY I 88 -17.54 26.81 -20.63
N MET I 89 -17.21 26.27 -19.50
CA MET I 89 -18.17 26.14 -18.43
C MET I 89 -18.07 27.27 -17.42
N ALA I 90 -19.20 27.76 -16.98
CA ALA I 90 -19.23 28.73 -15.91
C ALA I 90 -20.30 28.28 -14.97
N ALA I 91 -19.93 27.40 -14.04
CA ALA I 91 -20.95 26.84 -13.16
C ALA I 91 -20.75 27.25 -11.72
N SER I 92 -21.86 27.49 -11.06
CA SER I 92 -21.85 27.83 -9.65
C SER I 92 -21.01 29.07 -9.43
N MET I 93 -19.93 29.01 -8.67
CA MET I 93 -19.18 30.26 -8.50
C MET I 93 -18.58 30.73 -9.82
N GLY I 94 -18.36 29.84 -10.79
CA GLY I 94 -17.84 30.27 -12.07
C GLY I 94 -18.87 31.20 -12.73
N GLU I 95 -20.16 30.93 -12.53
CA GLU I 95 -21.24 31.72 -13.08
C GLU I 95 -21.32 33.03 -12.36
N PHE I 96 -21.12 32.97 -11.08
CA PHE I 96 -21.22 34.15 -10.27
C PHE I 96 -20.19 35.15 -10.72
N LEU I 97 -18.94 34.68 -10.87
CA LEU I 97 -17.83 35.53 -11.27
C LEU I 97 -18.00 36.01 -12.70
N LEU I 98 -18.63 35.22 -13.56
CA LEU I 98 -18.89 35.67 -14.91
C LEU I 98 -19.85 36.85 -14.89
N ALA I 99 -20.96 36.67 -14.16
CA ALA I 99 -22.03 37.63 -14.03
C ALA I 99 -21.56 38.88 -13.31
N ALA I 100 -20.57 38.71 -12.46
CA ALA I 100 -19.98 39.76 -11.64
C ALA I 100 -19.02 40.69 -12.36
N GLY I 101 -18.75 40.45 -13.64
CA GLY I 101 -17.82 41.33 -14.34
C GLY I 101 -18.50 42.66 -14.60
N THR I 102 -17.75 43.61 -15.14
CA THR I 102 -18.33 44.93 -15.39
C THR I 102 -19.42 44.87 -16.43
N LYS I 103 -20.54 45.51 -16.15
CA LYS I 103 -21.64 45.47 -17.09
C LYS I 103 -21.24 46.07 -18.41
N GLY I 104 -21.55 45.35 -19.48
CA GLY I 104 -21.24 45.75 -20.84
C GLY I 104 -20.00 45.01 -21.30
N LYS I 105 -19.30 44.37 -20.37
CA LYS I 105 -18.11 43.63 -20.66
C LYS I 105 -18.21 42.16 -20.25
N ARG I 106 -19.43 41.64 -20.02
CA ARG I 106 -19.57 40.23 -19.70
C ARG I 106 -19.85 39.49 -21.00
N TYR I 107 -19.00 38.56 -21.36
CA TYR I 107 -19.09 37.87 -22.63
C TYR I 107 -19.16 36.37 -22.52
N ALA I 108 -19.74 35.76 -23.54
CA ALA I 108 -19.70 34.31 -23.63
C ALA I 108 -19.38 33.91 -25.03
N LEU I 109 -18.70 32.80 -25.17
CA LEU I 109 -18.44 32.31 -26.48
C LEU I 109 -19.67 31.47 -26.82
N PRO I 110 -20.03 31.24 -28.08
CA PRO I 110 -21.22 30.52 -28.49
C PRO I 110 -21.49 29.16 -27.87
N HIS I 111 -20.47 28.38 -27.53
CA HIS I 111 -20.77 27.07 -26.98
C HIS I 111 -20.57 27.01 -25.48
N ALA I 112 -20.48 28.17 -24.88
CA ALA I 112 -20.33 28.27 -23.45
C ALA I 112 -21.59 27.79 -22.78
N ARG I 113 -21.43 27.20 -21.62
CA ARG I 113 -22.57 26.75 -20.85
C ARG I 113 -22.52 27.30 -19.46
N ILE I 114 -23.62 27.92 -19.07
CA ILE I 114 -23.70 28.60 -17.80
C ILE I 114 -24.69 27.94 -16.86
N LEU I 115 -24.22 27.60 -15.68
CA LEU I 115 -25.10 27.00 -14.70
C LEU I 115 -25.27 27.83 -13.48
N MET I 116 -26.43 28.43 -13.36
CA MET I 116 -26.60 29.21 -12.17
C MET I 116 -27.10 28.20 -11.20
N HIS I 117 -26.36 28.02 -10.15
CA HIS I 117 -26.67 27.05 -9.15
C HIS I 117 -25.93 27.47 -7.92
N GLN I 118 -26.09 26.72 -6.88
CA GLN I 118 -25.41 27.04 -5.67
C GLN I 118 -24.32 26.01 -5.45
N PRO I 119 -23.26 26.36 -4.76
CA PRO I 119 -22.29 25.45 -4.24
C PRO I 119 -23.04 24.61 -3.25
N LEU I 120 -22.64 23.39 -3.03
CA LEU I 120 -23.33 22.61 -2.00
C LEU I 120 -22.60 22.72 -0.66
N GLY I 121 -21.50 23.46 -0.67
CA GLY I 121 -20.70 23.74 0.51
C GLY I 121 -19.75 22.63 0.93
N GLY I 122 -20.33 21.55 1.38
CA GLY I 122 -19.60 20.39 1.88
C GLY I 122 -19.65 20.32 3.41
N VAL I 123 -19.82 19.11 3.94
CA VAL I 123 -19.92 18.88 5.40
C VAL I 123 -18.70 18.31 6.09
N THR I 124 -18.13 19.05 7.06
CA THR I 124 -16.99 18.52 7.81
C THR I 124 -17.10 18.79 9.31
N GLY I 125 -16.35 18.05 10.12
CA GLY I 125 -16.30 18.33 11.57
C GLY I 125 -17.37 17.62 12.41
N SER I 126 -17.49 18.05 13.67
CA SER I 126 -18.39 17.46 14.66
C SER I 126 -19.78 17.99 14.45
N ALA I 127 -20.78 17.42 15.11
CA ALA I 127 -22.14 17.92 14.91
C ALA I 127 -22.21 19.41 15.26
N ALA I 128 -21.44 19.83 16.27
CA ALA I 128 -21.37 21.22 16.66
C ALA I 128 -20.84 22.11 15.55
N ASP I 129 -19.94 21.60 14.72
CA ASP I 129 -19.34 22.41 13.68
C ASP I 129 -20.22 22.42 12.47
N ILE I 130 -20.84 21.30 12.19
CA ILE I 130 -21.65 21.15 11.00
C ILE I 130 -22.83 22.06 11.08
N ALA I 131 -23.41 22.15 12.27
CA ALA I 131 -24.53 23.01 12.56
C ALA I 131 -24.22 24.48 12.30
N ILE I 132 -22.95 24.85 12.34
CA ILE I 132 -22.56 26.21 12.09
C ILE I 132 -22.24 26.36 10.65
N GLN I 133 -21.53 25.39 10.07
CA GLN I 133 -21.16 25.52 8.68
C GLN I 133 -22.41 25.66 7.85
N ALA I 134 -23.45 24.93 8.21
CA ALA I 134 -24.71 25.02 7.51
C ALA I 134 -25.34 26.39 7.62
N GLU I 135 -25.18 27.05 8.76
CA GLU I 135 -25.75 28.37 8.96
C GLU I 135 -24.97 29.41 8.19
N GLN I 136 -23.64 29.28 8.21
CA GLN I 136 -22.82 30.24 7.51
C GLN I 136 -23.06 30.11 6.05
N PHE I 137 -23.24 28.88 5.59
CA PHE I 137 -23.55 28.62 4.22
C PHE I 137 -24.87 29.24 3.87
N ALA I 138 -25.89 29.04 4.67
CA ALA I 138 -27.17 29.63 4.32
C ALA I 138 -27.07 31.14 4.18
N VAL I 139 -26.27 31.79 5.02
CA VAL I 139 -26.12 33.23 4.91
C VAL I 139 -25.35 33.64 3.66
N ILE I 140 -24.26 32.96 3.35
CA ILE I 140 -23.49 33.33 2.18
C ILE I 140 -24.31 33.07 0.94
N LYS I 141 -24.99 31.93 0.90
CA LYS I 141 -25.84 31.58 -0.22
C LYS I 141 -26.89 32.64 -0.43
N LYS I 142 -27.52 33.14 0.63
CA LYS I 142 -28.50 34.19 0.44
C LYS I 142 -27.85 35.39 -0.25
N GLU I 143 -26.61 35.76 0.15
CA GLU I 143 -25.94 36.87 -0.52
C GLU I 143 -25.62 36.53 -1.96
N MET I 144 -25.24 35.29 -2.24
CA MET I 144 -24.96 34.91 -3.62
C MET I 144 -26.19 35.14 -4.46
N PHE I 145 -27.36 34.79 -3.95
CA PHE I 145 -28.57 34.99 -4.70
C PHE I 145 -28.90 36.46 -4.83
N ARG I 146 -28.70 37.25 -3.77
CA ARG I 146 -28.98 38.68 -3.86
C ARG I 146 -28.14 39.31 -4.95
N LEU I 147 -26.86 38.97 -4.97
CA LEU I 147 -25.98 39.53 -5.97
C LEU I 147 -26.31 39.00 -7.35
N ASN I 148 -26.71 37.74 -7.50
CA ASN I 148 -27.05 37.31 -8.84
C ASN I 148 -28.26 38.07 -9.33
N ALA I 149 -29.19 38.41 -8.43
CA ALA I 149 -30.33 39.17 -8.87
C ALA I 149 -29.89 40.53 -9.40
N GLU I 150 -28.92 41.18 -8.71
CA GLU I 150 -28.41 42.47 -9.17
C GLU I 150 -27.63 42.38 -10.47
N PHE I 151 -26.89 41.29 -10.64
CA PHE I 151 -26.08 41.10 -11.82
C PHE I 151 -26.95 40.83 -13.04
N THR I 152 -27.99 40.01 -12.88
CA THR I 152 -28.80 39.66 -14.04
C THR I 152 -30.04 40.52 -14.22
N GLY I 153 -30.47 41.28 -13.21
CA GLY I 153 -31.65 42.10 -13.38
C GLY I 153 -32.93 41.30 -13.24
N GLN I 154 -32.87 40.27 -12.43
CA GLN I 154 -34.01 39.38 -12.23
C GLN I 154 -34.57 39.53 -10.83
N PRO I 155 -35.85 39.21 -10.60
CA PRO I 155 -36.43 39.12 -9.30
C PRO I 155 -35.68 38.08 -8.50
N ILE I 156 -35.54 38.30 -7.21
CA ILE I 156 -34.83 37.34 -6.38
C ILE I 156 -35.52 35.99 -6.37
N GLU I 157 -36.85 35.98 -6.48
CA GLU I 157 -37.61 34.76 -6.52
C GLU I 157 -37.26 33.91 -7.74
N ARG I 158 -36.93 34.57 -8.86
CA ARG I 158 -36.62 33.84 -10.07
C ARG I 158 -35.24 33.27 -9.91
N ILE I 159 -34.35 34.04 -9.27
CA ILE I 159 -33.01 33.54 -9.09
C ILE I 159 -33.05 32.30 -8.26
N GLU I 160 -33.83 32.30 -7.18
CA GLU I 160 -33.91 31.11 -6.35
C GLU I 160 -34.52 29.93 -7.09
N ALA I 161 -35.57 30.19 -7.91
CA ALA I 161 -36.21 29.12 -8.65
C ALA I 161 -35.26 28.43 -9.61
N ASP I 162 -34.37 29.20 -10.21
CA ASP I 162 -33.40 28.60 -11.09
C ASP I 162 -32.17 28.11 -10.36
N SER I 163 -31.77 28.78 -9.29
CA SER I 163 -30.52 28.46 -8.59
C SER I 163 -30.59 27.19 -7.77
N ASP I 164 -31.75 26.79 -7.28
CA ASP I 164 -31.76 25.57 -6.49
C ASP I 164 -32.01 24.34 -7.36
N ARG I 165 -31.96 24.52 -8.69
CA ARG I 165 -32.18 23.42 -9.60
C ARG I 165 -31.00 23.32 -10.53
N ASP I 166 -30.75 22.16 -11.06
CA ASP I 166 -29.67 22.04 -12.00
C ASP I 166 -30.10 22.48 -13.40
N ARG I 167 -30.25 23.79 -13.54
CA ARG I 167 -30.70 24.41 -14.78
C ARG I 167 -29.59 25.03 -15.58
N TRP I 168 -29.25 24.41 -16.68
CA TRP I 168 -28.22 24.91 -17.55
C TRP I 168 -28.77 25.87 -18.56
N PHE I 169 -28.02 26.93 -18.82
CA PHE I 169 -28.36 27.89 -19.85
C PHE I 169 -27.38 27.75 -21.00
N THR I 170 -27.87 27.85 -22.22
CA THR I 170 -26.95 27.83 -23.34
C THR I 170 -26.39 29.22 -23.40
N ALA I 171 -25.35 29.44 -24.18
CA ALA I 171 -24.82 30.79 -24.19
C ALA I 171 -25.86 31.80 -24.65
N ALA I 172 -26.70 31.42 -25.62
CA ALA I 172 -27.70 32.35 -26.09
C ALA I 172 -28.74 32.64 -25.02
N GLU I 173 -29.13 31.61 -24.27
CA GLU I 173 -30.11 31.78 -23.21
C GLU I 173 -29.54 32.62 -22.09
N ALA I 174 -28.26 32.43 -21.80
CA ALA I 174 -27.61 33.16 -20.76
C ALA I 174 -27.60 34.65 -21.05
N LEU I 175 -27.50 35.00 -22.33
CA LEU I 175 -27.55 36.41 -22.67
C LEU I 175 -28.94 36.93 -22.41
N GLU I 176 -29.96 36.18 -22.83
CA GLU I 176 -31.33 36.65 -22.67
C GLU I 176 -31.69 36.85 -21.20
N TYR I 177 -31.18 35.96 -20.36
CA TYR I 177 -31.40 35.96 -18.93
C TYR I 177 -30.71 37.13 -18.23
N GLY I 178 -29.66 37.70 -18.84
CA GLY I 178 -28.89 38.76 -18.22
C GLY I 178 -27.54 38.37 -17.59
N PHE I 179 -27.02 37.16 -17.81
CA PHE I 179 -25.72 36.83 -17.22
C PHE I 179 -24.61 37.43 -18.03
N VAL I 180 -24.85 37.43 -19.32
CA VAL I 180 -23.94 37.83 -20.38
C VAL I 180 -24.47 39.01 -21.19
N ASP I 181 -23.61 39.97 -21.53
CA ASP I 181 -24.05 41.10 -22.30
C ASP I 181 -23.91 40.80 -23.79
N HIS I 182 -22.84 40.07 -24.14
CA HIS I 182 -22.61 39.77 -25.55
C HIS I 182 -22.12 38.36 -25.82
N ILE I 183 -22.49 37.82 -26.98
CA ILE I 183 -21.95 36.55 -27.43
C ILE I 183 -20.92 36.91 -28.47
N ILE I 184 -19.73 36.35 -28.36
CA ILE I 184 -18.69 36.74 -29.30
C ILE I 184 -18.56 35.81 -30.48
N THR I 185 -18.80 36.35 -31.66
CA THR I 185 -18.72 35.58 -32.87
C THR I 185 -17.71 36.21 -33.82
N ARG I 186 -17.32 35.45 -34.83
CA ARG I 186 -16.36 35.88 -35.84
C ARG I 186 -16.76 35.30 -37.19
N SER J 9 13.74 21.09 -18.64
CA SER J 9 12.89 20.25 -19.45
C SER J 9 13.04 20.50 -20.92
N LEU J 10 13.63 19.55 -21.64
CA LEU J 10 13.80 19.70 -23.06
C LEU J 10 12.46 19.80 -23.72
N THR J 11 11.49 19.03 -23.23
CA THR J 11 10.16 18.98 -23.82
C THR J 11 9.49 20.33 -23.78
N ASP J 12 9.60 21.04 -22.66
CA ASP J 12 8.93 22.33 -22.55
C ASP J 12 9.73 23.37 -23.29
N SER J 13 11.05 23.23 -23.34
CA SER J 13 11.90 24.17 -24.04
C SER J 13 11.60 24.14 -25.53
N VAL J 14 11.44 22.94 -26.07
CA VAL J 14 11.13 22.81 -27.48
C VAL J 14 9.78 23.40 -27.76
N TYR J 15 8.78 23.15 -26.91
CA TYR J 15 7.50 23.74 -27.19
C TYR J 15 7.53 25.25 -27.10
N GLU J 16 8.27 25.84 -26.16
CA GLU J 16 8.30 27.30 -26.15
C GLU J 16 8.96 27.84 -27.42
N ARG J 17 9.99 27.18 -27.90
CA ARG J 17 10.63 27.68 -29.10
C ARG J 17 9.69 27.58 -30.28
N LEU J 18 8.89 26.52 -30.33
CA LEU J 18 7.88 26.39 -31.37
C LEU J 18 6.74 27.36 -31.19
N LEU J 19 6.35 27.68 -29.96
CA LEU J 19 5.27 28.60 -29.75
C LEU J 19 5.65 29.95 -30.37
N SER J 20 6.94 30.32 -30.29
CA SER J 20 7.43 31.56 -30.88
C SER J 20 7.42 31.56 -32.42
N GLU J 21 7.24 30.38 -33.03
CA GLU J 21 7.17 30.14 -34.47
C GLU J 21 5.69 30.03 -34.84
N ARG J 22 4.83 30.27 -33.84
CA ARG J 22 3.40 30.19 -33.87
C ARG J 22 2.88 28.80 -34.15
N ILE J 23 3.54 27.80 -33.54
CA ILE J 23 3.14 26.41 -33.64
C ILE J 23 2.66 25.87 -32.29
N ILE J 24 1.44 25.33 -32.29
CA ILE J 24 0.77 24.76 -31.12
C ILE J 24 0.50 23.28 -31.29
N PHE J 25 0.75 22.49 -30.26
CA PHE J 25 0.45 21.07 -30.38
C PHE J 25 -0.66 20.62 -29.49
N LEU J 26 -1.47 19.72 -30.02
CA LEU J 26 -2.50 19.02 -29.30
C LEU J 26 -2.10 17.57 -29.39
N GLY J 27 -1.23 17.14 -28.49
CA GLY J 27 -0.65 15.82 -28.59
C GLY J 27 -1.30 14.74 -27.71
N SER J 28 -2.31 15.12 -26.92
CA SER J 28 -2.94 14.16 -26.04
C SER J 28 -4.26 14.65 -25.45
N GLU J 29 -5.04 13.70 -24.91
CA GLU J 29 -6.17 13.92 -23.98
C GLU J 29 -7.38 14.80 -24.31
N VAL J 30 -7.17 15.98 -24.82
CA VAL J 30 -8.21 16.99 -25.06
C VAL J 30 -9.21 17.04 -23.90
N ASN J 31 -8.72 17.13 -22.68
CA ASN J 31 -9.51 17.24 -21.47
C ASN J 31 -9.52 18.69 -21.04
N ASP J 32 -10.11 18.99 -19.88
CA ASP J 32 -10.19 20.39 -19.47
C ASP J 32 -8.81 21.02 -19.26
N GLU J 33 -7.85 20.24 -18.77
CA GLU J 33 -6.52 20.81 -18.55
C GLU J 33 -5.88 21.16 -19.87
N ILE J 34 -6.02 20.29 -20.85
CA ILE J 34 -5.46 20.55 -22.16
C ILE J 34 -6.19 21.68 -22.83
N ALA J 35 -7.50 21.73 -22.72
CA ALA J 35 -8.22 22.83 -23.34
C ALA J 35 -7.83 24.13 -22.73
N ASN J 36 -7.57 24.19 -21.43
CA ASN J 36 -7.18 25.45 -20.86
C ASN J 36 -5.79 25.83 -21.35
N ARG J 37 -4.91 24.84 -21.53
CA ARG J 37 -3.57 25.14 -22.01
C ARG J 37 -3.60 25.63 -23.45
N LEU J 38 -4.44 25.03 -24.30
CA LEU J 38 -4.47 25.51 -25.67
C LEU J 38 -5.20 26.78 -25.78
N CYS J 39 -6.26 26.97 -25.01
CA CYS J 39 -6.96 28.23 -25.15
C CYS J 39 -6.00 29.33 -24.78
N ALA J 40 -5.20 29.12 -23.73
CA ALA J 40 -4.25 30.14 -23.36
C ALA J 40 -3.21 30.36 -24.47
N GLN J 41 -2.72 29.30 -25.13
CA GLN J 41 -1.74 29.50 -26.19
C GLN J 41 -2.32 30.19 -27.41
N ILE J 42 -3.58 29.90 -27.75
CA ILE J 42 -4.19 30.51 -28.91
C ILE J 42 -4.40 31.98 -28.62
N LEU J 43 -4.91 32.31 -27.42
CA LEU J 43 -5.13 33.69 -27.04
C LEU J 43 -3.83 34.45 -27.00
N LEU J 44 -2.76 33.81 -26.53
CA LEU J 44 -1.48 34.46 -26.47
C LEU J 44 -0.93 34.74 -27.83
N LEU J 45 -0.98 33.78 -28.74
CA LEU J 45 -0.41 34.06 -30.02
C LEU J 45 -1.22 35.10 -30.74
N ALA J 46 -2.54 35.07 -30.59
CA ALA J 46 -3.34 36.06 -31.24
C ALA J 46 -3.04 37.45 -30.69
N ALA J 47 -2.84 37.54 -29.36
CA ALA J 47 -2.51 38.80 -28.72
C ALA J 47 -1.17 39.33 -29.17
N GLU J 48 -0.19 38.46 -29.35
CA GLU J 48 1.12 38.92 -29.77
C GLU J 48 1.14 39.49 -31.18
N ASP J 49 0.48 38.82 -32.12
CA ASP J 49 0.43 39.30 -33.50
C ASP J 49 -0.70 38.64 -34.27
N ALA J 50 -1.81 39.33 -34.44
CA ALA J 50 -2.97 38.71 -35.08
C ALA J 50 -2.88 38.71 -36.59
N SER J 51 -1.84 39.29 -37.15
CA SER J 51 -1.73 39.33 -38.60
C SER J 51 -1.14 38.03 -39.13
N LYS J 52 -0.63 37.17 -38.23
CA LYS J 52 0.02 35.95 -38.66
C LYS J 52 -0.75 34.69 -38.31
N ASP J 53 -0.60 33.69 -39.14
CA ASP J 53 -1.24 32.40 -38.94
C ASP J 53 -0.69 31.64 -37.77
N ILE J 54 -1.52 30.79 -37.21
CA ILE J 54 -1.14 29.85 -36.15
C ILE J 54 -1.24 28.46 -36.72
N SER J 55 -0.23 27.63 -36.52
CA SER J 55 -0.30 26.26 -37.01
C SER J 55 -0.52 25.28 -35.87
N LEU J 56 -1.64 24.58 -35.90
CA LEU J 56 -2.00 23.61 -34.87
C LEU J 56 -1.75 22.19 -35.34
N TYR J 57 -0.87 21.49 -34.66
CA TYR J 57 -0.55 20.12 -35.01
C TYR J 57 -1.28 19.19 -34.07
N ILE J 58 -1.99 18.25 -34.66
CA ILE J 58 -2.84 17.34 -33.92
C ILE J 58 -2.39 15.90 -34.00
N ASN J 59 -2.25 15.30 -32.84
CA ASN J 59 -1.92 13.90 -32.69
C ASN J 59 -2.59 13.49 -31.41
N SER J 60 -3.89 13.26 -31.48
CA SER J 60 -4.67 13.05 -30.29
C SER J 60 -5.88 12.16 -30.47
N PRO J 61 -6.12 11.20 -29.53
CA PRO J 61 -7.24 10.29 -29.46
C PRO J 61 -8.55 10.97 -29.12
N GLY J 62 -8.50 12.22 -28.69
CA GLY J 62 -9.72 12.90 -28.33
C GLY J 62 -9.97 12.93 -26.84
N GLY J 63 -11.11 13.50 -26.45
CA GLY J 63 -11.42 13.73 -25.05
C GLY J 63 -12.81 14.30 -24.87
N SER J 64 -13.04 14.93 -23.73
CA SER J 64 -14.33 15.48 -23.37
C SER J 64 -14.86 16.39 -24.44
N ILE J 65 -16.12 16.24 -24.77
CA ILE J 65 -16.71 17.02 -25.82
C ILE J 65 -16.74 18.50 -25.50
N SER J 66 -16.89 18.84 -24.23
CA SER J 66 -16.91 20.23 -23.84
C SER J 66 -15.54 20.88 -23.86
N ALA J 67 -14.47 20.07 -23.75
CA ALA J 67 -13.13 20.60 -23.77
C ALA J 67 -12.81 20.96 -25.20
N GLY J 68 -13.24 20.10 -26.11
CA GLY J 68 -13.00 20.32 -27.51
C GLY J 68 -13.75 21.56 -27.96
N MET J 69 -14.97 21.79 -27.44
CA MET J 69 -15.68 22.99 -27.82
C MET J 69 -15.01 24.24 -27.26
N ALA J 70 -14.44 24.18 -26.05
CA ALA J 70 -13.75 25.37 -25.56
C ALA J 70 -12.58 25.73 -26.48
N ILE J 71 -11.88 24.71 -26.99
CA ILE J 71 -10.75 24.96 -27.87
C ILE J 71 -11.27 25.54 -29.17
N TYR J 72 -12.34 24.94 -29.70
CA TYR J 72 -12.94 25.41 -30.93
C TYR J 72 -13.39 26.84 -30.86
N ASP J 73 -14.11 27.23 -29.81
CA ASP J 73 -14.53 28.61 -29.77
C ASP J 73 -13.35 29.54 -29.68
N THR J 74 -12.29 29.15 -28.96
CA THR J 74 -11.11 30.01 -28.88
C THR J 74 -10.49 30.14 -30.27
N MET J 75 -10.41 29.03 -31.03
CA MET J 75 -9.87 29.10 -32.39
C MET J 75 -10.66 30.06 -33.24
N VAL J 76 -11.98 30.04 -33.10
CA VAL J 76 -12.81 30.95 -33.87
C VAL J 76 -12.61 32.39 -33.42
N LEU J 77 -12.57 32.62 -32.11
CA LEU J 77 -12.40 33.93 -31.51
C LEU J 77 -11.14 34.64 -31.95
N ALA J 78 -10.03 33.91 -31.94
CA ALA J 78 -8.76 34.50 -32.32
C ALA J 78 -8.86 35.05 -33.73
N PRO J 79 -8.60 36.34 -33.98
CA PRO J 79 -8.70 36.98 -35.26
C PRO J 79 -7.52 36.71 -36.15
N CYS J 80 -7.26 35.45 -36.43
CA CYS J 80 -6.13 35.06 -37.26
C CYS J 80 -6.35 33.68 -37.80
N ASP J 81 -5.92 33.40 -39.01
CA ASP J 81 -6.14 32.04 -39.50
C ASP J 81 -5.42 30.98 -38.73
N ILE J 82 -6.09 29.85 -38.52
CA ILE J 82 -5.46 28.72 -37.88
C ILE J 82 -5.41 27.57 -38.85
N ALA J 83 -4.20 27.13 -39.13
CA ALA J 83 -3.97 26.00 -40.01
C ALA J 83 -3.99 24.80 -39.13
N THR J 84 -4.48 23.69 -39.61
CA THR J 84 -4.46 22.50 -38.78
C THR J 84 -3.80 21.37 -39.49
N TYR J 85 -3.05 20.55 -38.76
CA TYR J 85 -2.39 19.42 -39.35
C TYR J 85 -2.64 18.12 -38.64
N ALA J 86 -3.00 17.09 -39.38
CA ALA J 86 -3.12 15.77 -38.77
C ALA J 86 -1.78 15.09 -38.92
N MET J 87 -1.00 15.05 -37.86
CA MET J 87 0.34 14.49 -37.99
C MET J 87 0.40 13.07 -37.51
N GLY J 88 -0.73 12.56 -37.13
CA GLY J 88 -0.83 11.22 -36.59
C GLY J 88 -2.30 10.89 -36.46
N MET J 89 -2.76 10.81 -35.24
CA MET J 89 -4.16 10.54 -35.00
C MET J 89 -4.97 11.80 -34.79
N ALA J 90 -6.16 11.82 -35.35
CA ALA J 90 -7.08 12.91 -35.10
C ALA J 90 -8.41 12.27 -34.85
N ALA J 91 -8.66 11.88 -33.61
CA ALA J 91 -9.88 11.15 -33.32
C ALA J 91 -10.81 11.92 -32.42
N SER J 92 -12.09 11.80 -32.72
CA SER J 92 -13.13 12.44 -31.92
C SER J 92 -12.90 13.93 -31.86
N MET J 93 -12.66 14.53 -30.70
CA MET J 93 -12.46 15.97 -30.75
C MET J 93 -11.20 16.34 -31.52
N GLY J 94 -10.23 15.44 -31.64
CA GLY J 94 -9.04 15.74 -32.42
C GLY J 94 -9.45 15.95 -33.87
N GLU J 95 -10.45 15.19 -34.35
CA GLU J 95 -10.95 15.30 -35.71
C GLU J 95 -11.71 16.55 -35.88
N PHE J 96 -12.46 16.89 -34.85
CA PHE J 96 -13.29 18.07 -34.92
C PHE J 96 -12.42 19.28 -35.10
N LEU J 97 -11.37 19.38 -34.28
CA LEU J 97 -10.46 20.51 -34.31
C LEU J 97 -9.65 20.52 -35.60
N LEU J 98 -9.37 19.35 -36.17
CA LEU J 98 -8.69 19.32 -37.45
C LEU J 98 -9.56 19.93 -38.53
N ALA J 99 -10.80 19.46 -38.58
CA ALA J 99 -11.81 19.87 -39.55
C ALA J 99 -12.19 21.32 -39.38
N ALA J 100 -12.06 21.81 -38.15
CA ALA J 100 -12.40 23.16 -37.77
C ALA J 100 -11.37 24.22 -38.14
N GLY J 101 -10.25 23.84 -38.74
CA GLY J 101 -9.27 24.85 -39.09
C GLY J 101 -9.77 25.63 -40.28
N THR J 102 -9.04 26.66 -40.67
CA THR J 102 -9.48 27.51 -41.77
C THR J 102 -9.51 26.74 -43.06
N LYS J 103 -10.59 26.88 -43.81
CA LYS J 103 -10.70 26.14 -45.05
C LYS J 103 -9.60 26.53 -46.01
N GLY J 104 -8.95 25.53 -46.57
CA GLY J 104 -7.86 25.69 -47.50
C GLY J 104 -6.54 25.48 -46.78
N LYS J 105 -6.61 25.44 -45.45
CA LYS J 105 -5.44 25.25 -44.62
C LYS J 105 -5.56 24.02 -43.71
N ARG J 106 -6.49 23.10 -44.00
CA ARG J 106 -6.58 21.88 -43.22
C ARG J 106 -5.74 20.81 -43.93
N TYR J 107 -4.74 20.29 -43.24
CA TYR J 107 -3.80 19.37 -43.83
C TYR J 107 -3.69 18.04 -43.10
N ALA J 108 -3.28 17.03 -43.83
CA ALA J 108 -2.95 15.77 -43.20
C ALA J 108 -1.68 15.23 -43.78
N LEU J 109 -0.94 14.54 -42.97
CA LEU J 109 0.25 13.92 -43.49
C LEU J 109 -0.24 12.58 -44.02
N PRO J 110 0.42 11.92 -44.97
CA PRO J 110 0.00 10.70 -45.60
C PRO J 110 -0.40 9.52 -44.71
N HIS J 111 0.20 9.37 -43.53
CA HIS J 111 -0.17 8.23 -42.71
C HIS J 111 -1.06 8.61 -41.56
N ALA J 112 -1.61 9.81 -41.63
CA ALA J 112 -2.52 10.29 -40.62
C ALA J 112 -3.79 9.46 -40.66
N ARG J 113 -4.40 9.30 -39.50
CA ARG J 113 -5.65 8.58 -39.42
C ARG J 113 -6.68 9.41 -38.71
N ILE J 114 -7.80 9.56 -39.35
CA ILE J 114 -8.86 10.40 -38.86
C ILE J 114 -10.10 9.63 -38.47
N LEU J 115 -10.54 9.81 -37.24
CA LEU J 115 -11.74 9.12 -36.80
C LEU J 115 -12.84 10.05 -36.46
N MET J 116 -13.83 10.11 -37.31
CA MET J 116 -14.91 10.97 -36.97
C MET J 116 -15.76 10.11 -36.12
N HIS J 117 -15.95 10.52 -34.90
CA HIS J 117 -16.72 9.77 -33.94
C HIS J 117 -17.12 10.74 -32.89
N GLN J 118 -17.83 10.27 -31.92
CA GLN J 118 -18.26 11.11 -30.86
C GLN J 118 -17.48 10.75 -29.60
N PRO J 119 -17.27 11.67 -28.70
CA PRO J 119 -16.81 11.42 -27.37
C PRO J 119 -17.88 10.60 -26.74
N LEU J 120 -17.56 9.76 -25.80
CA LEU J 120 -18.62 9.03 -25.13
C LEU J 120 -19.06 9.74 -23.85
N GLY J 121 -18.41 10.87 -23.58
CA GLY J 121 -18.72 11.74 -22.46
C GLY J 121 -18.17 11.28 -21.12
N GLY J 122 -18.71 10.19 -20.64
CA GLY J 122 -18.36 9.61 -19.34
C GLY J 122 -19.45 9.89 -18.31
N VAL J 123 -19.74 8.89 -17.47
CA VAL J 123 -20.78 8.98 -16.44
C VAL J 123 -20.32 9.18 -15.00
N THR J 124 -20.71 10.28 -14.37
CA THR J 124 -20.35 10.50 -12.95
C THR J 124 -21.53 11.03 -12.14
N GLY J 125 -21.44 10.91 -10.81
CA GLY J 125 -22.46 11.51 -9.93
C GLY J 125 -23.67 10.61 -9.64
N SER J 126 -24.71 11.23 -9.05
CA SER J 126 -25.91 10.56 -8.61
C SER J 126 -26.84 10.36 -9.79
N ALA J 127 -27.90 9.58 -9.65
CA ALA J 127 -28.80 9.38 -10.78
C ALA J 127 -29.34 10.73 -11.28
N ALA J 128 -29.57 11.65 -10.35
CA ALA J 128 -30.03 13.00 -10.69
C ALA J 128 -29.03 13.74 -11.56
N ASP J 129 -27.73 13.49 -11.38
CA ASP J 129 -26.72 14.22 -12.11
C ASP J 129 -26.49 13.56 -13.45
N ILE J 130 -26.55 12.25 -13.46
CA ILE J 130 -26.27 11.49 -14.66
C ILE J 130 -27.29 11.79 -15.71
N ALA J 131 -28.54 11.89 -15.26
CA ALA J 131 -29.67 12.21 -16.11
C ALA J 131 -29.51 13.57 -16.79
N ILE J 132 -28.71 14.45 -16.22
CA ILE J 132 -28.51 15.76 -16.79
C ILE J 132 -27.28 15.69 -17.66
N GLN J 133 -26.23 15.02 -17.20
CA GLN J 133 -25.02 14.97 -18.00
C GLN J 133 -25.34 14.35 -19.33
N ALA J 134 -26.21 13.35 -19.35
CA ALA J 134 -26.60 12.71 -20.58
C ALA J 134 -27.35 13.66 -21.49
N GLU J 135 -28.14 14.57 -20.94
CA GLU J 135 -28.90 15.52 -21.74
C GLU J 135 -27.98 16.58 -22.29
N GLN J 136 -27.05 17.05 -21.47
CA GLN J 136 -26.15 18.09 -21.92
C GLN J 136 -25.27 17.52 -23.00
N PHE J 137 -24.88 16.28 -22.84
CA PHE J 137 -24.09 15.59 -23.82
C PHE J 137 -24.87 15.48 -25.09
N ALA J 138 -26.13 15.04 -25.05
CA ALA J 138 -26.87 14.92 -26.28
C ALA J 138 -26.95 16.24 -27.03
N VAL J 139 -27.08 17.34 -26.31
CA VAL J 139 -27.14 18.65 -26.96
C VAL J 139 -25.79 19.04 -27.57
N ILE J 140 -24.70 18.85 -26.84
CA ILE J 140 -23.42 19.25 -27.36
C ILE J 140 -23.09 18.37 -28.55
N LYS J 141 -23.34 17.07 -28.44
CA LYS J 141 -23.09 16.14 -29.52
C LYS J 141 -23.86 16.55 -30.76
N LYS J 142 -25.11 16.95 -30.62
CA LYS J 142 -25.84 17.40 -31.79
C LYS J 142 -25.11 18.57 -32.44
N GLU J 143 -24.58 19.52 -31.65
CA GLU J 143 -23.83 20.62 -32.25
C GLU J 143 -22.54 20.14 -32.88
N MET J 144 -21.87 19.16 -32.28
CA MET J 144 -20.66 18.63 -32.88
C MET J 144 -20.97 18.10 -34.26
N PHE J 145 -22.09 17.41 -34.40
CA PHE J 145 -22.45 16.87 -35.70
C PHE J 145 -22.83 17.98 -36.65
N ARG J 146 -23.55 19.00 -36.19
CA ARG J 146 -23.92 20.10 -37.07
C ARG J 146 -22.69 20.77 -37.64
N LEU J 147 -21.72 21.02 -36.77
CA LEU J 147 -20.49 21.66 -37.19
C LEU J 147 -19.68 20.74 -38.09
N ASN J 148 -19.64 19.43 -37.82
CA ASN J 148 -18.89 18.59 -38.73
C ASN J 148 -19.51 18.61 -40.09
N ALA J 149 -20.84 18.72 -40.17
CA ALA J 149 -21.46 18.78 -41.48
C ALA J 149 -21.01 20.04 -42.22
N GLU J 150 -20.91 21.18 -41.51
CA GLU J 150 -20.45 22.42 -42.13
C GLU J 150 -18.99 22.37 -42.52
N PHE J 151 -18.17 21.71 -41.70
CA PHE J 151 -16.75 21.62 -41.96
C PHE J 151 -16.46 20.73 -43.15
N THR J 152 -17.16 19.59 -43.26
CA THR J 152 -16.88 18.66 -44.34
C THR J 152 -17.74 18.85 -45.58
N GLY J 153 -18.87 19.55 -45.48
CA GLY J 153 -19.72 19.71 -46.66
C GLY J 153 -20.57 18.48 -46.91
N GLN J 154 -20.93 17.80 -45.84
CA GLN J 154 -21.71 16.57 -45.94
C GLN J 154 -23.11 16.78 -45.38
N PRO J 155 -24.11 16.00 -45.81
CA PRO J 155 -25.41 15.97 -45.21
C PRO J 155 -25.27 15.58 -43.76
N ILE J 156 -26.10 16.13 -42.90
CA ILE J 156 -26.03 15.80 -41.49
C ILE J 156 -26.30 14.33 -41.24
N GLU J 157 -27.14 13.71 -42.07
CA GLU J 157 -27.45 12.31 -41.95
C GLU J 157 -26.21 11.45 -42.19
N ARG J 158 -25.31 11.90 -43.07
CA ARG J 158 -24.14 11.12 -43.37
C ARG J 158 -23.19 11.26 -42.22
N ILE J 159 -23.14 12.46 -41.64
CA ILE J 159 -22.25 12.66 -40.52
C ILE J 159 -22.65 11.75 -39.40
N GLU J 160 -23.94 11.66 -39.11
CA GLU J 160 -24.38 10.79 -38.04
C GLU J 160 -24.10 9.32 -38.34
N ALA J 161 -24.30 8.91 -39.60
CA ALA J 161 -24.06 7.51 -39.97
C ALA J 161 -22.61 7.13 -39.77
N ASP J 162 -21.70 8.04 -40.04
CA ASP J 162 -20.31 7.73 -39.81
C ASP J 162 -19.88 8.02 -38.39
N SER J 163 -20.45 9.02 -37.74
CA SER J 163 -20.02 9.44 -36.41
C SER J 163 -20.42 8.51 -35.29
N ASP J 164 -21.51 7.77 -35.43
CA ASP J 164 -21.88 6.88 -34.33
C ASP J 164 -21.23 5.50 -34.51
N ARG J 165 -20.30 5.37 -35.45
CA ARG J 165 -19.64 4.11 -35.68
C ARG J 165 -18.16 4.32 -35.60
N ASP J 166 -17.42 3.29 -35.29
CA ASP J 166 -15.99 3.45 -35.25
C ASP J 166 -15.39 3.32 -36.65
N ARG J 167 -15.62 4.36 -37.44
CA ARG J 167 -15.16 4.41 -38.83
C ARG J 167 -13.94 5.26 -39.02
N TRP J 168 -12.83 4.61 -39.30
CA TRP J 168 -11.58 5.29 -39.53
C TRP J 168 -11.42 5.66 -40.98
N PHE J 169 -10.89 6.84 -41.23
CA PHE J 169 -10.57 7.29 -42.56
C PHE J 169 -9.07 7.32 -42.72
N THR J 170 -8.58 6.91 -43.87
CA THR J 170 -7.15 7.03 -44.11
C THR J 170 -6.95 8.47 -44.47
N ALA J 171 -5.71 8.95 -44.51
CA ALA J 171 -5.55 10.35 -44.85
C ALA J 171 -6.13 10.66 -46.22
N ALA J 172 -5.97 9.75 -47.18
CA ALA J 172 -6.51 10.00 -48.51
C ALA J 172 -8.03 10.05 -48.50
N GLU J 173 -8.65 9.16 -47.73
CA GLU J 173 -10.10 9.13 -47.65
C GLU J 173 -10.62 10.36 -46.95
N ALA J 174 -9.89 10.82 -45.95
CA ALA J 174 -10.29 12.00 -45.20
C ALA J 174 -10.33 13.21 -46.10
N LEU J 175 -9.41 13.26 -47.06
CA LEU J 175 -9.44 14.39 -47.98
C LEU J 175 -10.69 14.30 -48.84
N GLU J 176 -10.98 13.11 -49.35
CA GLU J 176 -12.13 12.96 -50.24
C GLU J 176 -13.43 13.30 -49.54
N TYR J 177 -13.51 12.95 -48.26
CA TYR J 177 -14.67 13.19 -47.41
C TYR J 177 -14.87 14.67 -47.09
N GLY J 178 -13.81 15.47 -47.18
CA GLY J 178 -13.88 16.88 -46.81
C GLY J 178 -13.31 17.28 -45.44
N PHE J 179 -12.59 16.40 -44.73
CA PHE J 179 -12.04 16.82 -43.43
C PHE J 179 -10.79 17.64 -43.64
N VAL J 180 -10.06 17.23 -44.66
CA VAL J 180 -8.75 17.73 -45.05
C VAL J 180 -8.75 18.33 -46.44
N ASP J 181 -8.08 19.47 -46.63
CA ASP J 181 -8.03 20.08 -47.94
C ASP J 181 -6.84 19.54 -48.72
N HIS J 182 -5.74 19.28 -48.02
CA HIS J 182 -4.54 18.81 -48.70
C HIS J 182 -3.77 17.73 -47.95
N ILE J 183 -3.15 16.83 -48.69
CA ILE J 183 -2.23 15.84 -48.10
C ILE J 183 -0.86 16.38 -48.39
N ILE J 184 -0.01 16.44 -47.38
CA ILE J 184 1.30 17.01 -47.61
C ILE J 184 2.37 15.99 -47.90
N THR J 185 2.94 16.08 -49.08
CA THR J 185 3.96 15.17 -49.51
C THR J 185 5.23 15.93 -49.88
N ARG J 186 6.32 15.20 -49.98
CA ARG J 186 7.62 15.75 -50.33
C ARG J 186 8.38 14.77 -51.20
N SER K 9 19.11 20.02 -14.68
CA SER K 9 19.21 18.72 -15.32
C SER K 9 20.30 18.66 -16.36
N LEU K 10 21.38 17.93 -16.06
CA LEU K 10 22.46 17.80 -17.00
C LEU K 10 21.96 17.15 -18.27
N THR K 11 21.06 16.17 -18.12
CA THR K 11 20.56 15.42 -19.25
C THR K 11 19.84 16.31 -20.24
N ASP K 12 19.02 17.23 -19.74
CA ASP K 12 18.27 18.09 -20.64
C ASP K 12 19.18 19.17 -21.18
N SER K 13 20.14 19.61 -20.39
CA SER K 13 21.07 20.64 -20.82
C SER K 13 21.90 20.14 -21.98
N VAL K 14 22.38 18.90 -21.89
CA VAL K 14 23.16 18.32 -22.97
C VAL K 14 22.30 18.18 -24.20
N TYR K 15 21.06 17.73 -24.07
CA TYR K 15 20.26 17.61 -25.26
C TYR K 15 19.97 18.96 -25.89
N GLU K 16 19.74 20.02 -25.10
CA GLU K 16 19.52 21.30 -25.75
C GLU K 16 20.76 21.77 -26.50
N ARG K 17 21.94 21.53 -25.93
CA ARG K 17 23.14 21.96 -26.62
C ARG K 17 23.31 21.20 -27.90
N LEU K 18 22.97 19.91 -27.90
CA LEU K 18 23.01 19.12 -29.12
C LEU K 18 21.92 19.51 -30.10
N LEU K 19 20.75 19.90 -29.62
CA LEU K 19 19.69 20.28 -30.54
C LEU K 19 20.17 21.48 -31.36
N SER K 20 20.95 22.38 -30.75
CA SER K 20 21.50 23.53 -31.45
C SER K 20 22.57 23.17 -32.51
N GLU K 21 23.05 21.92 -32.46
CA GLU K 21 24.05 21.35 -33.38
C GLU K 21 23.28 20.52 -34.42
N ARG K 22 21.96 20.60 -34.33
CA ARG K 22 20.99 19.89 -35.12
C ARG K 22 21.06 18.38 -34.96
N ILE K 23 21.25 17.94 -33.72
CA ILE K 23 21.27 16.55 -33.35
C ILE K 23 20.09 16.17 -32.46
N ILE K 24 19.33 15.17 -32.90
CA ILE K 24 18.14 14.65 -32.23
C ILE K 24 18.30 13.21 -31.80
N PHE K 25 17.90 12.87 -30.59
CA PHE K 25 18.01 11.47 -30.19
C PHE K 25 16.67 10.81 -30.00
N LEU K 26 16.64 9.55 -30.41
CA LEU K 26 15.52 8.66 -30.17
C LEU K 26 16.11 7.55 -29.34
N GLY K 27 16.16 7.77 -28.03
CA GLY K 27 16.85 6.84 -27.14
C GLY K 27 15.97 5.83 -26.42
N SER K 28 14.66 5.90 -26.63
CA SER K 28 13.75 5.00 -25.95
C SER K 28 12.34 4.98 -26.52
N GLU K 29 11.57 3.95 -26.15
CA GLU K 29 10.11 3.85 -26.26
C GLU K 29 9.33 4.01 -27.58
N VAL K 30 9.65 5.03 -28.36
CA VAL K 30 8.92 5.40 -29.59
C VAL K 30 7.41 5.26 -29.40
N ASN K 31 6.90 5.83 -28.33
CA ASN K 31 5.48 5.87 -28.00
C ASN K 31 4.92 7.22 -28.39
N ASP K 32 3.66 7.50 -28.08
CA ASP K 32 3.09 8.78 -28.49
C ASP K 32 3.80 9.97 -27.86
N GLU K 33 4.26 9.83 -26.63
CA GLU K 33 4.93 10.96 -25.99
C GLU K 33 6.25 11.23 -26.69
N ILE K 34 6.98 10.18 -27.01
CA ILE K 34 8.24 10.35 -27.71
C ILE K 34 8.00 10.87 -29.11
N ALA K 35 7.01 10.37 -29.81
CA ALA K 35 6.76 10.85 -31.14
C ALA K 35 6.39 12.31 -31.12
N ASN K 36 5.65 12.77 -30.11
CA ASN K 36 5.32 14.17 -30.09
C ASN K 36 6.57 14.99 -29.82
N ARG K 37 7.48 14.48 -28.97
CA ARG K 37 8.71 15.20 -28.68
C ARG K 37 9.60 15.27 -29.90
N LEU K 38 9.70 14.19 -30.68
CA LEU K 38 10.56 14.28 -31.84
C LEU K 38 9.90 15.05 -32.93
N CYS K 39 8.61 14.93 -33.10
CA CYS K 39 8.01 15.67 -34.17
C CYS K 39 8.24 17.15 -33.89
N ALA K 40 8.10 17.56 -32.62
CA ALA K 40 8.34 18.93 -32.30
C ALA K 40 9.80 19.33 -32.58
N GLN K 41 10.77 18.47 -32.24
CA GLN K 41 12.18 18.83 -32.51
C GLN K 41 12.50 18.89 -33.98
N ILE K 42 11.91 18.00 -34.79
CA ILE K 42 12.19 18.01 -36.21
C ILE K 42 11.59 19.26 -36.82
N LEU K 43 10.35 19.60 -36.44
CA LEU K 43 9.70 20.80 -36.96
C LEU K 43 10.46 22.03 -36.55
N LEU K 44 10.99 22.04 -35.33
CA LEU K 44 11.72 23.18 -34.86
C LEU K 44 13.01 23.36 -35.61
N LEU K 45 13.76 22.28 -35.80
CA LEU K 45 15.01 22.49 -36.49
C LEU K 45 14.78 22.88 -37.91
N ALA K 46 13.75 22.30 -38.54
CA ALA K 46 13.48 22.66 -39.91
C ALA K 46 13.08 24.13 -40.00
N ALA K 47 12.28 24.61 -39.03
CA ALA K 47 11.86 25.99 -39.00
C ALA K 47 13.03 26.94 -38.79
N GLU K 48 13.98 26.56 -37.95
CA GLU K 48 15.10 27.44 -37.70
C GLU K 48 16.00 27.61 -38.92
N ASP K 49 16.31 26.52 -39.61
CA ASP K 49 17.16 26.60 -40.80
C ASP K 49 17.01 25.35 -41.66
N ALA K 50 16.24 25.42 -42.73
CA ALA K 50 15.98 24.24 -43.53
C ALA K 50 17.10 23.92 -44.50
N SER K 51 18.12 24.76 -44.57
CA SER K 51 19.21 24.50 -45.51
C SER K 51 20.20 23.50 -44.93
N LYS K 52 20.06 23.19 -43.63
CA LYS K 52 21.02 22.31 -42.98
C LYS K 52 20.44 20.96 -42.60
N ASP K 53 21.30 19.97 -42.60
CA ASP K 53 20.92 18.61 -42.24
C ASP K 53 20.62 18.46 -40.77
N ILE K 54 19.78 17.49 -40.46
CA ILE K 54 19.47 17.09 -39.11
C ILE K 54 20.03 15.69 -38.89
N SER K 55 20.73 15.47 -37.79
CA SER K 55 21.25 14.13 -37.52
C SER K 55 20.45 13.44 -36.42
N LEU K 56 19.82 12.34 -36.76
CA LEU K 56 19.01 11.58 -35.81
C LEU K 56 19.74 10.34 -35.33
N TYR K 57 19.99 10.28 -34.03
CA TYR K 57 20.68 9.15 -33.44
C TYR K 57 19.68 8.24 -32.80
N ILE K 58 19.74 6.97 -33.17
CA ILE K 58 18.79 5.99 -32.71
C ILE K 58 19.40 4.91 -31.85
N ASN K 59 18.79 4.72 -30.70
CA ASN K 59 19.14 3.68 -29.76
C ASN K 59 17.84 3.32 -29.10
N SER K 60 17.03 2.54 -29.75
CA SER K 60 15.68 2.30 -29.30
C SER K 60 15.11 0.94 -29.69
N PRO K 61 14.44 0.24 -28.74
CA PRO K 61 13.77 -1.03 -28.90
C PRO K 61 12.51 -0.94 -29.74
N GLY K 62 12.03 0.28 -29.99
CA GLY K 62 10.81 0.43 -30.77
C GLY K 62 9.60 0.68 -29.90
N GLY K 63 8.43 0.77 -30.54
CA GLY K 63 7.21 1.16 -29.88
C GLY K 63 6.02 1.09 -30.82
N SER K 64 4.96 1.80 -30.46
CA SER K 64 3.72 1.79 -31.20
C SER K 64 3.95 2.12 -32.66
N ILE K 65 3.32 1.34 -33.52
CA ILE K 65 3.51 1.53 -34.95
C ILE K 65 3.03 2.88 -35.43
N SER K 66 1.97 3.41 -34.81
CA SER K 66 1.46 4.70 -35.21
C SER K 66 2.33 5.85 -34.74
N ALA K 67 3.14 5.63 -33.69
CA ALA K 67 3.99 6.69 -33.19
C ALA K 67 5.16 6.80 -34.14
N GLY K 68 5.63 5.65 -34.60
CA GLY K 68 6.73 5.63 -35.52
C GLY K 68 6.32 6.28 -36.84
N MET K 69 5.08 6.06 -37.27
CA MET K 69 4.64 6.70 -38.49
C MET K 69 4.52 8.20 -38.32
N ALA K 70 4.08 8.69 -37.14
CA ALA K 70 4.03 10.15 -36.97
C ALA K 70 5.42 10.75 -37.11
N ILE K 71 6.44 10.05 -36.57
CA ILE K 71 7.80 10.57 -36.65
C ILE K 71 8.23 10.53 -38.10
N TYR K 72 7.97 9.43 -38.79
CA TYR K 72 8.32 9.28 -40.18
C TYR K 72 7.72 10.35 -41.06
N ASP K 73 6.43 10.61 -40.93
CA ASP K 73 5.88 11.64 -41.79
C ASP K 73 6.48 12.99 -41.48
N THR K 74 6.79 13.28 -40.22
CA THR K 74 7.42 14.56 -39.89
C THR K 74 8.80 14.63 -40.53
N MET K 75 9.56 13.51 -40.50
CA MET K 75 10.87 13.49 -41.14
C MET K 75 10.76 13.79 -42.62
N VAL K 76 9.75 13.23 -43.27
CA VAL K 76 9.53 13.48 -44.68
C VAL K 76 9.14 14.92 -44.94
N LEU K 77 8.21 15.44 -44.12
CA LEU K 77 7.70 16.79 -44.24
C LEU K 77 8.78 17.85 -44.15
N ALA K 78 9.66 17.71 -43.16
CA ALA K 78 10.70 18.68 -42.98
C ALA K 78 11.53 18.80 -44.26
N PRO K 79 11.67 19.97 -44.87
CA PRO K 79 12.38 20.19 -46.10
C PRO K 79 13.87 20.26 -45.91
N CYS K 80 14.47 19.22 -45.37
CA CYS K 80 15.89 19.18 -45.10
C CYS K 80 16.35 17.76 -44.95
N ASP K 81 17.54 17.42 -45.41
CA ASP K 81 17.95 16.04 -45.23
C ASP K 81 18.09 15.60 -43.79
N ILE K 82 17.66 14.38 -43.51
CA ILE K 82 17.84 13.81 -42.20
C ILE K 82 18.75 12.61 -42.29
N ALA K 83 19.86 12.69 -41.59
CA ALA K 83 20.81 11.60 -41.53
C ALA K 83 20.39 10.76 -40.38
N THR K 84 20.56 9.46 -40.47
CA THR K 84 20.19 8.63 -39.35
C THR K 84 21.34 7.77 -38.93
N TYR K 85 21.48 7.56 -37.62
CA TYR K 85 22.54 6.72 -37.12
C TYR K 85 22.07 5.65 -36.17
N ALA K 86 22.52 4.43 -36.39
CA ALA K 86 22.23 3.38 -35.45
C ALA K 86 23.38 3.33 -34.48
N MET K 87 23.19 3.88 -33.28
CA MET K 87 24.32 3.95 -32.35
C MET K 87 24.26 2.85 -31.33
N GLY K 88 23.28 2.00 -31.47
CA GLY K 88 23.05 0.92 -30.55
C GLY K 88 22.00 0.02 -31.13
N MET K 89 20.83 0.04 -30.54
CA MET K 89 19.73 -0.76 -31.03
C MET K 89 18.81 0.03 -31.95
N ALA K 90 18.38 -0.59 -33.00
CA ALA K 90 17.38 0.01 -33.86
C ALA K 90 16.38 -1.08 -34.15
N ALA K 91 15.41 -1.23 -33.27
CA ALA K 91 14.48 -2.33 -33.43
C ALA K 91 13.07 -1.86 -33.71
N SER K 92 12.40 -2.60 -34.57
CA SER K 92 11.01 -2.30 -34.91
C SER K 92 10.89 -0.90 -35.44
N MET K 93 10.16 -0.01 -34.80
CA MET K 93 10.09 1.33 -35.39
C MET K 93 11.45 2.03 -35.37
N GLY K 94 12.36 1.64 -34.48
CA GLY K 94 13.67 2.23 -34.47
C GLY K 94 14.37 1.90 -35.79
N GLU K 95 14.12 0.69 -36.33
CA GLU K 95 14.71 0.25 -37.58
C GLU K 95 14.08 0.97 -38.72
N PHE K 96 12.79 1.17 -38.61
CA PHE K 96 12.06 1.82 -39.66
C PHE K 96 12.60 3.22 -39.86
N LEU K 97 12.75 3.95 -38.75
CA LEU K 97 13.22 5.32 -38.79
C LEU K 97 14.67 5.38 -39.21
N LEU K 98 15.47 4.36 -38.90
CA LEU K 98 16.84 4.34 -39.35
C LEU K 98 16.88 4.24 -40.88
N ALA K 99 16.13 3.27 -41.39
CA ALA K 99 16.03 2.96 -42.81
C ALA K 99 15.41 4.10 -43.59
N ALA K 100 14.56 4.87 -42.91
CA ALA K 100 13.84 5.99 -43.46
C ALA K 100 14.63 7.27 -43.62
N GLY K 101 15.89 7.28 -43.23
CA GLY K 101 16.67 8.51 -43.37
C GLY K 101 17.00 8.70 -44.83
N THR K 102 17.62 9.83 -45.16
CA THR K 102 17.95 10.11 -46.55
C THR K 102 18.95 9.13 -47.09
N LYS K 103 18.69 8.61 -48.28
CA LYS K 103 19.61 7.63 -48.84
C LYS K 103 20.97 8.22 -49.04
N GLY K 104 21.99 7.51 -48.59
CA GLY K 104 23.37 7.90 -48.68
C GLY K 104 23.82 8.46 -47.34
N LYS K 105 22.86 8.72 -46.46
CA LYS K 105 23.11 9.24 -45.15
C LYS K 105 22.62 8.34 -44.02
N ARG K 106 22.33 7.06 -44.31
CA ARG K 106 21.90 6.15 -43.27
C ARG K 106 23.16 5.42 -42.78
N TYR K 107 23.46 5.56 -41.50
CA TYR K 107 24.68 5.03 -40.94
C TYR K 107 24.48 4.10 -39.77
N ALA K 108 25.44 3.23 -39.56
CA ALA K 108 25.43 2.42 -38.36
C ALA K 108 26.81 2.36 -37.78
N LEU K 109 26.89 2.27 -36.49
CA LEU K 109 28.17 2.14 -35.87
C LEU K 109 28.42 0.62 -35.88
N PRO K 110 29.66 0.13 -35.86
CA PRO K 110 30.00 -1.27 -35.95
C PRO K 110 29.29 -2.25 -35.03
N HIS K 111 28.91 -1.85 -33.81
CA HIS K 111 28.28 -2.81 -32.93
C HIS K 111 26.79 -2.61 -32.83
N ALA K 112 26.25 -1.82 -33.75
CA ALA K 112 24.84 -1.57 -33.80
C ALA K 112 24.12 -2.84 -34.16
N ARG K 113 22.92 -2.99 -33.65
CA ARG K 113 22.10 -4.14 -33.98
C ARG K 113 20.75 -3.70 -34.45
N ILE K 114 20.39 -4.21 -35.60
CA ILE K 114 19.16 -3.82 -36.26
C ILE K 114 18.16 -4.94 -36.33
N LEU K 115 16.96 -4.70 -35.83
CA LEU K 115 15.92 -5.72 -35.90
C LEU K 115 14.77 -5.30 -36.72
N MET K 116 14.66 -5.88 -37.89
CA MET K 116 13.52 -5.52 -38.68
C MET K 116 12.48 -6.45 -38.18
N HIS K 117 11.43 -5.89 -37.65
CA HIS K 117 10.36 -6.65 -37.08
C HIS K 117 9.19 -5.75 -37.04
N GLN K 118 8.09 -6.25 -36.58
CA GLN K 118 6.92 -5.45 -36.49
C GLN K 118 6.65 -5.13 -35.03
N PRO K 119 6.00 -4.03 -34.73
CA PRO K 119 5.45 -3.74 -33.44
C PRO K 119 4.40 -4.78 -33.24
N LEU K 120 4.10 -5.15 -32.03
CA LEU K 120 3.01 -6.10 -31.84
C LEU K 120 1.69 -5.36 -31.55
N GLY K 121 1.78 -4.04 -31.53
CA GLY K 121 0.63 -3.17 -31.34
C GLY K 121 0.17 -3.01 -29.90
N GLY K 122 -0.37 -4.08 -29.37
CA GLY K 122 -0.93 -4.12 -28.03
C GLY K 122 -2.46 -4.13 -28.07
N VAL K 123 -3.08 -4.93 -27.21
CA VAL K 123 -4.54 -5.06 -27.14
C VAL K 123 -5.25 -4.36 -25.99
N THR K 124 -6.15 -3.42 -26.30
CA THR K 124 -6.92 -2.75 -25.24
C THR K 124 -8.40 -2.60 -25.60
N GLY K 125 -9.25 -2.36 -24.59
CA GLY K 125 -10.67 -2.09 -24.85
C GLY K 125 -11.57 -3.33 -24.93
N SER K 126 -12.80 -3.11 -25.40
CA SER K 126 -13.85 -4.12 -25.47
C SER K 126 -13.63 -4.96 -26.70
N ALA K 127 -14.35 -6.07 -26.84
CA ALA K 127 -14.15 -6.90 -28.03
C ALA K 127 -14.40 -6.08 -29.30
N ALA K 128 -15.35 -5.16 -29.24
CA ALA K 128 -15.66 -4.27 -30.36
C ALA K 128 -14.48 -3.39 -30.73
N ASP K 129 -13.66 -3.00 -29.74
CA ASP K 129 -12.57 -2.09 -30.02
C ASP K 129 -11.37 -2.88 -30.48
N ILE K 130 -11.18 -4.05 -29.92
CA ILE K 130 -10.02 -4.87 -30.22
C ILE K 130 -10.07 -5.29 -31.64
N ALA K 131 -11.25 -5.64 -32.10
CA ALA K 131 -11.51 -6.05 -33.46
C ALA K 131 -11.15 -4.96 -34.47
N ILE K 132 -11.14 -3.72 -34.04
CA ILE K 132 -10.80 -2.61 -34.92
C ILE K 132 -9.34 -2.35 -34.78
N GLN K 133 -8.81 -2.37 -33.55
CA GLN K 133 -7.41 -2.07 -33.38
C GLN K 133 -6.59 -3.05 -34.20
N ALA K 134 -7.03 -4.30 -34.23
CA ALA K 134 -6.34 -5.31 -34.99
C ALA K 134 -6.38 -5.02 -36.48
N GLU K 135 -7.47 -4.46 -36.97
CA GLU K 135 -7.59 -4.15 -38.39
C GLU K 135 -6.75 -2.95 -38.75
N GLN K 136 -6.74 -1.95 -37.87
CA GLN K 136 -5.97 -0.76 -38.15
C GLN K 136 -4.51 -1.11 -38.12
N PHE K 137 -4.15 -2.00 -37.20
CA PHE K 137 -2.80 -2.48 -37.11
C PHE K 137 -2.44 -3.21 -38.37
N ALA K 138 -3.28 -4.12 -38.84
CA ALA K 138 -2.91 -4.84 -40.03
C ALA K 138 -2.66 -3.90 -41.20
N VAL K 139 -3.45 -2.82 -41.31
CA VAL K 139 -3.24 -1.86 -42.39
C VAL K 139 -1.94 -1.08 -42.23
N ILE K 140 -1.67 -0.59 -41.02
CA ILE K 140 -0.46 0.19 -40.82
C ILE K 140 0.74 -0.71 -41.05
N LYS K 141 0.70 -1.93 -40.51
CA LYS K 141 1.77 -2.87 -40.67
C LYS K 141 2.04 -3.13 -42.13
N LYS K 142 1.00 -3.31 -42.94
CA LYS K 142 1.24 -3.50 -44.35
C LYS K 142 2.01 -2.32 -44.93
N GLU K 143 1.67 -1.08 -44.53
CA GLU K 143 2.42 0.07 -45.03
C GLU K 143 3.84 0.06 -44.50
N MET K 144 4.05 -0.36 -43.25
CA MET K 144 5.40 -0.43 -42.73
C MET K 144 6.23 -1.34 -43.59
N PHE K 145 5.67 -2.46 -44.00
CA PHE K 145 6.41 -3.39 -44.83
C PHE K 145 6.63 -2.80 -46.22
N ARG K 146 5.63 -2.13 -46.78
CA ARG K 146 5.81 -1.55 -48.11
C ARG K 146 6.95 -0.55 -48.10
N LEU K 147 6.99 0.29 -47.08
CA LEU K 147 8.03 1.28 -46.98
C LEU K 147 9.36 0.62 -46.69
N ASN K 148 9.43 -0.43 -45.87
CA ASN K 148 10.73 -1.04 -45.68
C ASN K 148 11.23 -1.61 -46.97
N ALA K 149 10.35 -2.12 -47.82
CA ALA K 149 10.81 -2.64 -49.09
C ALA K 149 11.44 -1.52 -49.92
N GLU K 150 10.82 -0.33 -49.91
CA GLU K 150 11.36 0.82 -50.65
C GLU K 150 12.68 1.32 -50.06
N PHE K 151 12.78 1.29 -48.73
CA PHE K 151 13.97 1.78 -48.08
C PHE K 151 15.14 0.85 -48.29
N THR K 152 14.92 -0.47 -48.24
CA THR K 152 16.03 -1.40 -48.37
C THR K 152 16.25 -1.91 -49.79
N GLY K 153 15.28 -1.77 -50.69
CA GLY K 153 15.48 -2.27 -52.05
C GLY K 153 15.27 -3.77 -52.14
N GLN K 154 14.39 -4.28 -51.29
CA GLN K 154 14.11 -5.70 -51.24
C GLN K 154 12.71 -6.00 -51.73
N PRO K 155 12.44 -7.20 -52.24
CA PRO K 155 11.11 -7.67 -52.56
C PRO K 155 10.26 -7.61 -51.31
N ILE K 156 8.99 -7.29 -51.45
CA ILE K 156 8.12 -7.23 -50.30
C ILE K 156 8.01 -8.56 -49.60
N GLU K 157 8.09 -9.66 -50.36
CA GLU K 157 8.02 -10.99 -49.80
C GLU K 157 9.19 -11.26 -48.86
N ARG K 158 10.36 -10.68 -49.15
CA ARG K 158 11.52 -10.91 -48.33
C ARG K 158 11.35 -10.10 -47.07
N ILE K 159 10.79 -8.90 -47.21
CA ILE K 159 10.61 -8.08 -46.04
C ILE K 159 9.70 -8.79 -45.08
N GLU K 160 8.60 -9.36 -45.57
CA GLU K 160 7.68 -10.07 -44.70
C GLU K 160 8.34 -11.28 -44.06
N ALA K 161 9.15 -12.03 -44.83
CA ALA K 161 9.81 -13.22 -44.31
C ALA K 161 10.75 -12.89 -43.16
N ASP K 162 11.41 -11.75 -43.24
CA ASP K 162 12.27 -11.36 -42.16
C ASP K 162 11.53 -10.59 -41.08
N SER K 163 10.51 -9.82 -41.43
CA SER K 163 9.82 -8.96 -40.48
C SER K 163 8.92 -9.69 -39.52
N ASP K 164 8.39 -10.84 -39.89
CA ASP K 164 7.51 -11.52 -38.94
C ASP K 164 8.30 -12.47 -38.04
N ARG K 165 9.63 -12.41 -38.10
CA ARG K 165 10.46 -13.26 -37.29
C ARG K 165 11.40 -12.41 -36.49
N ASP K 166 11.87 -12.91 -35.38
CA ASP K 166 12.82 -12.14 -34.61
C ASP K 166 14.23 -12.32 -35.16
N ARG K 167 14.46 -11.69 -36.31
CA ARG K 167 15.72 -11.77 -37.02
C ARG K 167 16.58 -10.54 -36.86
N TRP K 168 17.65 -10.70 -36.12
CA TRP K 168 18.57 -9.61 -35.88
C TRP K 168 19.63 -9.56 -36.94
N PHE K 169 19.98 -8.36 -37.36
CA PHE K 169 21.06 -8.13 -38.29
C PHE K 169 22.22 -7.48 -37.56
N THR K 170 23.42 -7.90 -37.88
CA THR K 170 24.57 -7.22 -37.29
C THR K 170 24.74 -5.97 -38.09
N ALA K 171 25.55 -5.03 -37.63
CA ALA K 171 25.65 -3.82 -38.42
C ALA K 171 26.15 -4.12 -39.83
N ALA K 172 27.08 -5.06 -39.97
CA ALA K 172 27.60 -5.37 -41.28
C ALA K 172 26.53 -5.99 -42.17
N GLU K 173 25.70 -6.86 -41.59
CA GLU K 173 24.64 -7.51 -42.33
C GLU K 173 23.59 -6.50 -42.73
N ALA K 174 23.31 -5.54 -41.86
CA ALA K 174 22.32 -4.54 -42.11
C ALA K 174 22.73 -3.69 -43.31
N LEU K 175 24.03 -3.47 -43.49
CA LEU K 175 24.45 -2.72 -44.64
C LEU K 175 24.20 -3.54 -45.88
N GLU K 176 24.55 -4.83 -45.85
CA GLU K 176 24.39 -5.66 -47.04
C GLU K 176 22.93 -5.76 -47.46
N TYR K 177 22.05 -5.82 -46.47
CA TYR K 177 20.61 -5.92 -46.67
C TYR K 177 20.01 -4.64 -47.25
N GLY K 178 20.67 -3.49 -47.09
CA GLY K 178 20.13 -2.22 -47.52
C GLY K 178 19.51 -1.31 -46.45
N PHE K 179 19.66 -1.59 -45.15
CA PHE K 179 19.07 -0.69 -44.16
C PHE K 179 19.96 0.52 -43.98
N VAL K 180 21.24 0.25 -44.06
CA VAL K 180 22.34 1.16 -43.82
C VAL K 180 23.22 1.37 -45.04
N ASP K 181 23.63 2.60 -45.31
CA ASP K 181 24.47 2.84 -46.46
C ASP K 181 25.93 2.72 -46.07
N HIS K 182 26.26 3.14 -44.84
CA HIS K 182 27.65 3.09 -44.41
C HIS K 182 27.84 2.67 -42.95
N ILE K 183 28.94 1.98 -42.68
CA ILE K 183 29.33 1.66 -41.32
C ILE K 183 30.40 2.66 -40.97
N ILE K 184 30.29 3.31 -39.83
CA ILE K 184 31.27 4.33 -39.51
C ILE K 184 32.39 3.84 -38.63
N THR K 185 33.59 3.89 -39.15
CA THR K 185 34.75 3.44 -38.43
C THR K 185 35.77 4.57 -38.32
N ARG K 186 36.72 4.40 -37.43
CA ARG K 186 37.78 5.36 -37.19
C ARG K 186 39.09 4.64 -36.89
N SER L 9 20.27 22.34 -8.45
CA SER L 9 21.01 21.11 -8.21
C SER L 9 22.50 21.30 -8.27
N LEU L 10 23.16 21.19 -7.12
CA LEU L 10 24.59 21.33 -7.09
C LEU L 10 25.23 20.25 -7.93
N THR L 11 24.67 19.05 -7.87
CA THR L 11 25.22 17.92 -8.58
C THR L 11 25.26 18.14 -10.08
N ASP L 12 24.20 18.71 -10.63
CA ASP L 12 24.16 18.91 -12.07
C ASP L 12 24.98 20.12 -12.43
N SER L 13 25.04 21.11 -11.54
CA SER L 13 25.82 22.32 -11.79
C SER L 13 27.30 21.97 -11.87
N VAL L 14 27.76 21.12 -10.97
CA VAL L 14 29.15 20.71 -10.98
C VAL L 14 29.44 19.93 -12.24
N TYR L 15 28.55 19.02 -12.64
CA TYR L 15 28.86 18.30 -13.85
C TYR L 15 28.86 19.20 -15.08
N GLU L 16 27.97 20.20 -15.17
CA GLU L 16 28.06 21.08 -16.34
C GLU L 16 29.37 21.84 -16.34
N ARG L 17 29.83 22.29 -15.18
CA ARG L 17 31.08 23.03 -15.17
C ARG L 17 32.22 22.13 -15.59
N LEU L 18 32.20 20.87 -15.19
CA LEU L 18 33.20 19.92 -15.62
C LEU L 18 33.06 19.54 -17.09
N LEU L 19 31.85 19.49 -17.61
CA LEU L 19 31.67 19.15 -19.00
C LEU L 19 32.39 20.20 -19.85
N SER L 20 32.35 21.47 -19.42
CA SER L 20 33.04 22.56 -20.12
C SER L 20 34.58 22.45 -20.05
N GLU L 21 35.10 21.59 -19.16
CA GLU L 21 36.52 21.33 -18.96
C GLU L 21 36.86 20.04 -19.71
N ARG L 22 35.86 19.54 -20.44
CA ARG L 22 35.85 18.31 -21.21
C ARG L 22 36.03 17.07 -20.35
N ILE L 23 35.37 17.06 -19.19
CA ILE L 23 35.37 15.94 -18.28
C ILE L 23 33.98 15.30 -18.18
N ILE L 24 33.92 14.00 -18.43
CA ILE L 24 32.70 13.18 -18.42
C ILE L 24 32.76 12.11 -17.35
N PHE L 25 31.69 11.91 -16.61
CA PHE L 25 31.71 10.84 -15.62
C PHE L 25 30.76 9.72 -15.95
N LEU L 26 31.22 8.52 -15.66
CA LEU L 26 30.44 7.31 -15.71
C LEU L 26 30.44 6.80 -14.29
N GLY L 27 29.53 7.31 -13.48
CA GLY L 27 29.55 7.01 -12.06
C GLY L 27 28.59 5.92 -11.59
N SER L 28 27.82 5.36 -12.52
CA SER L 28 26.85 4.33 -12.15
C SER L 28 26.27 3.57 -13.33
N GLU L 29 25.65 2.42 -13.03
CA GLU L 29 24.72 1.67 -13.89
C GLU L 29 25.07 1.17 -15.31
N VAL L 30 25.67 2.01 -16.13
CA VAL L 30 25.95 1.73 -17.54
C VAL L 30 24.78 1.00 -18.21
N ASN L 31 23.58 1.51 -18.04
CA ASN L 31 22.36 1.01 -18.64
C ASN L 31 22.01 1.85 -19.85
N ASP L 32 20.88 1.61 -20.49
CA ASP L 32 20.56 2.38 -21.68
C ASP L 32 20.41 3.87 -21.41
N GLU L 33 19.90 4.24 -20.24
CA GLU L 33 19.74 5.66 -19.95
C GLU L 33 21.11 6.32 -19.80
N ILE L 34 22.02 5.65 -19.12
CA ILE L 34 23.35 6.18 -18.97
C ILE L 34 24.08 6.21 -20.28
N ALA L 35 23.95 5.16 -21.09
CA ALA L 35 24.62 5.17 -22.36
C ALA L 35 24.11 6.28 -23.23
N ASN L 36 22.82 6.59 -23.19
CA ASN L 36 22.35 7.67 -24.01
C ASN L 36 22.89 9.00 -23.50
N ARG L 37 23.02 9.13 -22.17
CA ARG L 37 23.54 10.37 -21.62
C ARG L 37 25.02 10.54 -21.97
N LEU L 38 25.81 9.46 -21.94
CA LEU L 38 27.20 9.65 -22.28
C LEU L 38 27.37 9.78 -23.75
N CYS L 39 26.60 9.06 -24.55
CA CYS L 39 26.82 9.21 -25.96
C CYS L 39 26.54 10.65 -26.32
N ALA L 40 25.49 11.24 -25.73
CA ALA L 40 25.21 12.62 -26.02
C ALA L 40 26.35 13.54 -25.56
N GLN L 41 26.94 13.30 -24.38
CA GLN L 41 28.04 14.14 -23.93
C GLN L 41 29.29 14.00 -24.78
N ILE L 42 29.58 12.79 -25.25
CA ILE L 42 30.77 12.58 -26.06
C ILE L 42 30.57 13.27 -27.39
N LEU L 43 29.39 13.11 -28.00
CA LEU L 43 29.09 13.75 -29.28
C LEU L 43 29.13 15.25 -29.15
N LEU L 44 28.64 15.77 -28.02
CA LEU L 44 28.65 17.20 -27.80
C LEU L 44 30.03 17.73 -27.67
N LEU L 45 30.87 17.09 -26.88
CA LEU L 45 32.19 17.65 -26.73
C LEU L 45 32.97 17.55 -28.01
N ALA L 46 32.78 16.46 -28.75
CA ALA L 46 33.48 16.35 -30.01
C ALA L 46 33.02 17.42 -30.97
N ALA L 47 31.71 17.71 -30.99
CA ALA L 47 31.16 18.73 -31.86
C ALA L 47 31.68 20.11 -31.49
N GLU L 48 31.82 20.40 -30.19
CA GLU L 48 32.29 21.72 -29.80
C GLU L 48 33.73 21.98 -30.19
N ASP L 49 34.61 20.99 -30.00
CA ASP L 49 36.02 21.16 -30.35
C ASP L 49 36.73 19.81 -30.44
N ALA L 50 36.91 19.29 -31.64
CA ALA L 50 37.49 17.96 -31.78
C ALA L 50 39.00 17.95 -31.65
N SER L 51 39.62 19.11 -31.51
CA SER L 51 41.07 19.14 -31.41
C SER L 51 41.52 18.83 -29.99
N LYS L 52 40.58 18.82 -29.03
CA LYS L 52 40.95 18.61 -27.64
C LYS L 52 40.49 17.28 -27.09
N ASP L 53 41.26 16.78 -26.14
CA ASP L 53 40.97 15.52 -25.48
C ASP L 53 39.75 15.60 -24.58
N ILE L 54 39.12 14.47 -24.39
CA ILE L 54 38.02 14.29 -23.46
C ILE L 54 38.48 13.38 -22.35
N SER L 55 38.25 13.74 -21.10
CA SER L 55 38.65 12.86 -20.00
C SER L 55 37.44 12.18 -19.39
N LEU L 56 37.40 10.85 -19.47
CA LEU L 56 36.31 10.07 -18.92
C LEU L 56 36.68 9.42 -17.60
N TYR L 57 35.97 9.77 -16.55
CA TYR L 57 36.24 9.23 -15.23
C TYR L 57 35.24 8.15 -14.94
N ILE L 58 35.73 6.99 -14.57
CA ILE L 58 34.92 5.83 -14.34
C ILE L 58 34.92 5.36 -12.91
N ASN L 59 33.73 5.18 -12.39
CA ASN L 59 33.49 4.65 -11.06
C ASN L 59 32.18 3.92 -11.17
N SER L 60 32.20 2.74 -11.73
CA SER L 60 30.98 2.05 -12.06
C SER L 60 31.07 0.54 -12.02
N PRO L 61 30.07 -0.15 -11.43
CA PRO L 61 29.92 -1.59 -11.33
C PRO L 61 29.60 -2.25 -12.65
N GLY L 62 29.24 -1.46 -13.67
CA GLY L 62 28.91 -2.05 -14.95
C GLY L 62 27.42 -2.15 -15.17
N GLY L 63 27.04 -2.73 -16.31
CA GLY L 63 25.66 -2.77 -16.74
C GLY L 63 25.50 -3.56 -18.02
N SER L 64 24.40 -3.33 -18.72
CA SER L 64 24.04 -4.04 -19.91
C SER L 64 25.16 -4.00 -20.92
N ILE L 65 25.45 -5.15 -21.51
CA ILE L 65 26.55 -5.24 -22.45
C ILE L 65 26.32 -4.39 -23.69
N SER L 66 25.06 -4.24 -24.11
CA SER L 66 24.77 -3.44 -25.27
C SER L 66 24.86 -1.95 -24.99
N ALA L 67 24.72 -1.53 -23.72
CA ALA L 67 24.81 -0.13 -23.38
C ALA L 67 26.26 0.25 -23.42
N GLY L 68 27.10 -0.64 -22.93
CA GLY L 68 28.51 -0.40 -22.92
C GLY L 68 29.03 -0.32 -24.35
N MET L 69 28.50 -1.15 -25.25
CA MET L 69 28.95 -1.07 -26.63
C MET L 69 28.49 0.23 -27.28
N ALA L 70 27.29 0.73 -26.96
CA ALA L 70 26.90 2.01 -27.55
C ALA L 70 27.87 3.11 -27.12
N ILE L 71 28.31 3.08 -25.87
CA ILE L 71 29.23 4.10 -25.38
C ILE L 71 30.54 3.93 -26.11
N TYR L 72 31.02 2.69 -26.20
CA TYR L 72 32.27 2.39 -26.89
C TYR L 72 32.28 2.86 -28.32
N ASP L 73 31.25 2.55 -29.09
CA ASP L 73 31.29 3.01 -30.46
C ASP L 73 31.29 4.51 -30.54
N THR L 74 30.57 5.20 -29.64
CA THR L 74 30.57 6.65 -29.67
C THR L 74 31.97 7.16 -29.34
N MET L 75 32.66 6.54 -28.37
CA MET L 75 34.03 6.95 -28.05
C MET L 75 34.93 6.81 -29.26
N VAL L 76 34.76 5.74 -30.01
CA VAL L 76 35.56 5.53 -31.21
C VAL L 76 35.22 6.55 -32.27
N LEU L 77 33.92 6.79 -32.49
CA LEU L 77 33.42 7.71 -33.50
C LEU L 77 33.94 9.13 -33.31
N ALA L 78 33.90 9.61 -32.07
CA ALA L 78 34.33 10.96 -31.81
C ALA L 78 35.78 11.13 -32.26
N PRO L 79 36.11 12.07 -33.15
CA PRO L 79 37.43 12.28 -33.68
C PRO L 79 38.33 13.04 -32.74
N CYS L 80 38.53 12.51 -31.55
CA CYS L 80 39.36 13.17 -30.54
C CYS L 80 39.80 12.17 -29.51
N ASP L 81 41.00 12.28 -28.99
CA ASP L 81 41.40 11.29 -27.99
C ASP L 81 40.56 11.31 -26.74
N ILE L 82 40.28 10.12 -26.22
CA ILE L 82 39.58 10.02 -24.97
C ILE L 82 40.47 9.35 -23.95
N ALA L 83 40.74 10.06 -22.88
CA ALA L 83 41.55 9.54 -21.80
C ALA L 83 40.59 8.89 -20.86
N THR L 84 40.99 7.83 -20.22
CA THR L 84 40.08 7.20 -19.28
C THR L 84 40.74 7.05 -17.95
N TYR L 85 39.96 7.22 -16.88
CA TYR L 85 40.49 7.08 -15.55
C TYR L 85 39.68 6.17 -14.67
N ALA L 86 40.35 5.24 -14.00
CA ALA L 86 39.66 4.43 -13.02
C ALA L 86 39.79 5.10 -11.70
N MET L 87 38.73 5.78 -11.24
CA MET L 87 38.87 6.54 -10.01
C MET L 87 38.30 5.80 -8.83
N GLY L 88 37.84 4.60 -9.09
CA GLY L 88 37.22 3.77 -8.09
C GLY L 88 37.04 2.40 -8.66
N MET L 89 35.81 2.04 -8.93
CA MET L 89 35.52 0.76 -9.52
C MET L 89 35.38 0.83 -11.03
N ALA L 90 35.92 -0.14 -11.71
CA ALA L 90 35.72 -0.26 -13.14
C ALA L 90 35.40 -1.70 -13.39
N ALA L 91 34.13 -2.06 -13.27
CA ALA L 91 33.77 -3.46 -13.40
C ALA L 91 32.91 -3.73 -14.61
N SER L 92 33.18 -4.85 -15.24
CA SER L 92 32.39 -5.29 -16.38
C SER L 92 32.44 -4.23 -17.47
N MET L 93 31.34 -3.63 -17.86
CA MET L 93 31.47 -2.64 -18.93
C MET L 93 32.29 -1.44 -18.47
N GLY L 94 32.38 -1.18 -17.16
CA GLY L 94 33.19 -0.08 -16.69
C GLY L 94 34.65 -0.38 -17.04
N GLU L 95 35.06 -1.65 -16.98
CA GLU L 95 36.40 -2.07 -17.29
C GLU L 95 36.64 -1.98 -18.75
N PHE L 96 35.63 -2.34 -19.51
CA PHE L 96 35.75 -2.34 -20.94
C PHE L 96 36.04 -0.94 -21.42
N LEU L 97 35.25 0.01 -20.92
CA LEU L 97 35.37 1.40 -21.31
C LEU L 97 36.67 1.99 -20.80
N LEU L 98 37.17 1.53 -19.67
CA LEU L 98 38.46 2.00 -19.19
C LEU L 98 39.56 1.58 -20.15
N ALA L 99 39.56 0.29 -20.48
CA ALA L 99 40.52 -0.35 -21.35
C ALA L 99 40.44 0.19 -22.76
N ALA L 100 39.26 0.64 -23.14
CA ALA L 100 38.94 1.17 -24.45
C ALA L 100 39.41 2.59 -24.70
N GLY L 101 40.01 3.25 -23.72
CA GLY L 101 40.45 4.62 -23.96
C GLY L 101 41.67 4.60 -24.84
N THR L 102 42.14 5.77 -25.24
CA THR L 102 43.29 5.83 -26.13
C THR L 102 44.53 5.30 -25.47
N LYS L 103 45.27 4.46 -26.18
CA LYS L 103 46.46 3.87 -25.59
C LYS L 103 47.45 4.94 -25.23
N GLY L 104 47.96 4.86 -24.02
CA GLY L 104 48.92 5.79 -23.48
C GLY L 104 48.21 6.77 -22.58
N LYS L 105 46.88 6.78 -22.63
CA LYS L 105 46.07 7.66 -21.84
C LYS L 105 45.08 6.92 -20.94
N ARG L 106 45.29 5.61 -20.71
CA ARG L 106 44.42 4.87 -19.82
C ARG L 106 45.08 4.91 -18.44
N TYR L 107 44.38 5.46 -17.46
CA TYR L 107 44.92 5.65 -16.13
C TYR L 107 44.12 5.03 -15.02
N ALA L 108 44.78 4.74 -13.93
CA ALA L 108 44.08 4.30 -12.73
C ALA L 108 44.65 5.00 -11.54
N LEU L 109 43.81 5.26 -10.58
CA LEU L 109 44.31 5.83 -9.37
C LEU L 109 44.74 4.63 -8.53
N PRO L 110 45.67 4.74 -7.58
CA PRO L 110 46.20 3.65 -6.80
C PRO L 110 45.22 2.71 -6.11
N HIS L 111 44.04 3.18 -5.69
CA HIS L 111 43.15 2.26 -5.01
C HIS L 111 42.01 1.82 -5.88
N ALA L 112 42.15 2.05 -7.17
CA ALA L 112 41.15 1.64 -8.13
C ALA L 112 41.11 0.14 -8.19
N ARG L 113 39.94 -0.39 -8.46
CA ARG L 113 39.78 -1.83 -8.60
C ARG L 113 39.10 -2.14 -9.89
N ILE L 114 39.73 -3.01 -10.64
CA ILE L 114 39.27 -3.36 -11.97
C ILE L 114 38.81 -4.80 -12.06
N LEU L 115 37.59 -4.99 -12.52
CA LEU L 115 37.07 -6.34 -12.68
C LEU L 115 36.77 -6.68 -14.09
N MET L 116 37.60 -7.50 -14.67
CA MET L 116 37.29 -7.87 -16.01
C MET L 116 36.37 -9.01 -15.84
N HIS L 117 35.19 -8.86 -16.34
CA HIS L 117 34.16 -9.86 -16.20
C HIS L 117 33.16 -9.57 -17.27
N GLN L 118 32.16 -10.38 -17.34
CA GLN L 118 31.15 -10.17 -18.32
C GLN L 118 29.89 -9.68 -17.63
N PRO L 119 29.05 -8.93 -18.30
CA PRO L 119 27.72 -8.62 -17.87
C PRO L 119 27.01 -9.94 -17.86
N LEU L 120 26.02 -10.11 -17.02
CA LEU L 120 25.28 -11.37 -17.08
C LEU L 120 24.05 -11.24 -17.97
N GLY L 121 23.87 -10.04 -18.51
CA GLY L 121 22.79 -9.74 -19.46
C GLY L 121 21.44 -9.47 -18.81
N GLY L 122 20.88 -10.52 -18.26
CA GLY L 122 19.55 -10.49 -17.64
C GLY L 122 18.50 -11.16 -18.54
N VAL L 123 17.61 -11.94 -17.92
CA VAL L 123 16.56 -12.67 -18.65
C VAL L 123 15.15 -12.10 -18.60
N THR L 124 14.59 -11.75 -19.76
CA THR L 124 13.20 -11.26 -19.79
C THR L 124 12.39 -11.85 -20.94
N GLY L 125 11.06 -11.79 -20.85
CA GLY L 125 10.20 -12.23 -21.95
C GLY L 125 9.83 -13.72 -21.94
N SER L 126 9.27 -14.17 -23.06
CA SER L 126 8.75 -15.52 -23.23
C SER L 126 9.90 -16.45 -23.56
N ALA L 127 9.67 -17.75 -23.54
CA ALA L 127 10.78 -18.66 -23.85
C ALA L 127 11.35 -18.36 -25.24
N ALA L 128 10.49 -17.96 -26.17
CA ALA L 128 10.91 -17.58 -27.51
C ALA L 128 11.85 -16.39 -27.51
N ASP L 129 11.67 -15.46 -26.56
CA ASP L 129 12.47 -14.26 -26.54
C ASP L 129 13.76 -14.52 -25.82
N ILE L 130 13.70 -15.33 -24.78
CA ILE L 130 14.85 -15.60 -23.94
C ILE L 130 15.88 -16.32 -24.74
N ALA L 131 15.43 -17.25 -25.56
CA ALA L 131 16.26 -18.04 -26.44
C ALA L 131 17.03 -17.17 -27.42
N ILE L 132 16.54 -15.98 -27.71
CA ILE L 132 17.21 -15.08 -28.62
C ILE L 132 18.09 -14.17 -27.82
N GLN L 133 17.61 -13.67 -26.69
CA GLN L 133 18.43 -12.76 -25.92
C GLN L 133 19.71 -13.45 -25.55
N ALA L 134 19.64 -14.73 -25.23
CA ALA L 134 20.81 -15.49 -24.89
C ALA L 134 21.78 -15.60 -26.04
N GLU L 135 21.27 -15.70 -27.27
CA GLU L 135 22.12 -15.81 -28.45
C GLU L 135 22.76 -14.48 -28.76
N GLN L 136 21.99 -13.41 -28.64
CA GLN L 136 22.52 -12.10 -28.94
C GLN L 136 23.58 -11.76 -27.93
N PHE L 137 23.35 -12.16 -26.69
CA PHE L 137 24.30 -11.97 -25.64
C PHE L 137 25.55 -12.74 -25.95
N ALA L 138 25.44 -14.01 -26.31
CA ALA L 138 26.64 -14.75 -26.59
C ALA L 138 27.48 -14.10 -27.68
N VAL L 139 26.83 -13.52 -28.70
CA VAL L 139 27.57 -12.86 -29.76
C VAL L 139 28.23 -11.56 -29.28
N ILE L 140 27.51 -10.75 -28.52
CA ILE L 140 28.09 -9.50 -28.08
C ILE L 140 29.22 -9.80 -27.13
N LYS L 141 29.02 -10.75 -26.22
CA LYS L 141 30.04 -11.14 -25.26
C LYS L 141 31.28 -11.60 -25.99
N LYS L 142 31.15 -12.39 -27.05
CA LYS L 142 32.33 -12.78 -27.79
C LYS L 142 33.08 -11.55 -28.30
N GLU L 143 32.36 -10.53 -28.80
CA GLU L 143 33.05 -9.31 -29.23
C GLU L 143 33.68 -8.57 -28.06
N MET L 144 33.02 -8.57 -26.91
CA MET L 144 33.60 -7.91 -25.75
C MET L 144 34.94 -8.54 -25.45
N PHE L 145 35.02 -9.87 -25.52
CA PHE L 145 36.26 -10.54 -25.23
C PHE L 145 37.28 -10.26 -26.32
N ARG L 146 36.87 -10.24 -27.58
CA ARG L 146 37.83 -9.96 -28.66
C ARG L 146 38.45 -8.59 -28.45
N LEU L 147 37.62 -7.60 -28.14
CA LEU L 147 38.12 -6.28 -27.93
C LEU L 147 38.95 -6.19 -26.68
N ASN L 148 38.61 -6.90 -25.60
CA ASN L 148 39.47 -6.81 -24.45
C ASN L 148 40.83 -7.39 -24.77
N ALA L 149 40.89 -8.41 -25.62
CA ALA L 149 42.18 -8.95 -25.97
C ALA L 149 43.01 -7.90 -26.70
N GLU L 150 42.38 -7.13 -27.60
CA GLU L 150 43.09 -6.07 -28.32
C GLU L 150 43.51 -4.92 -27.42
N PHE L 151 42.67 -4.59 -26.44
CA PHE L 151 42.95 -3.50 -25.54
C PHE L 151 44.08 -3.84 -24.59
N THR L 152 44.10 -5.08 -24.07
CA THR L 152 45.12 -5.44 -23.10
C THR L 152 46.35 -6.11 -23.71
N GLY L 153 46.27 -6.62 -24.92
CA GLY L 153 47.43 -7.28 -25.50
C GLY L 153 47.60 -8.70 -24.99
N GLN L 154 46.47 -9.33 -24.68
CA GLN L 154 46.48 -10.67 -24.13
C GLN L 154 45.90 -11.66 -25.13
N PRO L 155 46.26 -12.95 -25.06
CA PRO L 155 45.63 -14.00 -25.82
C PRO L 155 44.16 -14.03 -25.47
N ILE L 156 43.32 -14.34 -26.44
CA ILE L 156 41.90 -14.39 -26.19
C ILE L 156 41.55 -15.45 -25.15
N GLU L 157 42.31 -16.53 -25.11
CA GLU L 157 42.09 -17.58 -24.15
C GLU L 157 42.30 -17.10 -22.73
N ARG L 158 43.23 -16.15 -22.52
CA ARG L 158 43.51 -15.65 -21.21
C ARG L 158 42.38 -14.73 -20.82
N ILE L 159 41.89 -13.97 -21.79
CA ILE L 159 40.80 -13.06 -21.48
C ILE L 159 39.62 -13.85 -21.02
N GLU L 160 39.30 -14.95 -21.71
CA GLU L 160 38.16 -15.75 -21.31
C GLU L 160 38.37 -16.37 -19.93
N ALA L 161 39.60 -16.86 -19.66
CA ALA L 161 39.89 -17.47 -18.37
C ALA L 161 39.69 -16.51 -17.22
N ASP L 162 40.03 -15.26 -17.43
CA ASP L 162 39.81 -14.29 -16.38
C ASP L 162 38.41 -13.70 -16.42
N SER L 163 37.82 -13.56 -17.60
CA SER L 163 36.54 -12.88 -17.75
C SER L 163 35.36 -13.68 -17.26
N ASP L 164 35.42 -15.01 -17.28
CA ASP L 164 34.26 -15.76 -16.82
C ASP L 164 34.35 -16.04 -15.32
N ARG L 165 35.31 -15.41 -14.63
CA ARG L 165 35.47 -15.60 -13.21
C ARG L 165 35.43 -14.27 -12.53
N ASP L 166 35.06 -14.24 -11.28
CA ASP L 166 35.06 -12.98 -10.57
C ASP L 166 36.46 -12.65 -10.08
N ARG L 167 37.31 -12.27 -11.01
CA ARG L 167 38.71 -11.96 -10.74
C ARG L 167 38.98 -10.48 -10.71
N TRP L 168 39.24 -9.97 -9.52
CA TRP L 168 39.54 -8.57 -9.35
C TRP L 168 41.02 -8.30 -9.49
N PHE L 169 41.36 -7.21 -10.13
CA PHE L 169 42.72 -6.76 -10.26
C PHE L 169 42.91 -5.52 -9.42
N THR L 170 44.05 -5.42 -8.75
CA THR L 170 44.32 -4.20 -8.02
C THR L 170 44.79 -3.23 -9.05
N ALA L 171 44.88 -1.95 -8.72
CA ALA L 171 45.30 -1.03 -9.76
C ALA L 171 46.69 -1.40 -10.29
N ALA L 172 47.59 -1.84 -9.41
CA ALA L 172 48.92 -2.20 -9.87
C ALA L 172 48.88 -3.41 -10.79
N GLU L 173 48.04 -4.39 -10.45
CA GLU L 173 47.92 -5.59 -11.27
C GLU L 173 47.30 -5.26 -12.61
N ALA L 174 46.35 -4.34 -12.61
CA ALA L 174 45.68 -3.96 -13.83
C ALA L 174 46.64 -3.33 -14.80
N LEU L 175 47.63 -2.62 -14.28
CA LEU L 175 48.62 -2.04 -15.17
C LEU L 175 49.44 -3.16 -15.78
N GLU L 176 49.88 -4.11 -14.96
CA GLU L 176 50.73 -5.19 -15.46
C GLU L 176 50.02 -6.00 -16.53
N TYR L 177 48.73 -6.21 -16.34
CA TYR L 177 47.87 -6.96 -17.24
C TYR L 177 47.64 -6.25 -18.57
N GLY L 178 47.81 -4.93 -18.61
CA GLY L 178 47.53 -4.16 -19.82
C GLY L 178 46.19 -3.39 -19.86
N PHE L 179 45.44 -3.26 -18.76
CA PHE L 179 44.19 -2.51 -18.84
C PHE L 179 44.47 -1.03 -18.78
N VAL L 180 45.47 -0.72 -17.98
CA VAL L 180 45.93 0.61 -17.62
C VAL L 180 47.36 0.88 -18.04
N ASP L 181 47.63 2.07 -18.57
CA ASP L 181 48.98 2.39 -18.99
C ASP L 181 49.75 3.01 -17.83
N HIS L 182 49.05 3.80 -17.01
CA HIS L 182 49.74 4.46 -15.90
C HIS L 182 48.92 4.51 -14.61
N ILE L 183 49.62 4.46 -13.48
CA ILE L 183 48.99 4.67 -12.19
C ILE L 183 49.33 6.08 -11.80
N ILE L 184 48.34 6.86 -11.40
CA ILE L 184 48.64 8.25 -11.10
C ILE L 184 48.89 8.52 -9.63
N THR L 185 50.09 8.97 -9.34
CA THR L 185 50.48 9.25 -7.97
C THR L 185 50.91 10.70 -7.86
N ARG L 186 50.99 11.17 -6.62
CA ARG L 186 51.40 12.53 -6.31
C ARG L 186 52.23 12.54 -5.03
N SER M 9 16.36 26.31 -4.63
CA SER M 9 16.92 25.61 -3.48
C SER M 9 17.96 26.41 -2.77
N LEU M 10 17.64 26.88 -1.57
CA LEU M 10 18.60 27.63 -0.79
C LEU M 10 19.80 26.78 -0.50
N THR M 11 19.58 25.50 -0.22
CA THR M 11 20.64 24.59 0.14
C THR M 11 21.67 24.46 -0.96
N ASP M 12 21.22 24.36 -2.20
CA ASP M 12 22.16 24.19 -3.30
C ASP M 12 22.79 25.51 -3.63
N SER M 13 22.05 26.61 -3.47
CA SER M 13 22.57 27.94 -3.74
C SER M 13 23.71 28.26 -2.81
N VAL M 14 23.55 27.93 -1.53
CA VAL M 14 24.59 28.18 -0.55
C VAL M 14 25.80 27.34 -0.88
N TYR M 15 25.61 26.06 -1.24
CA TYR M 15 26.79 25.28 -1.55
C TYR M 15 27.49 25.79 -2.80
N GLU M 16 26.77 26.25 -3.83
CA GLU M 16 27.50 26.78 -4.98
C GLU M 16 28.30 28.02 -4.59
N ARG M 17 27.73 28.87 -3.76
CA ARG M 17 28.48 30.06 -3.38
C ARG M 17 29.72 29.69 -2.60
N LEU M 18 29.62 28.66 -1.76
CA LEU M 18 30.78 28.18 -1.03
C LEU M 18 31.76 27.46 -1.94
N LEU M 19 31.29 26.76 -2.95
CA LEU M 19 32.20 26.06 -3.85
C LEU M 19 33.11 27.10 -4.50
N SER M 20 32.58 28.28 -4.81
CA SER M 20 33.37 29.36 -5.41
C SER M 20 34.42 29.96 -4.45
N GLU M 21 34.30 29.65 -3.15
CA GLU M 21 35.20 30.07 -2.07
C GLU M 21 36.16 28.93 -1.79
N ARG M 22 36.06 27.88 -2.63
CA ARG M 22 36.78 26.65 -2.58
C ARG M 22 36.52 25.84 -1.32
N ILE M 23 35.25 25.82 -0.90
CA ILE M 23 34.81 25.05 0.24
C ILE M 23 33.87 23.91 -0.18
N ILE M 24 34.22 22.69 0.21
CA ILE M 24 33.49 21.46 -0.09
C ILE M 24 32.98 20.80 1.16
N PHE M 25 31.74 20.33 1.16
CA PHE M 25 31.25 19.64 2.34
C PHE M 25 30.99 18.18 2.11
N LEU M 26 31.30 17.40 3.12
CA LEU M 26 30.99 16.00 3.19
C LEU M 26 30.09 15.88 4.40
N GLY M 27 28.81 16.12 4.20
CA GLY M 27 27.88 16.19 5.32
C GLY M 27 27.07 14.93 5.59
N SER M 28 27.26 13.89 4.80
CA SER M 28 26.49 12.66 4.97
C SER M 28 27.04 11.48 4.20
N GLU M 29 26.59 10.27 4.57
CA GLU M 29 26.67 9.02 3.81
C GLU M 29 27.97 8.41 3.28
N VAL M 30 28.83 9.20 2.68
CA VAL M 30 30.06 8.75 2.01
C VAL M 30 29.83 7.46 1.24
N ASN M 31 28.79 7.43 0.43
CA ASN M 31 28.44 6.31 -0.45
C ASN M 31 28.89 6.61 -1.85
N ASP M 32 28.58 5.76 -2.82
CA ASP M 32 29.06 6.01 -4.17
C ASP M 32 28.53 7.31 -4.75
N GLU M 33 27.30 7.68 -4.42
CA GLU M 33 26.74 8.91 -4.98
C GLU M 33 27.49 10.10 -4.41
N ILE M 34 27.77 10.08 -3.12
CA ILE M 34 28.50 11.16 -2.51
C ILE M 34 29.92 11.19 -3.00
N ALA M 35 30.57 10.04 -3.14
CA ALA M 35 31.92 10.05 -3.63
C ALA M 35 31.98 10.59 -5.02
N ASN M 36 31.00 10.31 -5.86
CA ASN M 36 31.07 10.85 -7.19
C ASN M 36 30.87 12.36 -7.15
N ARG M 37 30.01 12.85 -6.25
CA ARG M 37 29.80 14.28 -6.15
C ARG M 37 31.03 14.99 -5.64
N LEU M 38 31.74 14.41 -4.66
CA LEU M 38 32.92 15.09 -4.18
C LEU M 38 34.05 14.94 -5.14
N CYS M 39 34.18 13.80 -5.80
CA CYS M 39 35.29 13.69 -6.70
C CYS M 39 35.11 14.74 -7.78
N ALA M 40 33.87 14.93 -8.24
CA ALA M 40 33.65 15.94 -9.24
C ALA M 40 33.97 17.35 -8.71
N GLN M 41 33.61 17.67 -7.46
CA GLN M 41 33.92 18.98 -6.93
C GLN M 41 35.41 19.20 -6.72
N ILE M 42 36.14 18.17 -6.32
CA ILE M 42 37.57 18.33 -6.10
C ILE M 42 38.24 18.53 -7.43
N LEU M 43 37.86 17.74 -8.45
CA LEU M 43 38.44 17.87 -9.77
C LEU M 43 38.13 19.22 -10.36
N LEU M 44 36.93 19.72 -10.11
CA LEU M 44 36.54 21.01 -10.63
C LEU M 44 37.33 22.11 -10.00
N LEU M 45 37.48 22.10 -8.69
CA LEU M 45 38.19 23.19 -8.10
C LEU M 45 39.64 23.15 -8.48
N ALA M 46 40.21 21.95 -8.59
CA ALA M 46 41.59 21.87 -8.99
C ALA M 46 41.77 22.37 -10.41
N ALA M 47 40.81 22.05 -11.29
CA ALA M 47 40.87 22.50 -12.66
C ALA M 47 40.74 24.01 -12.77
N GLU M 48 39.89 24.62 -11.95
CA GLU M 48 39.74 26.06 -12.03
C GLU M 48 40.97 26.82 -11.60
N ASP M 49 41.60 26.41 -10.50
CA ASP M 49 42.81 27.07 -10.02
C ASP M 49 43.58 26.20 -9.05
N ALA M 50 44.65 25.55 -9.52
CA ALA M 50 45.35 24.61 -8.66
C ALA M 50 46.32 25.29 -7.71
N SER M 51 46.47 26.60 -7.81
CA SER M 51 47.41 27.27 -6.93
C SER M 51 46.79 27.54 -5.57
N LYS M 52 45.46 27.33 -5.45
CA LYS M 52 44.78 27.64 -4.20
C LYS M 52 44.30 26.41 -3.46
N ASP M 53 44.26 26.53 -2.15
CA ASP M 53 43.80 25.46 -1.28
C ASP M 53 42.32 25.21 -1.40
N ILE M 54 41.93 23.99 -1.10
CA ILE M 54 40.54 23.58 -1.00
C ILE M 54 40.24 23.24 0.44
N SER M 55 39.15 23.74 0.99
CA SER M 55 38.81 23.40 2.36
C SER M 55 37.65 22.43 2.41
N LEU M 56 37.89 21.25 2.96
CA LEU M 56 36.88 20.21 3.07
C LEU M 56 36.33 20.12 4.47
N TYR M 57 35.04 20.35 4.63
CA TYR M 57 34.39 20.30 5.92
C TYR M 57 33.67 18.99 6.06
N ILE M 58 33.96 18.29 7.14
CA ILE M 58 33.42 16.97 7.37
C ILE M 58 32.50 16.89 8.57
N ASN M 59 31.32 16.36 8.32
CA ASN M 59 30.32 16.08 9.33
C ASN M 59 29.61 14.87 8.85
N SER M 60 30.20 13.70 9.04
CA SER M 60 29.70 12.50 8.43
C SER M 60 29.99 11.23 9.22
N PRO M 61 28.99 10.33 9.38
CA PRO M 61 29.05 9.04 10.02
C PRO M 61 29.85 8.02 9.25
N GLY M 62 30.18 8.32 7.99
CA GLY M 62 30.94 7.37 7.20
C GLY M 62 30.07 6.57 6.26
N GLY M 63 30.70 5.64 5.54
CA GLY M 63 30.03 4.90 4.49
C GLY M 63 30.94 3.85 3.89
N SER M 64 30.61 3.41 2.69
CA SER M 64 31.32 2.35 2.01
C SER M 64 32.80 2.65 1.94
N ILE M 65 33.60 1.63 2.23
CA ILE M 65 35.04 1.82 2.26
C ILE M 65 35.60 2.18 0.89
N SER M 66 35.00 1.66 -0.17
CA SER M 66 35.47 1.96 -1.50
C SER M 66 35.09 3.37 -1.95
N ALA M 67 34.04 3.95 -1.36
CA ALA M 67 33.64 5.29 -1.74
C ALA M 67 34.61 6.25 -1.12
N GLY M 68 35.01 5.95 0.11
CA GLY M 68 35.95 6.78 0.80
C GLY M 68 37.30 6.75 0.09
N MET M 69 37.68 5.58 -0.43
CA MET M 69 38.94 5.53 -1.16
C MET M 69 38.86 6.31 -2.46
N ALA M 70 37.72 6.30 -3.16
CA ALA M 70 37.63 7.10 -4.38
C ALA M 70 37.84 8.58 -4.06
N ILE M 71 37.28 9.04 -2.93
CA ILE M 71 37.43 10.43 -2.55
C ILE M 71 38.87 10.69 -2.21
N TYR M 72 39.48 9.80 -1.44
CA TYR M 72 40.86 9.93 -1.06
C TYR M 72 41.80 10.01 -2.24
N ASP M 73 41.67 9.11 -3.21
CA ASP M 73 42.57 9.21 -4.33
C ASP M 73 42.37 10.50 -5.09
N THR M 74 41.14 10.99 -5.20
CA THR M 74 40.91 12.24 -5.90
C THR M 74 41.59 13.37 -5.12
N MET M 75 41.49 13.36 -3.78
CA MET M 75 42.16 14.38 -2.97
C MET M 75 43.65 14.38 -3.22
N VAL M 76 44.24 13.19 -3.32
CA VAL M 76 45.66 13.09 -3.59
C VAL M 76 46.00 13.58 -4.98
N LEU M 77 45.20 13.17 -5.98
CA LEU M 77 45.40 13.53 -7.37
C LEU M 77 45.40 15.02 -7.61
N ALA M 78 44.43 15.72 -7.02
CA ALA M 78 44.33 17.14 -7.21
C ALA M 78 45.63 17.81 -6.78
N PRO M 79 46.32 18.57 -7.63
CA PRO M 79 47.58 19.20 -7.34
C PRO M 79 47.42 20.48 -6.55
N CYS M 80 46.82 20.38 -5.38
CA CYS M 80 46.59 21.54 -4.53
C CYS M 80 46.35 21.10 -3.12
N ASP M 81 46.80 21.85 -2.14
CA ASP M 81 46.54 21.40 -0.78
C ASP M 81 45.09 21.33 -0.40
N ILE M 82 44.72 20.29 0.34
CA ILE M 82 43.38 20.19 0.85
C ILE M 82 43.40 20.23 2.35
N ALA M 83 42.73 21.22 2.90
CA ALA M 83 42.62 21.37 4.34
C ALA M 83 41.42 20.61 4.73
N THR M 84 41.42 20.00 5.88
CA THR M 84 40.24 19.28 6.30
C THR M 84 39.78 19.73 7.65
N TYR M 85 38.47 19.80 7.85
CA TYR M 85 37.94 20.22 9.13
C TYR M 85 36.91 19.27 9.69
N ALA M 86 37.07 18.91 10.94
CA ALA M 86 36.04 18.12 11.60
C ALA M 86 35.09 19.09 12.27
N MET M 87 33.93 19.31 11.66
CA MET M 87 33.04 20.33 12.21
C MET M 87 31.95 19.69 13.03
N GLY M 88 32.00 18.40 13.16
CA GLY M 88 31.01 17.64 13.87
C GLY M 88 31.51 16.24 14.01
N MET M 89 30.89 15.33 13.31
CA MET M 89 31.31 13.95 13.34
C MET M 89 32.26 13.60 12.20
N ALA M 90 33.27 12.83 12.50
CA ALA M 90 34.14 12.31 11.47
C ALA M 90 34.33 10.86 11.79
N ALA M 91 33.42 10.03 11.32
CA ALA M 91 33.50 8.62 11.68
C ALA M 91 33.77 7.73 10.49
N SER M 92 34.58 6.72 10.73
CA SER M 92 34.91 5.74 9.71
C SER M 92 35.52 6.43 8.52
N MET M 93 34.92 6.37 7.34
CA MET M 93 35.60 7.05 6.24
C MET M 93 35.65 8.56 6.46
N GLY M 94 34.75 9.12 7.27
CA GLY M 94 34.81 10.54 7.54
C GLY M 94 36.13 10.84 8.27
N GLU M 95 36.58 9.92 9.14
CA GLU M 95 37.81 10.07 9.88
C GLU M 95 38.98 9.91 8.98
N PHE M 96 38.86 8.99 8.06
CA PHE M 96 39.93 8.70 7.16
C PHE M 96 40.24 9.94 6.34
N LEU M 97 39.19 10.54 5.78
CA LEU M 97 39.32 11.72 4.95
C LEU M 97 39.78 12.91 5.76
N LEU M 98 39.41 12.99 7.03
CA LEU M 98 39.89 14.07 7.86
C LEU M 98 41.40 13.97 8.03
N ALA M 99 41.84 12.76 8.41
CA ALA M 99 43.24 12.42 8.66
C ALA M 99 44.07 12.53 7.41
N ALA M 100 43.42 12.32 6.26
CA ALA M 100 44.03 12.34 4.95
C ALA M 100 44.31 13.72 4.38
N GLY M 101 43.92 14.78 5.08
CA GLY M 101 44.16 16.10 4.54
C GLY M 101 45.65 16.42 4.64
N THR M 102 46.07 17.55 4.08
CA THR M 102 47.48 17.90 4.10
C THR M 102 47.97 18.12 5.51
N LYS M 103 49.11 17.54 5.84
CA LYS M 103 49.63 17.70 7.18
C LYS M 103 49.90 19.15 7.49
N GLY M 104 49.41 19.58 8.65
CA GLY M 104 49.56 20.94 9.13
C GLY M 104 48.28 21.70 8.88
N LYS M 105 47.39 21.10 8.08
CA LYS M 105 46.12 21.69 7.75
C LYS M 105 44.94 20.82 8.15
N ARG M 106 45.14 19.83 9.02
CA ARG M 106 44.02 19.02 9.48
C ARG M 106 43.51 19.66 10.78
N TYR M 107 42.26 20.05 10.79
CA TYR M 107 41.68 20.77 11.91
C TYR M 107 40.45 20.13 12.49
N ALA M 108 40.20 20.42 13.75
CA ALA M 108 38.94 20.03 14.36
C ALA M 108 38.40 21.15 15.18
N LEU M 109 37.09 21.23 15.24
CA LEU M 109 36.51 22.23 16.07
C LEU M 109 36.43 21.57 17.45
N PRO M 110 36.38 22.29 18.56
CA PRO M 110 36.39 21.75 19.91
C PRO M 110 35.39 20.67 20.25
N HIS M 111 34.20 20.66 19.65
CA HIS M 111 33.25 19.62 20.04
C HIS M 111 33.13 18.54 19.00
N ALA M 112 34.09 18.51 18.09
CA ALA M 112 34.14 17.49 17.07
C ALA M 112 34.39 16.16 17.70
N ARG M 113 33.85 15.11 17.11
CA ARG M 113 34.07 13.76 17.59
C ARG M 113 34.55 12.90 16.47
N ILE M 114 35.66 12.24 16.72
CA ILE M 114 36.31 11.43 15.72
C ILE M 114 36.29 9.96 16.07
N LEU M 115 35.79 9.16 15.15
CA LEU M 115 35.76 7.72 15.38
C LEU M 115 36.59 6.97 14.41
N MET M 116 37.71 6.47 14.88
CA MET M 116 38.50 5.72 13.95
C MET M 116 37.92 4.37 14.08
N HIS M 117 37.41 3.86 13.00
CA HIS M 117 36.77 2.58 12.97
C HIS M 117 36.76 2.15 11.55
N GLN M 118 36.24 0.99 11.30
CA GLN M 118 36.18 0.49 9.97
C GLN M 118 34.74 0.54 9.50
N PRO M 119 34.50 0.66 8.21
CA PRO M 119 33.23 0.45 7.61
C PRO M 119 32.94 -1.00 7.82
N LEU M 120 31.69 -1.38 7.90
CA LEU M 120 31.42 -2.81 8.05
C LEU M 120 31.16 -3.44 6.68
N GLY M 121 31.22 -2.62 5.65
CA GLY M 121 31.08 -3.02 4.26
C GLY M 121 29.64 -3.24 3.80
N GLY M 122 29.03 -4.27 4.34
CA GLY M 122 27.68 -4.68 4.00
C GLY M 122 27.68 -5.93 3.11
N VAL M 123 26.75 -6.85 3.38
CA VAL M 123 26.65 -8.12 2.63
C VAL M 123 25.53 -8.22 1.60
N THR M 124 25.88 -8.44 0.33
CA THR M 124 24.85 -8.61 -0.70
C THR M 124 25.18 -9.75 -1.66
N GLY M 125 24.18 -10.25 -2.39
CA GLY M 125 24.43 -11.27 -3.42
C GLY M 125 24.41 -12.72 -2.94
N SER M 126 24.86 -13.62 -3.81
CA SER M 126 24.86 -15.06 -3.58
C SER M 126 26.03 -15.45 -2.72
N ALA M 127 26.08 -16.67 -2.23
CA ALA M 127 27.22 -17.05 -1.39
C ALA M 127 28.53 -16.86 -2.15
N ALA M 128 28.51 -17.11 -3.45
CA ALA M 128 29.67 -16.91 -4.31
C ALA M 128 30.13 -15.46 -4.33
N ASP M 129 29.20 -14.50 -4.21
CA ASP M 129 29.54 -13.10 -4.30
C ASP M 129 29.98 -12.61 -2.96
N ILE M 130 29.35 -13.10 -1.92
CA ILE M 130 29.62 -12.63 -0.57
C ILE M 130 31.01 -13.00 -0.19
N ALA M 131 31.43 -14.19 -0.57
CA ALA M 131 32.74 -14.71 -0.33
C ALA M 131 33.82 -13.85 -0.96
N ILE M 132 33.49 -13.09 -1.99
CA ILE M 132 34.43 -12.23 -2.65
C ILE M 132 34.35 -10.88 -2.03
N GLN M 133 33.14 -10.39 -1.77
CA GLN M 133 33.02 -9.07 -1.20
C GLN M 133 33.78 -9.01 0.10
N ALA M 134 33.71 -10.09 0.88
CA ALA M 134 34.42 -10.16 2.13
C ALA M 134 35.93 -10.10 1.93
N GLU M 135 36.44 -10.69 0.86
CA GLU M 135 37.87 -10.69 0.60
C GLU M 135 38.32 -9.34 0.13
N GLN M 136 37.51 -8.71 -0.73
CA GLN M 136 37.88 -7.40 -1.24
C GLN M 136 37.87 -6.41 -0.10
N PHE M 137 36.90 -6.57 0.79
CA PHE M 137 36.80 -5.74 1.95
C PHE M 137 38.02 -5.94 2.81
N ALA M 138 38.40 -7.18 3.08
CA ALA M 138 39.56 -7.36 3.93
C ALA M 138 40.79 -6.68 3.36
N VAL M 139 40.95 -6.70 2.04
CA VAL M 139 42.10 -6.05 1.43
C VAL M 139 42.01 -4.52 1.53
N ILE M 140 40.85 -3.95 1.24
CA ILE M 140 40.73 -2.51 1.30
C ILE M 140 40.92 -2.06 2.73
N LYS M 141 40.29 -2.76 3.67
CA LYS M 141 40.41 -2.45 5.07
C LYS M 141 41.86 -2.46 5.50
N LYS M 142 42.64 -3.46 5.08
CA LYS M 142 44.04 -3.45 5.43
C LYS M 142 44.71 -2.17 4.94
N GLU M 143 44.39 -1.72 3.71
CA GLU M 143 44.97 -0.46 3.24
C GLU M 143 44.48 0.73 4.05
N MET M 144 43.21 0.72 4.45
CA MET M 144 42.71 1.81 5.26
C MET M 144 43.53 1.91 6.52
N PHE M 145 43.85 0.78 7.14
CA PHE M 145 44.63 0.81 8.36
C PHE M 145 46.06 1.24 8.06
N ARG M 146 46.65 0.79 6.95
CA ARG M 146 48.01 1.20 6.65
C ARG M 146 48.09 2.70 6.50
N LEU M 147 47.13 3.27 5.78
CA LEU M 147 47.11 4.70 5.58
C LEU M 147 46.81 5.43 6.87
N ASN M 148 45.93 4.92 7.74
CA ASN M 148 45.71 5.63 8.97
C ASN M 148 46.98 5.65 9.79
N ALA M 149 47.78 4.59 9.73
CA ALA M 149 49.02 4.60 10.47
C ALA M 149 49.93 5.70 9.95
N GLU M 150 49.99 5.89 8.62
CA GLU M 150 50.82 6.95 8.04
C GLU M 150 50.29 8.34 8.36
N PHE M 151 48.97 8.48 8.39
CA PHE M 151 48.36 9.77 8.65
C PHE M 151 48.55 10.18 10.10
N THR M 152 48.40 9.24 11.04
CA THR M 152 48.50 9.59 12.45
C THR M 152 49.89 9.41 13.05
N GLY M 153 50.77 8.65 12.41
CA GLY M 153 52.09 8.45 12.98
C GLY M 153 52.08 7.41 14.09
N GLN M 154 51.18 6.45 13.96
CA GLN M 154 51.02 5.40 14.96
C GLN M 154 51.48 4.05 14.41
N PRO M 155 51.89 3.11 15.26
CA PRO M 155 52.15 1.75 14.88
C PRO M 155 50.89 1.16 14.30
N ILE M 156 51.03 0.30 13.31
CA ILE M 156 49.87 -0.31 12.70
C ILE M 156 49.08 -1.14 13.69
N GLU M 157 49.76 -1.74 14.66
CA GLU M 157 49.12 -2.52 15.68
C GLU M 157 48.18 -1.68 16.54
N ARG M 158 48.54 -0.41 16.75
CA ARG M 158 47.73 0.45 17.58
C ARG M 158 46.53 0.86 16.77
N ILE M 159 46.72 1.07 15.47
CA ILE M 159 45.61 1.47 14.65
C ILE M 159 44.60 0.37 14.66
N GLU M 160 45.03 -0.89 14.52
CA GLU M 160 44.08 -1.99 14.53
C GLU M 160 43.38 -2.12 15.87
N ALA M 161 44.11 -1.94 16.97
CA ALA M 161 43.52 -2.06 18.30
C ALA M 161 42.42 -1.04 18.52
N ASP M 162 42.60 0.15 17.99
CA ASP M 162 41.56 1.14 18.13
C ASP M 162 40.52 1.04 17.03
N SER M 163 40.90 0.64 15.82
CA SER M 163 40.00 0.63 14.68
C SER M 163 38.97 -0.48 14.71
N ASP M 164 39.25 -1.61 15.36
CA ASP M 164 38.23 -2.66 15.36
C ASP M 164 37.30 -2.51 16.56
N ARG M 165 37.39 -1.39 17.28
CA ARG M 165 36.54 -1.16 18.41
C ARG M 165 35.82 0.14 18.24
N ASP M 166 34.68 0.30 18.87
CA ASP M 166 34.00 1.56 18.76
C ASP M 166 34.56 2.58 19.74
N ARG M 167 35.75 3.06 19.42
CA ARG M 167 36.47 4.00 20.24
C ARG M 167 36.41 5.41 19.73
N TRP M 168 35.68 6.25 20.45
CA TRP M 168 35.55 7.63 20.08
C TRP M 168 36.62 8.47 20.70
N PHE M 169 37.13 9.42 19.94
CA PHE M 169 38.10 10.38 20.42
C PHE M 169 37.44 11.74 20.53
N THR M 170 37.75 12.47 21.58
CA THR M 170 37.22 13.82 21.67
C THR M 170 38.11 14.64 20.77
N ALA M 171 37.74 15.86 20.46
CA ALA M 171 38.61 16.61 19.57
C ALA M 171 40.00 16.77 20.16
N ALA M 172 40.09 16.97 21.47
CA ALA M 172 41.39 17.13 22.08
C ALA M 172 42.22 15.85 22.00
N GLU M 173 41.56 14.71 22.20
CA GLU M 173 42.24 13.44 22.14
C GLU M 173 42.69 13.13 20.74
N ALA M 174 41.87 13.51 19.76
CA ALA M 174 42.18 13.27 18.38
C ALA M 174 43.43 14.02 17.97
N LEU M 175 43.64 15.19 18.56
CA LEU M 175 44.85 15.91 18.25
C LEU M 175 46.04 15.16 18.81
N GLU M 176 45.92 14.72 20.06
CA GLU M 176 47.05 14.04 20.71
C GLU M 176 47.44 12.77 19.96
N TYR M 177 46.43 12.07 19.44
CA TYR M 177 46.59 10.83 18.70
C TYR M 177 47.24 11.04 17.34
N GLY M 178 47.16 12.26 16.79
CA GLY M 178 47.68 12.53 15.46
C GLY M 178 46.65 12.61 14.30
N PHE M 179 45.34 12.63 14.57
CA PHE M 179 44.39 12.73 13.45
C PHE M 179 44.31 14.15 12.97
N VAL M 180 44.40 15.04 13.93
CA VAL M 180 44.24 16.48 13.82
C VAL M 180 45.50 17.24 14.21
N ASP M 181 45.87 18.27 13.45
CA ASP M 181 47.05 19.04 13.79
C ASP M 181 46.67 20.18 14.73
N HIS M 182 45.48 20.77 14.52
CA HIS M 182 45.08 21.89 15.35
C HIS M 182 43.60 21.87 15.75
N ILE M 183 43.31 22.40 16.93
CA ILE M 183 41.93 22.61 17.36
C ILE M 183 41.67 24.08 17.15
N ILE M 184 40.57 24.42 16.50
CA ILE M 184 40.34 25.82 16.22
C ILE M 184 39.45 26.50 17.23
N THR M 185 40.01 27.48 17.91
CA THR M 185 39.28 28.21 18.92
C THR M 185 39.27 29.69 18.57
N ARG M 186 38.38 30.42 19.24
CA ARG M 186 38.23 31.86 19.06
C ARG M 186 37.91 32.52 20.39
N SER N 9 10.32 28.94 -6.11
CA SER N 9 10.03 28.84 -4.69
C SER N 9 10.13 30.16 -3.98
N LEU N 10 8.98 30.71 -3.56
CA LEU N 10 8.99 31.96 -2.85
C LEU N 10 9.76 31.81 -1.57
N THR N 11 9.63 30.67 -0.92
CA THR N 11 10.26 30.42 0.36
C THR N 11 11.77 30.51 0.26
N ASP N 12 12.34 29.92 -0.79
CA ASP N 12 13.78 29.93 -0.92
C ASP N 12 14.24 31.29 -1.42
N SER N 13 13.43 31.95 -2.23
CA SER N 13 13.76 33.27 -2.74
C SER N 13 13.86 34.27 -1.60
N VAL N 14 12.91 34.21 -0.67
CA VAL N 14 12.93 35.11 0.46
C VAL N 14 14.13 34.81 1.31
N TYR N 15 14.46 33.54 1.56
CA TYR N 15 15.62 33.31 2.37
C TYR N 15 16.90 33.76 1.69
N GLU N 16 17.04 33.61 0.37
CA GLU N 16 18.26 34.12 -0.24
C GLU N 16 18.35 35.63 -0.10
N ARG N 17 17.23 36.34 -0.25
CA ARG N 17 17.29 37.78 -0.14
C ARG N 17 17.67 38.18 1.27
N LEU N 18 17.19 37.43 2.27
CA LEU N 18 17.58 37.70 3.65
C LEU N 18 19.02 37.28 3.93
N LEU N 19 19.50 36.23 3.29
CA LEU N 19 20.87 35.82 3.53
C LEU N 19 21.80 36.97 3.12
N SER N 20 21.45 37.69 2.05
CA SER N 20 22.23 38.83 1.59
C SER N 20 22.19 40.03 2.56
N GLU N 21 21.27 40.02 3.52
CA GLU N 21 21.07 41.03 4.56
C GLU N 21 21.74 40.51 5.84
N ARG N 22 22.41 39.37 5.70
CA ARG N 22 23.10 38.62 6.72
C ARG N 22 22.17 38.10 7.80
N ILE N 23 21.00 37.61 7.37
CA ILE N 23 20.02 37.01 8.25
C ILE N 23 19.85 35.53 7.96
N ILE N 24 20.01 34.72 9.00
CA ILE N 24 19.91 33.24 8.95
C ILE N 24 18.79 32.74 9.82
N PHE N 25 18.01 31.79 9.33
CA PHE N 25 16.95 31.25 10.17
C PHE N 25 17.18 29.81 10.55
N LEU N 26 16.82 29.50 11.78
CA LEU N 26 16.78 28.17 12.31
C LEU N 26 15.33 27.95 12.68
N GLY N 27 14.54 27.55 11.70
CA GLY N 27 13.10 27.47 11.90
C GLY N 27 12.55 26.09 12.21
N SER N 28 13.42 25.07 12.26
CA SER N 28 12.95 23.72 12.52
C SER N 28 14.07 22.75 12.85
N GLU N 29 13.69 21.59 13.42
CA GLU N 29 14.48 20.35 13.53
C GLU N 29 15.86 20.28 14.19
N VAL N 30 16.74 21.20 13.89
CA VAL N 30 18.14 21.19 14.34
C VAL N 30 18.74 19.78 14.29
N ASN N 31 18.58 19.11 13.17
CA ASN N 31 19.13 17.79 12.90
C ASN N 31 20.37 17.93 12.06
N ASP N 32 20.97 16.83 11.63
CA ASP N 32 22.21 16.95 10.87
C ASP N 32 22.04 17.71 9.56
N GLU N 33 20.88 17.56 8.91
CA GLU N 33 20.68 18.26 7.65
C GLU N 33 20.61 19.76 7.90
N ILE N 34 19.91 20.15 8.95
CA ILE N 34 19.80 21.56 9.27
C ILE N 34 21.14 22.09 9.73
N ALA N 35 21.87 21.35 10.54
CA ALA N 35 23.16 21.82 10.97
C ALA N 35 24.09 22.00 9.81
N ASN N 36 24.03 21.12 8.81
CA ASN N 36 24.92 21.32 7.69
C ASN N 36 24.50 22.55 6.91
N ARG N 37 23.20 22.82 6.81
CA ARG N 37 22.73 23.99 6.09
C ARG N 37 23.13 25.26 6.81
N LEU N 38 23.04 25.30 8.14
CA LEU N 38 23.42 26.51 8.82
C LEU N 38 24.90 26.65 8.88
N CYS N 39 25.63 25.57 9.04
CA CYS N 39 27.06 25.74 9.10
C CYS N 39 27.50 26.33 7.79
N ALA N 40 26.94 25.85 6.67
CA ALA N 40 27.31 26.40 5.40
C ALA N 40 26.93 27.88 5.30
N GLN N 41 25.75 28.29 5.79
CA GLN N 41 25.39 29.70 5.71
C GLN N 41 26.25 30.58 6.59
N ILE N 42 26.65 30.10 7.75
CA ILE N 42 27.46 30.91 8.65
C ILE N 42 28.84 31.07 8.03
N LEU N 43 29.40 29.98 7.50
CA LEU N 43 30.71 30.04 6.87
C LEU N 43 30.68 30.94 5.66
N LEU N 44 29.58 30.90 4.91
CA LEU N 44 29.47 31.74 3.74
C LEU N 44 29.40 33.19 4.09
N LEU N 45 28.58 33.55 5.08
CA LEU N 45 28.49 34.95 5.38
C LEU N 45 29.78 35.46 5.95
N ALA N 46 30.45 34.64 6.76
CA ALA N 46 31.69 35.07 7.32
C ALA N 46 32.74 35.25 6.22
N ALA N 47 32.73 34.36 5.23
CA ALA N 47 33.66 34.45 4.11
C ALA N 47 33.39 35.69 3.27
N GLU N 48 32.13 36.04 3.06
CA GLU N 48 31.83 37.21 2.25
C GLU N 48 32.27 38.51 2.89
N ASP N 49 32.02 38.68 4.19
CA ASP N 49 32.41 39.90 4.89
C ASP N 49 32.43 39.69 6.40
N ALA N 50 33.60 39.49 6.98
CA ALA N 50 33.65 39.17 8.40
C ALA N 50 33.56 40.41 9.27
N SER N 51 33.51 41.59 8.69
CA SER N 51 33.44 42.79 9.50
C SER N 51 32.02 43.06 9.94
N LYS N 52 31.04 42.33 9.38
CA LYS N 52 29.65 42.59 9.69
C LYS N 52 29.00 41.48 10.50
N ASP N 53 28.03 41.88 11.31
CA ASP N 53 27.28 40.95 12.13
C ASP N 53 26.37 40.06 11.32
N ILE N 54 26.09 38.89 11.88
CA ILE N 54 25.12 37.95 11.34
C ILE N 54 23.98 37.86 12.31
N SER N 55 22.74 37.95 11.83
CA SER N 55 21.60 37.83 12.73
C SER N 55 20.92 36.48 12.57
N LEU N 56 20.89 35.68 13.62
CA LEU N 56 20.29 34.37 13.61
C LEU N 56 18.94 34.37 14.29
N TYR N 57 17.90 34.05 13.55
CA TYR N 57 16.55 34.02 14.08
C TYR N 57 16.16 32.61 14.37
N ILE N 58 15.73 32.36 15.60
CA ILE N 58 15.42 31.04 16.07
C ILE N 58 13.95 30.85 16.39
N ASN N 59 13.38 29.81 15.81
CA ASN N 59 12.03 29.37 16.06
C ASN N 59 12.07 27.89 15.89
N SER N 60 12.54 27.19 16.90
CA SER N 60 12.80 25.77 16.76
C SER N 60 12.67 24.99 18.05
N PRO N 61 12.01 23.80 18.01
CA PRO N 61 11.81 22.86 19.08
C PRO N 61 13.09 22.15 19.49
N GLY N 62 14.14 22.25 18.68
CA GLY N 62 15.37 21.57 19.02
C GLY N 62 15.56 20.29 18.26
N GLY N 63 16.64 19.58 18.55
CA GLY N 63 17.04 18.39 17.81
C GLY N 63 18.26 17.74 18.41
N SER N 64 18.95 16.94 17.61
CA SER N 64 20.09 16.17 18.04
C SER N 64 21.12 17.05 18.70
N ILE N 65 21.65 16.60 19.83
CA ILE N 65 22.60 17.39 20.57
C ILE N 65 23.88 17.63 19.79
N SER N 66 24.29 16.66 18.97
CA SER N 66 25.49 16.82 18.20
C SER N 66 25.31 17.78 17.03
N ALA N 67 24.07 17.97 16.56
CA ALA N 67 23.83 18.87 15.45
C ALA N 67 23.92 20.27 15.97
N GLY N 68 23.39 20.46 17.17
CA GLY N 68 23.43 21.75 17.79
C GLY N 68 24.87 22.15 18.09
N MET N 69 25.70 21.19 18.49
CA MET N 69 27.09 21.52 18.74
C MET N 69 27.82 21.86 17.45
N ALA N 70 27.50 21.19 16.32
CA ALA N 70 28.16 21.57 15.08
C ALA N 70 27.84 23.02 14.72
N ILE N 71 26.59 23.44 14.96
CA ILE N 71 26.19 24.80 14.64
C ILE N 71 26.92 25.73 15.57
N TYR N 72 26.96 25.41 16.86
CA TYR N 72 27.64 26.21 17.86
C TYR N 72 29.10 26.41 17.54
N ASP N 73 29.83 25.35 17.22
CA ASP N 73 31.23 25.57 16.93
C ASP N 73 31.40 26.43 15.71
N THR N 74 30.55 26.29 14.70
CA THR N 74 30.66 27.13 13.51
C THR N 74 30.40 28.59 13.90
N MET N 75 29.41 28.84 14.76
CA MET N 75 29.14 30.20 15.22
C MET N 75 30.36 30.79 15.90
N VAL N 76 31.03 29.99 16.71
CA VAL N 76 32.23 30.47 17.38
C VAL N 76 33.36 30.71 16.40
N LEU N 77 33.56 29.79 15.47
CA LEU N 77 34.61 29.85 14.46
C LEU N 77 34.53 31.10 13.60
N ALA N 78 33.33 31.42 13.13
CA ALA N 78 33.16 32.57 12.28
C ALA N 78 33.65 33.82 13.00
N PRO N 79 34.60 34.58 12.46
CA PRO N 79 35.17 35.75 13.08
C PRO N 79 34.30 36.97 12.93
N CYS N 80 33.09 36.89 13.43
CA CYS N 80 32.15 38.00 13.32
C CYS N 80 31.06 37.84 14.36
N ASP N 81 30.58 38.91 14.94
CA ASP N 81 29.52 38.72 15.93
C ASP N 81 28.25 38.12 15.38
N ILE N 82 27.65 37.23 16.16
CA ILE N 82 26.38 36.67 15.79
C ILE N 82 25.34 37.07 16.81
N ALA N 83 24.33 37.76 16.34
CA ALA N 83 23.23 38.18 17.18
C ALA N 83 22.24 37.08 17.12
N THR N 84 21.54 36.82 18.20
CA THR N 84 20.53 35.77 18.14
C THR N 84 19.21 36.28 18.59
N TYR N 85 18.14 35.82 17.94
CA TYR N 85 16.81 36.24 18.32
C TYR N 85 15.86 35.10 18.56
N ALA N 86 15.14 35.15 19.66
CA ALA N 86 14.10 34.16 19.89
C ALA N 86 12.83 34.74 19.36
N MET N 87 12.40 34.30 18.18
CA MET N 87 11.21 34.91 17.58
C MET N 87 9.99 34.08 17.81
N GLY N 88 10.15 33.01 18.54
CA GLY N 88 9.09 32.08 18.81
C GLY N 88 9.56 31.11 19.84
N MET N 89 9.78 29.88 19.44
CA MET N 89 10.28 28.88 20.34
C MET N 89 11.78 28.72 20.26
N ALA N 90 12.41 28.57 21.39
CA ALA N 90 13.82 28.26 21.43
C ALA N 90 13.98 27.15 22.43
N ALA N 91 13.81 25.92 21.99
CA ALA N 91 13.84 24.82 22.92
C ALA N 91 15.00 23.89 22.69
N SER N 92 15.56 23.41 23.79
CA SER N 92 16.66 22.46 23.74
C SER N 92 17.82 23.05 22.95
N MET N 93 18.23 22.47 21.84
CA MET N 93 19.36 23.10 21.16
C MET N 93 18.99 24.49 20.64
N GLY N 94 17.70 24.77 20.41
CA GLY N 94 17.32 26.10 19.98
C GLY N 94 17.68 27.11 21.07
N GLU N 95 17.55 26.70 22.34
CA GLU N 95 17.87 27.54 23.48
C GLU N 95 19.33 27.70 23.60
N PHE N 96 20.04 26.62 23.35
CA PHE N 96 21.47 26.64 23.48
C PHE N 96 22.04 27.66 22.51
N LEU N 97 21.59 27.60 21.26
CA LEU N 97 22.08 28.48 20.22
C LEU N 97 21.63 29.91 20.47
N LEU N 98 20.48 30.10 21.09
CA LEU N 98 20.07 31.45 21.43
C LEU N 98 21.01 32.06 22.45
N ALA N 99 21.27 31.29 23.51
CA ALA N 99 22.11 31.67 24.63
C ALA N 99 23.56 31.83 24.20
N ALA N 100 23.93 31.10 23.16
CA ALA N 100 25.27 31.08 22.61
C ALA N 100 25.63 32.27 21.73
N GLY N 101 24.70 33.19 21.50
CA GLY N 101 25.04 34.32 20.65
C GLY N 101 25.95 35.26 21.41
N THR N 102 26.43 36.30 20.74
CA THR N 102 27.36 37.23 21.40
C THR N 102 26.67 37.96 22.52
N LYS N 103 27.34 38.03 23.66
CA LYS N 103 26.74 38.69 24.80
C LYS N 103 26.47 40.14 24.49
N GLY N 104 25.26 40.58 24.80
CA GLY N 104 24.81 41.94 24.57
C GLY N 104 23.96 41.97 23.33
N LYS N 105 24.00 40.89 22.55
CA LYS N 105 23.24 40.77 21.34
C LYS N 105 22.27 39.60 21.34
N ARG N 106 21.96 39.03 22.51
CA ARG N 106 21.00 37.94 22.56
C ARG N 106 19.63 38.56 22.86
N TYR N 107 18.69 38.37 21.97
CA TYR N 107 17.39 39.00 22.07
C TYR N 107 16.23 38.04 22.07
N ALA N 108 15.13 38.48 22.64
CA ALA N 108 13.89 37.72 22.53
C ALA N 108 12.76 38.66 22.25
N LEU N 109 11.80 38.16 21.51
CA LEU N 109 10.64 38.98 21.29
C LEU N 109 9.73 38.68 22.48
N PRO N 110 8.82 39.55 22.88
CA PRO N 110 7.97 39.40 24.04
C PRO N 110 7.21 38.09 24.21
N HIS N 111 6.79 37.43 23.14
CA HIS N 111 6.04 36.21 23.34
C HIS N 111 6.86 34.97 23.07
N ALA N 112 8.16 35.14 23.02
CA ALA N 112 9.07 34.06 22.82
C ALA N 112 9.03 33.15 24.02
N ARG N 113 9.23 31.87 23.78
CA ARG N 113 9.28 30.90 24.87
C ARG N 113 10.54 30.10 24.78
N ILE N 114 11.24 30.07 25.89
CA ILE N 114 12.53 29.42 25.96
C ILE N 114 12.52 28.21 26.87
N LEU N 115 12.93 27.08 26.34
CA LEU N 115 12.99 25.87 27.15
C LEU N 115 14.37 25.36 27.31
N MET N 116 14.91 25.52 28.49
CA MET N 116 16.22 25.00 28.66
C MET N 116 15.95 23.59 29.05
N HIS N 117 16.44 22.68 28.26
CA HIS N 117 16.22 21.28 28.47
C HIS N 117 17.27 20.58 27.71
N GLN N 118 17.27 19.29 27.78
CA GLN N 118 18.24 18.53 27.08
C GLN N 118 17.56 17.82 25.91
N PRO N 119 18.26 17.53 24.85
CA PRO N 119 17.84 16.65 23.82
C PRO N 119 17.71 15.31 24.48
N LEU N 120 16.85 14.45 24.00
CA LEU N 120 16.81 13.12 24.60
C LEU N 120 17.68 12.14 23.82
N GLY N 121 18.30 12.65 22.77
CA GLY N 121 19.23 11.91 21.93
C GLY N 121 18.59 10.99 20.92
N GLY N 122 17.95 9.95 21.41
CA GLY N 122 17.31 8.93 20.60
C GLY N 122 18.14 7.64 20.58
N VAL N 123 17.46 6.50 20.66
CA VAL N 123 18.11 5.17 20.68
C VAL N 123 18.07 4.36 19.41
N THR N 124 19.24 4.03 18.84
CA THR N 124 19.26 3.19 17.63
C THR N 124 20.36 2.12 17.71
N GLY N 125 20.25 1.08 16.88
CA GLY N 125 21.30 0.06 16.79
C GLY N 125 21.18 -1.09 17.78
N SER N 126 22.26 -1.88 17.86
CA SER N 126 22.34 -3.08 18.69
C SER N 126 22.62 -2.71 20.12
N ALA N 127 22.51 -3.64 21.05
CA ALA N 127 22.79 -3.28 22.44
C ALA N 127 24.19 -2.71 22.58
N ALA N 128 25.13 -3.24 21.80
CA ALA N 128 26.51 -2.75 21.78
C ALA N 128 26.60 -1.30 21.35
N ASP N 129 25.71 -0.86 20.45
CA ASP N 129 25.79 0.49 19.94
C ASP N 129 25.07 1.43 20.88
N ILE N 130 23.98 0.97 21.45
CA ILE N 130 23.16 1.80 22.30
C ILE N 130 23.93 2.18 23.52
N ALA N 131 24.68 1.23 24.05
CA ALA N 131 25.52 1.41 25.21
C ALA N 131 26.57 2.49 24.99
N ILE N 132 26.93 2.76 23.74
CA ILE N 132 27.91 3.77 23.43
C ILE N 132 27.19 5.06 23.19
N GLN N 133 26.08 5.01 22.45
CA GLN N 133 25.39 6.24 22.14
C GLN N 133 25.00 6.91 23.43
N ALA N 134 24.60 6.14 24.43
CA ALA N 134 24.23 6.68 25.71
C ALA N 134 25.40 7.34 26.40
N GLU N 135 26.61 6.80 26.24
CA GLU N 135 27.78 7.36 26.87
C GLU N 135 28.21 8.62 26.18
N GLN N 136 28.14 8.62 24.85
CA GLN N 136 28.54 9.80 24.10
C GLN N 136 27.58 10.91 24.40
N PHE N 137 26.30 10.57 24.53
CA PHE N 137 25.29 11.51 24.89
C PHE N 137 25.57 12.06 26.25
N ALA N 138 25.86 11.22 27.23
CA ALA N 138 26.10 11.77 28.55
C ALA N 138 27.25 12.76 28.54
N VAL N 139 28.29 12.51 27.75
CA VAL N 139 29.40 13.43 27.67
C VAL N 139 29.02 14.74 26.99
N ILE N 140 28.31 14.67 25.87
CA ILE N 140 27.96 15.88 25.17
C ILE N 140 27.02 16.68 26.03
N LYS N 141 26.04 16.02 26.65
CA LYS N 141 25.09 16.68 27.52
C LYS N 141 25.81 17.40 28.64
N LYS N 142 26.81 16.77 29.26
CA LYS N 142 27.55 17.47 30.29
C LYS N 142 28.15 18.76 29.74
N GLU N 143 28.70 18.73 28.50
CA GLU N 143 29.23 19.97 27.93
C GLU N 143 28.12 20.97 27.65
N MET N 144 26.95 20.51 27.21
CA MET N 144 25.86 21.42 26.98
C MET N 144 25.53 22.16 28.25
N PHE N 145 25.53 21.46 29.37
CA PHE N 145 25.22 22.10 30.62
C PHE N 145 26.35 23.04 31.04
N ARG N 146 27.60 22.65 30.83
CA ARG N 146 28.71 23.53 31.20
C ARG N 146 28.62 24.84 30.44
N LEU N 147 28.35 24.74 29.15
CA LEU N 147 28.24 25.93 28.34
C LEU N 147 27.01 26.73 28.70
N ASN N 148 25.88 26.10 29.03
CA ASN N 148 24.75 26.92 29.41
C ASN N 148 25.07 27.67 30.67
N ALA N 149 25.84 27.08 31.58
CA ALA N 149 26.19 27.80 32.79
C ALA N 149 27.00 29.05 32.44
N GLU N 150 27.93 28.92 31.48
CA GLU N 150 28.74 30.07 31.06
C GLU N 150 27.92 31.12 30.33
N PHE N 151 26.96 30.68 29.53
CA PHE N 151 26.14 31.60 28.77
C PHE N 151 25.19 32.37 29.67
N THR N 152 24.58 31.70 30.67
CA THR N 152 23.62 32.38 31.50
C THR N 152 24.20 32.97 32.79
N GLY N 153 25.38 32.54 33.22
CA GLY N 153 25.94 33.07 34.45
C GLY N 153 25.33 32.42 35.67
N GLN N 154 24.96 31.16 35.53
CA GLN N 154 24.33 30.42 36.60
C GLN N 154 25.24 29.32 37.11
N PRO N 155 25.09 28.87 38.36
CA PRO N 155 25.77 27.72 38.89
C PRO N 155 25.39 26.52 38.05
N ILE N 156 26.33 25.60 37.86
CA ILE N 156 26.04 24.42 37.06
C ILE N 156 24.93 23.59 37.68
N GLU N 157 24.83 23.60 39.01
CA GLU N 157 23.79 22.86 39.69
C GLU N 157 22.41 23.38 39.36
N ARG N 158 22.30 24.70 39.11
CA ARG N 158 21.01 25.28 38.81
C ARG N 158 20.67 24.92 37.40
N ILE N 159 21.68 24.90 36.53
CA ILE N 159 21.40 24.56 35.15
C ILE N 159 20.87 23.17 35.09
N GLU N 160 21.48 22.23 35.82
CA GLU N 160 20.99 20.86 35.81
C GLU N 160 19.59 20.75 36.39
N ALA N 161 19.30 21.49 37.46
CA ALA N 161 17.98 21.44 38.08
C ALA N 161 16.89 21.89 37.14
N ASP N 162 17.19 22.89 36.32
CA ASP N 162 16.21 23.32 35.37
C ASP N 162 16.26 22.52 34.07
N SER N 163 17.44 22.06 33.66
CA SER N 163 17.61 21.39 32.38
C SER N 163 17.05 19.99 32.33
N ASP N 164 16.97 19.28 33.45
CA ASP N 164 16.44 17.92 33.37
C ASP N 164 14.93 17.92 33.58
N ARG N 165 14.31 19.10 33.60
CA ARG N 165 12.88 19.19 33.78
C ARG N 165 12.29 19.98 32.64
N ASP N 166 11.03 19.75 32.36
CA ASP N 166 10.42 20.53 31.31
C ASP N 166 9.96 21.89 31.83
N ARG N 167 10.94 22.74 32.05
CA ARG N 167 10.72 24.08 32.59
C ARG N 167 10.79 25.16 31.54
N TRP N 168 9.65 25.72 31.23
CA TRP N 168 9.58 26.78 30.25
C TRP N 168 9.76 28.13 30.89
N PHE N 169 10.49 29.01 30.22
CA PHE N 169 10.67 30.37 30.65
C PHE N 169 9.91 31.29 29.73
N THR N 170 9.27 32.30 30.27
CA THR N 170 8.63 33.28 29.40
C THR N 170 9.74 34.16 28.92
N ALA N 171 9.49 34.99 27.92
CA ALA N 171 10.60 35.81 27.46
C ALA N 171 11.13 36.70 28.59
N ALA N 172 10.25 37.22 29.43
CA ALA N 172 10.71 38.07 30.51
C ALA N 172 11.55 37.29 31.52
N GLU N 173 11.13 36.07 31.82
CA GLU N 173 11.86 35.24 32.76
C GLU N 173 13.21 34.84 32.19
N ALA N 174 13.24 34.58 30.89
CA ALA N 174 14.47 34.20 30.24
C ALA N 174 15.50 35.29 30.33
N LEU N 175 15.05 36.55 30.29
CA LEU N 175 16.00 37.63 30.44
C LEU N 175 16.55 37.62 31.85
N GLU N 176 15.68 37.47 32.84
CA GLU N 176 16.13 37.53 34.23
C GLU N 176 17.13 36.42 34.53
N TYR N 177 16.90 35.25 33.94
CA TYR N 177 17.72 34.07 34.10
C TYR N 177 19.09 34.22 33.44
N GLY N 178 19.22 35.12 32.46
CA GLY N 178 20.47 35.27 31.72
C GLY N 178 20.54 34.62 30.32
N PHE N 179 19.44 34.14 29.74
CA PHE N 179 19.54 33.55 28.40
C PHE N 179 19.58 34.64 27.36
N VAL N 180 18.82 35.68 27.66
CA VAL N 180 18.56 36.83 26.81
C VAL N 180 19.04 38.13 27.45
N ASP N 181 19.65 39.01 26.66
CA ASP N 181 20.11 40.27 27.20
C ASP N 181 19.01 41.32 27.09
N HIS N 182 18.23 41.25 26.00
CA HIS N 182 17.18 42.25 25.82
C HIS N 182 15.89 41.69 25.25
N ILE N 183 14.77 42.29 25.65
CA ILE N 183 13.47 41.96 25.05
C ILE N 183 13.19 43.08 24.09
N ILE N 184 12.82 42.75 22.86
CA ILE N 184 12.62 43.81 21.89
C ILE N 184 11.18 44.23 21.75
N THR N 185 10.93 45.50 22.07
CA THR N 185 9.60 46.04 22.01
C THR N 185 9.60 47.25 21.08
N ARG N 186 8.39 47.65 20.69
CA ARG N 186 8.17 48.78 19.80
C ARG N 186 6.93 49.54 20.22
N PRO O 4 -25.73 -9.46 44.35
CA PRO O 4 -26.84 -8.68 43.77
C PRO O 4 -26.40 -7.31 43.38
N ALA O 6 -27.52 -7.59 39.89
CA ALA O 6 -27.56 -7.71 38.44
C ALA O 6 -26.74 -8.84 37.85
N PRO P 4 3.08 -24.64 45.85
CA PRO P 4 2.31 -23.51 46.41
C PRO P 4 3.00 -22.20 46.16
N ALA P 6 0.11 -20.64 44.50
CA ALA P 6 -0.80 -20.07 43.51
C ALA P 6 -1.05 -20.90 42.28
N PRO Q 4 17.43 -43.28 23.28
CA PRO Q 4 17.70 -42.44 24.46
C PRO Q 4 18.61 -41.29 24.11
N ALA Q 6 16.32 -38.68 25.36
CA ALA Q 6 15.39 -37.58 25.45
C ALA Q 6 14.15 -37.69 24.60
N PRO R 4 6.51 -51.34 -6.36
CA PRO R 4 7.73 -51.19 -5.55
C PRO R 4 8.67 -50.20 -6.15
N ALA R 6 8.92 -48.13 -3.11
CA ALA R 6 8.80 -47.05 -2.13
C ALA R 6 7.40 -46.55 -1.87
N PRO S 4 -21.45 -42.76 -20.74
CA PRO S 4 -20.08 -43.21 -21.02
C PRO S 4 -19.33 -42.22 -21.84
N ALA S 6 -16.53 -41.88 -19.47
CA ALA S 6 -15.60 -41.37 -18.48
C ALA S 6 -16.20 -40.83 -17.22
N PRO T 4 -45.40 -23.99 -9.04
CA PRO T 4 -44.80 -24.48 -10.29
C PRO T 4 -44.31 -23.35 -11.15
N ALA T 6 -40.86 -24.62 -11.42
CA ALA T 6 -39.42 -24.80 -11.28
C ALA T 6 -38.89 -24.82 -9.86
N PRO U 4 -47.30 -9.17 19.93
CA PRO U 4 -47.80 -9.11 18.54
C PRO U 4 -47.45 -7.81 17.89
N ALA U 6 -45.75 -9.36 15.00
CA ALA U 6 -44.75 -9.82 14.06
C ALA U 6 -43.58 -10.58 14.65
#